data_8JAX
#
_entry.id   8JAX
#
_cell.length_a   1.00
_cell.length_b   1.00
_cell.length_c   1.00
_cell.angle_alpha   90.00
_cell.angle_beta   90.00
_cell.angle_gamma   90.00
#
_symmetry.space_group_name_H-M   'P 1'
#
loop_
_entity.id
_entity.type
_entity.pdbx_description
1 polymer Bacterioferritin
2 non-polymer 'FE (II) ION'
3 non-polymer 'PROTOPORPHYRIN IX CONTAINING FE'
#
_entity_poly.entity_id   1
_entity_poly.type   'polypeptide(L)'
_entity_poly.pdbx_seq_one_letter_code
;MQGDPEVIEFLNEQLTAELTAINQYFLHAKLQDHKGWTKLAKYTRAESFDEMRHAEVLTDRILLLDGLPNYQRLFHVRVG
QSVTEMFQADREVELEAIDRLRRGIEVMRAKHDITSANVFEAILADEEHHIDYLETQLDLIEKLGESLYLSTVIEQTQPD
PS
;
_entity_poly.pdbx_strand_id   A,B,C,D,F,E,G,H,I,J,K,L,M,N,O,P,Q,R,S,T,U,V,W,X
#
# COMPACT_ATOMS: atom_id res chain seq x y z
N MET A 1 11.44 58.23 -6.72
CA MET A 1 12.21 57.37 -7.59
C MET A 1 11.74 57.49 -9.03
N GLN A 2 12.47 58.27 -9.83
CA GLN A 2 12.13 58.52 -11.21
C GLN A 2 13.32 58.18 -12.10
N GLY A 3 13.04 57.57 -13.24
CA GLY A 3 14.08 57.25 -14.19
C GLY A 3 14.28 58.33 -15.23
N ASP A 4 15.42 58.28 -15.90
CA ASP A 4 15.71 59.23 -16.96
C ASP A 4 14.88 58.92 -18.19
N PRO A 5 14.49 59.93 -18.96
CA PRO A 5 13.70 59.68 -20.17
C PRO A 5 14.39 58.78 -21.20
N GLU A 6 15.72 58.85 -21.32
CA GLU A 6 16.40 58.01 -22.29
C GLU A 6 16.25 56.53 -21.96
N VAL A 7 16.38 56.17 -20.68
CA VAL A 7 16.18 54.77 -20.30
C VAL A 7 14.76 54.33 -20.59
N ILE A 8 13.79 55.21 -20.33
CA ILE A 8 12.40 54.87 -20.61
C ILE A 8 12.19 54.64 -22.10
N GLU A 9 12.77 55.48 -22.94
CA GLU A 9 12.59 55.33 -24.37
C GLU A 9 13.28 54.08 -24.89
N PHE A 10 14.44 53.74 -24.33
CA PHE A 10 15.10 52.48 -24.71
C PHE A 10 14.22 51.28 -24.34
N LEU A 11 13.67 51.29 -23.13
CA LEU A 11 12.80 50.21 -22.70
C LEU A 11 11.58 50.10 -23.61
N ASN A 12 10.99 51.25 -23.98
CA ASN A 12 9.81 51.23 -24.84
C ASN A 12 10.15 50.68 -26.24
N GLU A 13 11.30 51.08 -26.78
CA GLU A 13 11.70 50.56 -28.08
C GLU A 13 11.88 49.05 -28.04
N GLN A 14 12.55 48.54 -27.00
CA GLN A 14 12.73 47.10 -26.90
C GLN A 14 11.39 46.38 -26.73
N LEU A 15 10.48 46.99 -25.97
CA LEU A 15 9.15 46.39 -25.81
C LEU A 15 8.42 46.29 -27.14
N THR A 16 8.46 47.35 -27.93
CA THR A 16 7.82 47.32 -29.25
C THR A 16 8.45 46.25 -30.13
N ALA A 17 9.78 46.16 -30.11
CA ALA A 17 10.45 45.17 -30.94
C ALA A 17 10.05 43.75 -30.56
N GLU A 18 10.02 43.44 -29.27
CA GLU A 18 9.67 42.07 -28.88
C GLU A 18 8.19 41.78 -29.10
N LEU A 19 7.32 42.80 -29.03
CA LEU A 19 5.92 42.58 -29.40
C LEU A 19 5.78 42.23 -30.88
N THR A 20 6.49 42.97 -31.74
CA THR A 20 6.46 42.64 -33.17
C THR A 20 6.99 41.23 -33.41
N ALA A 21 8.07 40.86 -32.71
CA ALA A 21 8.58 39.50 -32.82
C ALA A 21 7.55 38.48 -32.38
N ILE A 22 6.79 38.78 -31.31
CA ILE A 22 5.74 37.87 -30.85
C ILE A 22 4.75 37.60 -31.98
N ASN A 23 4.26 38.69 -32.60
CA ASN A 23 3.26 38.54 -33.64
C ASN A 23 3.81 37.73 -34.81
N GLN A 24 5.03 38.07 -35.25
CA GLN A 24 5.60 37.38 -36.39
C GLN A 24 5.81 35.90 -36.12
N TYR A 25 6.34 35.56 -34.95
CA TYR A 25 6.60 34.17 -34.62
C TYR A 25 5.30 33.37 -34.56
N PHE A 26 4.26 33.93 -33.93
CA PHE A 26 3.01 33.18 -33.85
C PHE A 26 2.40 32.97 -35.23
N LEU A 27 2.43 34.00 -36.09
CA LEU A 27 1.90 33.82 -37.43
C LEU A 27 2.66 32.76 -38.20
N HIS A 28 4.00 32.77 -38.09
CA HIS A 28 4.79 31.78 -38.79
C HIS A 28 4.50 30.38 -38.29
N ALA A 29 4.35 30.22 -36.97
CA ALA A 29 4.03 28.91 -36.43
C ALA A 29 2.69 28.40 -36.95
N LYS A 30 1.69 29.28 -36.98
CA LYS A 30 0.38 28.87 -37.49
C LYS A 30 0.46 28.48 -38.96
N LEU A 31 1.19 29.25 -39.76
CA LEU A 31 1.32 28.94 -41.19
C LEU A 31 2.02 27.61 -41.39
N GLN A 32 3.11 27.37 -40.67
CA GLN A 32 3.85 26.13 -40.81
C GLN A 32 3.00 24.93 -40.39
N ASP A 33 2.24 25.08 -39.30
CA ASP A 33 1.36 23.99 -38.87
C ASP A 33 0.30 23.70 -39.92
N HIS A 34 -0.26 24.76 -40.54
CA HIS A 34 -1.26 24.55 -41.57
C HIS A 34 -0.66 23.84 -42.78
N LYS A 35 0.60 24.17 -43.12
CA LYS A 35 1.22 23.56 -44.30
C LYS A 35 1.35 22.05 -44.15
N GLY A 36 1.75 21.59 -42.96
CA GLY A 36 1.91 20.17 -42.73
C GLY A 36 3.18 19.82 -41.99
N TRP A 37 3.97 20.83 -41.64
CA TRP A 37 5.23 20.65 -40.94
C TRP A 37 4.98 20.89 -39.46
N THR A 38 5.26 19.88 -38.63
CA THR A 38 4.83 19.89 -37.24
C THR A 38 5.94 20.30 -36.26
N LYS A 39 7.14 19.72 -36.41
CA LYS A 39 8.23 20.04 -35.49
C LYS A 39 8.59 21.52 -35.57
N LEU A 40 8.66 22.07 -36.78
CA LEU A 40 8.87 23.49 -36.92
C LEU A 40 7.77 24.28 -36.23
N ALA A 41 6.53 23.80 -36.31
CA ALA A 41 5.42 24.50 -35.69
C ALA A 41 5.59 24.57 -34.18
N LYS A 42 5.91 23.45 -33.54
CA LYS A 42 6.03 23.48 -32.08
C LYS A 42 7.27 24.26 -31.64
N TYR A 43 8.37 24.17 -32.38
CA TYR A 43 9.54 24.96 -32.03
C TYR A 43 9.24 26.45 -32.13
N THR A 44 8.53 26.87 -33.18
CA THR A 44 8.19 28.28 -33.32
C THR A 44 7.24 28.72 -32.23
N ARG A 45 6.31 27.85 -31.82
CA ARG A 45 5.43 28.19 -30.71
C ARG A 45 6.24 28.44 -29.43
N ALA A 46 7.21 27.57 -29.15
CA ALA A 46 8.04 27.75 -27.96
C ALA A 46 8.81 29.06 -28.03
N GLU A 47 9.35 29.39 -29.20
CA GLU A 47 10.07 30.65 -29.34
C GLU A 47 9.17 31.85 -29.11
N SER A 48 7.94 31.79 -29.63
CA SER A 48 7.00 32.88 -29.40
C SER A 48 6.71 33.06 -27.92
N PHE A 49 6.54 31.95 -27.20
CA PHE A 49 6.31 32.05 -25.76
C PHE A 49 7.51 32.65 -25.04
N ASP A 50 8.72 32.33 -25.51
CA ASP A 50 9.91 32.94 -24.91
C ASP A 50 9.92 34.45 -25.10
N GLU A 51 9.64 34.90 -26.33
CA GLU A 51 9.57 36.35 -26.54
C GLU A 51 8.43 36.97 -25.74
N MET A 52 7.40 36.20 -25.43
CA MET A 52 6.31 36.70 -24.61
C MET A 52 6.77 36.94 -23.18
N ARG A 53 7.58 36.03 -22.64
CA ARG A 53 8.19 36.28 -21.34
C ARG A 53 9.10 37.51 -21.39
N HIS A 54 9.84 37.67 -22.49
CA HIS A 54 10.63 38.87 -22.68
C HIS A 54 9.78 40.12 -22.49
N ALA A 55 8.63 40.15 -23.18
CA ALA A 55 7.77 41.33 -23.13
C ALA A 55 7.23 41.56 -21.73
N GLU A 56 6.82 40.49 -21.05
CA GLU A 56 6.25 40.65 -19.71
C GLU A 56 7.26 41.24 -18.74
N VAL A 57 8.49 40.70 -18.73
CA VAL A 57 9.48 41.24 -17.79
C VAL A 57 9.83 42.68 -18.16
N LEU A 58 9.86 42.99 -19.46
CA LEU A 58 10.16 44.36 -19.87
C LEU A 58 9.11 45.34 -19.37
N THR A 59 7.82 45.01 -19.54
CA THR A 59 6.79 45.94 -19.12
C THR A 59 6.75 46.08 -17.61
N ASP A 60 7.01 44.98 -16.89
CA ASP A 60 7.09 45.08 -15.44
C ASP A 60 8.19 46.05 -15.02
N ARG A 61 9.37 45.92 -15.64
CA ARG A 61 10.48 46.79 -15.28
C ARG A 61 10.17 48.26 -15.56
N ILE A 62 9.60 48.55 -16.74
CA ILE A 62 9.35 49.96 -17.06
C ILE A 62 8.26 50.52 -16.15
N LEU A 63 7.27 49.70 -15.80
CA LEU A 63 6.24 50.15 -14.88
C LEU A 63 6.82 50.46 -13.50
N LEU A 64 7.84 49.71 -13.07
CA LEU A 64 8.44 49.99 -11.76
C LEU A 64 9.08 51.37 -11.72
N LEU A 65 9.51 51.90 -12.86
CA LEU A 65 10.21 53.18 -12.91
C LEU A 65 9.27 54.37 -13.01
N ASP A 66 7.99 54.20 -12.66
CA ASP A 66 6.98 55.25 -12.78
C ASP A 66 6.89 55.78 -14.20
N GLY A 67 6.95 54.86 -15.18
CA GLY A 67 6.81 55.20 -16.57
C GLY A 67 5.47 54.75 -17.14
N LEU A 68 5.30 55.04 -18.43
CA LEU A 68 4.07 54.72 -19.14
C LEU A 68 4.37 53.84 -20.34
N PRO A 69 4.20 52.52 -20.24
CA PRO A 69 4.41 51.66 -21.41
C PRO A 69 3.35 51.95 -22.47
N ASN A 70 3.74 51.78 -23.73
CA ASN A 70 2.84 52.00 -24.86
C ASN A 70 2.63 50.68 -25.59
N TYR A 71 1.37 50.36 -25.84
CA TYR A 71 1.01 49.17 -26.60
C TYR A 71 0.43 49.51 -27.97
N GLN A 72 0.61 50.75 -28.43
CA GLN A 72 0.06 51.19 -29.70
C GLN A 72 1.06 50.99 -30.84
N ARG A 73 2.30 51.45 -30.66
CA ARG A 73 3.29 51.41 -31.72
C ARG A 73 3.63 49.97 -32.08
N LEU A 74 3.91 49.74 -33.36
CA LEU A 74 4.24 48.41 -33.85
C LEU A 74 5.11 48.55 -35.10
N PHE A 75 6.18 47.77 -35.17
CA PHE A 75 7.07 47.83 -36.32
C PHE A 75 6.51 47.03 -37.48
N HIS A 76 7.26 46.98 -38.58
CA HIS A 76 6.82 46.24 -39.75
C HIS A 76 6.94 44.74 -39.52
N VAL A 77 5.90 44.00 -39.91
CA VAL A 77 5.86 42.55 -39.79
C VAL A 77 5.97 41.95 -41.19
N ARG A 78 6.92 41.04 -41.37
CA ARG A 78 7.16 40.43 -42.66
C ARG A 78 6.90 38.93 -42.59
N VAL A 79 6.39 38.39 -43.70
CA VAL A 79 6.04 36.97 -43.79
C VAL A 79 6.70 36.38 -45.02
N GLY A 80 6.85 35.05 -45.02
CA GLY A 80 7.51 34.36 -46.09
C GLY A 80 6.67 33.19 -46.59
N GLN A 81 7.02 32.74 -47.79
CA GLN A 81 6.32 31.64 -48.44
C GLN A 81 6.99 30.29 -48.19
N SER A 82 8.30 30.23 -48.36
CA SER A 82 9.08 29.03 -48.10
C SER A 82 9.83 29.15 -46.79
N VAL A 83 10.47 28.05 -46.38
CA VAL A 83 11.15 28.02 -45.09
C VAL A 83 12.30 29.02 -45.05
N THR A 84 13.02 29.16 -46.16
CA THR A 84 14.18 30.04 -46.18
C THR A 84 13.78 31.49 -45.90
N GLU A 85 12.65 31.94 -46.47
CA GLU A 85 12.21 33.30 -46.23
C GLU A 85 11.91 33.54 -44.76
N MET A 86 11.22 32.59 -44.12
CA MET A 86 10.92 32.74 -42.69
C MET A 86 12.20 32.80 -41.88
N PHE A 87 13.14 31.91 -42.17
CA PHE A 87 14.39 31.90 -41.41
C PHE A 87 15.13 33.22 -41.56
N GLN A 88 15.20 33.74 -42.78
CA GLN A 88 15.89 35.00 -43.01
C GLN A 88 15.19 36.15 -42.29
N ALA A 89 13.86 36.18 -42.32
CA ALA A 89 13.12 37.26 -41.65
C ALA A 89 13.40 37.27 -40.15
N ASP A 90 13.29 36.09 -39.51
CA ASP A 90 13.56 36.03 -38.08
C ASP A 90 15.01 36.39 -37.76
N ARG A 91 15.94 35.96 -38.63
CA ARG A 91 17.34 36.32 -38.44
C ARG A 91 17.52 37.83 -38.42
N GLU A 92 16.92 38.52 -39.39
CA GLU A 92 17.05 39.97 -39.43
C GLU A 92 16.44 40.63 -38.20
N VAL A 93 15.27 40.14 -37.77
CA VAL A 93 14.61 40.75 -36.62
C VAL A 93 15.49 40.65 -35.38
N GLU A 94 16.00 39.46 -35.08
CA GLU A 94 16.78 39.31 -33.86
C GLU A 94 18.15 39.97 -34.00
N LEU A 95 18.66 40.14 -35.22
CA LEU A 95 19.87 40.92 -35.41
C LEU A 95 19.68 42.37 -34.99
N GLU A 96 18.60 42.99 -35.47
CA GLU A 96 18.31 44.36 -35.06
C GLU A 96 18.14 44.45 -33.55
N ALA A 97 17.46 43.46 -32.97
CA ALA A 97 17.29 43.43 -31.52
C ALA A 97 18.64 43.41 -30.81
N ILE A 98 19.58 42.59 -31.31
CA ILE A 98 20.89 42.49 -30.66
C ILE A 98 21.61 43.82 -30.69
N ASP A 99 21.62 44.49 -31.85
CA ASP A 99 22.32 45.77 -31.96
C ASP A 99 21.73 46.79 -30.98
N ARG A 100 20.40 46.90 -30.96
CA ARG A 100 19.76 47.85 -30.07
C ARG A 100 20.07 47.52 -28.61
N LEU A 101 20.05 46.24 -28.26
CA LEU A 101 20.32 45.84 -26.89
C LEU A 101 21.73 46.24 -26.46
N ARG A 102 22.71 46.03 -27.33
CA ARG A 102 24.08 46.39 -26.97
C ARG A 102 24.21 47.90 -26.74
N ARG A 103 23.66 48.70 -27.65
CA ARG A 103 23.76 50.15 -27.49
C ARG A 103 23.08 50.61 -26.20
N GLY A 104 21.88 50.08 -25.94
CA GLY A 104 21.17 50.46 -24.73
C GLY A 104 21.89 50.05 -23.47
N ILE A 105 22.51 48.87 -23.48
CA ILE A 105 23.26 48.40 -22.33
C ILE A 105 24.38 49.38 -22.01
N GLU A 106 25.13 49.77 -23.05
CA GLU A 106 26.23 50.70 -22.85
C GLU A 106 25.75 52.01 -22.23
N VAL A 107 24.73 52.63 -22.85
CA VAL A 107 24.27 53.93 -22.38
C VAL A 107 23.72 53.83 -20.95
N MET A 108 22.91 52.80 -20.70
CA MET A 108 22.26 52.66 -19.40
C MET A 108 23.29 52.42 -18.29
N ARG A 109 24.31 51.60 -18.55
CA ARG A 109 25.36 51.44 -17.54
C ARG A 109 26.15 52.72 -17.35
N ALA A 110 26.32 53.50 -18.41
CA ALA A 110 27.03 54.78 -18.27
C ALA A 110 26.23 55.78 -17.45
N LYS A 111 24.90 55.67 -17.43
CA LYS A 111 24.05 56.64 -16.75
C LYS A 111 23.58 56.17 -15.37
N HIS A 112 24.37 55.32 -14.71
CA HIS A 112 24.13 54.90 -13.32
C HIS A 112 22.77 54.21 -13.15
N ASP A 113 22.63 53.08 -13.81
CA ASP A 113 21.46 52.22 -13.64
C ASP A 113 21.88 50.79 -13.94
N ILE A 114 21.65 49.88 -12.99
CA ILE A 114 22.24 48.55 -13.01
C ILE A 114 21.19 47.48 -13.31
N THR A 115 20.06 47.52 -12.64
CA THR A 115 19.08 46.44 -12.78
C THR A 115 18.56 46.33 -14.20
N SER A 116 18.23 47.48 -14.81
CA SER A 116 17.80 47.48 -16.20
C SER A 116 18.90 46.95 -17.11
N ALA A 117 20.15 47.29 -16.82
CA ALA A 117 21.26 46.74 -17.59
C ALA A 117 21.29 45.22 -17.46
N ASN A 118 20.99 44.70 -16.28
CA ASN A 118 21.01 43.25 -16.08
C ASN A 118 19.92 42.55 -16.88
N VAL A 119 18.70 43.10 -16.86
CA VAL A 119 17.64 42.46 -17.63
C VAL A 119 17.94 42.55 -19.13
N PHE A 120 18.53 43.67 -19.57
CA PHE A 120 18.96 43.76 -20.96
C PHE A 120 20.02 42.71 -21.29
N GLU A 121 20.94 42.46 -20.37
CA GLU A 121 21.97 41.44 -20.61
C GLU A 121 21.34 40.05 -20.78
N ALA A 122 20.39 39.71 -19.91
CA ALA A 122 19.73 38.42 -20.03
C ALA A 122 19.00 38.29 -21.36
N ILE A 123 18.27 39.34 -21.75
CA ILE A 123 17.57 39.30 -23.04
C ILE A 123 18.54 39.14 -24.19
N LEU A 124 19.68 39.84 -24.12
CA LEU A 124 20.68 39.74 -25.18
C LEU A 124 21.23 38.33 -25.29
N ALA A 125 21.50 37.68 -24.16
CA ALA A 125 21.97 36.30 -24.21
C ALA A 125 20.94 35.39 -24.89
N ASP A 126 19.67 35.54 -24.53
CA ASP A 126 18.64 34.71 -25.15
C ASP A 126 18.56 34.94 -26.66
N GLU A 127 18.59 36.20 -27.08
CA GLU A 127 18.52 36.50 -28.51
C GLU A 127 19.72 35.91 -29.25
N GLU A 128 20.90 35.97 -28.64
CA GLU A 128 22.09 35.39 -29.27
C GLU A 128 21.94 33.89 -29.46
N HIS A 129 21.43 33.20 -28.45
CA HIS A 129 21.20 31.76 -28.60
C HIS A 129 20.22 31.47 -29.74
N HIS A 130 19.14 32.24 -29.81
CA HIS A 130 18.14 31.99 -30.86
C HIS A 130 18.73 32.21 -32.24
N ILE A 131 19.51 33.29 -32.42
CA ILE A 131 20.04 33.55 -33.75
C ILE A 131 21.08 32.49 -34.12
N ASP A 132 21.81 31.96 -33.13
CA ASP A 132 22.71 30.85 -33.43
C ASP A 132 21.95 29.65 -33.96
N TYR A 133 20.83 29.31 -33.32
CA TYR A 133 20.03 28.19 -33.80
C TYR A 133 19.52 28.45 -35.23
N LEU A 134 19.06 29.67 -35.48
CA LEU A 134 18.58 30.00 -36.82
C LEU A 134 19.67 29.83 -37.86
N GLU A 135 20.88 30.31 -37.56
CA GLU A 135 21.97 30.23 -38.52
C GLU A 135 22.34 28.78 -38.81
N THR A 136 22.43 27.94 -37.76
CA THR A 136 22.80 26.55 -38.01
C THR A 136 21.71 25.82 -38.80
N GLN A 137 20.44 26.12 -38.53
CA GLN A 137 19.37 25.50 -39.31
C GLN A 137 19.42 25.93 -40.76
N LEU A 138 19.71 27.21 -41.01
CA LEU A 138 19.80 27.69 -42.39
C LEU A 138 20.94 27.01 -43.13
N ASP A 139 22.10 26.86 -42.47
CA ASP A 139 23.20 26.14 -43.10
C ASP A 139 22.82 24.70 -43.39
N LEU A 140 22.14 24.06 -42.46
CA LEU A 140 21.74 22.66 -42.64
C LEU A 140 20.82 22.50 -43.85
N ILE A 141 19.81 23.36 -43.96
CA ILE A 141 18.87 23.24 -45.08
C ILE A 141 19.56 23.57 -46.40
N GLU A 142 20.47 24.55 -46.39
CA GLU A 142 21.19 24.87 -47.61
C GLU A 142 22.03 23.69 -48.08
N LYS A 143 22.70 22.99 -47.15
CA LYS A 143 23.51 21.85 -47.55
C LYS A 143 22.67 20.67 -47.99
N LEU A 144 21.57 20.39 -47.26
CA LEU A 144 20.82 19.16 -47.48
C LEU A 144 19.99 19.22 -48.75
N GLY A 145 19.34 20.36 -48.99
CA GLY A 145 18.34 20.47 -50.05
C GLY A 145 16.98 20.66 -49.40
N GLU A 146 16.18 21.55 -49.99
CA GLU A 146 14.94 21.96 -49.35
C GLU A 146 13.98 20.79 -49.18
N SER A 147 13.72 20.06 -50.26
CA SER A 147 12.76 18.95 -50.21
C SER A 147 13.24 17.87 -49.25
N LEU A 148 14.50 17.48 -49.35
CA LEU A 148 15.04 16.46 -48.46
C LEU A 148 15.04 16.93 -47.01
N TYR A 149 15.29 18.22 -46.78
CA TYR A 149 15.28 18.74 -45.42
C TYR A 149 13.89 18.67 -44.82
N LEU A 150 12.89 19.19 -45.53
CA LEU A 150 11.56 19.22 -44.95
C LEU A 150 10.84 17.87 -45.06
N SER A 151 11.45 16.89 -45.71
CA SER A 151 10.96 15.52 -45.59
C SER A 151 11.13 14.95 -44.20
N THR A 152 11.90 15.61 -43.33
CA THR A 152 12.16 15.13 -41.98
C THR A 152 11.15 15.67 -40.97
N VAL A 153 10.80 16.96 -41.07
CA VAL A 153 9.92 17.56 -40.08
C VAL A 153 8.53 16.94 -40.14
N ILE A 154 8.00 16.74 -41.35
CA ILE A 154 6.70 16.10 -41.48
C ILE A 154 6.81 14.65 -41.05
N GLU A 155 5.80 14.17 -40.33
CA GLU A 155 5.68 12.74 -40.07
C GLU A 155 4.32 12.36 -39.53
N GLN A 156 3.73 11.32 -40.11
CA GLN A 156 2.61 10.58 -39.55
C GLN A 156 3.13 9.16 -39.39
N THR A 157 3.63 8.83 -38.20
CA THR A 157 4.13 7.48 -37.93
C THR A 157 3.73 7.06 -36.52
N GLN A 158 2.51 7.42 -36.11
CA GLN A 158 1.98 7.11 -34.79
C GLN A 158 2.92 7.54 -33.67
N PRO A 159 3.28 8.82 -33.61
CA PRO A 159 4.18 9.28 -32.54
C PRO A 159 3.57 9.29 -31.16
N ASP A 160 2.24 9.14 -31.05
CA ASP A 160 1.60 9.14 -29.73
C ASP A 160 2.11 8.02 -28.84
N PRO A 161 2.21 6.78 -29.30
CA PRO A 161 2.72 5.71 -28.43
C PRO A 161 4.16 5.96 -28.02
N SER A 162 4.49 5.55 -26.79
CA SER A 162 5.83 5.73 -26.26
C SER A 162 6.10 4.74 -25.12
N MET B 1 -12.21 25.87 -53.21
CA MET B 1 -12.53 25.90 -51.78
C MET B 1 -12.36 27.30 -51.20
N GLN B 2 -12.08 28.28 -52.06
CA GLN B 2 -11.92 29.65 -51.62
C GLN B 2 -13.25 30.23 -51.17
N GLY B 3 -13.21 31.02 -50.10
CA GLY B 3 -14.40 31.69 -49.62
C GLY B 3 -14.62 33.03 -50.26
N ASP B 4 -15.75 33.65 -49.93
CA ASP B 4 -16.06 34.97 -50.44
C ASP B 4 -15.14 36.01 -49.80
N PRO B 5 -14.78 37.06 -50.54
CA PRO B 5 -13.96 38.12 -49.94
C PRO B 5 -14.62 38.83 -48.77
N GLU B 6 -15.95 38.96 -48.79
CA GLU B 6 -16.62 39.69 -47.72
C GLU B 6 -16.49 38.98 -46.38
N VAL B 7 -16.69 37.66 -46.36
CA VAL B 7 -16.56 36.94 -45.10
C VAL B 7 -15.12 36.96 -44.62
N ILE B 8 -14.16 36.95 -45.56
CA ILE B 8 -12.76 37.04 -45.17
C ILE B 8 -12.47 38.38 -44.52
N GLU B 9 -13.00 39.46 -45.09
CA GLU B 9 -12.77 40.78 -44.49
C GLU B 9 -13.47 40.90 -43.13
N PHE B 10 -14.64 40.27 -42.99
CA PHE B 10 -15.31 40.25 -41.69
C PHE B 10 -14.46 39.55 -40.64
N LEU B 11 -13.91 38.38 -41.00
CA LEU B 11 -13.07 37.65 -40.07
C LEU B 11 -11.82 38.45 -39.73
N ASN B 12 -11.21 39.11 -40.72
CA ASN B 12 -10.02 39.92 -40.46
C ASN B 12 -10.33 41.07 -39.51
N GLU B 13 -11.47 41.75 -39.71
CA GLU B 13 -11.84 42.85 -38.83
C GLU B 13 -12.05 42.36 -37.41
N GLN B 14 -12.74 41.22 -37.24
CA GLN B 14 -12.93 40.71 -35.89
C GLN B 14 -11.61 40.29 -35.26
N LEU B 15 -10.70 39.74 -36.05
CA LEU B 15 -9.39 39.37 -35.54
C LEU B 15 -8.64 40.59 -35.02
N THR B 16 -8.65 41.68 -35.79
CA THR B 16 -8.02 42.92 -35.33
C THR B 16 -8.66 43.41 -34.05
N ALA B 17 -9.99 43.35 -33.97
CA ALA B 17 -10.68 43.83 -32.78
C ALA B 17 -10.28 43.05 -31.55
N GLU B 18 -10.27 41.72 -31.63
CA GLU B 18 -9.94 40.96 -30.43
C GLU B 18 -8.45 41.00 -30.12
N LEU B 19 -7.59 41.26 -31.11
CA LEU B 19 -6.18 41.53 -30.79
C LEU B 19 -6.02 42.82 -29.99
N THR B 20 -6.71 43.88 -30.41
CA THR B 20 -6.67 45.12 -29.64
C THR B 20 -7.21 44.91 -28.23
N ALA B 21 -8.27 44.11 -28.11
CA ALA B 21 -8.80 43.78 -26.79
C ALA B 21 -7.77 43.04 -25.95
N ILE B 22 -7.02 42.12 -26.58
CA ILE B 22 -5.97 41.40 -25.86
C ILE B 22 -4.97 42.38 -25.26
N ASN B 23 -4.48 43.31 -26.10
CA ASN B 23 -3.48 44.26 -25.62
C ASN B 23 -4.02 45.11 -24.49
N GLN B 24 -5.24 45.62 -24.65
CA GLN B 24 -5.81 46.50 -23.63
C GLN B 24 -6.00 45.75 -22.31
N TYR B 25 -6.52 44.53 -22.37
CA TYR B 25 -6.77 43.78 -21.15
C TYR B 25 -5.47 43.46 -20.43
N PHE B 26 -4.43 43.07 -21.16
CA PHE B 26 -3.17 42.77 -20.49
C PHE B 26 -2.57 44.02 -19.84
N LEU B 27 -2.62 45.16 -20.54
CA LEU B 27 -2.10 46.38 -19.95
C LEU B 27 -2.87 46.75 -18.69
N HIS B 28 -4.19 46.64 -18.73
CA HIS B 28 -4.99 46.97 -17.56
C HIS B 28 -4.69 46.03 -16.41
N ALA B 29 -4.48 44.74 -16.69
CA ALA B 29 -4.14 43.80 -15.63
C ALA B 29 -2.83 44.17 -14.97
N LYS B 30 -1.81 44.51 -15.77
CA LYS B 30 -0.53 44.91 -15.19
C LYS B 30 -0.68 46.18 -14.35
N LEU B 31 -1.43 47.16 -14.86
CA LEU B 31 -1.61 48.40 -14.12
C LEU B 31 -2.33 48.17 -12.80
N GLN B 32 -3.37 47.33 -12.81
CA GLN B 32 -4.10 47.04 -11.58
C GLN B 32 -3.22 46.30 -10.59
N ASP B 33 -2.43 45.32 -11.06
CA ASP B 33 -1.56 44.58 -10.16
C ASP B 33 -0.49 45.46 -9.56
N HIS B 34 -0.06 46.50 -10.30
CA HIS B 34 0.98 47.38 -9.78
C HIS B 34 0.51 48.11 -8.52
N LYS B 35 -0.76 48.49 -8.47
CA LYS B 35 -1.28 49.28 -7.37
C LYS B 35 -1.72 48.45 -6.17
N GLY B 36 -1.79 47.13 -6.29
CA GLY B 36 -2.12 46.28 -5.18
C GLY B 36 -3.51 45.67 -5.20
N TRP B 37 -4.27 45.86 -6.27
CA TRP B 37 -5.62 45.29 -6.39
C TRP B 37 -5.48 43.90 -7.01
N THR B 38 -5.28 42.90 -6.17
CA THR B 38 -4.86 41.59 -6.65
C THR B 38 -5.98 40.85 -7.37
N LYS B 39 -7.18 40.82 -6.79
CA LYS B 39 -8.26 40.03 -7.36
C LYS B 39 -8.66 40.56 -8.73
N LEU B 40 -8.72 41.89 -8.87
CA LEU B 40 -9.00 42.47 -10.17
C LEU B 40 -7.93 42.07 -11.18
N ALA B 41 -6.67 42.03 -10.75
CA ALA B 41 -5.59 41.63 -11.65
C ALA B 41 -5.78 40.20 -12.13
N LYS B 42 -6.13 39.29 -11.22
CA LYS B 42 -6.32 37.90 -11.63
C LYS B 42 -7.48 37.77 -12.62
N TYR B 43 -8.59 38.44 -12.33
CA TYR B 43 -9.74 38.36 -13.23
C TYR B 43 -9.40 38.92 -14.61
N THR B 44 -8.69 40.05 -14.65
CA THR B 44 -8.33 40.64 -15.93
C THR B 44 -7.38 39.75 -16.71
N ARG B 45 -6.46 39.07 -16.02
CA ARG B 45 -5.57 38.12 -16.69
C ARG B 45 -6.37 37.00 -17.33
N ALA B 46 -7.34 36.44 -16.59
CA ALA B 46 -8.16 35.38 -17.14
C ALA B 46 -8.92 35.85 -18.37
N GLU B 47 -9.47 37.07 -18.32
CA GLU B 47 -10.22 37.58 -19.46
C GLU B 47 -9.32 37.79 -20.67
N SER B 48 -8.08 38.24 -20.45
CA SER B 48 -7.14 38.39 -21.55
C SER B 48 -6.86 37.04 -22.21
N PHE B 49 -6.70 36.00 -21.41
CA PHE B 49 -6.49 34.68 -22.00
C PHE B 49 -7.72 34.20 -22.77
N ASP B 50 -8.91 34.54 -22.30
CA ASP B 50 -10.12 34.21 -23.06
C ASP B 50 -10.12 34.88 -24.43
N GLU B 51 -9.75 36.17 -24.47
CA GLU B 51 -9.68 36.86 -25.74
C GLU B 51 -8.60 36.25 -26.63
N MET B 52 -7.53 35.74 -26.04
CA MET B 52 -6.57 34.95 -26.79
C MET B 52 -7.18 33.74 -27.46
N ARG B 53 -8.00 32.99 -26.73
CA ARG B 53 -8.64 31.84 -27.36
C ARG B 53 -9.51 32.29 -28.52
N HIS B 54 -10.24 33.40 -28.34
CA HIS B 54 -11.01 33.98 -29.44
C HIS B 54 -10.12 34.15 -30.67
N ALA B 55 -8.99 34.84 -30.49
CA ALA B 55 -8.15 35.20 -31.62
C ALA B 55 -7.56 33.98 -32.29
N GLU B 56 -7.15 32.98 -31.49
CA GLU B 56 -6.53 31.80 -32.06
C GLU B 56 -7.52 31.01 -32.92
N VAL B 57 -8.73 30.79 -32.40
CA VAL B 57 -9.69 30.05 -33.20
C VAL B 57 -10.06 30.84 -34.45
N LEU B 58 -10.11 32.17 -34.35
CA LEU B 58 -10.46 32.98 -35.51
C LEU B 58 -9.39 32.89 -36.60
N THR B 59 -8.12 32.99 -36.23
CA THR B 59 -7.07 32.93 -37.25
C THR B 59 -7.00 31.55 -37.87
N ASP B 60 -7.21 30.50 -37.07
CA ASP B 60 -7.26 29.16 -37.63
C ASP B 60 -8.37 29.06 -38.69
N ARG B 61 -9.55 29.57 -38.35
CA ARG B 61 -10.67 29.48 -39.29
C ARG B 61 -10.39 30.24 -40.59
N ILE B 62 -9.87 31.46 -40.49
CA ILE B 62 -9.63 32.22 -41.71
C ILE B 62 -8.53 31.59 -42.54
N LEU B 63 -7.52 31.02 -41.88
CA LEU B 63 -6.46 30.33 -42.60
C LEU B 63 -6.98 29.10 -43.33
N LEU B 64 -7.99 28.44 -42.78
CA LEU B 64 -8.55 27.26 -43.46
C LEU B 64 -9.18 27.63 -44.79
N LEU B 65 -9.74 28.82 -44.91
CA LEU B 65 -10.47 29.24 -46.11
C LEU B 65 -9.57 29.84 -47.18
N ASP B 66 -8.27 29.57 -47.12
CA ASP B 66 -7.29 30.13 -48.07
C ASP B 66 -7.34 31.65 -48.04
N GLY B 67 -6.98 32.19 -46.88
CA GLY B 67 -6.95 33.62 -46.68
C GLY B 67 -5.57 34.10 -46.25
N LEU B 68 -5.48 35.39 -45.98
CA LEU B 68 -4.24 36.03 -45.55
C LEU B 68 -4.52 36.84 -44.30
N PRO B 69 -4.42 36.22 -43.12
CA PRO B 69 -4.59 36.97 -41.88
C PRO B 69 -3.54 38.06 -41.76
N ASN B 70 -3.96 39.22 -41.24
CA ASN B 70 -3.05 40.34 -41.06
C ASN B 70 -2.84 40.58 -39.57
N TYR B 71 -1.58 40.55 -39.15
CA TYR B 71 -1.20 40.85 -37.78
C TYR B 71 -0.54 42.22 -37.69
N GLN B 72 -0.85 43.11 -38.63
CA GLN B 72 -0.15 44.38 -38.76
C GLN B 72 -0.91 45.53 -38.12
N ARG B 73 -2.16 45.75 -38.53
CA ARG B 73 -2.89 46.94 -38.09
C ARG B 73 -3.64 46.67 -36.79
N LEU B 74 -3.85 47.76 -36.03
CA LEU B 74 -4.55 47.70 -34.76
C LEU B 74 -5.48 48.90 -34.66
N PHE B 75 -6.51 48.76 -33.82
CA PHE B 75 -7.40 49.87 -33.53
C PHE B 75 -6.82 50.70 -32.38
N HIS B 76 -7.57 51.72 -31.98
CA HIS B 76 -7.12 52.58 -30.88
C HIS B 76 -7.36 51.87 -29.55
N VAL B 77 -6.33 51.84 -28.70
CA VAL B 77 -6.40 51.22 -27.39
C VAL B 77 -6.33 52.32 -26.33
N ARG B 78 -7.27 52.31 -25.41
CA ARG B 78 -7.41 53.35 -24.40
C ARG B 78 -7.06 52.81 -23.02
N VAL B 79 -6.61 53.71 -22.14
CA VAL B 79 -6.21 53.38 -20.79
C VAL B 79 -6.91 54.32 -19.82
N GLY B 80 -6.99 53.91 -18.57
CA GLY B 80 -7.67 54.68 -17.55
C GLY B 80 -6.83 54.80 -16.30
N GLN B 81 -7.19 55.80 -15.48
CA GLN B 81 -6.50 56.06 -14.23
C GLN B 81 -7.15 55.34 -13.05
N SER B 82 -8.45 55.50 -12.88
CA SER B 82 -9.19 54.82 -11.82
C SER B 82 -9.99 53.67 -12.43
N VAL B 83 -10.66 52.92 -11.55
CA VAL B 83 -11.34 51.71 -11.98
C VAL B 83 -12.50 52.01 -12.94
N THR B 84 -13.19 53.12 -12.71
CA THR B 84 -14.35 53.44 -13.53
C THR B 84 -13.98 53.61 -14.99
N GLU B 85 -12.85 54.29 -15.27
CA GLU B 85 -12.46 54.52 -16.65
C GLU B 85 -12.16 53.21 -17.37
N MET B 86 -11.41 52.31 -16.74
CA MET B 86 -11.10 51.05 -17.38
C MET B 86 -12.35 50.21 -17.60
N PHE B 87 -13.26 50.20 -16.61
CA PHE B 87 -14.50 49.45 -16.79
C PHE B 87 -15.31 50.01 -17.96
N GLN B 88 -15.41 51.33 -18.06
CA GLN B 88 -16.15 51.93 -19.17
C GLN B 88 -15.49 51.62 -20.51
N ALA B 89 -14.16 51.66 -20.56
CA ALA B 89 -13.44 51.38 -21.80
C ALA B 89 -13.72 49.97 -22.28
N ASP B 90 -13.61 48.99 -21.38
CA ASP B 90 -13.88 47.61 -21.77
C ASP B 90 -15.32 47.43 -22.20
N ARG B 91 -16.25 48.04 -21.47
CA ARG B 91 -17.66 47.96 -21.83
C ARG B 91 -17.88 48.42 -23.25
N GLU B 92 -17.35 49.60 -23.60
CA GLU B 92 -17.59 50.15 -24.93
C GLU B 92 -16.90 49.33 -26.01
N VAL B 93 -15.70 48.81 -25.72
CA VAL B 93 -14.96 48.11 -26.78
C VAL B 93 -15.68 46.82 -27.16
N GLU B 94 -16.13 46.01 -26.19
CA GLU B 94 -16.80 44.81 -26.65
C GLU B 94 -18.30 45.05 -26.88
N LEU B 95 -18.79 46.26 -26.58
CA LEU B 95 -20.07 46.66 -27.14
C LEU B 95 -20.01 46.77 -28.66
N GLU B 96 -19.03 47.52 -29.17
CA GLU B 96 -18.92 47.63 -30.61
C GLU B 96 -18.55 46.28 -31.23
N ALA B 97 -17.78 45.47 -30.48
CA ALA B 97 -17.52 44.11 -30.94
C ALA B 97 -18.83 43.32 -31.12
N ILE B 98 -19.75 43.44 -30.16
CA ILE B 98 -21.02 42.72 -30.26
C ILE B 98 -21.81 43.17 -31.48
N ASP B 99 -21.86 44.48 -31.72
CA ASP B 99 -22.59 44.99 -32.87
C ASP B 99 -22.02 44.43 -34.18
N ARG B 100 -20.70 44.51 -34.34
CA ARG B 100 -20.08 43.99 -35.55
C ARG B 100 -20.32 42.51 -35.70
N LEU B 101 -20.28 41.77 -34.58
CA LEU B 101 -20.49 40.32 -34.63
C LEU B 101 -21.89 39.99 -35.14
N ARG B 102 -22.90 40.71 -34.64
CA ARG B 102 -24.27 40.44 -35.10
C ARG B 102 -24.42 40.72 -36.59
N ARG B 103 -23.92 41.86 -37.05
CA ARG B 103 -24.05 42.18 -38.47
C ARG B 103 -23.35 41.13 -39.34
N GLY B 104 -22.13 40.75 -38.95
CA GLY B 104 -21.40 39.75 -39.70
C GLY B 104 -22.10 38.39 -39.71
N ILE B 105 -22.69 38.02 -38.57
CA ILE B 105 -23.42 36.76 -38.49
C ILE B 105 -24.54 36.74 -39.51
N GLU B 106 -25.31 37.83 -39.56
CA GLU B 106 -26.42 37.90 -40.51
C GLU B 106 -25.93 37.77 -41.94
N VAL B 107 -24.92 38.56 -42.32
CA VAL B 107 -24.46 38.54 -43.71
C VAL B 107 -23.89 37.17 -44.06
N MET B 108 -23.07 36.60 -43.18
CA MET B 108 -22.42 35.32 -43.45
C MET B 108 -23.43 34.20 -43.58
N ARG B 109 -24.46 34.19 -42.71
CA ARG B 109 -25.51 33.19 -42.84
C ARG B 109 -26.25 33.35 -44.16
N ALA B 110 -26.51 34.59 -44.57
CA ALA B 110 -27.18 34.81 -45.84
C ALA B 110 -26.31 34.43 -47.04
N LYS B 111 -24.99 34.38 -46.88
CA LYS B 111 -24.07 34.11 -47.97
C LYS B 111 -23.72 32.62 -48.10
N HIS B 112 -24.52 31.74 -47.52
CA HIS B 112 -24.33 30.28 -47.63
C HIS B 112 -23.00 29.83 -47.04
N ASP B 113 -22.80 30.17 -45.76
CA ASP B 113 -21.67 29.68 -44.98
C ASP B 113 -22.14 29.46 -43.56
N ILE B 114 -21.79 28.32 -42.97
CA ILE B 114 -22.38 27.88 -41.72
C ILE B 114 -21.34 27.83 -40.59
N THR B 115 -20.20 27.20 -40.83
CA THR B 115 -19.22 26.99 -39.75
C THR B 115 -18.72 28.32 -39.20
N SER B 116 -18.39 29.26 -40.09
CA SER B 116 -17.97 30.58 -39.63
C SER B 116 -19.06 31.27 -38.84
N ALA B 117 -20.32 31.10 -39.27
CA ALA B 117 -21.43 31.64 -38.49
C ALA B 117 -21.45 31.03 -37.09
N ASN B 118 -21.17 29.74 -36.97
CA ASN B 118 -21.20 29.09 -35.66
C ASN B 118 -20.10 29.63 -34.74
N VAL B 119 -18.88 29.79 -35.26
CA VAL B 119 -17.82 30.31 -34.40
C VAL B 119 -18.13 31.76 -34.01
N PHE B 120 -18.73 32.53 -34.94
CA PHE B 120 -19.16 33.87 -34.60
C PHE B 120 -20.20 33.86 -33.48
N GLU B 121 -21.14 32.92 -33.54
CA GLU B 121 -22.15 32.83 -32.48
C GLU B 121 -21.53 32.53 -31.13
N ALA B 122 -20.57 31.60 -31.10
CA ALA B 122 -19.91 31.28 -29.83
C ALA B 122 -19.19 32.50 -29.26
N ILE B 123 -18.46 33.22 -30.11
CA ILE B 123 -17.77 34.42 -29.65
C ILE B 123 -18.77 35.44 -29.14
N LEU B 124 -19.90 35.58 -29.83
CA LEU B 124 -20.91 36.54 -29.40
C LEU B 124 -21.45 36.21 -28.02
N ALA B 125 -21.70 34.93 -27.75
CA ALA B 125 -22.18 34.54 -26.43
C ALA B 125 -21.14 34.89 -25.35
N ASP B 126 -19.87 34.61 -25.64
CA ASP B 126 -18.83 34.93 -24.65
C ASP B 126 -18.76 36.42 -24.37
N GLU B 127 -18.80 37.25 -25.41
CA GLU B 127 -18.73 38.69 -25.18
C GLU B 127 -19.96 39.20 -24.44
N GLU B 128 -21.13 38.62 -24.68
CA GLU B 128 -22.31 39.01 -23.92
C GLU B 128 -22.14 38.72 -22.44
N HIS B 129 -21.60 37.55 -22.11
CA HIS B 129 -21.35 37.25 -20.70
C HIS B 129 -20.38 38.27 -20.10
N HIS B 130 -19.31 38.58 -20.82
CA HIS B 130 -18.32 39.52 -20.28
C HIS B 130 -18.91 40.90 -20.03
N ILE B 131 -19.72 41.40 -20.98
CA ILE B 131 -20.28 42.74 -20.80
C ILE B 131 -21.28 42.73 -19.65
N ASP B 132 -22.01 41.63 -19.46
CA ASP B 132 -22.89 41.54 -18.29
C ASP B 132 -22.09 41.68 -17.00
N TYR B 133 -20.96 40.97 -16.92
CA TYR B 133 -20.13 41.09 -15.72
C TYR B 133 -19.64 42.52 -15.51
N LEU B 134 -19.20 43.17 -16.58
CA LEU B 134 -18.71 44.54 -16.45
C LEU B 134 -19.81 45.47 -15.95
N GLU B 135 -21.01 45.34 -16.49
CA GLU B 135 -22.11 46.22 -16.08
C GLU B 135 -22.48 46.01 -14.62
N THR B 136 -22.56 44.75 -14.17
CA THR B 136 -22.91 44.53 -12.78
C THR B 136 -21.82 45.05 -11.85
N GLN B 137 -20.55 44.91 -12.23
CA GLN B 137 -19.48 45.46 -11.41
C GLN B 137 -19.57 46.98 -11.33
N LEU B 138 -19.88 47.62 -12.46
CA LEU B 138 -20.00 49.08 -12.46
C LEU B 138 -21.14 49.53 -11.54
N ASP B 139 -22.27 48.85 -11.60
CA ASP B 139 -23.37 49.20 -10.71
C ASP B 139 -22.98 49.01 -9.24
N LEU B 140 -22.27 47.92 -8.95
CA LEU B 140 -21.87 47.65 -7.58
C LEU B 140 -20.94 48.74 -7.04
N ILE B 141 -19.93 49.13 -7.84
CA ILE B 141 -19.00 50.15 -7.36
C ILE B 141 -19.70 51.49 -7.25
N GLU B 142 -20.65 51.78 -8.15
CA GLU B 142 -21.40 53.01 -8.05
C GLU B 142 -22.19 53.08 -6.75
N LYS B 143 -22.82 51.97 -6.36
CA LYS B 143 -23.59 51.97 -5.12
C LYS B 143 -22.68 52.06 -3.89
N LEU B 144 -21.65 51.21 -3.83
CA LEU B 144 -20.85 51.11 -2.61
C LEU B 144 -19.96 52.33 -2.42
N GLY B 145 -19.29 52.78 -3.47
CA GLY B 145 -18.26 53.79 -3.37
C GLY B 145 -16.90 53.20 -3.71
N GLU B 146 -16.02 54.06 -4.21
CA GLU B 146 -14.73 53.58 -4.70
C GLU B 146 -13.89 53.00 -3.56
N SER B 147 -13.86 53.68 -2.41
CA SER B 147 -13.00 53.26 -1.32
C SER B 147 -13.40 51.89 -0.78
N LEU B 148 -14.69 51.66 -0.60
CA LEU B 148 -15.14 50.38 -0.05
C LEU B 148 -14.85 49.22 -1.00
N TYR B 149 -15.13 49.39 -2.29
CA TYR B 149 -14.82 48.34 -3.25
C TYR B 149 -13.32 48.08 -3.31
N LEU B 150 -12.53 49.13 -3.32
CA LEU B 150 -11.08 48.97 -3.38
C LEU B 150 -10.57 48.22 -2.14
N SER B 151 -11.14 48.53 -0.97
CA SER B 151 -10.76 47.80 0.23
C SER B 151 -11.15 46.34 0.13
N THR B 152 -12.32 46.06 -0.47
CA THR B 152 -12.73 44.67 -0.66
C THR B 152 -11.73 43.92 -1.53
N VAL B 153 -11.24 44.56 -2.60
CA VAL B 153 -10.35 43.87 -3.53
C VAL B 153 -8.91 43.81 -3.07
N ILE B 154 -8.56 44.51 -1.99
CA ILE B 154 -7.17 44.55 -1.52
C ILE B 154 -6.81 43.22 -0.89
N GLU B 155 -5.62 42.70 -1.22
CA GLU B 155 -5.15 41.43 -0.71
C GLU B 155 -4.04 41.59 0.33
N GLN B 156 -2.93 42.24 -0.04
CA GLN B 156 -1.80 42.51 0.84
C GLN B 156 -1.17 41.24 1.41
N THR B 157 -1.46 40.07 0.83
CA THR B 157 -0.98 38.80 1.36
C THR B 157 0.25 38.30 0.63
N GLN B 158 1.13 39.20 0.21
CA GLN B 158 2.35 38.78 -0.46
C GLN B 158 3.20 37.94 0.49
N PRO B 159 3.89 36.91 0.00
CA PRO B 159 4.69 36.07 0.91
C PRO B 159 5.77 36.83 1.66
N ASP B 160 6.42 37.80 1.00
CA ASP B 160 7.50 38.55 1.63
C ASP B 160 7.82 39.80 0.80
N MET C 1 -43.38 14.22 -34.53
CA MET C 1 -44.57 13.55 -35.02
C MET C 1 -44.31 12.89 -36.37
N GLN C 2 -44.44 13.66 -37.45
CA GLN C 2 -44.21 13.15 -38.79
C GLN C 2 -43.57 14.24 -39.64
N GLY C 3 -42.61 13.85 -40.45
CA GLY C 3 -41.89 14.78 -41.31
C GLY C 3 -42.38 14.71 -42.75
N ASP C 4 -42.17 15.81 -43.47
CA ASP C 4 -42.54 15.86 -44.87
C ASP C 4 -41.55 15.06 -45.72
N PRO C 5 -41.97 14.61 -46.90
CA PRO C 5 -41.09 13.75 -47.71
C PRO C 5 -39.78 14.38 -48.12
N GLU C 6 -39.70 15.72 -48.21
CA GLU C 6 -38.48 16.36 -48.69
C GLU C 6 -37.32 16.11 -47.73
N VAL C 7 -37.54 16.35 -46.44
CA VAL C 7 -36.50 16.12 -45.45
C VAL C 7 -36.12 14.64 -45.41
N ILE C 8 -37.10 13.77 -45.55
CA ILE C 8 -36.84 12.33 -45.53
C ILE C 8 -35.93 11.95 -46.70
N GLU C 9 -36.22 12.46 -47.89
CA GLU C 9 -35.41 12.10 -49.05
C GLU C 9 -34.02 12.70 -48.96
N PHE C 10 -33.90 13.91 -48.39
CA PHE C 10 -32.57 14.49 -48.18
C PHE C 10 -31.74 13.63 -47.24
N LEU C 11 -32.35 13.20 -46.13
CA LEU C 11 -31.63 12.36 -45.18
C LEU C 11 -31.27 11.02 -45.80
N ASN C 12 -32.16 10.45 -46.60
CA ASN C 12 -31.86 9.18 -47.26
C ASN C 12 -30.70 9.31 -48.24
N GLU C 13 -30.67 10.39 -49.01
CA GLU C 13 -29.58 10.62 -49.93
C GLU C 13 -28.25 10.76 -49.19
N GLN C 14 -28.26 11.52 -48.09
CA GLN C 14 -27.03 11.66 -47.31
C GLN C 14 -26.59 10.33 -46.72
N LEU C 15 -27.55 9.52 -46.27
CA LEU C 15 -27.21 8.20 -45.73
C LEU C 15 -26.56 7.32 -46.79
N THR C 16 -27.11 7.33 -48.00
CA THR C 16 -26.51 6.54 -49.08
C THR C 16 -25.09 7.03 -49.37
N ALA C 17 -24.90 8.35 -49.40
CA ALA C 17 -23.57 8.88 -49.67
C ALA C 17 -22.57 8.44 -48.60
N GLU C 18 -22.96 8.52 -47.33
CA GLU C 18 -22.02 8.13 -46.29
C GLU C 18 -21.75 6.62 -46.28
N LEU C 19 -22.74 5.80 -46.66
CA LEU C 19 -22.48 4.37 -46.79
C LEU C 19 -21.46 4.09 -47.89
N THR C 20 -21.62 4.75 -49.04
CA THR C 20 -20.66 4.57 -50.12
C THR C 20 -19.28 5.01 -49.69
N ALA C 21 -19.20 6.12 -48.95
CA ALA C 21 -17.92 6.58 -48.43
C ALA C 21 -17.31 5.56 -47.48
N ILE C 22 -18.13 4.94 -46.65
CA ILE C 22 -17.64 3.90 -45.73
C ILE C 22 -16.97 2.79 -46.52
N ASN C 23 -17.67 2.28 -47.54
CA ASN C 23 -17.12 1.17 -48.32
C ASN C 23 -15.82 1.57 -48.99
N GLN C 24 -15.80 2.73 -49.64
CA GLN C 24 -14.59 3.15 -50.36
C GLN C 24 -13.42 3.34 -49.41
N TYR C 25 -13.65 3.98 -48.26
CA TYR C 25 -12.56 4.24 -47.34
C TYR C 25 -12.00 2.94 -46.78
N PHE C 26 -12.85 1.99 -46.43
CA PHE C 26 -12.31 0.74 -45.89
C PHE C 26 -11.54 -0.03 -46.95
N LEU C 27 -12.03 -0.05 -48.19
CA LEU C 27 -11.29 -0.74 -49.24
C LEU C 27 -9.93 -0.09 -49.46
N HIS C 28 -9.88 1.25 -49.45
CA HIS C 28 -8.60 1.92 -49.63
C HIS C 28 -7.65 1.62 -48.48
N ALA C 29 -8.18 1.58 -47.25
CA ALA C 29 -7.33 1.26 -46.11
C ALA C 29 -6.73 -0.13 -46.24
N LYS C 30 -7.55 -1.11 -46.63
CA LYS C 30 -7.05 -2.47 -46.80
C LYS C 30 -6.00 -2.54 -47.89
N LEU C 31 -6.25 -1.87 -49.03
CA LEU C 31 -5.28 -1.88 -50.11
C LEU C 31 -3.96 -1.25 -49.70
N GLN C 32 -4.03 -0.12 -48.98
CA GLN C 32 -2.81 0.54 -48.54
C GLN C 32 -2.04 -0.33 -47.55
N ASP C 33 -2.75 -0.99 -46.63
CA ASP C 33 -2.07 -1.84 -45.67
C ASP C 33 -1.40 -3.03 -46.35
N HIS C 34 -2.04 -3.57 -47.40
CA HIS C 34 -1.45 -4.72 -48.09
C HIS C 34 -0.12 -4.37 -48.75
N LYS C 35 0.05 -3.12 -49.18
CA LYS C 35 1.25 -2.73 -49.91
C LYS C 35 2.42 -2.36 -49.02
N GLY C 36 2.23 -2.30 -47.70
CA GLY C 36 3.30 -1.99 -46.78
C GLY C 36 3.26 -0.60 -46.18
N TRP C 37 2.45 0.31 -46.71
CA TRP C 37 2.32 1.65 -46.15
C TRP C 37 1.43 1.56 -44.92
N THR C 38 2.03 1.75 -43.74
CA THR C 38 1.34 1.41 -42.50
C THR C 38 0.45 2.53 -41.97
N LYS C 39 1.02 3.72 -41.73
CA LYS C 39 0.25 4.77 -41.06
C LYS C 39 -0.92 5.24 -41.92
N LEU C 40 -0.76 5.27 -43.24
CA LEU C 40 -1.88 5.59 -44.11
C LEU C 40 -3.05 4.66 -43.83
N ALA C 41 -2.77 3.38 -43.59
CA ALA C 41 -3.84 2.41 -43.36
C ALA C 41 -4.63 2.75 -42.10
N LYS C 42 -3.94 3.06 -41.01
CA LYS C 42 -4.66 3.32 -39.76
C LYS C 42 -5.38 4.66 -39.80
N TYR C 43 -4.80 5.66 -40.47
CA TYR C 43 -5.54 6.91 -40.65
C TYR C 43 -6.82 6.69 -41.45
N THR C 44 -6.74 5.91 -42.52
CA THR C 44 -7.94 5.62 -43.29
C THR C 44 -8.94 4.81 -42.49
N ARG C 45 -8.47 3.91 -41.63
CA ARG C 45 -9.39 3.18 -40.76
C ARG C 45 -10.13 4.12 -39.83
N ALA C 46 -9.43 5.09 -39.25
CA ALA C 46 -10.08 6.08 -38.39
C ALA C 46 -11.13 6.86 -39.15
N GLU C 47 -10.81 7.25 -40.39
CA GLU C 47 -11.81 7.95 -41.21
C GLU C 47 -13.02 7.07 -41.48
N SER C 48 -12.79 5.79 -41.73
CA SER C 48 -13.91 4.87 -41.94
C SER C 48 -14.81 4.82 -40.71
N PHE C 49 -14.21 4.78 -39.52
CA PHE C 49 -15.02 4.73 -38.31
C PHE C 49 -15.79 6.02 -38.10
N ASP C 50 -15.19 7.16 -38.46
CA ASP C 50 -15.91 8.43 -38.36
C ASP C 50 -17.13 8.43 -39.28
N GLU C 51 -16.98 7.96 -40.51
CA GLU C 51 -18.14 7.87 -41.39
C GLU C 51 -19.16 6.85 -40.87
N MET C 52 -18.69 5.83 -40.15
CA MET C 52 -19.60 4.87 -39.52
C MET C 52 -20.50 5.57 -38.52
N ARG C 53 -19.90 6.42 -37.68
CA ARG C 53 -20.69 7.20 -36.72
C ARG C 53 -21.66 8.12 -37.42
N HIS C 54 -21.21 8.78 -38.50
CA HIS C 54 -22.11 9.63 -39.28
C HIS C 54 -23.35 8.85 -39.72
N ALA C 55 -23.14 7.66 -40.30
CA ALA C 55 -24.26 6.88 -40.79
C ALA C 55 -25.19 6.48 -39.65
N GLU C 56 -24.63 6.11 -38.50
CA GLU C 56 -25.47 5.69 -37.39
C GLU C 56 -26.37 6.82 -36.92
N VAL C 57 -25.81 8.03 -36.75
CA VAL C 57 -26.62 9.14 -36.26
C VAL C 57 -27.66 9.54 -37.30
N LEU C 58 -27.32 9.47 -38.59
CA LEU C 58 -28.30 9.78 -39.62
C LEU C 58 -29.47 8.80 -39.57
N THR C 59 -29.17 7.51 -39.40
CA THR C 59 -30.21 6.50 -39.32
C THR C 59 -31.12 6.76 -38.12
N ASP C 60 -30.54 7.09 -36.97
CA ASP C 60 -31.35 7.40 -35.80
C ASP C 60 -32.28 8.58 -36.09
N ARG C 61 -31.75 9.63 -36.70
CA ARG C 61 -32.57 10.81 -36.96
C ARG C 61 -33.73 10.49 -37.91
N ILE C 62 -33.46 9.76 -39.00
CA ILE C 62 -34.54 9.50 -39.95
C ILE C 62 -35.57 8.56 -39.33
N LEU C 63 -35.12 7.60 -38.53
CA LEU C 63 -36.07 6.69 -37.88
C LEU C 63 -36.94 7.43 -36.86
N LEU C 64 -36.42 8.49 -36.25
CA LEU C 64 -37.23 9.24 -35.30
C LEU C 64 -38.45 9.87 -35.96
N LEU C 65 -38.35 10.25 -37.23
CA LEU C 65 -39.41 10.95 -37.93
C LEU C 65 -40.41 10.02 -38.59
N ASP C 66 -40.47 8.76 -38.14
CA ASP C 66 -41.38 7.76 -38.73
C ASP C 66 -41.14 7.60 -40.22
N GLY C 67 -39.86 7.40 -40.58
CA GLY C 67 -39.47 7.18 -41.95
C GLY C 67 -38.92 5.77 -42.17
N LEU C 68 -38.52 5.54 -43.42
CA LEU C 68 -37.96 4.25 -43.83
C LEU C 68 -36.54 4.43 -44.33
N PRO C 69 -35.53 4.09 -43.52
CA PRO C 69 -34.15 4.20 -44.00
C PRO C 69 -33.90 3.29 -45.19
N ASN C 70 -33.06 3.76 -46.10
CA ASN C 70 -32.74 3.03 -47.33
C ASN C 70 -31.35 2.43 -47.20
N TYR C 71 -31.29 1.11 -47.01
CA TYR C 71 -30.04 0.38 -46.89
C TYR C 71 -29.76 -0.48 -48.12
N GLN C 72 -30.41 -0.19 -49.25
CA GLN C 72 -30.34 -1.06 -50.42
C GLN C 72 -29.43 -0.49 -51.51
N ARG C 73 -29.66 0.74 -51.94
CA ARG C 73 -28.96 1.29 -53.08
C ARG C 73 -27.66 1.96 -52.66
N LEU C 74 -26.69 1.97 -53.58
CA LEU C 74 -25.39 2.58 -53.38
C LEU C 74 -25.03 3.39 -54.61
N PHE C 75 -24.14 4.37 -54.40
CA PHE C 75 -23.61 5.16 -55.49
C PHE C 75 -22.42 4.41 -56.12
N HIS C 76 -21.67 5.09 -56.98
CA HIS C 76 -20.52 4.47 -57.61
C HIS C 76 -19.28 4.63 -56.72
N VAL C 77 -18.62 3.52 -56.44
CA VAL C 77 -17.42 3.48 -55.63
C VAL C 77 -16.23 3.24 -56.55
N ARG C 78 -15.20 4.07 -56.43
CA ARG C 78 -14.04 4.03 -57.30
C ARG C 78 -12.79 3.73 -56.50
N VAL C 79 -11.81 3.13 -57.17
CA VAL C 79 -10.55 2.73 -56.54
C VAL C 79 -9.39 3.24 -57.39
N GLY C 80 -8.22 3.32 -56.76
CA GLY C 80 -7.03 3.79 -57.43
C GLY C 80 -5.84 2.89 -57.15
N GLN C 81 -4.85 2.99 -58.03
CA GLN C 81 -3.64 2.19 -57.91
C GLN C 81 -2.55 2.89 -57.10
N SER C 82 -2.31 4.17 -57.38
CA SER C 82 -1.33 4.94 -56.64
C SER C 82 -2.01 5.85 -55.62
N VAL C 83 -1.20 6.48 -54.78
CA VAL C 83 -1.73 7.31 -53.70
C VAL C 83 -2.51 8.49 -54.26
N THR C 84 -2.03 9.07 -55.35
CA THR C 84 -2.68 10.26 -55.91
C THR C 84 -4.11 9.97 -56.32
N GLU C 85 -4.35 8.81 -56.94
CA GLU C 85 -5.71 8.47 -57.35
C GLU C 85 -6.64 8.33 -56.15
N MET C 86 -6.16 7.68 -55.08
CA MET C 86 -6.99 7.54 -53.88
C MET C 86 -7.32 8.90 -53.30
N PHE C 87 -6.34 9.78 -53.20
CA PHE C 87 -6.59 11.11 -52.65
C PHE C 87 -7.57 11.89 -53.50
N GLN C 88 -7.43 11.81 -54.82
CA GLN C 88 -8.33 12.53 -55.71
C GLN C 88 -9.76 11.99 -55.61
N ALA C 89 -9.92 10.67 -55.53
CA ALA C 89 -11.25 10.10 -55.39
C ALA C 89 -11.91 10.55 -54.10
N ASP C 90 -11.16 10.53 -52.99
CA ASP C 90 -11.72 10.99 -51.73
C ASP C 90 -12.09 12.47 -51.81
N ARG C 91 -11.27 13.27 -52.47
CA ARG C 91 -11.59 14.69 -52.63
C ARG C 91 -12.90 14.86 -53.39
N GLU C 92 -13.09 14.07 -54.46
CA GLU C 92 -14.32 14.19 -55.24
C GLU C 92 -15.55 13.87 -54.40
N VAL C 93 -15.50 12.75 -53.67
CA VAL C 93 -16.68 12.36 -52.90
C VAL C 93 -16.96 13.38 -51.80
N GLU C 94 -15.91 13.93 -51.18
CA GLU C 94 -16.13 14.93 -50.14
C GLU C 94 -16.73 16.21 -50.71
N LEU C 95 -16.28 16.62 -51.89
CA LEU C 95 -16.86 17.83 -52.50
C LEU C 95 -18.34 17.65 -52.79
N GLU C 96 -18.70 16.49 -53.35
CA GLU C 96 -20.11 16.23 -53.63
C GLU C 96 -20.93 16.27 -52.34
N ALA C 97 -20.42 15.63 -51.28
CA ALA C 97 -21.13 15.61 -50.01
C ALA C 97 -21.31 17.03 -49.46
N ILE C 98 -20.27 17.86 -49.57
CA ILE C 98 -20.35 19.21 -49.03
C ILE C 98 -21.42 20.02 -49.75
N ASP C 99 -21.45 19.94 -51.08
CA ASP C 99 -22.46 20.70 -51.83
C ASP C 99 -23.87 20.24 -51.47
N ARG C 100 -24.08 18.93 -51.44
CA ARG C 100 -25.41 18.42 -51.10
C ARG C 100 -25.82 18.83 -49.70
N LEU C 101 -24.88 18.79 -48.75
CA LEU C 101 -25.18 19.15 -47.38
C LEU C 101 -25.60 20.61 -47.28
N ARG C 102 -24.90 21.51 -47.98
CA ARG C 102 -25.26 22.93 -47.92
C ARG C 102 -26.65 23.16 -48.47
N ARG C 103 -26.94 22.58 -49.64
CA ARG C 103 -28.27 22.76 -50.21
C ARG C 103 -29.35 22.22 -49.28
N GLY C 104 -29.09 21.04 -48.69
CA GLY C 104 -30.07 20.43 -47.81
C GLY C 104 -30.33 21.23 -46.56
N ILE C 105 -29.27 21.76 -45.92
CA ILE C 105 -29.49 22.53 -44.70
C ILE C 105 -30.27 23.78 -45.01
N GLU C 106 -29.96 24.45 -46.14
CA GLU C 106 -30.74 25.62 -46.51
C GLU C 106 -32.22 25.29 -46.65
N VAL C 107 -32.53 24.24 -47.43
CA VAL C 107 -33.94 23.91 -47.66
C VAL C 107 -34.62 23.52 -46.36
N MET C 108 -33.97 22.68 -45.55
CA MET C 108 -34.58 22.19 -44.32
C MET C 108 -34.82 23.32 -43.32
N ARG C 109 -33.85 24.24 -43.18
CA ARG C 109 -34.04 25.37 -42.28
C ARG C 109 -35.16 26.27 -42.77
N ALA C 110 -35.34 26.39 -44.08
CA ALA C 110 -36.42 27.25 -44.55
C ALA C 110 -37.82 26.66 -44.32
N LYS C 111 -38.01 25.52 -43.65
CA LYS C 111 -39.35 24.95 -43.52
C LYS C 111 -39.57 24.42 -42.09
N HIS C 112 -39.08 25.16 -41.10
CA HIS C 112 -39.36 24.90 -39.69
C HIS C 112 -38.94 23.49 -39.27
N ASP C 113 -37.63 23.24 -39.34
CA ASP C 113 -37.04 22.01 -38.84
C ASP C 113 -35.60 22.30 -38.49
N ILE C 114 -35.26 22.20 -37.21
CA ILE C 114 -34.01 22.74 -36.67
C ILE C 114 -33.03 21.62 -36.32
N THR C 115 -33.50 20.57 -35.65
CA THR C 115 -32.58 19.54 -35.16
C THR C 115 -31.86 18.85 -36.30
N SER C 116 -32.60 18.48 -37.36
CA SER C 116 -31.97 17.88 -38.52
C SER C 116 -30.97 18.85 -39.16
N ALA C 117 -31.31 20.14 -39.17
CA ALA C 117 -30.36 21.13 -39.66
C ALA C 117 -29.08 21.12 -38.82
N ASN C 118 -29.21 20.97 -37.50
CA ASN C 118 -28.03 20.93 -36.65
C ASN C 118 -27.16 19.72 -36.94
N VAL C 119 -27.78 18.54 -37.15
CA VAL C 119 -26.95 17.39 -37.47
C VAL C 119 -26.28 17.59 -38.81
N PHE C 120 -26.95 18.25 -39.75
CA PHE C 120 -26.32 18.56 -41.03
C PHE C 120 -25.13 19.49 -40.84
N GLU C 121 -25.25 20.49 -39.95
CA GLU C 121 -24.12 21.38 -39.70
C GLU C 121 -22.93 20.61 -39.13
N ALA C 122 -23.18 19.71 -38.18
CA ALA C 122 -22.08 18.94 -37.59
C ALA C 122 -21.37 18.10 -38.66
N ILE C 123 -22.16 17.41 -39.49
CA ILE C 123 -21.58 16.59 -40.54
C ILE C 123 -20.79 17.46 -41.51
N LEU C 124 -21.33 18.64 -41.85
CA LEU C 124 -20.64 19.54 -42.77
C LEU C 124 -19.28 19.94 -42.22
N ALA C 125 -19.22 20.29 -40.93
CA ALA C 125 -17.94 20.67 -40.33
C ALA C 125 -16.94 19.53 -40.41
N ASP C 126 -17.39 18.31 -40.09
CA ASP C 126 -16.46 17.18 -40.12
C ASP C 126 -15.93 16.93 -41.52
N GLU C 127 -16.81 16.91 -42.53
CA GLU C 127 -16.34 16.65 -43.88
C GLU C 127 -15.45 17.77 -44.39
N GLU C 128 -15.69 19.02 -43.96
CA GLU C 128 -14.80 20.12 -44.34
C GLU C 128 -13.41 19.91 -43.78
N HIS C 129 -13.32 19.50 -42.52
CA HIS C 129 -11.99 19.21 -41.95
C HIS C 129 -11.30 18.11 -42.76
N HIS C 130 -12.04 17.06 -43.10
CA HIS C 130 -11.41 15.96 -43.85
C HIS C 130 -10.90 16.41 -45.21
N ILE C 131 -11.69 17.21 -45.94
CA ILE C 131 -11.24 17.61 -47.26
C ILE C 131 -10.05 18.55 -47.15
N ASP C 132 -10.00 19.38 -46.11
CA ASP C 132 -8.81 20.20 -45.89
C ASP C 132 -7.57 19.33 -45.70
N TYR C 133 -7.68 18.29 -44.88
CA TYR C 133 -6.54 17.39 -44.70
C TYR C 133 -6.12 16.75 -46.02
N LEU C 134 -7.09 16.30 -46.81
CA LEU C 134 -6.75 15.68 -48.09
C LEU C 134 -6.02 16.65 -49.00
N GLU C 135 -6.49 17.90 -49.06
CA GLU C 135 -5.86 18.88 -49.93
C GLU C 135 -4.42 19.17 -49.50
N THR C 136 -4.19 19.35 -48.20
CA THR C 136 -2.83 19.64 -47.77
C THR C 136 -1.91 18.45 -48.01
N GLN C 137 -2.41 17.23 -47.81
CA GLN C 137 -1.58 16.06 -48.10
C GLN C 137 -1.25 15.97 -49.58
N LEU C 138 -2.22 16.27 -50.45
CA LEU C 138 -1.97 16.25 -51.89
C LEU C 138 -0.92 17.27 -52.28
N ASP C 139 -1.00 18.48 -51.72
CA ASP C 139 0.03 19.48 -52.00
C ASP C 139 1.39 19.02 -51.52
N LEU C 140 1.43 18.38 -50.34
CA LEU C 140 2.70 17.91 -49.79
C LEU C 140 3.34 16.86 -50.68
N ILE C 141 2.57 15.88 -51.15
CA ILE C 141 3.14 14.85 -52.00
C ILE C 141 3.54 15.43 -53.34
N GLU C 142 2.78 16.40 -53.85
CA GLU C 142 3.15 17.05 -55.10
C GLU C 142 4.50 17.74 -54.97
N LYS C 143 4.72 18.45 -53.86
CA LYS C 143 6.00 19.14 -53.68
C LYS C 143 7.15 18.17 -53.45
N LEU C 144 6.94 17.16 -52.60
CA LEU C 144 8.04 16.32 -52.15
C LEU C 144 8.47 15.30 -53.21
N GLY C 145 7.53 14.78 -53.98
CA GLY C 145 7.81 13.66 -54.85
C GLY C 145 7.24 12.37 -54.30
N GLU C 146 6.75 11.52 -55.20
CA GLU C 146 6.00 10.34 -54.76
C GLU C 146 6.88 9.38 -53.97
N SER C 147 8.08 9.09 -54.49
CA SER C 147 8.95 8.12 -53.83
C SER C 147 9.43 8.62 -52.48
N LEU C 148 9.92 9.86 -52.43
CA LEU C 148 10.41 10.42 -51.18
C LEU C 148 9.29 10.52 -50.15
N TYR C 149 8.09 10.91 -50.58
CA TYR C 149 6.96 10.96 -49.67
C TYR C 149 6.63 9.56 -49.14
N LEU C 150 6.66 8.56 -50.02
CA LEU C 150 6.34 7.20 -49.59
C LEU C 150 7.38 6.65 -48.62
N SER C 151 8.63 7.13 -48.72
CA SER C 151 9.68 6.60 -47.86
C SER C 151 9.49 6.95 -46.39
N THR C 152 8.63 7.91 -46.07
CA THR C 152 8.46 8.38 -44.71
C THR C 152 7.32 7.68 -43.98
N VAL C 153 6.66 6.71 -44.61
CA VAL C 153 5.50 6.05 -44.03
C VAL C 153 5.66 4.53 -43.99
N ILE C 154 6.80 4.00 -44.42
CA ILE C 154 6.97 2.56 -44.54
C ILE C 154 7.00 1.89 -43.18
N GLU C 155 7.77 2.43 -42.25
CA GLU C 155 8.06 1.73 -41.00
C GLU C 155 8.46 2.76 -39.95
N GLN C 156 9.11 2.29 -38.88
CA GLN C 156 9.58 3.11 -37.77
C GLN C 156 8.42 3.63 -36.91
N THR C 157 7.39 2.79 -36.75
CA THR C 157 6.25 3.15 -35.92
C THR C 157 6.57 3.01 -34.43
N GLN C 158 6.89 1.78 -34.00
CA GLN C 158 7.24 1.46 -32.62
C GLN C 158 6.20 1.97 -31.63
N PRO C 159 4.96 1.45 -31.67
CA PRO C 159 3.94 1.89 -30.70
C PRO C 159 4.09 1.17 -29.37
N ASP C 160 4.50 1.90 -28.34
CA ASP C 160 4.67 1.36 -26.99
C ASP C 160 3.94 2.27 -26.00
N PRO C 161 2.62 2.11 -25.87
CA PRO C 161 1.88 2.98 -24.95
C PRO C 161 2.42 2.92 -23.52
N SER C 162 2.85 1.75 -23.06
CA SER C 162 3.37 1.60 -21.70
C SER C 162 4.87 1.85 -21.66
N MET D 1 1.74 -17.08 -58.20
CA MET D 1 1.19 -17.34 -56.87
C MET D 1 -0.33 -17.12 -56.89
N GLN D 2 -0.79 -16.34 -57.86
CA GLN D 2 -2.22 -16.05 -57.96
C GLN D 2 -3.03 -17.32 -58.16
N GLY D 3 -4.20 -17.34 -57.52
CA GLY D 3 -5.06 -18.52 -57.56
C GLY D 3 -5.93 -18.57 -58.81
N ASP D 4 -6.71 -19.64 -58.88
CA ASP D 4 -7.61 -19.85 -60.00
C ASP D 4 -8.82 -18.91 -59.90
N PRO D 5 -9.41 -18.55 -61.04
CA PRO D 5 -10.59 -17.66 -61.01
C PRO D 5 -11.77 -18.23 -60.25
N GLU D 6 -11.94 -19.55 -60.22
CA GLU D 6 -13.11 -20.14 -59.57
C GLU D 6 -13.10 -19.84 -58.06
N VAL D 7 -11.94 -20.03 -57.42
CA VAL D 7 -11.89 -19.81 -55.98
C VAL D 7 -12.07 -18.33 -55.66
N ILE D 8 -11.53 -17.44 -56.49
CA ILE D 8 -11.68 -16.02 -56.21
C ILE D 8 -13.13 -15.59 -56.42
N GLU D 9 -13.82 -16.17 -57.40
CA GLU D 9 -15.22 -15.80 -57.59
C GLU D 9 -16.09 -16.36 -56.46
N PHE D 10 -15.78 -17.56 -55.98
CA PHE D 10 -16.48 -18.09 -54.81
C PHE D 10 -16.29 -17.15 -53.61
N LEU D 11 -15.05 -16.73 -53.38
CA LEU D 11 -14.77 -15.84 -52.26
C LEU D 11 -15.46 -14.50 -52.43
N ASN D 12 -15.51 -13.99 -53.66
CA ASN D 12 -16.16 -12.70 -53.89
C ASN D 12 -17.65 -12.78 -53.62
N GLU D 13 -18.33 -13.84 -54.09
CA GLU D 13 -19.76 -13.92 -53.83
C GLU D 13 -20.05 -14.17 -52.35
N GLN D 14 -19.19 -14.91 -51.66
CA GLN D 14 -19.36 -15.05 -50.21
C GLN D 14 -19.19 -13.70 -49.51
N LEU D 15 -18.23 -12.90 -49.97
CA LEU D 15 -18.04 -11.57 -49.40
C LEU D 15 -19.28 -10.70 -49.60
N THR D 16 -19.86 -10.75 -50.81
CA THR D 16 -21.08 -10.00 -51.06
C THR D 16 -22.20 -10.45 -50.13
N ALA D 17 -22.34 -11.76 -49.96
CA ALA D 17 -23.38 -12.28 -49.07
C ALA D 17 -23.19 -11.78 -47.64
N GLU D 18 -21.96 -11.83 -47.13
CA GLU D 18 -21.73 -11.39 -45.75
C GLU D 18 -21.96 -9.90 -45.61
N LEU D 19 -21.61 -9.10 -46.62
CA LEU D 19 -21.88 -7.66 -46.56
C LEU D 19 -23.38 -7.40 -46.47
N THR D 20 -24.16 -8.07 -47.32
CA THR D 20 -25.61 -7.92 -47.25
C THR D 20 -26.13 -8.34 -45.88
N ALA D 21 -25.56 -9.40 -45.31
CA ALA D 21 -25.97 -9.87 -44.00
C ALA D 21 -25.75 -8.80 -42.94
N ILE D 22 -24.57 -8.15 -42.95
CA ILE D 22 -24.32 -7.15 -41.92
C ILE D 22 -25.23 -5.95 -42.09
N ASN D 23 -25.52 -5.55 -43.34
CA ASN D 23 -26.45 -4.45 -43.53
C ASN D 23 -27.82 -4.77 -42.95
N GLN D 24 -28.35 -5.95 -43.28
CA GLN D 24 -29.66 -6.34 -42.79
C GLN D 24 -29.68 -6.44 -41.27
N TYR D 25 -28.64 -7.03 -40.68
CA TYR D 25 -28.61 -7.21 -39.23
C TYR D 25 -28.57 -5.86 -38.52
N PHE D 26 -27.76 -4.92 -39.01
CA PHE D 26 -27.72 -3.61 -38.35
C PHE D 26 -29.04 -2.88 -38.47
N LEU D 27 -29.69 -2.95 -39.63
CA LEU D 27 -30.99 -2.31 -39.77
C LEU D 27 -32.00 -2.91 -38.80
N HIS D 28 -32.02 -4.24 -38.69
CA HIS D 28 -32.96 -4.88 -37.76
C HIS D 28 -32.67 -4.49 -36.33
N ALA D 29 -31.39 -4.39 -35.97
CA ALA D 29 -31.05 -3.98 -34.61
C ALA D 29 -31.54 -2.58 -34.31
N LYS D 30 -31.37 -1.66 -35.27
CA LYS D 30 -31.84 -0.29 -35.06
C LYS D 30 -33.36 -0.27 -34.91
N LEU D 31 -34.08 -1.01 -35.75
CA LEU D 31 -35.53 -1.03 -35.65
C LEU D 31 -35.99 -1.59 -34.31
N GLN D 32 -35.38 -2.70 -33.87
CA GLN D 32 -35.76 -3.30 -32.60
C GLN D 32 -35.48 -2.37 -31.43
N ASP D 33 -34.33 -1.69 -31.45
CA ASP D 33 -34.02 -0.75 -30.39
C ASP D 33 -35.02 0.40 -30.37
N HIS D 34 -35.40 0.90 -31.54
CA HIS D 34 -36.37 1.98 -31.61
C HIS D 34 -37.73 1.55 -31.06
N LYS D 35 -38.14 0.31 -31.35
CA LYS D 35 -39.45 -0.16 -30.89
C LYS D 35 -39.49 -0.35 -29.38
N GLY D 36 -38.35 -0.54 -28.72
CA GLY D 36 -38.31 -0.69 -27.28
C GLY D 36 -37.87 -2.03 -26.75
N TRP D 37 -37.41 -2.95 -27.60
CA TRP D 37 -36.98 -4.28 -27.18
C TRP D 37 -35.46 -4.26 -27.09
N THR D 38 -34.95 -3.96 -25.89
CA THR D 38 -33.52 -3.64 -25.75
C THR D 38 -32.63 -4.86 -25.93
N LYS D 39 -32.96 -5.97 -25.25
CA LYS D 39 -32.06 -7.12 -25.25
C LYS D 39 -31.93 -7.72 -26.65
N LEU D 40 -33.03 -7.80 -27.38
CA LEU D 40 -32.96 -8.23 -28.77
C LEU D 40 -32.04 -7.32 -29.57
N ALA D 41 -32.10 -6.01 -29.31
CA ALA D 41 -31.24 -5.07 -30.02
C ALA D 41 -29.78 -5.34 -29.73
N LYS D 42 -29.43 -5.60 -28.46
CA LYS D 42 -28.04 -5.87 -28.13
C LYS D 42 -27.55 -7.15 -28.81
N TYR D 43 -28.37 -8.20 -28.79
CA TYR D 43 -27.96 -9.44 -29.43
C TYR D 43 -27.77 -9.25 -30.93
N THR D 44 -28.69 -8.53 -31.57
CA THR D 44 -28.58 -8.31 -33.00
C THR D 44 -27.34 -7.48 -33.35
N ARG D 45 -27.02 -6.49 -32.53
CA ARG D 45 -25.79 -5.72 -32.76
C ARG D 45 -24.56 -6.61 -32.67
N ALA D 46 -24.52 -7.49 -31.67
CA ALA D 46 -23.38 -8.40 -31.55
C ALA D 46 -23.26 -9.27 -32.79
N GLU D 47 -24.38 -9.81 -33.26
CA GLU D 47 -24.35 -10.66 -34.46
C GLU D 47 -23.85 -9.90 -35.68
N SER D 48 -24.30 -8.65 -35.83
CA SER D 48 -23.87 -7.84 -36.97
C SER D 48 -22.37 -7.62 -36.93
N PHE D 49 -21.84 -7.29 -35.74
CA PHE D 49 -20.39 -7.12 -35.63
C PHE D 49 -19.65 -8.41 -35.95
N ASP D 50 -20.19 -9.55 -35.53
CA ASP D 50 -19.55 -10.83 -35.86
C ASP D 50 -19.48 -11.04 -37.37
N GLU D 51 -20.61 -10.88 -38.07
CA GLU D 51 -20.58 -11.07 -39.52
C GLU D 51 -19.70 -10.04 -40.21
N MET D 52 -19.54 -8.86 -39.65
CA MET D 52 -18.75 -7.86 -40.33
C MET D 52 -17.25 -8.09 -40.09
N ARG D 53 -16.90 -8.72 -38.96
CA ARG D 53 -15.56 -9.27 -38.81
C ARG D 53 -15.30 -10.40 -39.82
N HIS D 54 -16.30 -11.25 -40.03
CA HIS D 54 -16.21 -12.28 -41.07
C HIS D 54 -15.82 -11.64 -42.41
N ALA D 55 -16.53 -10.58 -42.78
CA ALA D 55 -16.26 -9.92 -44.05
C ALA D 55 -14.84 -9.38 -44.11
N GLU D 56 -14.37 -8.81 -43.01
CA GLU D 56 -13.00 -8.29 -42.97
C GLU D 56 -11.98 -9.39 -43.25
N VAL D 57 -12.11 -10.53 -42.57
CA VAL D 57 -11.13 -11.59 -42.78
C VAL D 57 -11.25 -12.14 -44.21
N LEU D 58 -12.46 -12.20 -44.76
CA LEU D 58 -12.63 -12.71 -46.11
C LEU D 58 -11.96 -11.81 -47.14
N THR D 59 -12.13 -10.49 -47.02
CA THR D 59 -11.48 -9.61 -47.99
C THR D 59 -9.96 -9.62 -47.80
N ASP D 60 -9.48 -9.78 -46.57
CA ASP D 60 -8.04 -9.92 -46.37
C ASP D 60 -7.51 -11.14 -47.12
N ARG D 61 -8.20 -12.27 -46.99
CA ARG D 61 -7.76 -13.48 -47.70
C ARG D 61 -7.82 -13.29 -49.21
N ILE D 62 -8.86 -12.61 -49.70
CA ILE D 62 -8.97 -12.38 -51.14
C ILE D 62 -7.79 -11.55 -51.62
N LEU D 63 -7.45 -10.50 -50.88
CA LEU D 63 -6.36 -9.62 -51.28
C LEU D 63 -5.01 -10.34 -51.25
N LEU D 64 -4.85 -11.30 -50.33
CA LEU D 64 -3.58 -12.04 -50.27
C LEU D 64 -3.35 -12.82 -51.55
N LEU D 65 -4.40 -13.39 -52.13
CA LEU D 65 -4.30 -14.25 -53.30
C LEU D 65 -4.18 -13.48 -54.61
N ASP D 66 -3.89 -12.18 -54.55
CA ASP D 66 -3.74 -11.33 -55.74
C ASP D 66 -5.05 -11.30 -56.54
N GLY D 67 -6.10 -10.80 -55.88
CA GLY D 67 -7.39 -10.63 -56.50
C GLY D 67 -7.91 -9.20 -56.37
N LEU D 68 -9.13 -9.01 -56.85
CA LEU D 68 -9.80 -7.71 -56.80
C LEU D 68 -11.12 -7.83 -56.06
N PRO D 69 -11.15 -7.53 -54.76
CA PRO D 69 -12.44 -7.54 -54.05
C PRO D 69 -13.36 -6.48 -54.62
N ASN D 70 -14.66 -6.79 -54.65
CA ASN D 70 -15.66 -5.85 -55.14
C ASN D 70 -16.57 -5.46 -54.00
N TYR D 71 -16.69 -4.15 -53.77
CA TYR D 71 -17.58 -3.60 -52.77
C TYR D 71 -18.78 -2.88 -53.39
N GLN D 72 -19.06 -3.16 -54.66
CA GLN D 72 -20.08 -2.44 -55.40
C GLN D 72 -21.44 -3.13 -55.35
N ARG D 73 -21.49 -4.42 -55.69
CA ARG D 73 -22.77 -5.10 -55.82
C ARG D 73 -23.29 -5.56 -54.46
N LEU D 74 -24.60 -5.78 -54.40
CA LEU D 74 -25.27 -6.24 -53.20
C LEU D 74 -26.42 -7.15 -53.60
N PHE D 75 -26.85 -7.98 -52.65
CA PHE D 75 -27.99 -8.85 -52.87
C PHE D 75 -29.25 -8.13 -52.41
N HIS D 76 -30.37 -8.86 -52.32
CA HIS D 76 -31.62 -8.27 -51.88
C HIS D 76 -31.69 -8.24 -50.36
N VAL D 77 -31.99 -7.07 -49.81
CA VAL D 77 -32.12 -6.87 -48.37
C VAL D 77 -33.60 -6.81 -48.04
N ARG D 78 -34.04 -7.65 -47.11
CA ARG D 78 -35.44 -7.74 -46.73
C ARG D 78 -35.61 -7.33 -45.27
N VAL D 79 -36.77 -6.74 -44.97
CA VAL D 79 -37.08 -6.24 -43.64
C VAL D 79 -38.43 -6.79 -43.21
N GLY D 80 -38.66 -6.79 -41.89
CA GLY D 80 -39.88 -7.33 -41.34
C GLY D 80 -40.52 -6.35 -40.37
N GLN D 81 -41.79 -6.62 -40.07
CA GLN D 81 -42.57 -5.78 -39.17
C GLN D 81 -42.59 -6.32 -37.74
N SER D 82 -42.97 -7.58 -37.55
CA SER D 82 -42.95 -8.21 -36.25
C SER D 82 -41.70 -9.08 -36.13
N VAL D 83 -41.54 -9.69 -34.95
CA VAL D 83 -40.32 -10.46 -34.69
C VAL D 83 -40.22 -11.67 -35.59
N THR D 84 -41.37 -12.30 -35.90
CA THR D 84 -41.36 -13.52 -36.69
C THR D 84 -40.78 -13.29 -38.09
N GLU D 85 -41.14 -12.17 -38.72
CA GLU D 85 -40.62 -11.88 -40.04
C GLU D 85 -39.11 -11.68 -40.02
N MET D 86 -38.60 -10.96 -39.02
CA MET D 86 -37.16 -10.77 -38.90
C MET D 86 -36.44 -12.10 -38.73
N PHE D 87 -36.97 -12.95 -37.86
CA PHE D 87 -36.33 -14.24 -37.62
C PHE D 87 -36.35 -15.10 -38.88
N GLN D 88 -37.47 -15.10 -39.61
CA GLN D 88 -37.55 -15.89 -40.84
C GLN D 88 -36.59 -15.38 -41.90
N ALA D 89 -36.47 -14.06 -42.03
CA ALA D 89 -35.54 -13.50 -43.02
C ALA D 89 -34.10 -13.88 -42.68
N ASP D 90 -33.72 -13.77 -41.41
CA ASP D 90 -32.37 -14.16 -41.01
C ASP D 90 -32.14 -15.64 -41.27
N ARG D 91 -33.14 -16.48 -40.98
CA ARG D 91 -33.00 -17.91 -41.22
C ARG D 91 -32.77 -18.20 -42.69
N GLU D 92 -33.51 -17.53 -43.58
CA GLU D 92 -33.32 -17.77 -45.01
C GLU D 92 -31.93 -17.35 -45.46
N VAL D 93 -31.46 -16.19 -44.98
CA VAL D 93 -30.13 -15.72 -45.35
C VAL D 93 -29.07 -16.74 -44.92
N GLU D 94 -29.18 -17.22 -43.68
CA GLU D 94 -28.19 -18.17 -43.18
C GLU D 94 -28.24 -19.49 -43.95
N LEU D 95 -29.43 -19.94 -44.32
CA LEU D 95 -29.55 -21.19 -45.07
C LEU D 95 -28.85 -21.08 -46.42
N GLU D 96 -29.09 -19.98 -47.13
CA GLU D 96 -28.42 -19.78 -48.42
C GLU D 96 -26.91 -19.75 -48.24
N ALA D 97 -26.44 -19.03 -47.21
CA ALA D 97 -25.00 -18.96 -46.96
C ALA D 97 -24.42 -20.34 -46.70
N ILE D 98 -25.12 -21.17 -45.92
CA ILE D 98 -24.61 -22.49 -45.57
C ILE D 98 -24.47 -23.35 -46.83
N ASP D 99 -25.49 -23.34 -47.68
CA ASP D 99 -25.42 -24.15 -48.90
C ASP D 99 -24.26 -23.71 -49.78
N ARG D 100 -24.13 -22.40 -50.00
CA ARG D 100 -23.04 -21.90 -50.84
C ARG D 100 -21.69 -22.26 -50.24
N LEU D 101 -21.57 -22.14 -48.92
CA LEU D 101 -20.30 -22.44 -48.26
C LEU D 101 -19.90 -23.89 -48.46
N ARG D 102 -20.85 -24.82 -48.29
CA ARG D 102 -20.52 -26.23 -48.45
C ARG D 102 -20.08 -26.54 -49.87
N ARG D 103 -20.84 -26.05 -50.86
CA ARG D 103 -20.46 -26.29 -52.25
C ARG D 103 -19.07 -25.73 -52.54
N GLY D 104 -18.81 -24.51 -52.06
CA GLY D 104 -17.53 -23.88 -52.33
C GLY D 104 -16.36 -24.61 -51.69
N ILE D 105 -16.51 -25.02 -50.43
CA ILE D 105 -15.38 -25.70 -49.78
C ILE D 105 -15.08 -27.00 -50.48
N GLU D 106 -16.12 -27.76 -50.86
CA GLU D 106 -15.87 -29.00 -51.58
C GLU D 106 -15.10 -28.73 -52.88
N VAL D 107 -15.60 -27.80 -53.69
CA VAL D 107 -15.00 -27.56 -55.00
C VAL D 107 -13.57 -27.08 -54.86
N MET D 108 -13.32 -26.14 -53.94
CA MET D 108 -12.00 -25.54 -53.84
C MET D 108 -11.00 -26.45 -53.15
N ARG D 109 -11.45 -27.35 -52.27
CA ARG D 109 -10.53 -28.33 -51.71
C ARG D 109 -10.17 -29.38 -52.75
N ALA D 110 -11.09 -29.67 -53.67
CA ALA D 110 -10.71 -30.61 -54.72
C ALA D 110 -9.69 -30.05 -55.73
N LYS D 111 -9.10 -28.87 -55.53
CA LYS D 111 -8.23 -28.26 -56.54
C LYS D 111 -6.96 -27.72 -55.86
N HIS D 112 -6.53 -28.39 -54.79
CA HIS D 112 -5.26 -28.11 -54.12
C HIS D 112 -5.19 -26.68 -53.58
N ASP D 113 -6.09 -26.38 -52.63
CA ASP D 113 -6.07 -25.11 -51.93
C ASP D 113 -6.78 -25.32 -50.61
N ILE D 114 -6.03 -25.29 -49.50
CA ILE D 114 -6.56 -25.73 -48.23
C ILE D 114 -6.81 -24.57 -47.26
N THR D 115 -6.01 -23.51 -47.29
CA THR D 115 -6.21 -22.41 -46.34
C THR D 115 -7.57 -21.75 -46.54
N SER D 116 -7.94 -21.51 -47.80
CA SER D 116 -9.26 -20.98 -48.09
C SER D 116 -10.34 -21.95 -47.64
N ALA D 117 -10.10 -23.25 -47.80
CA ALA D 117 -11.03 -24.24 -47.28
C ALA D 117 -11.18 -24.10 -45.77
N ASN D 118 -10.08 -23.86 -45.06
CA ASN D 118 -10.14 -23.75 -43.61
C ASN D 118 -10.95 -22.52 -43.19
N VAL D 119 -10.74 -21.38 -43.86
CA VAL D 119 -11.54 -20.21 -43.48
C VAL D 119 -13.02 -20.47 -43.79
N PHE D 120 -13.30 -21.19 -44.87
CA PHE D 120 -14.68 -21.56 -45.16
C PHE D 120 -15.27 -22.44 -44.06
N GLU D 121 -14.48 -23.38 -43.54
CA GLU D 121 -14.95 -24.23 -42.44
C GLU D 121 -15.29 -23.40 -41.21
N ALA D 122 -14.43 -22.45 -40.85
CA ALA D 122 -14.68 -21.62 -39.67
C ALA D 122 -15.97 -20.82 -39.85
N ILE D 123 -16.13 -20.20 -41.01
CA ILE D 123 -17.34 -19.42 -41.26
C ILE D 123 -18.57 -20.33 -41.22
N LEU D 124 -18.45 -21.54 -41.76
CA LEU D 124 -19.58 -22.47 -41.75
C LEU D 124 -20.00 -22.82 -40.33
N ALA D 125 -19.04 -23.08 -39.46
CA ALA D 125 -19.37 -23.38 -38.07
C ALA D 125 -20.10 -22.20 -37.41
N ASP D 126 -19.60 -20.99 -37.64
CA ASP D 126 -20.24 -19.82 -37.01
C ASP D 126 -21.68 -19.66 -37.50
N GLU D 127 -21.90 -19.74 -38.81
CA GLU D 127 -23.25 -19.54 -39.32
C GLU D 127 -24.18 -20.67 -38.88
N GLU D 128 -23.66 -21.89 -38.70
CA GLU D 128 -24.47 -22.98 -38.17
C GLU D 128 -24.93 -22.68 -36.75
N HIS D 129 -24.03 -22.18 -35.92
CA HIS D 129 -24.42 -21.80 -34.57
C HIS D 129 -25.52 -20.73 -34.60
N HIS D 130 -25.37 -19.74 -35.48
CA HIS D 130 -26.37 -18.67 -35.55
C HIS D 130 -27.73 -19.19 -35.97
N ILE D 131 -27.78 -20.07 -36.98
CA ILE D 131 -29.08 -20.55 -37.43
C ILE D 131 -29.72 -21.43 -36.35
N ASP D 132 -28.91 -22.16 -35.59
CA ASP D 132 -29.46 -22.90 -34.46
C ASP D 132 -30.13 -21.97 -33.46
N TYR D 133 -29.47 -20.85 -33.13
CA TYR D 133 -30.07 -19.90 -32.21
C TYR D 133 -31.38 -19.34 -32.75
N LEU D 134 -31.40 -19.01 -34.04
CA LEU D 134 -32.64 -18.49 -34.63
C LEU D 134 -33.76 -19.51 -34.55
N GLU D 135 -33.46 -20.78 -34.83
CA GLU D 135 -34.48 -21.82 -34.79
C GLU D 135 -35.06 -21.96 -33.38
N THR D 136 -34.19 -21.99 -32.36
CA THR D 136 -34.73 -22.15 -31.01
C THR D 136 -35.53 -20.94 -30.57
N GLN D 137 -35.12 -19.72 -31.00
CA GLN D 137 -35.91 -18.54 -30.66
C GLN D 137 -37.29 -18.59 -31.32
N LEU D 138 -37.35 -19.03 -32.56
CA LEU D 138 -38.64 -19.15 -33.23
C LEU D 138 -39.53 -20.17 -32.54
N ASP D 139 -38.94 -21.30 -32.11
CA ASP D 139 -39.73 -22.30 -31.38
C ASP D 139 -40.27 -21.72 -30.08
N LEU D 140 -39.44 -20.96 -29.35
CA LEU D 140 -39.89 -20.35 -28.10
C LEU D 140 -41.03 -19.37 -28.35
N ILE D 141 -40.92 -18.54 -29.39
CA ILE D 141 -41.97 -17.59 -29.70
C ILE D 141 -43.27 -18.31 -30.02
N GLU D 142 -43.17 -19.39 -30.81
CA GLU D 142 -44.37 -20.16 -31.14
C GLU D 142 -45.02 -20.76 -29.90
N LYS D 143 -44.20 -21.28 -28.98
CA LYS D 143 -44.75 -21.92 -27.79
C LYS D 143 -45.40 -20.91 -26.85
N LEU D 144 -44.71 -19.81 -26.56
CA LEU D 144 -45.19 -18.88 -25.54
C LEU D 144 -46.29 -17.99 -26.07
N GLY D 145 -45.99 -17.20 -27.09
CA GLY D 145 -46.91 -16.22 -27.63
C GLY D 145 -46.17 -14.93 -27.91
N GLU D 146 -46.72 -14.13 -28.83
CA GLU D 146 -46.07 -12.90 -29.23
C GLU D 146 -45.96 -11.91 -28.08
N SER D 147 -47.05 -11.74 -27.32
CA SER D 147 -47.06 -10.71 -26.28
C SER D 147 -46.21 -11.12 -25.08
N LEU D 148 -46.29 -12.38 -24.66
CA LEU D 148 -45.54 -12.82 -23.49
C LEU D 148 -44.03 -12.75 -23.74
N TYR D 149 -43.60 -13.15 -24.93
CA TYR D 149 -42.18 -13.07 -25.29
C TYR D 149 -41.69 -11.63 -25.24
N LEU D 150 -42.45 -10.70 -25.82
CA LEU D 150 -42.05 -9.31 -25.81
C LEU D 150 -42.02 -8.76 -24.38
N SER D 151 -43.00 -9.11 -23.57
CA SER D 151 -43.00 -8.69 -22.17
C SER D 151 -41.75 -9.19 -21.46
N THR D 152 -41.30 -10.40 -21.82
CA THR D 152 -40.03 -10.88 -21.28
C THR D 152 -38.87 -10.02 -21.74
N VAL D 153 -38.86 -9.61 -23.01
CA VAL D 153 -37.67 -8.98 -23.56
C VAL D 153 -37.57 -7.47 -23.32
N ILE D 154 -38.68 -6.80 -23.00
CA ILE D 154 -38.62 -5.34 -22.85
C ILE D 154 -37.97 -4.96 -21.54
N GLU D 155 -37.57 -3.69 -21.45
CA GLU D 155 -36.93 -3.16 -20.25
C GLU D 155 -37.09 -1.65 -20.26
N GLN D 156 -36.97 -1.05 -19.08
CA GLN D 156 -37.09 0.39 -18.90
C GLN D 156 -35.70 0.98 -18.72
N THR D 157 -35.35 1.92 -19.59
CA THR D 157 -34.02 2.55 -19.56
C THR D 157 -34.03 3.66 -18.51
N GLN D 158 -34.16 3.24 -17.25
CA GLN D 158 -34.23 4.20 -16.16
C GLN D 158 -32.99 5.07 -16.04
N PRO D 159 -31.75 4.52 -16.10
CA PRO D 159 -30.54 5.34 -15.97
C PRO D 159 -30.56 6.27 -14.77
N ASP D 160 -31.27 5.87 -13.71
CA ASP D 160 -31.41 6.68 -12.49
C ASP D 160 -31.13 5.80 -11.29
N PRO D 161 -29.87 5.38 -11.10
CA PRO D 161 -29.47 4.54 -9.97
C PRO D 161 -28.01 4.74 -9.57
N MET E 1 1.39 -48.79 -32.63
CA MET E 1 1.04 -48.22 -33.92
C MET E 1 2.28 -47.91 -34.74
N GLN E 2 2.16 -48.04 -36.06
CA GLN E 2 3.27 -47.78 -36.97
C GLN E 2 2.76 -46.95 -38.15
N GLY E 3 3.66 -46.19 -38.74
CA GLY E 3 3.35 -45.33 -39.87
C GLY E 3 3.87 -45.91 -41.16
N ASP E 4 3.22 -45.54 -42.27
CA ASP E 4 3.67 -45.97 -43.57
C ASP E 4 4.99 -45.29 -43.94
N PRO E 5 5.84 -45.96 -44.72
CA PRO E 5 7.12 -45.34 -45.10
C PRO E 5 6.97 -44.05 -45.89
N GLU E 6 5.91 -43.91 -46.68
CA GLU E 6 5.77 -42.72 -47.51
C GLU E 6 5.60 -41.46 -46.66
N VAL E 7 4.73 -41.52 -45.65
CA VAL E 7 4.57 -40.35 -44.79
C VAL E 7 5.85 -40.09 -44.01
N ILE E 8 6.57 -41.14 -43.65
CA ILE E 8 7.84 -40.97 -42.93
C ILE E 8 8.84 -40.21 -43.78
N GLU E 9 8.98 -40.61 -45.05
CA GLU E 9 9.95 -39.92 -45.89
C GLU E 9 9.49 -38.51 -46.25
N PHE E 10 8.18 -38.29 -46.37
CA PHE E 10 7.69 -36.93 -46.57
C PHE E 10 8.07 -36.03 -45.39
N LEU E 11 7.84 -36.53 -44.17
CA LEU E 11 8.18 -35.76 -42.99
C LEU E 11 9.69 -35.52 -42.91
N ASN E 12 10.48 -36.52 -43.28
CA ASN E 12 11.93 -36.36 -43.26
C ASN E 12 12.39 -35.29 -44.26
N GLU E 13 11.81 -35.29 -45.46
CA GLU E 13 12.15 -34.26 -46.44
C GLU E 13 11.80 -32.87 -45.93
N GLN E 14 10.61 -32.73 -45.34
CA GLN E 14 10.23 -31.42 -44.81
C GLN E 14 11.15 -30.99 -43.69
N LEU E 15 11.55 -31.94 -42.84
CA LEU E 15 12.48 -31.62 -41.76
C LEU E 15 13.80 -31.10 -42.30
N THR E 16 14.35 -31.78 -43.31
CA THR E 16 15.60 -31.33 -43.91
C THR E 16 15.43 -29.94 -44.51
N ALA E 17 14.31 -29.69 -45.18
CA ALA E 17 14.08 -28.39 -45.80
C ALA E 17 14.05 -27.28 -44.76
N GLU E 18 13.31 -27.48 -43.66
CA GLU E 18 13.20 -26.40 -42.69
C GLU E 18 14.50 -26.24 -41.89
N LEU E 19 15.29 -27.30 -41.76
CA LEU E 19 16.62 -27.15 -41.16
C LEU E 19 17.52 -26.28 -42.04
N THR E 20 17.54 -26.54 -43.34
CA THR E 20 18.31 -25.71 -44.26
C THR E 20 17.83 -24.26 -44.20
N ALA E 21 16.51 -24.07 -44.10
CA ALA E 21 15.96 -22.73 -43.95
C ALA E 21 16.47 -22.06 -42.68
N ILE E 22 16.53 -22.81 -41.58
CA ILE E 22 17.04 -22.27 -40.32
C ILE E 22 18.46 -21.74 -40.52
N ASN E 23 19.32 -22.57 -41.11
CA ASN E 23 20.72 -22.18 -41.28
C ASN E 23 20.83 -20.93 -42.15
N GLN E 24 20.12 -20.92 -43.29
CA GLN E 24 20.21 -19.80 -44.21
C GLN E 24 19.70 -18.51 -43.56
N TYR E 25 18.57 -18.58 -42.86
CA TYR E 25 18.01 -17.39 -42.25
C TYR E 25 18.93 -16.83 -41.18
N PHE E 26 19.51 -17.69 -40.36
CA PHE E 26 20.41 -17.17 -39.32
C PHE E 26 21.66 -16.55 -39.93
N LEU E 27 22.23 -17.17 -40.96
CA LEU E 27 23.39 -16.56 -41.60
C LEU E 27 23.07 -15.21 -42.19
N HIS E 28 21.91 -15.10 -42.85
CA HIS E 28 21.52 -13.81 -43.42
C HIS E 28 21.31 -12.77 -42.33
N ALA E 29 20.71 -13.17 -41.20
CA ALA E 29 20.52 -12.22 -40.10
C ALA E 29 21.85 -11.71 -39.59
N LYS E 30 22.84 -12.60 -39.41
CA LYS E 30 24.13 -12.16 -38.93
C LYS E 30 24.80 -11.21 -39.92
N LEU E 31 24.73 -11.54 -41.21
CA LEU E 31 25.34 -10.67 -42.22
C LEU E 31 24.68 -9.29 -42.23
N GLN E 32 23.34 -9.25 -42.19
CA GLN E 32 22.64 -7.97 -42.20
C GLN E 32 22.98 -7.15 -40.97
N ASP E 33 23.04 -7.79 -39.79
CA ASP E 33 23.39 -7.05 -38.59
C ASP E 33 24.81 -6.51 -38.66
N HIS E 34 25.74 -7.30 -39.19
CA HIS E 34 27.12 -6.83 -39.30
C HIS E 34 27.23 -5.66 -40.27
N LYS E 35 26.48 -5.69 -41.37
CA LYS E 35 26.62 -4.65 -42.38
C LYS E 35 26.11 -3.29 -41.91
N GLY E 36 25.27 -3.24 -40.87
CA GLY E 36 24.78 -2.00 -40.31
C GLY E 36 23.26 -1.92 -40.24
N TRP E 37 22.58 -2.58 -41.16
CA TRP E 37 21.12 -2.56 -41.17
C TRP E 37 20.59 -3.33 -39.98
N THR E 38 19.64 -2.72 -39.25
CA THR E 38 19.25 -3.23 -37.94
C THR E 38 17.87 -3.87 -37.92
N LYS E 39 16.86 -3.23 -38.50
CA LYS E 39 15.51 -3.79 -38.46
C LYS E 39 15.45 -5.13 -39.19
N LEU E 40 16.13 -5.21 -40.33
CA LEU E 40 16.17 -6.47 -41.08
C LEU E 40 16.72 -7.59 -40.22
N ALA E 41 17.71 -7.29 -39.38
CA ALA E 41 18.29 -8.30 -38.51
C ALA E 41 17.26 -8.86 -37.55
N LYS E 42 16.47 -7.98 -36.94
CA LYS E 42 15.45 -8.43 -36.00
C LYS E 42 14.39 -9.28 -36.69
N TYR E 43 13.93 -8.83 -37.87
CA TYR E 43 12.92 -9.61 -38.56
C TYR E 43 13.45 -10.97 -38.97
N THR E 44 14.68 -11.03 -39.46
CA THR E 44 15.25 -12.31 -39.86
C THR E 44 15.46 -13.24 -38.67
N ARG E 45 15.83 -12.69 -37.51
CA ARG E 45 15.94 -13.53 -36.32
C ARG E 45 14.59 -14.12 -35.93
N ALA E 46 13.53 -13.31 -36.01
CA ALA E 46 12.21 -13.83 -35.71
C ALA E 46 11.83 -14.94 -36.67
N GLU E 47 12.15 -14.77 -37.96
CA GLU E 47 11.85 -15.80 -38.93
C GLU E 47 12.64 -17.08 -38.64
N SER E 48 13.89 -16.93 -38.21
CA SER E 48 14.70 -18.09 -37.83
C SER E 48 14.05 -18.86 -36.70
N PHE E 49 13.53 -18.15 -35.69
CA PHE E 49 12.87 -18.83 -34.58
C PHE E 49 11.57 -19.51 -35.03
N ASP E 50 10.87 -18.92 -35.99
CA ASP E 50 9.69 -19.59 -36.52
C ASP E 50 10.06 -20.90 -37.22
N GLU E 51 11.14 -20.90 -38.01
CA GLU E 51 11.53 -22.13 -38.68
C GLU E 51 12.06 -23.16 -37.66
N MET E 52 12.69 -22.69 -36.58
CA MET E 52 12.83 -23.50 -35.37
C MET E 52 11.58 -24.24 -34.99
N ARG E 53 10.51 -23.50 -34.75
CA ARG E 53 9.29 -24.13 -34.24
C ARG E 53 8.75 -25.16 -35.24
N HIS E 54 8.83 -24.82 -36.53
CA HIS E 54 8.47 -25.79 -37.57
C HIS E 54 9.24 -27.09 -37.36
N ALA E 55 10.57 -26.99 -37.27
CA ALA E 55 11.39 -28.19 -37.17
C ALA E 55 11.09 -28.99 -35.92
N GLU E 56 10.89 -28.31 -34.79
CA GLU E 56 10.67 -29.01 -33.53
C GLU E 56 9.36 -29.78 -33.55
N VAL E 57 8.28 -29.15 -34.00
CA VAL E 57 7.02 -29.87 -34.04
C VAL E 57 7.10 -31.03 -35.03
N LEU E 58 7.83 -30.84 -36.14
CA LEU E 58 7.95 -31.91 -37.12
C LEU E 58 8.68 -33.12 -36.54
N THR E 59 9.80 -32.89 -35.86
CA THR E 59 10.55 -34.03 -35.33
C THR E 59 9.77 -34.72 -34.22
N ASP E 60 9.03 -33.96 -33.41
CA ASP E 60 8.18 -34.59 -32.41
C ASP E 60 7.15 -35.49 -33.08
N ARG E 61 6.52 -35.01 -34.14
CA ARG E 61 5.49 -35.81 -34.81
C ARG E 61 6.08 -37.09 -35.40
N ILE E 62 7.23 -37.00 -36.07
CA ILE E 62 7.78 -38.21 -36.69
C ILE E 62 8.25 -39.19 -35.62
N LEU E 63 8.81 -38.68 -34.52
CA LEU E 63 9.24 -39.57 -33.44
C LEU E 63 8.04 -40.28 -32.83
N LEU E 64 6.90 -39.61 -32.71
CA LEU E 64 5.71 -40.26 -32.17
C LEU E 64 5.27 -41.44 -33.03
N LEU E 65 5.50 -41.37 -34.35
CA LEU E 65 5.05 -42.39 -35.28
C LEU E 65 6.02 -43.56 -35.39
N ASP E 66 6.88 -43.75 -34.39
CA ASP E 66 7.87 -44.83 -34.40
C ASP E 66 8.79 -44.74 -35.60
N GLY E 67 9.25 -43.52 -35.91
CA GLY E 67 10.16 -43.29 -37.01
C GLY E 67 11.59 -43.08 -36.53
N LEU E 68 12.43 -42.60 -37.45
CA LEU E 68 13.83 -42.31 -37.15
C LEU E 68 14.24 -41.04 -37.87
N PRO E 69 14.15 -39.89 -37.20
CA PRO E 69 14.56 -38.64 -37.84
C PRO E 69 16.04 -38.63 -38.13
N ASN E 70 16.41 -37.95 -39.22
CA ASN E 70 17.80 -37.81 -39.60
C ASN E 70 18.21 -36.34 -39.51
N TYR E 71 19.29 -36.08 -38.79
CA TYR E 71 19.84 -34.75 -38.65
C TYR E 71 21.18 -34.62 -39.38
N GLN E 72 21.39 -35.45 -40.39
CA GLN E 72 22.68 -35.55 -41.07
C GLN E 72 22.75 -34.79 -42.38
N ARG E 73 21.73 -34.94 -43.23
CA ARG E 73 21.78 -34.37 -44.57
C ARG E 73 21.21 -32.96 -44.61
N LEU E 74 21.66 -32.18 -45.59
CA LEU E 74 21.18 -30.83 -45.80
C LEU E 74 21.08 -30.57 -47.30
N PHE E 75 20.26 -29.60 -47.66
CA PHE E 75 20.15 -29.16 -49.05
C PHE E 75 21.18 -28.06 -49.30
N HIS E 76 21.11 -27.43 -50.47
CA HIS E 76 22.03 -26.36 -50.80
C HIS E 76 21.65 -25.07 -50.08
N VAL E 77 22.64 -24.39 -49.52
CA VAL E 77 22.46 -23.13 -48.82
C VAL E 77 23.05 -22.03 -49.68
N ARG E 78 22.25 -20.99 -49.96
CA ARG E 78 22.65 -19.90 -50.82
C ARG E 78 22.73 -18.61 -50.03
N VAL E 79 23.72 -17.77 -50.36
CA VAL E 79 23.93 -16.50 -49.70
C VAL E 79 23.95 -15.40 -50.75
N GLY E 80 23.70 -14.17 -50.30
CA GLY E 80 23.64 -13.04 -51.19
C GLY E 80 24.46 -11.88 -50.69
N GLN E 81 24.79 -10.97 -51.61
CA GLN E 81 25.57 -9.79 -51.28
C GLN E 81 24.69 -8.60 -50.93
N SER E 82 23.76 -8.24 -51.81
CA SER E 82 22.83 -7.15 -51.57
C SER E 82 21.50 -7.74 -51.07
N VAL E 83 20.58 -6.85 -50.70
CA VAL E 83 19.31 -7.28 -50.11
C VAL E 83 18.48 -8.07 -51.12
N THR E 84 18.53 -7.68 -52.40
CA THR E 84 17.70 -8.34 -53.40
C THR E 84 18.03 -9.83 -53.51
N GLU E 85 19.32 -10.18 -53.48
CA GLU E 85 19.69 -11.58 -53.57
C GLU E 85 19.14 -12.38 -52.39
N MET E 86 19.24 -11.82 -51.18
CA MET E 86 18.71 -12.53 -50.01
C MET E 86 17.21 -12.74 -50.13
N PHE E 87 16.48 -11.70 -50.54
CA PHE E 87 15.04 -11.83 -50.68
C PHE E 87 14.67 -12.87 -51.72
N GLN E 88 15.37 -12.87 -52.86
CA GLN E 88 15.08 -13.86 -53.91
C GLN E 88 15.39 -15.27 -53.45
N ALA E 89 16.50 -15.45 -52.72
CA ALA E 89 16.84 -16.77 -52.22
C ALA E 89 15.77 -17.31 -51.27
N ASP E 90 15.32 -16.47 -50.33
CA ASP E 90 14.28 -16.91 -49.41
C ASP E 90 12.99 -17.25 -50.17
N ARG E 91 12.62 -16.41 -51.14
CA ARG E 91 11.46 -16.71 -51.96
C ARG E 91 11.58 -18.09 -52.59
N GLU E 92 12.72 -18.38 -53.21
CA GLU E 92 12.87 -19.67 -53.88
C GLU E 92 12.74 -20.83 -52.91
N VAL E 93 13.44 -20.74 -51.76
CA VAL E 93 13.48 -21.88 -50.86
C VAL E 93 12.09 -22.21 -50.34
N GLU E 94 11.33 -21.21 -49.90
CA GLU E 94 10.07 -21.64 -49.31
C GLU E 94 8.93 -21.66 -50.34
N LEU E 95 9.19 -21.23 -51.58
CA LEU E 95 8.34 -21.66 -52.69
C LEU E 95 8.42 -23.18 -52.86
N GLU E 96 9.64 -23.71 -52.92
CA GLU E 96 9.81 -25.15 -52.96
C GLU E 96 9.12 -25.80 -51.76
N ALA E 97 9.23 -25.17 -50.60
CA ALA E 97 8.58 -25.69 -49.40
C ALA E 97 7.07 -25.83 -49.59
N ILE E 98 6.41 -24.78 -50.10
CA ILE E 98 4.95 -24.86 -50.23
C ILE E 98 4.55 -25.90 -51.27
N ASP E 99 5.33 -26.04 -52.35
CA ASP E 99 4.99 -27.06 -53.35
C ASP E 99 5.05 -28.46 -52.73
N ARG E 100 6.15 -28.76 -52.04
CA ARG E 100 6.29 -30.05 -51.40
C ARG E 100 5.20 -30.28 -50.37
N LEU E 101 4.84 -29.22 -49.63
CA LEU E 101 3.80 -29.34 -48.62
C LEU E 101 2.46 -29.73 -49.23
N ARG E 102 2.09 -29.09 -50.34
CA ARG E 102 0.82 -29.40 -50.98
C ARG E 102 0.79 -30.86 -51.46
N ARG E 103 1.85 -31.27 -52.16
CA ARG E 103 1.89 -32.66 -52.62
C ARG E 103 1.78 -33.63 -51.44
N GLY E 104 2.51 -33.34 -50.36
CA GLY E 104 2.49 -34.22 -49.21
C GLY E 104 1.14 -34.31 -48.55
N ILE E 105 0.48 -33.17 -48.33
CA ILE E 105 -0.81 -33.22 -47.65
C ILE E 105 -1.80 -34.01 -48.49
N GLU E 106 -1.78 -33.83 -49.81
CA GLU E 106 -2.67 -34.63 -50.64
C GLU E 106 -2.41 -36.12 -50.45
N VAL E 107 -1.13 -36.53 -50.56
CA VAL E 107 -0.83 -37.96 -50.50
C VAL E 107 -1.21 -38.56 -49.16
N MET E 108 -0.84 -37.87 -48.06
CA MET E 108 -1.13 -38.40 -46.73
C MET E 108 -2.61 -38.41 -46.41
N ARG E 109 -3.35 -37.39 -46.85
CA ARG E 109 -4.80 -37.41 -46.66
C ARG E 109 -5.45 -38.57 -47.41
N ALA E 110 -4.86 -38.95 -48.55
CA ALA E 110 -5.42 -40.07 -49.31
C ALA E 110 -5.19 -41.42 -48.64
N LYS E 111 -4.40 -41.49 -47.57
CA LYS E 111 -4.00 -42.77 -47.00
C LYS E 111 -4.34 -42.86 -45.52
N HIS E 112 -5.39 -42.17 -45.09
CA HIS E 112 -5.95 -42.30 -43.73
C HIS E 112 -4.92 -41.96 -42.66
N ASP E 113 -4.48 -40.70 -42.67
CA ASP E 113 -3.62 -40.18 -41.61
C ASP E 113 -3.82 -38.67 -41.60
N ILE E 114 -4.50 -38.16 -40.58
CA ILE E 114 -5.02 -36.81 -40.59
C ILE E 114 -4.18 -35.85 -39.76
N THR E 115 -3.70 -36.30 -38.60
CA THR E 115 -3.02 -35.39 -37.68
C THR E 115 -1.79 -34.77 -38.32
N SER E 116 -0.96 -35.61 -38.96
CA SER E 116 0.20 -35.08 -39.67
C SER E 116 -0.21 -34.18 -40.83
N ALA E 117 -1.35 -34.47 -41.46
CA ALA E 117 -1.88 -33.57 -42.47
C ALA E 117 -2.21 -32.21 -41.88
N ASN E 118 -2.75 -32.19 -40.66
CA ASN E 118 -3.02 -30.92 -40.00
C ASN E 118 -1.74 -30.16 -39.70
N VAL E 119 -0.69 -30.89 -39.30
CA VAL E 119 0.61 -30.25 -39.12
C VAL E 119 1.06 -29.59 -40.41
N PHE E 120 0.91 -30.31 -41.53
CA PHE E 120 1.29 -29.75 -42.82
C PHE E 120 0.46 -28.51 -43.15
N GLU E 121 -0.83 -28.53 -42.83
CA GLU E 121 -1.67 -27.36 -43.10
C GLU E 121 -1.18 -26.14 -42.33
N ALA E 122 -0.86 -26.33 -41.04
CA ALA E 122 -0.38 -25.20 -40.25
C ALA E 122 0.92 -24.63 -40.81
N ILE E 123 1.85 -25.51 -41.16
CA ILE E 123 3.13 -25.05 -41.71
C ILE E 123 2.90 -24.31 -43.03
N LEU E 124 2.00 -24.84 -43.86
CA LEU E 124 1.71 -24.21 -45.15
C LEU E 124 1.15 -22.80 -44.96
N ALA E 125 0.23 -22.64 -44.02
CA ALA E 125 -0.33 -21.30 -43.79
C ALA E 125 0.74 -20.33 -43.34
N ASP E 126 1.57 -20.74 -42.38
CA ASP E 126 2.60 -19.84 -41.87
C ASP E 126 3.56 -19.42 -42.97
N GLU E 127 4.01 -20.36 -43.79
CA GLU E 127 5.01 -19.97 -44.76
C GLU E 127 4.41 -19.31 -46.00
N GLU E 128 3.10 -19.47 -46.23
CA GLU E 128 2.42 -18.61 -47.18
C GLU E 128 2.44 -17.16 -46.71
N HIS E 129 2.19 -16.93 -45.42
CA HIS E 129 2.30 -15.57 -44.90
C HIS E 129 3.72 -15.04 -45.10
N HIS E 130 4.72 -15.88 -44.83
CA HIS E 130 6.12 -15.44 -44.98
C HIS E 130 6.43 -15.03 -46.42
N ILE E 131 6.01 -15.86 -47.39
CA ILE E 131 6.32 -15.53 -48.77
C ILE E 131 5.57 -14.27 -49.22
N ASP E 132 4.36 -14.05 -48.69
CA ASP E 132 3.68 -12.79 -48.99
C ASP E 132 4.48 -11.60 -48.50
N TYR E 133 5.03 -11.69 -47.29
CA TYR E 133 5.86 -10.59 -46.78
C TYR E 133 7.07 -10.37 -47.67
N LEU E 134 7.72 -11.45 -48.10
CA LEU E 134 8.89 -11.31 -48.97
C LEU E 134 8.53 -10.62 -50.28
N GLU E 135 7.40 -11.01 -50.87
CA GLU E 135 7.00 -10.42 -52.15
C GLU E 135 6.72 -8.93 -52.01
N THR E 136 6.00 -8.53 -50.96
CA THR E 136 5.69 -7.12 -50.82
C THR E 136 6.95 -6.32 -50.53
N GLN E 137 7.89 -6.88 -49.76
CA GLN E 137 9.15 -6.16 -49.54
C GLN E 137 9.93 -5.99 -50.83
N LEU E 138 9.95 -7.02 -51.68
CA LEU E 138 10.66 -6.91 -52.95
C LEU E 138 10.03 -5.84 -53.83
N ASP E 139 8.70 -5.80 -53.89
CA ASP E 139 8.04 -4.75 -54.67
C ASP E 139 8.38 -3.36 -54.12
N LEU E 140 8.40 -3.23 -52.80
CA LEU E 140 8.69 -1.94 -52.18
C LEU E 140 10.09 -1.47 -52.51
N ILE E 141 11.09 -2.36 -52.40
CA ILE E 141 12.46 -1.94 -52.69
C ILE E 141 12.62 -1.64 -54.17
N GLU E 142 11.96 -2.41 -55.03
CA GLU E 142 12.02 -2.12 -56.46
C GLU E 142 11.46 -0.74 -56.77
N LYS E 143 10.36 -0.36 -56.12
CA LYS E 143 9.77 0.95 -56.39
C LYS E 143 10.63 2.08 -55.82
N LEU E 144 11.08 1.94 -54.57
CA LEU E 144 11.74 3.05 -53.88
C LEU E 144 13.15 3.28 -54.38
N GLY E 145 13.91 2.23 -54.60
CA GLY E 145 15.34 2.33 -54.85
C GLY E 145 16.13 1.81 -53.66
N GLU E 146 17.28 1.22 -53.95
CA GLU E 146 18.04 0.53 -52.91
C GLU E 146 18.53 1.49 -51.84
N SER E 147 19.08 2.64 -52.25
CA SER E 147 19.64 3.58 -51.28
C SER E 147 18.54 4.17 -50.40
N LEU E 148 17.45 4.62 -51.00
CA LEU E 148 16.36 5.19 -50.23
C LEU E 148 15.73 4.16 -49.31
N TYR E 149 15.59 2.92 -49.78
CA TYR E 149 15.06 1.86 -48.93
C TYR E 149 15.98 1.59 -47.75
N LEU E 150 17.29 1.52 -48.00
CA LEU E 150 18.22 1.23 -46.91
C LEU E 150 18.31 2.37 -45.92
N SER E 151 18.05 3.60 -46.36
CA SER E 151 18.14 4.74 -45.46
C SER E 151 17.12 4.68 -44.33
N THR E 152 16.06 3.87 -44.49
CA THR E 152 15.00 3.80 -43.50
C THR E 152 15.16 2.64 -42.53
N VAL E 153 16.26 1.89 -42.61
CA VAL E 153 16.47 0.73 -41.76
C VAL E 153 17.49 1.02 -40.66
N ILE E 154 18.62 1.63 -41.02
CA ILE E 154 19.64 1.95 -40.03
C ILE E 154 19.12 3.03 -39.08
N GLU E 155 19.26 2.80 -37.79
CA GLU E 155 18.71 3.78 -36.87
C GLU E 155 19.71 4.30 -35.85
N GLN E 156 20.60 3.44 -35.34
CA GLN E 156 21.62 3.87 -34.37
C GLN E 156 21.00 4.59 -33.18
N THR E 157 19.83 4.11 -32.74
CA THR E 157 19.08 4.77 -31.67
C THR E 157 19.22 4.08 -30.32
N GLN E 158 18.85 2.80 -30.25
CA GLN E 158 18.86 2.02 -29.02
C GLN E 158 18.01 2.68 -27.95
N PRO E 159 16.68 2.69 -28.10
CA PRO E 159 15.82 3.37 -27.11
C PRO E 159 15.39 2.48 -25.97
N ASP E 160 14.66 3.04 -25.01
CA ASP E 160 14.18 2.31 -23.84
C ASP E 160 12.99 3.05 -23.22
N PRO E 161 11.89 2.35 -22.89
CA PRO E 161 10.72 2.98 -22.29
C PRO E 161 10.84 3.10 -20.77
N MET F 1 42.19 -4.06 -42.16
CA MET F 1 42.10 -5.08 -41.12
C MET F 1 41.62 -6.41 -41.72
N GLN F 2 42.54 -7.38 -41.80
CA GLN F 2 42.22 -8.68 -42.35
C GLN F 2 42.98 -9.75 -41.56
N GLY F 3 42.46 -10.97 -41.62
CA GLY F 3 43.05 -12.09 -40.91
C GLY F 3 43.65 -13.08 -41.89
N ASP F 4 44.74 -13.73 -41.47
CA ASP F 4 45.38 -14.72 -42.30
C ASP F 4 44.52 -15.98 -42.38
N PRO F 5 44.64 -16.76 -43.46
CA PRO F 5 43.72 -17.89 -43.66
C PRO F 5 43.80 -18.97 -42.60
N GLU F 6 44.91 -19.11 -41.88
CA GLU F 6 45.04 -20.20 -40.92
C GLU F 6 44.05 -20.05 -39.78
N VAL F 7 43.99 -18.87 -39.18
CA VAL F 7 43.03 -18.67 -38.10
C VAL F 7 41.60 -18.78 -38.63
N ILE F 8 41.39 -18.39 -39.89
CA ILE F 8 40.05 -18.48 -40.48
C ILE F 8 39.62 -19.94 -40.57
N GLU F 9 40.50 -20.80 -41.07
CA GLU F 9 40.12 -22.21 -41.21
C GLU F 9 40.01 -22.88 -39.84
N PHE F 10 40.83 -22.48 -38.87
CA PHE F 10 40.66 -23.02 -37.52
C PHE F 10 39.29 -22.66 -36.96
N LEU F 11 38.89 -21.40 -37.09
CA LEU F 11 37.58 -20.98 -36.60
C LEU F 11 36.46 -21.70 -37.35
N ASN F 12 36.64 -21.91 -38.65
CA ASN F 12 35.62 -22.62 -39.43
C ASN F 12 35.48 -24.07 -38.96
N GLU F 13 36.60 -24.74 -38.68
CA GLU F 13 36.52 -26.11 -38.19
C GLU F 13 35.81 -26.18 -36.84
N GLN F 14 36.16 -25.29 -35.92
CA GLN F 14 35.49 -25.29 -34.62
C GLN F 14 34.01 -24.96 -34.77
N LEU F 15 33.66 -24.11 -35.74
CA LEU F 15 32.26 -23.80 -35.99
C LEU F 15 31.49 -25.02 -36.47
N THR F 16 32.04 -25.75 -37.44
CA THR F 16 31.36 -26.96 -37.92
C THR F 16 31.23 -27.98 -36.80
N ALA F 17 32.25 -28.09 -35.95
CA ALA F 17 32.17 -28.99 -34.81
C ALA F 17 31.03 -28.60 -33.88
N GLU F 18 30.88 -27.30 -33.61
CA GLU F 18 29.80 -26.87 -32.73
C GLU F 18 28.44 -27.15 -33.36
N LEU F 19 28.31 -26.96 -34.68
CA LEU F 19 27.03 -27.25 -35.33
C LEU F 19 26.69 -28.73 -35.22
N THR F 20 27.67 -29.61 -35.46
CA THR F 20 27.43 -31.04 -35.34
C THR F 20 27.03 -31.40 -33.91
N ALA F 21 27.71 -30.82 -32.93
CA ALA F 21 27.36 -31.08 -31.54
C ALA F 21 25.95 -30.60 -31.22
N ILE F 22 25.57 -29.46 -31.78
CA ILE F 22 24.22 -28.93 -31.57
C ILE F 22 23.19 -29.94 -32.05
N ASN F 23 23.36 -30.44 -33.27
CA ASN F 23 22.41 -31.39 -33.82
C ASN F 23 22.34 -32.65 -32.98
N GLN F 24 23.50 -33.20 -32.64
CA GLN F 24 23.53 -34.45 -31.88
C GLN F 24 22.88 -34.29 -30.51
N TYR F 25 23.19 -33.21 -29.81
CA TYR F 25 22.64 -33.01 -28.47
C TYR F 25 21.14 -32.82 -28.51
N PHE F 26 20.64 -32.05 -29.49
CA PHE F 26 19.19 -31.87 -29.56
C PHE F 26 18.48 -33.18 -29.88
N LEU F 27 19.04 -33.97 -30.81
CA LEU F 27 18.40 -35.24 -31.12
C LEU F 27 18.39 -36.16 -29.91
N HIS F 28 19.49 -36.21 -29.16
CA HIS F 28 19.52 -37.06 -27.97
C HIS F 28 18.52 -36.58 -26.93
N ALA F 29 18.38 -35.26 -26.76
CA ALA F 29 17.41 -34.74 -25.82
C ALA F 29 15.99 -35.15 -26.21
N LYS F 30 15.67 -35.05 -27.49
CA LYS F 30 14.33 -35.45 -27.94
C LYS F 30 14.09 -36.94 -27.71
N LEU F 31 15.09 -37.76 -28.02
CA LEU F 31 14.94 -39.21 -27.83
C LEU F 31 14.73 -39.54 -26.35
N GLN F 32 15.54 -38.94 -25.47
CA GLN F 32 15.42 -39.22 -24.05
C GLN F 32 14.08 -38.76 -23.51
N ASP F 33 13.61 -37.60 -23.94
CA ASP F 33 12.29 -37.13 -23.50
C ASP F 33 11.19 -38.07 -23.97
N HIS F 34 11.29 -38.56 -25.21
CA HIS F 34 10.28 -39.49 -25.71
C HIS F 34 10.30 -40.80 -24.93
N LYS F 35 11.48 -41.27 -24.53
CA LYS F 35 11.56 -42.52 -23.79
C LYS F 35 10.86 -42.42 -22.44
N GLY F 36 11.02 -41.30 -21.75
CA GLY F 36 10.36 -41.11 -20.47
C GLY F 36 11.28 -40.63 -19.37
N TRP F 37 12.49 -40.24 -19.72
CA TRP F 37 13.50 -39.78 -18.76
C TRP F 37 13.55 -38.26 -18.85
N THR F 38 13.02 -37.58 -17.84
CA THR F 38 12.76 -36.14 -17.95
C THR F 38 14.00 -35.32 -17.61
N LYS F 39 14.65 -35.61 -16.48
CA LYS F 39 15.76 -34.79 -16.03
C LYS F 39 16.92 -34.83 -17.02
N LEU F 40 17.20 -36.00 -17.58
CA LEU F 40 18.21 -36.10 -18.62
C LEU F 40 17.85 -35.22 -19.81
N ALA F 41 16.57 -35.19 -20.18
CA ALA F 41 16.14 -34.36 -21.29
C ALA F 41 16.39 -32.89 -21.00
N LYS F 42 16.07 -32.44 -19.78
CA LYS F 42 16.29 -31.04 -19.43
C LYS F 42 17.77 -30.68 -19.49
N TYR F 43 18.62 -31.54 -18.92
CA TYR F 43 20.05 -31.26 -18.94
C TYR F 43 20.59 -31.22 -20.37
N THR F 44 20.14 -32.15 -21.22
CA THR F 44 20.62 -32.17 -22.59
C THR F 44 20.17 -30.94 -23.36
N ARG F 45 18.95 -30.47 -23.10
CA ARG F 45 18.50 -29.23 -23.74
C ARG F 45 19.36 -28.05 -23.32
N ALA F 46 19.71 -27.97 -22.03
CA ALA F 46 20.57 -26.90 -21.58
C ALA F 46 21.93 -26.95 -22.28
N GLU F 47 22.50 -28.15 -22.42
CA GLU F 47 23.77 -28.28 -23.11
C GLU F 47 23.67 -27.85 -24.57
N SER F 48 22.56 -28.21 -25.22
CA SER F 48 22.33 -27.76 -26.58
C SER F 48 22.36 -26.24 -26.67
N PHE F 49 21.69 -25.57 -25.74
CA PHE F 49 21.68 -24.11 -25.78
C PHE F 49 23.07 -23.54 -25.57
N ASP F 50 23.86 -24.17 -24.70
CA ASP F 50 25.21 -23.68 -24.46
C ASP F 50 26.06 -23.76 -25.73
N GLU F 51 26.05 -24.90 -26.41
CA GLU F 51 26.82 -24.99 -27.64
C GLU F 51 26.25 -24.08 -28.72
N MET F 52 24.95 -23.78 -28.65
CA MET F 52 24.35 -22.80 -29.55
C MET F 52 24.96 -21.42 -29.36
N ARG F 53 25.11 -21.00 -28.10
CA ARG F 53 25.78 -19.74 -27.80
C ARG F 53 27.23 -19.75 -28.30
N HIS F 54 27.91 -20.87 -28.11
CA HIS F 54 29.29 -20.97 -28.61
C HIS F 54 29.35 -20.73 -30.11
N ALA F 55 28.44 -21.36 -30.86
CA ALA F 55 28.43 -21.19 -32.31
C ALA F 55 28.16 -19.74 -32.68
N GLU F 56 27.24 -19.09 -31.97
CA GLU F 56 26.94 -17.70 -32.29
C GLU F 56 28.17 -16.81 -32.09
N VAL F 57 28.89 -17.00 -30.98
CA VAL F 57 30.04 -16.13 -30.72
C VAL F 57 31.15 -16.41 -31.74
N LEU F 58 31.32 -17.67 -32.14
CA LEU F 58 32.31 -17.98 -33.17
C LEU F 58 31.97 -17.30 -34.48
N THR F 59 30.69 -17.33 -34.87
CA THR F 59 30.28 -16.67 -36.10
C THR F 59 30.55 -15.17 -36.03
N ASP F 60 30.24 -14.55 -34.89
CA ASP F 60 30.52 -13.13 -34.74
C ASP F 60 32.00 -12.83 -34.93
N ARG F 61 32.86 -13.65 -34.32
CA ARG F 61 34.30 -13.40 -34.43
C ARG F 61 34.79 -13.53 -35.87
N ILE F 62 34.39 -14.61 -36.55
CA ILE F 62 34.90 -14.82 -37.90
C ILE F 62 34.36 -13.75 -38.85
N LEU F 63 33.13 -13.30 -38.64
CA LEU F 63 32.60 -12.21 -39.44
C LEU F 63 33.38 -10.92 -39.19
N LEU F 64 33.75 -10.67 -37.94
CA LEU F 64 34.56 -9.50 -37.63
C LEU F 64 35.92 -9.56 -38.34
N LEU F 65 36.52 -10.74 -38.38
CA LEU F 65 37.83 -10.86 -39.05
C LEU F 65 37.74 -10.81 -40.57
N ASP F 66 36.59 -10.45 -41.15
CA ASP F 66 36.42 -10.36 -42.60
C ASP F 66 36.66 -11.72 -43.28
N GLY F 67 35.83 -12.69 -42.91
CA GLY F 67 35.89 -14.00 -43.51
C GLY F 67 34.55 -14.51 -43.99
N LEU F 68 34.50 -15.75 -44.46
CA LEU F 68 33.27 -16.37 -44.95
C LEU F 68 32.90 -17.54 -44.05
N PRO F 69 31.96 -17.37 -43.13
CA PRO F 69 31.54 -18.49 -42.27
C PRO F 69 30.66 -19.45 -43.04
N ASN F 70 31.18 -20.65 -43.31
CA ASN F 70 30.43 -21.63 -44.07
C ASN F 70 29.48 -22.41 -43.17
N TYR F 71 28.27 -22.65 -43.66
CA TYR F 71 27.27 -23.41 -42.95
C TYR F 71 26.90 -24.70 -43.65
N GLN F 72 27.48 -24.98 -44.81
CA GLN F 72 27.12 -26.19 -45.54
C GLN F 72 27.74 -27.44 -44.94
N ARG F 73 28.99 -27.34 -44.49
CA ARG F 73 29.73 -28.52 -44.05
C ARG F 73 29.17 -29.06 -42.73
N LEU F 74 29.22 -30.38 -42.59
CA LEU F 74 28.83 -31.06 -41.36
C LEU F 74 29.70 -32.29 -41.17
N PHE F 75 29.89 -32.67 -39.91
CA PHE F 75 30.64 -33.87 -39.59
C PHE F 75 29.68 -35.04 -39.46
N HIS F 76 30.17 -36.17 -38.94
CA HIS F 76 29.32 -37.35 -38.76
C HIS F 76 28.58 -37.28 -37.43
N VAL F 77 27.26 -37.42 -37.48
CA VAL F 77 26.42 -37.40 -36.29
C VAL F 77 26.08 -38.84 -35.92
N ARG F 78 26.33 -39.21 -34.68
CA ARG F 78 26.09 -40.57 -34.21
C ARG F 78 25.05 -40.56 -33.10
N VAL F 79 24.25 -41.64 -33.05
CA VAL F 79 23.18 -41.78 -32.09
C VAL F 79 23.29 -43.14 -31.41
N GLY F 80 22.66 -43.25 -30.25
CA GLY F 80 22.70 -44.47 -29.48
C GLY F 80 21.32 -44.86 -28.97
N GLN F 81 21.20 -46.13 -28.59
CA GLN F 81 19.94 -46.66 -28.09
C GLN F 81 19.83 -46.56 -26.58
N SER F 82 20.85 -47.03 -25.86
CA SER F 82 20.88 -46.94 -24.41
C SER F 82 21.66 -45.71 -23.96
N VAL F 83 21.59 -45.44 -22.66
CA VAL F 83 22.22 -44.24 -22.11
C VAL F 83 23.73 -44.28 -22.28
N THR F 84 24.32 -45.47 -22.13
CA THR F 84 25.78 -45.57 -22.21
C THR F 84 26.30 -45.15 -23.57
N GLU F 85 25.61 -45.55 -24.64
CA GLU F 85 26.05 -45.14 -25.98
C GLU F 85 26.00 -43.64 -26.16
N MET F 86 24.93 -43.00 -25.68
CA MET F 86 24.84 -41.54 -25.78
C MET F 86 25.97 -40.87 -25.03
N PHE F 87 26.24 -41.34 -23.81
CA PHE F 87 27.31 -40.73 -23.02
C PHE F 87 28.66 -40.91 -23.69
N GLN F 88 28.93 -42.10 -24.23
CA GLN F 88 30.21 -42.35 -24.89
C GLN F 88 30.36 -41.49 -26.15
N ALA F 89 29.29 -41.34 -26.93
CA ALA F 89 29.36 -40.52 -28.13
C ALA F 89 29.66 -39.06 -27.76
N ASP F 90 28.97 -38.54 -26.74
CA ASP F 90 29.23 -37.17 -26.33
C ASP F 90 30.65 -37.01 -25.83
N ARG F 91 31.15 -38.00 -25.09
CA ARG F 91 32.52 -37.93 -24.59
C ARG F 91 33.52 -37.87 -25.74
N GLU F 92 33.32 -38.69 -26.78
CA GLU F 92 34.22 -38.67 -27.92
C GLU F 92 34.19 -37.31 -28.62
N VAL F 93 33.00 -36.75 -28.80
CA VAL F 93 32.89 -35.44 -29.45
C VAL F 93 33.66 -34.39 -28.66
N GLU F 94 33.48 -34.38 -27.33
CA GLU F 94 34.16 -33.40 -26.50
C GLU F 94 35.68 -33.58 -26.55
N LEU F 95 36.14 -34.84 -26.56
CA LEU F 95 37.58 -35.07 -26.60
C LEU F 95 38.20 -34.50 -27.88
N GLU F 96 37.56 -34.77 -29.02
CA GLU F 96 38.06 -34.21 -30.27
C GLU F 96 38.05 -32.69 -30.22
N ALA F 97 36.99 -32.11 -29.65
CA ALA F 97 36.88 -30.66 -29.57
C ALA F 97 38.04 -30.06 -28.78
N ILE F 98 38.36 -30.64 -27.62
CA ILE F 98 39.41 -30.06 -26.79
C ILE F 98 40.77 -30.21 -27.45
N ASP F 99 41.01 -31.34 -28.12
CA ASP F 99 42.29 -31.50 -28.82
C ASP F 99 42.46 -30.42 -29.89
N ARG F 100 41.44 -30.24 -30.73
CA ARG F 100 41.51 -29.23 -31.77
C ARG F 100 41.68 -27.85 -31.17
N LEU F 101 40.98 -27.57 -30.08
CA LEU F 101 41.05 -26.26 -29.45
C LEU F 101 42.47 -25.96 -28.97
N ARG F 102 43.11 -26.93 -28.31
CA ARG F 102 44.46 -26.70 -27.82
C ARG F 102 45.43 -26.44 -28.97
N ARG F 103 45.36 -27.27 -30.01
CA ARG F 103 46.26 -27.06 -31.14
C ARG F 103 46.04 -25.68 -31.76
N GLY F 104 44.78 -25.29 -31.92
CA GLY F 104 44.48 -24.02 -32.54
C GLY F 104 44.94 -22.83 -31.73
N ILE F 105 44.73 -22.87 -30.41
CA ILE F 105 45.14 -21.73 -29.60
C ILE F 105 46.66 -21.60 -29.63
N GLU F 106 47.38 -22.73 -29.55
CA GLU F 106 48.83 -22.65 -29.67
C GLU F 106 49.25 -21.97 -30.96
N VAL F 107 48.72 -22.46 -32.10
CA VAL F 107 49.15 -21.94 -33.39
C VAL F 107 48.81 -20.47 -33.52
N MET F 108 47.59 -20.09 -33.15
CA MET F 108 47.14 -18.72 -33.37
C MET F 108 47.75 -17.73 -32.39
N ARG F 109 48.11 -18.16 -31.18
CA ARG F 109 48.84 -17.29 -30.28
C ARG F 109 50.28 -17.09 -30.74
N ALA F 110 50.86 -18.12 -31.36
CA ALA F 110 52.22 -17.92 -31.88
C ALA F 110 52.27 -16.96 -33.08
N LYS F 111 51.18 -16.30 -33.49
CA LYS F 111 51.20 -15.50 -34.70
C LYS F 111 50.52 -14.14 -34.47
N HIS F 112 50.63 -13.59 -33.27
CA HIS F 112 50.16 -12.25 -32.94
C HIS F 112 48.65 -12.09 -33.19
N ASP F 113 47.87 -12.88 -32.46
CA ASP F 113 46.42 -12.73 -32.42
C ASP F 113 45.95 -13.15 -31.04
N ILE F 114 45.22 -12.27 -30.36
CA ILE F 114 44.93 -12.43 -28.94
C ILE F 114 43.45 -12.70 -28.69
N THR F 115 42.56 -11.91 -29.31
CA THR F 115 41.14 -12.03 -29.00
C THR F 115 40.61 -13.41 -29.39
N SER F 116 41.00 -13.90 -30.56
CA SER F 116 40.59 -15.24 -30.97
C SER F 116 41.10 -16.29 -29.98
N ALA F 117 42.33 -16.11 -29.51
CA ALA F 117 42.86 -17.01 -28.49
C ALA F 117 41.98 -16.99 -27.24
N ASN F 118 41.50 -15.81 -26.85
CA ASN F 118 40.67 -15.72 -25.65
C ASN F 118 39.33 -16.42 -25.82
N VAL F 119 38.71 -16.27 -26.99
CA VAL F 119 37.45 -16.99 -27.20
C VAL F 119 37.71 -18.49 -27.19
N PHE F 120 38.88 -18.91 -27.69
CA PHE F 120 39.25 -20.32 -27.60
C PHE F 120 39.40 -20.76 -26.14
N GLU F 121 39.98 -19.89 -25.30
CA GLU F 121 40.09 -20.22 -23.88
C GLU F 121 38.71 -20.49 -23.27
N ALA F 122 37.77 -19.57 -23.52
CA ALA F 122 36.44 -19.72 -22.93
C ALA F 122 35.78 -21.00 -23.40
N ILE F 123 35.84 -21.28 -24.70
CA ILE F 123 35.23 -22.49 -25.24
C ILE F 123 35.88 -23.72 -24.64
N LEU F 124 37.21 -23.72 -24.52
CA LEU F 124 37.92 -24.87 -23.96
C LEU F 124 37.49 -25.14 -22.53
N ALA F 125 37.37 -24.08 -21.72
CA ALA F 125 36.94 -24.27 -20.34
C ALA F 125 35.55 -24.90 -20.27
N ASP F 126 34.62 -24.40 -21.09
CA ASP F 126 33.27 -24.94 -21.06
C ASP F 126 33.26 -26.42 -21.48
N GLU F 127 33.96 -26.75 -22.57
CA GLU F 127 33.96 -28.13 -23.03
C GLU F 127 34.59 -29.06 -21.99
N GLU F 128 35.64 -28.58 -21.30
CA GLU F 128 36.26 -29.38 -20.25
C GLU F 128 35.29 -29.66 -19.11
N HIS F 129 34.54 -28.64 -18.69
CA HIS F 129 33.54 -28.86 -17.65
C HIS F 129 32.52 -29.92 -18.09
N HIS F 130 32.06 -29.82 -19.34
CA HIS F 130 31.06 -30.77 -19.82
C HIS F 130 31.60 -32.20 -19.84
N ILE F 131 32.84 -32.39 -20.31
CA ILE F 131 33.36 -33.75 -20.37
C ILE F 131 33.58 -34.29 -18.97
N ASP F 132 33.96 -33.44 -18.02
CA ASP F 132 34.05 -33.90 -16.63
C ASP F 132 32.71 -34.40 -16.13
N TYR F 133 31.64 -33.66 -16.40
CA TYR F 133 30.31 -34.11 -15.98
C TYR F 133 29.94 -35.45 -16.61
N LEU F 134 30.23 -35.60 -17.90
CA LEU F 134 29.91 -36.85 -18.59
C LEU F 134 30.66 -38.03 -17.98
N GLU F 135 31.95 -37.83 -17.69
CA GLU F 135 32.73 -38.91 -17.09
C GLU F 135 32.18 -39.29 -15.72
N THR F 136 31.80 -38.29 -14.92
CA THR F 136 31.21 -38.59 -13.62
C THR F 136 29.94 -39.40 -13.76
N GLN F 137 29.07 -39.01 -14.70
CA GLN F 137 27.82 -39.74 -14.89
C GLN F 137 28.08 -41.17 -15.33
N LEU F 138 29.05 -41.37 -16.23
CA LEU F 138 29.36 -42.72 -16.70
C LEU F 138 29.86 -43.59 -15.55
N ASP F 139 30.74 -43.05 -14.71
CA ASP F 139 31.21 -43.81 -13.56
C ASP F 139 30.05 -44.15 -12.63
N LEU F 140 29.14 -43.20 -12.42
CA LEU F 140 28.00 -43.42 -11.55
C LEU F 140 27.12 -44.56 -12.05
N ILE F 141 26.78 -44.53 -13.35
CA ILE F 141 25.89 -45.57 -13.87
C ILE F 141 26.59 -46.91 -13.89
N GLU F 142 27.89 -46.93 -14.17
CA GLU F 142 28.62 -48.19 -14.14
C GLU F 142 28.63 -48.80 -12.73
N LYS F 143 28.81 -47.96 -11.71
CA LYS F 143 28.88 -48.49 -10.34
C LYS F 143 27.50 -48.89 -9.83
N LEU F 144 26.46 -48.14 -10.19
CA LEU F 144 25.16 -48.30 -9.54
C LEU F 144 24.31 -49.37 -10.23
N GLY F 145 24.17 -49.29 -11.54
CA GLY F 145 23.31 -50.19 -12.27
C GLY F 145 22.42 -49.44 -13.24
N GLU F 146 22.24 -49.98 -14.44
CA GLU F 146 21.51 -49.24 -15.48
C GLU F 146 20.05 -49.05 -15.10
N SER F 147 19.38 -50.13 -14.68
CA SER F 147 17.95 -50.05 -14.39
C SER F 147 17.67 -49.12 -13.22
N LEU F 148 18.46 -49.23 -12.14
CA LEU F 148 18.23 -48.38 -10.98
C LEU F 148 18.51 -46.92 -11.31
N TYR F 149 19.61 -46.66 -12.03
CA TYR F 149 19.92 -45.29 -12.44
C TYR F 149 18.79 -44.70 -13.28
N LEU F 150 18.23 -45.50 -14.19
CA LEU F 150 17.10 -45.04 -14.97
C LEU F 150 15.91 -44.76 -14.07
N SER F 151 15.67 -45.61 -13.07
CA SER F 151 14.56 -45.41 -12.15
C SER F 151 14.72 -44.12 -11.37
N THR F 152 15.95 -43.64 -11.21
CA THR F 152 16.16 -42.39 -10.48
C THR F 152 15.53 -41.20 -11.19
N VAL F 153 15.55 -41.19 -12.53
CA VAL F 153 15.25 -39.97 -13.29
C VAL F 153 13.85 -39.94 -13.88
N ILE F 154 13.04 -40.98 -13.67
CA ILE F 154 11.69 -40.99 -14.24
C ILE F 154 10.75 -40.19 -13.37
N GLU F 155 9.73 -39.59 -14.01
CA GLU F 155 8.76 -38.76 -13.31
C GLU F 155 7.53 -38.61 -14.19
N GLN F 156 6.44 -38.14 -13.60
CA GLN F 156 5.19 -37.98 -14.32
C GLN F 156 4.59 -36.59 -14.17
N THR F 157 4.81 -35.95 -13.02
CA THR F 157 4.23 -34.66 -12.71
C THR F 157 5.27 -33.55 -12.87
N GLN F 158 4.92 -32.34 -12.44
CA GLN F 158 5.81 -31.20 -12.46
C GLN F 158 5.88 -30.56 -11.08
N PRO F 159 7.01 -29.95 -10.73
CA PRO F 159 7.17 -29.37 -9.40
C PRO F 159 6.72 -27.92 -9.33
N ASP F 160 5.98 -27.60 -8.28
CA ASP F 160 5.53 -26.22 -8.07
C ASP F 160 6.69 -25.26 -7.84
N PRO F 161 7.67 -25.56 -6.99
CA PRO F 161 8.80 -24.67 -6.70
C PRO F 161 9.52 -24.21 -7.96
N MET G 1 -29.21 -36.19 37.32
CA MET G 1 -28.69 -36.80 36.09
C MET G 1 -27.56 -37.77 36.40
N GLN G 2 -27.90 -39.05 36.47
CA GLN G 2 -26.95 -40.11 36.79
C GLN G 2 -26.93 -41.14 35.67
N GLY G 3 -25.75 -41.62 35.33
CA GLY G 3 -25.62 -42.65 34.32
C GLY G 3 -25.59 -44.05 34.91
N ASP G 4 -25.94 -45.02 34.06
CA ASP G 4 -25.89 -46.41 34.49
C ASP G 4 -24.45 -46.86 34.70
N PRO G 5 -24.20 -47.75 35.65
CA PRO G 5 -22.83 -48.24 35.86
C PRO G 5 -22.24 -48.95 34.64
N GLU G 6 -23.06 -49.63 33.85
CA GLU G 6 -22.53 -50.32 32.68
C GLU G 6 -21.94 -49.34 31.67
N VAL G 7 -22.64 -48.23 31.42
CA VAL G 7 -22.11 -47.22 30.52
C VAL G 7 -20.80 -46.65 31.06
N ILE G 8 -20.75 -46.42 32.37
CA ILE G 8 -19.56 -45.87 32.99
C ILE G 8 -18.37 -46.82 32.81
N GLU G 9 -18.60 -48.11 33.04
CA GLU G 9 -17.49 -49.06 32.94
C GLU G 9 -17.07 -49.25 31.48
N PHE G 10 -18.02 -49.20 30.54
CA PHE G 10 -17.64 -49.25 29.12
C PHE G 10 -16.77 -48.07 28.75
N LEU G 11 -17.16 -46.87 29.17
CA LEU G 11 -16.37 -45.68 28.87
C LEU G 11 -14.99 -45.76 29.51
N ASN G 12 -14.92 -46.26 30.74
CA ASN G 12 -13.62 -46.39 31.42
C ASN G 12 -12.72 -47.38 30.68
N GLU G 13 -13.28 -48.50 30.23
CA GLU G 13 -12.48 -49.47 29.48
C GLU G 13 -11.96 -48.87 28.20
N GLN G 14 -12.81 -48.14 27.47
CA GLN G 14 -12.35 -47.50 26.23
C GLN G 14 -11.27 -46.46 26.52
N LEU G 15 -11.42 -45.73 27.62
CA LEU G 15 -10.40 -44.74 27.99
C LEU G 15 -9.06 -45.40 28.26
N THR G 16 -9.06 -46.51 29.00
CA THR G 16 -7.82 -47.23 29.24
C THR G 16 -7.20 -47.72 27.94
N ALA G 17 -8.04 -48.23 27.02
CA ALA G 17 -7.53 -48.71 25.74
C ALA G 17 -6.86 -47.59 24.96
N GLU G 18 -7.50 -46.41 24.88
CA GLU G 18 -6.91 -45.34 24.09
C GLU G 18 -5.67 -44.77 24.77
N LEU G 19 -5.60 -44.81 26.10
CA LEU G 19 -4.37 -44.40 26.78
C LEU G 19 -3.22 -45.34 26.44
N THR G 20 -3.47 -46.64 26.47
CA THR G 20 -2.42 -47.60 26.10
C THR G 20 -2.00 -47.38 24.65
N ALA G 21 -2.95 -47.11 23.77
CA ALA G 21 -2.62 -46.82 22.37
C ALA G 21 -1.74 -45.57 22.26
N ILE G 22 -2.03 -44.54 23.05
CA ILE G 22 -1.22 -43.33 23.02
C ILE G 22 0.22 -43.66 23.37
N ASN G 23 0.42 -44.40 24.46
CA ASN G 23 1.77 -44.74 24.89
C ASN G 23 2.50 -45.53 23.82
N GLN G 24 1.85 -46.56 23.27
CA GLN G 24 2.50 -47.40 22.28
C GLN G 24 2.86 -46.61 21.03
N TYR G 25 1.96 -45.75 20.56
CA TYR G 25 2.19 -44.98 19.36
C TYR G 25 3.36 -44.03 19.54
N PHE G 26 3.43 -43.36 20.70
CA PHE G 26 4.56 -42.46 20.92
C PHE G 26 5.88 -43.20 21.00
N LEU G 27 5.90 -44.36 21.68
CA LEU G 27 7.13 -45.12 21.74
C LEU G 27 7.59 -45.53 20.35
N HIS G 28 6.65 -46.01 19.53
CA HIS G 28 7.01 -46.43 18.18
C HIS G 28 7.49 -45.26 17.35
N ALA G 29 6.88 -44.09 17.51
CA ALA G 29 7.33 -42.92 16.76
C ALA G 29 8.76 -42.56 17.13
N LYS G 30 9.08 -42.55 18.42
CA LYS G 30 10.44 -42.23 18.83
C LYS G 30 11.43 -43.27 18.31
N LEU G 31 11.07 -44.56 18.40
CA LEU G 31 11.97 -45.61 17.91
C LEU G 31 12.21 -45.49 16.42
N GLN G 32 11.16 -45.20 15.65
CA GLN G 32 11.32 -45.05 14.20
C GLN G 32 12.17 -43.83 13.87
N ASP G 33 11.96 -42.72 14.58
CA ASP G 33 12.75 -41.52 14.30
C ASP G 33 14.21 -41.73 14.63
N HIS G 34 14.51 -42.47 15.69
CA HIS G 34 15.89 -42.69 16.08
C HIS G 34 16.66 -43.49 15.03
N LYS G 35 15.99 -44.38 14.31
CA LYS G 35 16.66 -45.22 13.32
C LYS G 35 16.93 -44.51 12.01
N GLY G 36 16.29 -43.36 11.75
CA GLY G 36 16.51 -42.61 10.53
C GLY G 36 15.32 -42.55 9.59
N TRP G 37 14.23 -43.24 9.89
CA TRP G 37 13.04 -43.22 9.05
C TRP G 37 12.16 -42.06 9.51
N THR G 38 11.96 -41.07 8.64
CA THR G 38 11.36 -39.80 9.03
C THR G 38 9.86 -39.75 8.81
N LYS G 39 9.40 -40.09 7.60
CA LYS G 39 7.97 -39.99 7.29
C LYS G 39 7.15 -40.91 8.18
N LEU G 40 7.67 -42.10 8.46
CA LEU G 40 7.00 -42.98 9.41
C LEU G 40 6.85 -42.31 10.76
N ALA G 41 7.90 -41.62 11.22
CA ALA G 41 7.83 -40.92 12.50
C ALA G 41 6.77 -39.85 12.49
N LYS G 42 6.69 -39.07 11.41
CA LYS G 42 5.69 -38.01 11.35
C LYS G 42 4.28 -38.58 11.38
N TYR G 43 4.04 -39.63 10.60
CA TYR G 43 2.71 -40.24 10.58
C TYR G 43 2.35 -40.81 11.95
N THR G 44 3.30 -41.46 12.62
CA THR G 44 3.01 -42.03 13.93
C THR G 44 2.71 -40.95 14.96
N ARG G 45 3.43 -39.82 14.88
CA ARG G 45 3.13 -38.72 15.79
C ARG G 45 1.72 -38.19 15.56
N ALA G 46 1.33 -38.05 14.30
CA ALA G 46 -0.04 -37.60 14.01
C ALA G 46 -1.07 -38.55 14.58
N GLU G 47 -0.83 -39.86 14.43
CA GLU G 47 -1.77 -40.84 14.97
C GLU G 47 -1.86 -40.75 16.50
N SER G 48 -0.72 -40.54 17.15
CA SER G 48 -0.74 -40.39 18.61
C SER G 48 -1.58 -39.19 19.00
N PHE G 49 -1.45 -38.08 18.29
CA PHE G 49 -2.25 -36.90 18.62
C PHE G 49 -3.74 -37.16 18.38
N ASP G 50 -4.07 -37.96 17.37
CA ASP G 50 -5.48 -38.29 17.15
C ASP G 50 -6.05 -39.10 18.31
N GLU G 51 -5.33 -40.12 18.75
CA GLU G 51 -5.80 -40.87 19.92
C GLU G 51 -5.83 -39.99 21.16
N MET G 52 -5.01 -38.95 21.17
CA MET G 52 -4.98 -37.97 22.25
C MET G 52 -6.31 -37.25 22.35
N ARG G 53 -6.78 -36.74 21.21
CA ARG G 53 -8.10 -36.12 21.14
C ARG G 53 -9.19 -37.10 21.55
N HIS G 54 -9.09 -38.35 21.10
CA HIS G 54 -10.05 -39.37 21.51
C HIS G 54 -10.15 -39.45 23.03
N ALA G 55 -8.99 -39.56 23.70
CA ALA G 55 -8.99 -39.69 25.15
C ALA G 55 -9.59 -38.47 25.82
N GLU G 56 -9.26 -37.28 25.32
CA GLU G 56 -9.80 -36.08 25.94
C GLU G 56 -11.33 -36.03 25.85
N VAL G 57 -11.88 -36.33 24.67
CA VAL G 57 -13.33 -36.24 24.53
C VAL G 57 -14.01 -37.32 25.36
N LEU G 58 -13.41 -38.51 25.44
CA LEU G 58 -13.98 -39.57 26.27
C LEU G 58 -14.00 -39.16 27.74
N THR G 59 -12.90 -38.56 28.22
CA THR G 59 -12.85 -38.12 29.60
C THR G 59 -13.92 -37.06 29.88
N ASP G 60 -14.09 -36.12 28.96
CA ASP G 60 -15.12 -35.11 29.14
C ASP G 60 -16.51 -35.75 29.23
N ARG G 61 -16.79 -36.72 28.35
CA ARG G 61 -18.10 -37.36 28.36
C ARG G 61 -18.35 -38.10 29.66
N ILE G 62 -17.37 -38.85 30.16
CA ILE G 62 -17.60 -39.61 31.38
C ILE G 62 -17.74 -38.67 32.57
N LEU G 63 -16.98 -37.57 32.57
CA LEU G 63 -17.12 -36.59 33.65
C LEU G 63 -18.50 -35.95 33.66
N LEU G 64 -19.08 -35.71 32.49
CA LEU G 64 -20.40 -35.08 32.44
C LEU G 64 -21.47 -35.95 33.10
N LEU G 65 -21.31 -37.27 33.07
CA LEU G 65 -22.31 -38.20 33.60
C LEU G 65 -22.14 -38.45 35.09
N ASP G 66 -21.39 -37.60 35.79
CA ASP G 66 -21.14 -37.76 37.22
C ASP G 66 -20.48 -39.10 37.51
N GLY G 67 -19.28 -39.28 36.94
CA GLY G 67 -18.51 -40.47 37.16
C GLY G 67 -17.07 -40.12 37.52
N LEU G 68 -16.29 -41.16 37.81
CA LEU G 68 -14.89 -40.99 38.18
C LEU G 68 -13.99 -41.63 37.13
N PRO G 69 -13.33 -40.86 36.27
CA PRO G 69 -12.44 -41.45 35.28
C PRO G 69 -11.30 -42.21 35.93
N ASN G 70 -10.89 -43.29 35.28
CA ASN G 70 -9.83 -44.15 35.79
C ASN G 70 -8.54 -43.87 35.02
N TYR G 71 -7.50 -43.43 35.72
CA TYR G 71 -6.21 -43.16 35.11
C TYR G 71 -5.11 -44.09 35.62
N GLN G 72 -5.36 -44.88 36.66
CA GLN G 72 -4.33 -45.77 37.17
C GLN G 72 -4.14 -46.98 36.26
N ARG G 73 -5.23 -47.54 35.75
CA ARG G 73 -5.16 -48.81 35.03
C ARG G 73 -4.47 -48.62 33.68
N LEU G 74 -3.74 -49.65 33.26
CA LEU G 74 -3.07 -49.66 31.96
C LEU G 74 -3.05 -51.09 31.45
N PHE G 75 -3.21 -51.25 30.14
CA PHE G 75 -3.13 -52.56 29.52
C PHE G 75 -1.66 -52.89 29.21
N HIS G 76 -1.44 -53.94 28.43
CA HIS G 76 -0.09 -54.37 28.08
C HIS G 76 0.31 -53.70 26.77
N VAL G 77 1.40 -52.93 26.80
CA VAL G 77 1.94 -52.27 25.63
C VAL G 77 3.07 -53.11 25.07
N ARG G 78 3.03 -53.35 23.75
CA ARG G 78 4.00 -54.20 23.09
C ARG G 78 4.82 -53.38 22.10
N VAL G 79 6.08 -53.79 21.93
CA VAL G 79 7.02 -53.09 21.06
C VAL G 79 7.62 -54.08 20.08
N GLY G 80 8.15 -53.56 18.97
CA GLY G 80 8.72 -54.39 17.94
C GLY G 80 10.08 -53.87 17.51
N GLN G 81 10.83 -54.77 16.87
CA GLN G 81 12.17 -54.45 16.39
C GLN G 81 12.18 -53.97 14.95
N SER G 82 11.44 -54.63 14.07
CA SER G 82 11.33 -54.24 12.67
C SER G 82 9.96 -53.60 12.42
N VAL G 83 9.80 -53.08 11.21
CA VAL G 83 8.58 -52.36 10.86
C VAL G 83 7.37 -53.29 10.91
N THR G 84 7.55 -54.53 10.47
CA THR G 84 6.44 -55.48 10.42
C THR G 84 5.85 -55.72 11.80
N GLU G 85 6.71 -55.85 12.82
CA GLU G 85 6.22 -56.08 14.17
C GLU G 85 5.41 -54.89 14.67
N MET G 86 5.88 -53.68 14.41
CA MET G 86 5.13 -52.49 14.83
C MET G 86 3.76 -52.45 14.15
N PHE G 87 3.73 -52.71 12.85
CA PHE G 87 2.46 -52.67 12.13
C PHE G 87 1.50 -53.73 12.66
N GLN G 88 2.00 -54.94 12.92
CA GLN G 88 1.14 -56.00 13.42
C GLN G 88 0.61 -55.68 14.82
N ALA G 89 1.45 -55.13 15.68
CA ALA G 89 1.00 -54.76 17.02
C ALA G 89 -0.10 -53.71 16.96
N ASP G 90 0.10 -52.68 16.15
CA ASP G 90 -0.92 -51.64 16.01
C ASP G 90 -2.21 -52.22 15.45
N ARG G 91 -2.10 -53.14 14.48
CA ARG G 91 -3.28 -53.77 13.92
C ARG G 91 -4.06 -54.53 14.98
N GLU G 92 -3.36 -55.28 15.83
CA GLU G 92 -4.05 -56.02 16.89
C GLU G 92 -4.76 -55.08 17.85
N VAL G 93 -4.09 -54.01 18.25
CA VAL G 93 -4.71 -53.04 19.16
C VAL G 93 -5.98 -52.48 18.55
N GLU G 94 -5.92 -52.09 17.27
CA GLU G 94 -7.09 -51.51 16.62
C GLU G 94 -8.23 -52.53 16.52
N LEU G 95 -7.90 -53.79 16.24
CA LEU G 95 -8.94 -54.81 16.15
C LEU G 95 -9.68 -54.98 17.47
N GLU G 96 -8.92 -55.05 18.57
CA GLU G 96 -9.58 -55.17 19.88
C GLU G 96 -10.46 -53.96 20.16
N ALA G 97 -9.96 -52.77 19.85
CA ALA G 97 -10.75 -51.57 20.07
C ALA G 97 -12.04 -51.59 19.27
N ILE G 98 -11.97 -52.05 18.02
CA ILE G 98 -13.16 -52.08 17.16
C ILE G 98 -14.22 -53.01 17.75
N ASP G 99 -13.80 -54.20 18.17
CA ASP G 99 -14.76 -55.15 18.74
C ASP G 99 -15.43 -54.56 19.98
N ARG G 100 -14.62 -54.00 20.89
CA ARG G 100 -15.17 -53.43 22.11
C ARG G 100 -16.15 -52.30 21.79
N LEU G 101 -15.78 -51.45 20.82
CA LEU G 101 -16.64 -50.33 20.46
C LEU G 101 -17.98 -50.80 19.93
N ARG G 102 -17.97 -51.83 19.08
CA ARG G 102 -19.25 -52.32 18.53
C ARG G 102 -20.14 -52.85 19.63
N ARG G 103 -19.59 -53.69 20.52
CA ARG G 103 -20.42 -54.25 21.59
C ARG G 103 -20.97 -53.15 22.49
N GLY G 104 -20.13 -52.19 22.85
CA GLY G 104 -20.58 -51.10 23.71
C GLY G 104 -21.64 -50.25 23.04
N ILE G 105 -21.49 -50.00 21.74
CA ILE G 105 -22.49 -49.23 21.01
C ILE G 105 -23.84 -49.92 21.09
N GLU G 106 -23.86 -51.22 20.84
CA GLU G 106 -25.12 -51.96 20.90
C GLU G 106 -25.76 -51.85 22.27
N VAL G 107 -25.01 -52.15 23.33
CA VAL G 107 -25.60 -52.14 24.67
C VAL G 107 -26.07 -50.74 25.05
N MET G 108 -25.24 -49.73 24.79
CA MET G 108 -25.55 -48.37 25.18
C MET G 108 -26.78 -47.84 24.45
N ARG G 109 -26.90 -48.14 23.15
CA ARG G 109 -28.11 -47.74 22.44
C ARG G 109 -29.33 -48.47 22.99
N ALA G 110 -29.18 -49.74 23.38
CA ALA G 110 -30.30 -50.48 23.93
C ALA G 110 -30.75 -49.94 25.28
N LYS G 111 -29.84 -49.33 26.04
CA LYS G 111 -30.15 -48.87 27.40
C LYS G 111 -30.52 -47.39 27.45
N HIS G 112 -31.10 -46.85 26.38
CA HIS G 112 -31.63 -45.48 26.35
C HIS G 112 -30.55 -44.44 26.65
N ASP G 113 -29.57 -44.37 25.76
CA ASP G 113 -28.53 -43.34 25.84
C ASP G 113 -27.96 -43.15 24.45
N ILE G 114 -28.03 -41.93 23.93
CA ILE G 114 -27.78 -41.66 22.52
C ILE G 114 -26.46 -40.93 22.30
N THR G 115 -26.19 -39.89 23.09
CA THR G 115 -24.99 -39.08 22.86
C THR G 115 -23.72 -39.91 23.03
N SER G 116 -23.69 -40.75 24.06
CA SER G 116 -22.56 -41.65 24.24
C SER G 116 -22.42 -42.59 23.06
N ALA G 117 -23.54 -43.09 22.54
CA ALA G 117 -23.50 -43.92 21.34
C ALA G 117 -22.90 -43.14 20.17
N ASN G 118 -23.22 -41.86 20.07
CA ASN G 118 -22.71 -41.06 18.95
C ASN G 118 -21.19 -40.89 19.04
N VAL G 119 -20.68 -40.58 20.24
CA VAL G 119 -19.24 -40.41 20.35
C VAL G 119 -18.53 -41.75 20.10
N PHE G 120 -19.14 -42.85 20.55
CA PHE G 120 -18.59 -44.16 20.22
C PHE G 120 -18.57 -44.41 18.72
N GLU G 121 -19.62 -43.99 18.01
CA GLU G 121 -19.66 -44.18 16.57
C GLU G 121 -18.53 -43.40 15.88
N ALA G 122 -18.31 -42.15 16.30
CA ALA G 122 -17.23 -41.37 15.71
C ALA G 122 -15.88 -42.02 15.95
N ILE G 123 -15.65 -42.48 17.19
CA ILE G 123 -14.38 -43.15 17.49
C ILE G 123 -14.24 -44.41 16.64
N LEU G 124 -15.32 -45.16 16.45
CA LEU G 124 -15.26 -46.38 15.65
C LEU G 124 -14.87 -46.06 14.21
N ALA G 125 -15.45 -45.01 13.64
CA ALA G 125 -15.10 -44.65 12.27
C ALA G 125 -13.61 -44.31 12.16
N ASP G 126 -13.10 -43.52 13.11
CA ASP G 126 -11.67 -43.16 13.06
C ASP G 126 -10.78 -44.39 13.18
N GLU G 127 -11.09 -45.28 14.12
CA GLU G 127 -10.27 -46.48 14.29
C GLU G 127 -10.30 -47.34 13.03
N GLU G 128 -11.46 -47.44 12.38
CA GLU G 128 -11.57 -48.23 11.15
C GLU G 128 -10.68 -47.65 10.05
N HIS G 129 -10.70 -46.32 9.89
CA HIS G 129 -9.83 -45.71 8.90
C HIS G 129 -8.36 -46.03 9.19
N HIS G 130 -7.96 -45.94 10.46
CA HIS G 130 -6.56 -46.21 10.79
C HIS G 130 -6.18 -47.65 10.48
N ILE G 131 -7.04 -48.62 10.83
CA ILE G 131 -6.65 -50.00 10.59
C ILE G 131 -6.61 -50.29 9.09
N ASP G 132 -7.48 -49.63 8.32
CA ASP G 132 -7.39 -49.78 6.87
C ASP G 132 -6.04 -49.30 6.34
N TYR G 133 -5.58 -48.14 6.82
CA TYR G 133 -4.27 -47.66 6.40
C TYR G 133 -3.17 -48.64 6.79
N LEU G 134 -3.23 -49.17 8.01
CA LEU G 134 -2.21 -50.11 8.45
C LEU G 134 -2.18 -51.35 7.56
N GLU G 135 -3.36 -51.88 7.22
CA GLU G 135 -3.41 -53.08 6.40
C GLU G 135 -2.86 -52.84 5.00
N THR G 136 -3.21 -51.71 4.38
CA THR G 136 -2.69 -51.47 3.05
C THR G 136 -1.19 -51.24 3.07
N GLN G 137 -0.67 -50.58 4.11
CA GLN G 137 0.78 -50.41 4.21
C GLN G 137 1.48 -51.75 4.38
N LEU G 138 0.90 -52.64 5.19
CA LEU G 138 1.48 -53.96 5.39
C LEU G 138 1.52 -54.76 4.11
N ASP G 139 0.43 -54.70 3.32
CA ASP G 139 0.43 -55.37 2.03
C ASP G 139 1.49 -54.79 1.11
N LEU G 140 1.64 -53.46 1.12
CA LEU G 140 2.62 -52.82 0.26
C LEU G 140 4.04 -53.26 0.61
N ILE G 141 4.38 -53.28 1.89
CA ILE G 141 5.73 -53.67 2.28
C ILE G 141 5.96 -55.15 2.00
N GLU G 142 4.94 -55.98 2.19
CA GLU G 142 5.09 -57.39 1.87
C GLU G 142 5.37 -57.59 0.38
N LYS G 143 4.69 -56.83 -0.47
CA LYS G 143 4.91 -56.99 -1.91
C LYS G 143 6.26 -56.45 -2.36
N LEU G 144 6.63 -55.26 -1.87
CA LEU G 144 7.80 -54.57 -2.39
C LEU G 144 9.10 -55.21 -1.91
N GLY G 145 9.16 -55.58 -0.64
CA GLY G 145 10.39 -56.02 -0.02
C GLY G 145 10.79 -55.02 1.05
N GLU G 146 11.31 -55.54 2.17
CA GLU G 146 11.56 -54.70 3.33
C GLU G 146 12.60 -53.63 3.04
N SER G 147 13.70 -54.02 2.39
CA SER G 147 14.77 -53.06 2.13
C SER G 147 14.35 -52.01 1.11
N LEU G 148 13.72 -52.44 0.02
CA LEU G 148 13.28 -51.49 -1.00
C LEU G 148 12.23 -50.54 -0.45
N TYR G 149 11.31 -51.04 0.37
CA TYR G 149 10.32 -50.17 1.01
C TYR G 149 11.00 -49.19 1.96
N LEU G 150 11.97 -49.67 2.73
CA LEU G 150 12.64 -48.80 3.69
C LEU G 150 13.47 -47.72 3.00
N SER G 151 13.96 -48.00 1.81
CA SER G 151 14.77 -47.02 1.09
C SER G 151 13.99 -45.84 0.59
N THR G 152 12.71 -45.71 0.94
CA THR G 152 11.86 -44.63 0.47
C THR G 152 11.66 -43.55 1.52
N VAL G 153 11.62 -43.92 2.80
CA VAL G 153 11.21 -43.01 3.86
C VAL G 153 12.41 -42.42 4.61
N ILE G 154 13.59 -42.46 4.02
CA ILE G 154 14.77 -41.92 4.68
C ILE G 154 14.96 -40.47 4.26
N GLU G 155 15.64 -39.70 5.12
CA GLU G 155 15.71 -38.25 4.95
C GLU G 155 16.62 -37.86 3.79
N GLN G 156 17.69 -38.62 3.56
CA GLN G 156 18.75 -38.21 2.65
C GLN G 156 18.32 -38.10 1.19
N THR G 157 17.02 -38.28 0.89
CA THR G 157 16.53 -38.07 -0.46
C THR G 157 16.42 -36.58 -0.76
N GLN G 158 16.15 -36.27 -2.03
CA GLN G 158 16.04 -34.88 -2.46
C GLN G 158 14.76 -34.26 -1.90
N PRO G 159 14.72 -32.93 -1.80
CA PRO G 159 13.54 -32.27 -1.22
C PRO G 159 12.70 -31.55 -2.26
N ASP G 160 12.97 -30.27 -2.47
CA ASP G 160 12.21 -29.43 -3.39
C ASP G 160 13.17 -28.65 -4.27
N PRO G 161 12.72 -28.21 -5.45
CA PRO G 161 13.52 -27.43 -6.41
C PRO G 161 13.59 -25.95 -6.04
N MET H 1 -32.30 -27.76 -40.32
CA MET H 1 -31.19 -28.71 -40.45
C MET H 1 -31.60 -30.10 -40.00
N GLN H 2 -31.11 -31.12 -40.71
CA GLN H 2 -31.46 -32.50 -40.41
C GLN H 2 -30.34 -33.39 -40.92
N GLY H 3 -29.68 -34.11 -40.01
CA GLY H 3 -28.61 -34.99 -40.42
C GLY H 3 -29.11 -36.33 -40.89
N ASP H 4 -28.29 -36.98 -41.70
CA ASP H 4 -28.59 -38.32 -42.18
C ASP H 4 -28.31 -39.35 -41.09
N PRO H 5 -28.97 -40.51 -41.15
CA PRO H 5 -28.84 -41.50 -40.06
C PRO H 5 -27.42 -42.00 -39.83
N GLU H 6 -26.59 -42.09 -40.86
CA GLU H 6 -25.26 -42.68 -40.70
C GLU H 6 -24.40 -41.86 -39.76
N VAL H 7 -24.38 -40.54 -39.93
CA VAL H 7 -23.61 -39.69 -39.04
C VAL H 7 -24.15 -39.77 -37.62
N ILE H 8 -25.47 -39.86 -37.48
CA ILE H 8 -26.08 -39.94 -36.16
C ILE H 8 -25.62 -41.22 -35.44
N GLU H 9 -25.65 -42.35 -36.16
CA GLU H 9 -25.26 -43.60 -35.52
C GLU H 9 -23.76 -43.65 -35.25
N PHE H 10 -22.94 -43.04 -36.11
CA PHE H 10 -21.51 -42.96 -35.82
C PHE H 10 -21.27 -42.17 -34.54
N LEU H 11 -21.93 -41.02 -34.40
CA LEU H 11 -21.77 -40.21 -33.21
C LEU H 11 -22.26 -40.95 -31.98
N ASN H 12 -23.37 -41.69 -32.10
CA ASN H 12 -23.88 -42.45 -30.97
C ASN H 12 -22.90 -43.54 -30.54
N GLU H 13 -22.30 -44.24 -31.51
CA GLU H 13 -21.31 -45.25 -31.18
C GLU H 13 -20.12 -44.64 -30.46
N GLN H 14 -19.63 -43.50 -30.95
CA GLN H 14 -18.50 -42.85 -30.28
C GLN H 14 -18.87 -42.41 -28.87
N LEU H 15 -20.10 -41.91 -28.69
CA LEU H 15 -20.55 -41.51 -27.37
C LEU H 15 -20.57 -42.69 -26.41
N THR H 16 -21.09 -43.83 -26.85
CA THR H 16 -21.10 -45.02 -26.01
C THR H 16 -19.69 -45.45 -25.65
N ALA H 17 -18.78 -45.42 -26.63
CA ALA H 17 -17.41 -45.82 -26.37
C ALA H 17 -16.75 -44.93 -25.33
N GLU H 18 -16.92 -43.61 -25.45
CA GLU H 18 -16.26 -42.73 -24.50
C GLU H 18 -16.91 -42.79 -23.13
N LEU H 19 -18.22 -43.09 -23.05
CA LEU H 19 -18.84 -43.32 -21.75
C LEU H 19 -18.26 -44.54 -21.07
N THR H 20 -18.10 -45.64 -21.81
CA THR H 20 -17.49 -46.83 -21.24
C THR H 20 -16.07 -46.55 -20.78
N ALA H 21 -15.32 -45.78 -21.57
CA ALA H 21 -13.97 -45.40 -21.17
C ALA H 21 -14.00 -44.59 -19.87
N ILE H 22 -14.97 -43.69 -19.73
CA ILE H 22 -15.09 -42.90 -18.51
C ILE H 22 -15.25 -43.81 -17.31
N ASN H 23 -16.18 -44.76 -17.40
CA ASN H 23 -16.44 -45.66 -16.28
C ASN H 23 -15.19 -46.46 -15.93
N GLN H 24 -14.55 -47.04 -16.95
CA GLN H 24 -13.38 -47.88 -16.70
C GLN H 24 -12.24 -47.07 -16.08
N TYR H 25 -12.00 -45.87 -16.58
CA TYR H 25 -10.90 -45.05 -16.07
C TYR H 25 -11.15 -44.66 -14.62
N PHE H 26 -12.39 -44.27 -14.28
CA PHE H 26 -12.64 -43.90 -12.89
C PHE H 26 -12.50 -45.10 -11.96
N LEU H 27 -12.98 -46.27 -12.38
CA LEU H 27 -12.83 -47.45 -11.53
C LEU H 27 -11.35 -47.77 -11.31
N HIS H 28 -10.55 -47.69 -12.38
CA HIS H 28 -9.12 -47.96 -12.24
C HIS H 28 -8.46 -46.94 -11.32
N ALA H 29 -8.87 -45.67 -11.41
CA ALA H 29 -8.31 -44.66 -10.54
C ALA H 29 -8.59 -44.97 -9.07
N LYS H 30 -9.84 -45.34 -8.77
CA LYS H 30 -10.17 -45.67 -7.39
C LYS H 30 -9.39 -46.89 -6.90
N LEU H 31 -9.29 -47.92 -7.75
CA LEU H 31 -8.56 -49.12 -7.36
C LEU H 31 -7.09 -48.82 -7.10
N GLN H 32 -6.47 -48.00 -7.96
CA GLN H 32 -5.07 -47.65 -7.78
C GLN H 32 -4.87 -46.83 -6.51
N ASP H 33 -5.77 -45.88 -6.24
CA ASP H 33 -5.64 -45.05 -5.06
C ASP H 33 -5.79 -45.88 -3.78
N HIS H 34 -6.68 -46.87 -3.80
CA HIS H 34 -6.88 -47.70 -2.61
C HIS H 34 -5.64 -48.50 -2.26
N LYS H 35 -4.84 -48.88 -3.25
CA LYS H 35 -3.69 -49.74 -3.02
C LYS H 35 -2.47 -48.98 -2.51
N GLY H 36 -2.48 -47.65 -2.58
CA GLY H 36 -1.37 -46.85 -2.10
C GLY H 36 -0.58 -46.14 -3.18
N TRP H 37 -0.78 -46.47 -4.45
CA TRP H 37 -0.07 -45.81 -5.54
C TRP H 37 -0.79 -44.50 -5.84
N THR H 38 -0.14 -43.38 -5.53
CA THR H 38 -0.85 -42.10 -5.51
C THR H 38 -0.80 -41.37 -6.85
N LYS H 39 0.38 -41.25 -7.45
CA LYS H 39 0.49 -40.45 -8.68
C LYS H 39 -0.33 -41.05 -9.81
N LEU H 40 -0.33 -42.38 -9.92
CA LEU H 40 -1.16 -43.03 -10.93
C LEU H 40 -2.62 -42.66 -10.75
N ALA H 41 -3.08 -42.52 -9.51
CA ALA H 41 -4.47 -42.13 -9.27
C ALA H 41 -4.77 -40.76 -9.84
N LYS H 42 -3.86 -39.80 -9.63
CA LYS H 42 -4.09 -38.46 -10.16
C LYS H 42 -4.08 -38.46 -11.68
N TYR H 43 -3.15 -39.18 -12.29
CA TYR H 43 -3.11 -39.22 -13.74
C TYR H 43 -4.38 -39.86 -14.31
N THR H 44 -4.86 -40.93 -13.68
CA THR H 44 -6.07 -41.58 -14.16
C THR H 44 -7.29 -40.68 -13.98
N ARG H 45 -7.36 -39.92 -12.89
CA ARG H 45 -8.46 -38.98 -12.73
C ARG H 45 -8.44 -37.93 -13.84
N ALA H 46 -7.26 -37.42 -14.16
CA ALA H 46 -7.16 -36.44 -15.24
C ALA H 46 -7.62 -37.03 -16.56
N GLU H 47 -7.23 -38.27 -16.85
CA GLU H 47 -7.66 -38.91 -18.09
C GLU H 47 -9.17 -39.10 -18.13
N SER H 48 -9.76 -39.46 -17.00
CA SER H 48 -11.21 -39.60 -16.94
C SER H 48 -11.90 -38.28 -17.26
N PHE H 49 -11.38 -37.18 -16.72
CA PHE H 49 -12.00 -35.88 -17.02
C PHE H 49 -11.83 -35.51 -18.49
N ASP H 50 -10.70 -35.86 -19.10
CA ASP H 50 -10.55 -35.63 -20.53
C ASP H 50 -11.59 -36.39 -21.34
N GLU H 51 -11.80 -37.67 -21.00
CA GLU H 51 -12.87 -38.41 -21.68
C GLU H 51 -14.23 -37.78 -21.43
N MET H 52 -14.40 -37.15 -20.27
CA MET H 52 -15.64 -36.42 -20.00
C MET H 52 -15.84 -35.27 -20.99
N ARG H 53 -14.79 -34.49 -21.22
CA ARG H 53 -14.90 -33.43 -22.22
C ARG H 53 -15.27 -34.00 -23.58
N HIS H 54 -14.65 -35.13 -23.93
CA HIS H 54 -15.03 -35.83 -25.16
C HIS H 54 -16.53 -36.07 -25.20
N ALA H 55 -17.07 -36.68 -24.14
CA ALA H 55 -18.47 -37.09 -24.13
C ALA H 55 -19.40 -35.89 -24.21
N GLU H 56 -19.09 -34.82 -23.48
CA GLU H 56 -19.95 -33.65 -23.50
C GLU H 56 -19.98 -33.01 -24.87
N VAL H 57 -18.82 -32.87 -25.52
CA VAL H 57 -18.82 -32.23 -26.83
C VAL H 57 -19.56 -33.11 -27.85
N LEU H 58 -19.43 -34.43 -27.73
CA LEU H 58 -20.18 -35.30 -28.63
C LEU H 58 -21.67 -35.16 -28.43
N THR H 59 -22.12 -35.09 -27.17
CA THR H 59 -23.55 -34.92 -26.90
C THR H 59 -24.06 -33.61 -27.48
N ASP H 60 -23.31 -32.52 -27.31
CA ASP H 60 -23.73 -31.25 -27.88
C ASP H 60 -23.86 -31.35 -29.40
N ARG H 61 -22.87 -31.96 -30.05
CA ARG H 61 -22.92 -32.06 -31.50
C ARG H 61 -24.12 -32.86 -31.98
N ILE H 62 -24.39 -34.00 -31.35
CA ILE H 62 -25.51 -34.82 -31.82
C ILE H 62 -26.83 -34.14 -31.55
N LEU H 63 -26.94 -33.44 -30.41
CA LEU H 63 -28.18 -32.70 -30.13
C LEU H 63 -28.40 -31.58 -31.14
N LEU H 64 -27.31 -30.97 -31.64
CA LEU H 64 -27.48 -29.91 -32.63
C LEU H 64 -28.10 -30.41 -33.92
N LEU H 65 -27.84 -31.67 -34.28
CA LEU H 65 -28.31 -32.25 -35.53
C LEU H 65 -29.74 -32.77 -35.45
N ASP H 66 -30.47 -32.45 -34.38
CA ASP H 66 -31.83 -32.94 -34.16
C ASP H 66 -31.85 -34.47 -34.11
N GLY H 67 -31.13 -35.02 -33.12
CA GLY H 67 -31.07 -36.44 -32.92
C GLY H 67 -31.40 -36.81 -31.49
N LEU H 68 -31.29 -38.10 -31.20
CA LEU H 68 -31.58 -38.64 -29.86
C LEU H 68 -30.34 -39.27 -29.28
N PRO H 69 -29.60 -38.58 -28.42
CA PRO H 69 -28.42 -39.18 -27.80
C PRO H 69 -28.82 -40.22 -26.76
N ASN H 70 -28.51 -41.49 -27.01
CA ASN H 70 -28.90 -42.54 -26.09
C ASN H 70 -27.85 -42.72 -25.01
N TYR H 71 -28.31 -42.87 -23.76
CA TYR H 71 -27.44 -43.10 -22.63
C TYR H 71 -27.63 -44.49 -22.02
N GLN H 72 -28.58 -45.28 -22.55
CA GLN H 72 -28.84 -46.59 -21.98
C GLN H 72 -27.75 -47.59 -22.34
N ARG H 73 -27.28 -47.57 -23.58
CA ARG H 73 -26.35 -48.59 -24.05
C ARG H 73 -24.97 -48.41 -23.40
N LEU H 74 -24.28 -49.53 -23.23
CA LEU H 74 -22.96 -49.54 -22.63
C LEU H 74 -22.20 -50.76 -23.12
N PHE H 75 -20.91 -50.59 -23.40
CA PHE H 75 -20.07 -51.67 -23.88
C PHE H 75 -19.55 -52.48 -22.70
N HIS H 76 -18.60 -53.38 -22.96
CA HIS H 76 -18.03 -54.19 -21.90
C HIS H 76 -16.92 -53.44 -21.17
N VAL H 77 -16.91 -53.56 -19.85
CA VAL H 77 -15.92 -52.92 -19.00
C VAL H 77 -15.03 -54.00 -18.40
N ARG H 78 -13.72 -53.85 -18.56
CA ARG H 78 -12.75 -54.82 -18.09
C ARG H 78 -11.85 -54.20 -17.02
N VAL H 79 -11.47 -55.00 -16.03
CA VAL H 79 -10.64 -54.55 -14.92
C VAL H 79 -9.49 -55.54 -14.73
N GLY H 80 -8.44 -55.06 -14.07
CA GLY H 80 -7.27 -55.87 -13.84
C GLY H 80 -6.74 -55.71 -12.43
N GLN H 81 -5.91 -56.66 -12.03
CA GLN H 81 -5.32 -56.66 -10.70
C GLN H 81 -3.99 -55.92 -10.67
N SER H 82 -3.03 -56.37 -11.47
CA SER H 82 -1.73 -55.72 -11.55
C SER H 82 -1.79 -54.55 -12.52
N VAL H 83 -0.74 -53.73 -12.50
CA VAL H 83 -0.70 -52.53 -13.34
C VAL H 83 -0.70 -52.90 -14.81
N THR H 84 -0.04 -53.99 -15.18
CA THR H 84 0.06 -54.36 -16.59
C THR H 84 -1.31 -54.65 -17.19
N GLU H 85 -2.19 -55.31 -16.43
CA GLU H 85 -3.53 -55.60 -16.95
C GLU H 85 -4.30 -54.32 -17.22
N MET H 86 -4.24 -53.35 -16.30
CA MET H 86 -4.95 -52.09 -16.52
C MET H 86 -4.39 -51.36 -17.74
N PHE H 87 -3.07 -51.32 -17.87
CA PHE H 87 -2.48 -50.64 -19.02
C PHE H 87 -2.89 -51.30 -20.32
N GLN H 88 -2.89 -52.64 -20.36
CA GLN H 88 -3.29 -53.34 -21.58
C GLN H 88 -4.76 -53.11 -21.90
N ALA H 89 -5.61 -53.10 -20.88
CA ALA H 89 -7.03 -52.87 -21.11
C ALA H 89 -7.28 -51.48 -21.70
N ASP H 90 -6.63 -50.47 -21.13
CA ASP H 90 -6.79 -49.11 -21.67
C ASP H 90 -6.26 -49.02 -23.09
N ARG H 91 -5.13 -49.68 -23.35
CA ARG H 91 -4.57 -49.69 -24.70
C ARG H 91 -5.56 -50.26 -25.70
N GLU H 92 -6.17 -51.40 -25.37
CA GLU H 92 -7.13 -52.00 -26.27
C GLU H 92 -8.33 -51.10 -26.50
N VAL H 93 -8.83 -50.49 -25.42
CA VAL H 93 -10.01 -49.64 -25.54
C VAL H 93 -9.76 -48.49 -26.52
N GLU H 94 -8.65 -47.77 -26.34
CA GLU H 94 -8.47 -46.60 -27.20
C GLU H 94 -7.91 -46.98 -28.56
N LEU H 95 -7.38 -48.20 -28.71
CA LEU H 95 -7.10 -48.70 -30.06
C LEU H 95 -8.39 -48.87 -30.86
N GLU H 96 -9.39 -49.53 -30.25
CA GLU H 96 -10.68 -49.65 -30.91
C GLU H 96 -11.26 -48.27 -31.22
N ALA H 97 -11.12 -47.34 -30.27
CA ALA H 97 -11.62 -45.98 -30.50
C ALA H 97 -10.95 -45.35 -31.70
N ILE H 98 -9.64 -45.51 -31.85
CA ILE H 98 -8.91 -44.90 -32.96
C ILE H 98 -9.41 -45.45 -34.29
N ASP H 99 -9.57 -46.77 -34.37
CA ASP H 99 -10.04 -47.37 -35.62
C ASP H 99 -11.42 -46.86 -35.99
N ARG H 100 -12.33 -46.85 -35.01
CA ARG H 100 -13.68 -46.37 -35.29
C ARG H 100 -13.67 -44.91 -35.72
N LEU H 101 -12.84 -44.09 -35.07
CA LEU H 101 -12.78 -42.68 -35.42
C LEU H 101 -12.31 -42.48 -36.85
N ARG H 102 -11.29 -43.23 -37.28
CA ARG H 102 -10.80 -43.07 -38.64
C ARG H 102 -11.86 -43.44 -39.67
N ARG H 103 -12.53 -44.58 -39.45
CA ARG H 103 -13.59 -44.97 -40.38
C ARG H 103 -14.69 -43.92 -40.42
N GLY H 104 -15.08 -43.43 -39.25
CA GLY H 104 -16.17 -42.47 -39.18
C GLY H 104 -15.84 -41.16 -39.87
N ILE H 105 -14.63 -40.64 -39.66
CA ILE H 105 -14.28 -39.38 -40.31
C ILE H 105 -14.24 -39.54 -41.81
N GLU H 106 -13.69 -40.65 -42.30
CA GLU H 106 -13.69 -40.86 -43.74
C GLU H 106 -15.12 -40.83 -44.29
N VAL H 107 -16.02 -41.61 -43.68
CA VAL H 107 -17.39 -41.69 -44.20
C VAL H 107 -18.08 -40.34 -44.12
N MET H 108 -17.96 -39.66 -42.98
CA MET H 108 -18.65 -38.38 -42.78
C MET H 108 -18.15 -37.32 -43.74
N ARG H 109 -16.84 -37.21 -43.92
CA ARG H 109 -16.30 -36.24 -44.87
C ARG H 109 -16.72 -36.56 -46.29
N ALA H 110 -16.90 -37.84 -46.61
CA ALA H 110 -17.36 -38.13 -47.97
C ALA H 110 -18.82 -37.73 -48.23
N LYS H 111 -19.57 -37.08 -47.33
CA LYS H 111 -20.98 -36.80 -47.55
C LYS H 111 -21.32 -35.37 -47.12
N HIS H 112 -20.39 -34.44 -47.35
CA HIS H 112 -20.62 -33.01 -47.13
C HIS H 112 -21.05 -32.71 -45.70
N ASP H 113 -20.14 -32.98 -44.77
CA ASP H 113 -20.33 -32.61 -43.37
C ASP H 113 -18.95 -32.41 -42.76
N ILE H 114 -18.67 -31.19 -42.29
CA ILE H 114 -17.33 -30.77 -41.96
C ILE H 114 -17.12 -30.63 -40.46
N THR H 115 -18.06 -29.97 -39.77
CA THR H 115 -17.86 -29.68 -38.36
C THR H 115 -17.76 -30.96 -37.53
N SER H 116 -18.62 -31.94 -37.82
CA SER H 116 -18.53 -33.22 -37.14
C SER H 116 -17.19 -33.89 -37.44
N ALA H 117 -16.72 -33.78 -38.68
CA ALA H 117 -15.39 -34.28 -38.99
C ALA H 117 -14.33 -33.60 -38.13
N ASN H 118 -14.50 -32.30 -37.86
CA ASN H 118 -13.49 -31.57 -37.09
C ASN H 118 -13.47 -32.01 -35.62
N VAL H 119 -14.64 -32.19 -35.02
CA VAL H 119 -14.63 -32.68 -33.64
C VAL H 119 -14.05 -34.10 -33.60
N PHE H 120 -14.30 -34.89 -34.66
CA PHE H 120 -13.64 -36.19 -34.75
C PHE H 120 -12.12 -36.04 -34.81
N GLU H 121 -11.63 -35.03 -35.54
CA GLU H 121 -10.18 -34.78 -35.57
C GLU H 121 -9.63 -34.55 -34.17
N ALA H 122 -10.29 -33.66 -33.43
CA ALA H 122 -9.80 -33.33 -32.10
C ALA H 122 -9.77 -34.57 -31.20
N ILE H 123 -10.84 -35.35 -31.24
CA ILE H 123 -10.90 -36.56 -30.42
C ILE H 123 -9.81 -37.52 -30.83
N LEU H 124 -9.57 -37.69 -32.13
CA LEU H 124 -8.55 -38.61 -32.60
C LEU H 124 -7.17 -38.19 -32.12
N ALA H 125 -6.87 -36.90 -32.18
CA ALA H 125 -5.56 -36.43 -31.71
C ALA H 125 -5.38 -36.72 -30.23
N ASP H 126 -6.41 -36.45 -29.42
CA ASP H 126 -6.29 -36.70 -27.99
C ASP H 126 -6.07 -38.19 -27.70
N GLU H 127 -6.84 -39.05 -28.38
CA GLU H 127 -6.69 -40.48 -28.14
C GLU H 127 -5.32 -40.98 -28.54
N GLU H 128 -4.79 -40.46 -29.66
CA GLU H 128 -3.44 -40.85 -30.08
C GLU H 128 -2.40 -40.46 -29.04
N HIS H 129 -2.51 -39.26 -28.49
CA HIS H 129 -1.57 -38.86 -27.44
C HIS H 129 -1.65 -39.80 -26.25
N HIS H 130 -2.88 -40.14 -25.83
CA HIS H 130 -3.03 -40.99 -24.67
C HIS H 130 -2.44 -42.38 -24.90
N ILE H 131 -2.70 -42.97 -26.07
CA ILE H 131 -2.17 -44.32 -26.30
C ILE H 131 -0.65 -44.28 -26.39
N ASP H 132 -0.09 -43.19 -26.91
CA ASP H 132 1.37 -43.06 -26.90
C ASP H 132 1.91 -43.07 -25.48
N TYR H 133 1.26 -42.33 -24.58
CA TYR H 133 1.71 -42.33 -23.18
C TYR H 133 1.62 -43.72 -22.58
N LEU H 134 0.51 -44.43 -22.85
CA LEU H 134 0.33 -45.76 -22.29
C LEU H 134 1.42 -46.70 -22.78
N GLU H 135 1.75 -46.66 -24.07
CA GLU H 135 2.78 -47.53 -24.60
C GLU H 135 4.13 -47.22 -23.98
N THR H 136 4.45 -45.93 -23.81
CA THR H 136 5.71 -45.56 -23.17
C THR H 136 5.79 -46.11 -21.76
N GLN H 137 4.71 -45.97 -20.99
CA GLN H 137 4.72 -46.46 -19.61
C GLN H 137 4.86 -47.97 -19.57
N LEU H 138 4.20 -48.68 -20.49
CA LEU H 138 4.31 -50.13 -20.53
C LEU H 138 5.73 -50.57 -20.83
N ASP H 139 6.39 -49.91 -21.78
CA ASP H 139 7.79 -50.24 -22.06
C ASP H 139 8.67 -49.96 -20.85
N LEU H 140 8.41 -48.84 -20.16
CA LEU H 140 9.22 -48.49 -19.00
C LEU H 140 9.09 -49.52 -17.89
N ILE H 141 7.86 -49.96 -17.59
CA ILE H 141 7.69 -50.94 -16.53
C ILE H 141 8.27 -52.28 -16.93
N GLU H 142 8.15 -52.65 -18.21
CA GLU H 142 8.74 -53.89 -18.68
C GLU H 142 10.25 -53.88 -18.49
N LYS H 143 10.89 -52.75 -18.80
CA LYS H 143 12.35 -52.69 -18.68
C LYS H 143 12.79 -52.65 -17.21
N LEU H 144 12.13 -51.81 -16.40
CA LEU H 144 12.60 -51.57 -15.05
C LEU H 144 12.33 -52.75 -14.13
N GLY H 145 11.14 -53.32 -14.21
CA GLY H 145 10.71 -54.31 -13.24
C GLY H 145 9.51 -53.80 -12.46
N GLU H 146 8.55 -54.68 -12.18
CA GLU H 146 7.30 -54.23 -11.57
C GLU H 146 7.53 -53.65 -10.18
N SER H 147 8.34 -54.32 -9.36
CA SER H 147 8.51 -53.91 -7.97
C SER H 147 9.19 -52.54 -7.87
N LEU H 148 10.27 -52.35 -8.62
CA LEU H 148 10.97 -51.06 -8.57
C LEU H 148 10.10 -49.94 -9.11
N TYR H 149 9.39 -50.19 -10.21
CA TYR H 149 8.49 -49.19 -10.76
C TYR H 149 7.42 -48.80 -9.77
N LEU H 150 6.86 -49.78 -9.06
CA LEU H 150 5.88 -49.46 -8.02
C LEU H 150 6.52 -48.66 -6.89
N SER H 151 7.75 -49.01 -6.51
CA SER H 151 8.44 -48.28 -5.47
C SER H 151 8.64 -46.82 -5.85
N THR H 152 8.74 -46.53 -7.15
CA THR H 152 8.90 -45.15 -7.59
C THR H 152 7.68 -44.30 -7.26
N VAL H 153 6.47 -44.86 -7.37
CA VAL H 153 5.25 -44.06 -7.41
C VAL H 153 4.57 -43.91 -6.05
N ILE H 154 4.97 -44.67 -5.04
CA ILE H 154 4.28 -44.65 -3.76
C ILE H 154 4.73 -43.45 -2.94
N GLU H 155 3.87 -43.04 -2.01
CA GLU H 155 4.18 -41.96 -1.07
C GLU H 155 3.20 -42.06 0.10
N GLN H 156 3.49 -41.32 1.16
CA GLN H 156 2.70 -41.38 2.39
C GLN H 156 1.79 -40.18 2.57
N THR H 157 2.32 -38.96 2.53
CA THR H 157 1.51 -37.77 2.72
C THR H 157 2.16 -36.60 1.98
N GLN H 158 1.36 -35.54 1.77
CA GLN H 158 1.75 -34.31 1.10
C GLN H 158 2.06 -34.55 -0.37
N PRO H 159 2.24 -33.51 -1.17
CA PRO H 159 2.48 -33.71 -2.61
C PRO H 159 3.37 -32.64 -3.22
N ASP H 160 2.82 -31.43 -3.36
CA ASP H 160 3.58 -30.35 -3.98
C ASP H 160 4.76 -29.94 -3.12
N PRO H 161 5.86 -29.47 -3.72
CA PRO H 161 7.06 -29.05 -3.02
C PRO H 161 7.61 -27.71 -3.55
N MET I 1 45.32 -11.88 35.49
CA MET I 1 45.15 -13.28 35.88
C MET I 1 45.80 -14.21 34.87
N GLN I 2 46.28 -15.36 35.34
CA GLN I 2 46.95 -16.33 34.49
C GLN I 2 46.46 -17.72 34.85
N GLY I 3 46.25 -18.56 33.83
CA GLY I 3 45.81 -19.92 34.05
C GLY I 3 46.95 -20.87 34.30
N ASP I 4 46.60 -22.08 34.71
CA ASP I 4 47.59 -23.12 34.92
C ASP I 4 48.08 -23.67 33.60
N PRO I 5 49.33 -24.13 33.53
CA PRO I 5 49.82 -24.72 32.28
C PRO I 5 49.06 -25.94 31.81
N GLU I 6 48.53 -26.74 32.73
CA GLU I 6 47.79 -27.94 32.33
C GLU I 6 46.53 -27.57 31.57
N VAL I 7 45.79 -26.56 32.04
CA VAL I 7 44.61 -26.12 31.31
C VAL I 7 45.00 -25.61 29.93
N ILE I 8 46.11 -24.88 29.85
CA ILE I 8 46.55 -24.34 28.57
C ILE I 8 46.86 -25.47 27.60
N GLU I 9 47.57 -26.50 28.05
CA GLU I 9 47.94 -27.57 27.14
C GLU I 9 46.72 -28.41 26.76
N PHE I 10 45.77 -28.60 27.67
CA PHE I 10 44.52 -29.28 27.31
C PHE I 10 43.79 -28.52 26.21
N LEU I 11 43.67 -27.20 26.37
CA LEU I 11 42.99 -26.40 25.36
C LEU I 11 43.73 -26.45 24.03
N ASN I 12 45.06 -26.40 24.06
CA ASN I 12 45.84 -26.47 22.84
C ASN I 12 45.63 -27.81 22.14
N GLU I 13 45.61 -28.90 22.90
CA GLU I 13 45.39 -30.22 22.31
C GLU I 13 44.03 -30.30 21.64
N GLN I 14 42.98 -29.83 22.32
CA GLN I 14 41.66 -29.86 21.69
C GLN I 14 41.61 -28.94 20.47
N LEU I 15 42.37 -27.84 20.50
CA LEU I 15 42.42 -26.95 19.35
C LEU I 15 43.02 -27.64 18.13
N THR I 16 44.15 -28.32 18.31
CA THR I 16 44.75 -29.04 17.19
C THR I 16 43.82 -30.13 16.70
N ALA I 17 43.14 -30.83 17.62
CA ALA I 17 42.19 -31.86 17.21
C ALA I 17 41.08 -31.29 16.34
N GLU I 18 40.51 -30.15 16.75
CA GLU I 18 39.43 -29.56 15.97
C GLU I 18 39.92 -29.07 14.61
N LEU I 19 41.14 -28.52 14.56
CA LEU I 19 41.69 -28.09 13.28
C LEU I 19 41.83 -29.27 12.32
N THR I 20 42.39 -30.38 12.80
CA THR I 20 42.50 -31.57 11.98
C THR I 20 41.12 -32.06 11.54
N ALA I 21 40.14 -31.99 12.44
CA ALA I 21 38.80 -32.44 12.11
C ALA I 21 38.21 -31.64 10.97
N ILE I 22 38.34 -30.31 11.02
CA ILE I 22 37.74 -29.50 9.95
C ILE I 22 38.48 -29.70 8.63
N ASN I 23 39.80 -29.88 8.67
CA ASN I 23 40.52 -30.19 7.44
C ASN I 23 39.98 -31.48 6.80
N GLN I 24 39.88 -32.54 7.60
CA GLN I 24 39.40 -33.81 7.08
C GLN I 24 37.97 -33.70 6.57
N TYR I 25 37.11 -33.00 7.30
CA TYR I 25 35.71 -32.90 6.91
C TYR I 25 35.57 -32.14 5.59
N PHE I 26 36.31 -31.05 5.41
CA PHE I 26 36.23 -30.33 4.16
C PHE I 26 36.74 -31.16 3.00
N LEU I 27 37.85 -31.88 3.19
CA LEU I 27 38.34 -32.73 2.12
C LEU I 27 37.32 -33.78 1.73
N HIS I 28 36.69 -34.41 2.72
CA HIS I 28 35.69 -35.43 2.43
C HIS I 28 34.49 -34.83 1.71
N ALA I 29 34.08 -33.62 2.10
CA ALA I 29 32.95 -32.97 1.42
C ALA I 29 33.29 -32.69 -0.04
N LYS I 30 34.51 -32.21 -0.31
CA LYS I 30 34.89 -31.96 -1.69
C LYS I 30 34.91 -33.25 -2.50
N LEU I 31 35.46 -34.32 -1.93
CA LEU I 31 35.49 -35.60 -2.65
C LEU I 31 34.09 -36.10 -2.95
N GLN I 32 33.19 -36.04 -1.96
CA GLN I 32 31.83 -36.51 -2.15
C GLN I 32 31.11 -35.69 -3.21
N ASP I 33 31.29 -34.37 -3.20
CA ASP I 33 30.66 -33.53 -4.20
C ASP I 33 31.20 -33.86 -5.59
N HIS I 34 32.50 -34.10 -5.70
CA HIS I 34 33.07 -34.47 -6.99
C HIS I 34 32.51 -35.78 -7.50
N LYS I 35 32.31 -36.75 -6.61
CA LYS I 35 31.79 -38.05 -7.02
C LYS I 35 30.38 -37.93 -7.58
N GLY I 36 29.52 -37.11 -6.94
CA GLY I 36 28.18 -36.92 -7.43
C GLY I 36 27.10 -37.09 -6.38
N TRP I 37 27.48 -37.16 -5.11
CA TRP I 37 26.55 -37.37 -4.01
C TRP I 37 26.36 -36.02 -3.31
N THR I 38 25.32 -35.28 -3.74
CA THR I 38 25.20 -33.88 -3.36
C THR I 38 24.84 -33.71 -1.89
N LYS I 39 23.82 -34.44 -1.42
CA LYS I 39 23.32 -34.20 -0.06
C LYS I 39 24.38 -34.55 0.99
N LEU I 40 25.13 -35.63 0.77
CA LEU I 40 26.23 -35.94 1.66
C LEU I 40 27.25 -34.81 1.70
N ALA I 41 27.52 -34.21 0.54
CA ALA I 41 28.46 -33.09 0.50
C ALA I 41 27.95 -31.91 1.32
N LYS I 42 26.66 -31.59 1.19
CA LYS I 42 26.10 -30.48 1.95
C LYS I 42 26.20 -30.74 3.45
N TYR I 43 25.81 -31.95 3.88
CA TYR I 43 25.85 -32.26 5.30
C TYR I 43 27.29 -32.21 5.83
N THR I 44 28.24 -32.76 5.08
CA THR I 44 29.62 -32.78 5.54
C THR I 44 30.18 -31.36 5.65
N ARG I 45 29.86 -30.49 4.70
CA ARG I 45 30.37 -29.13 4.79
C ARG I 45 29.73 -28.37 5.95
N ALA I 46 28.46 -28.65 6.25
CA ALA I 46 27.85 -28.05 7.44
C ALA I 46 28.57 -28.50 8.70
N GLU I 47 28.89 -29.80 8.80
CA GLU I 47 29.61 -30.28 9.97
C GLU I 47 30.99 -29.65 10.08
N SER I 48 31.66 -29.45 8.94
CA SER I 48 32.95 -28.77 8.95
C SER I 48 32.83 -27.37 9.52
N PHE I 49 31.80 -26.64 9.09
CA PHE I 49 31.60 -25.29 9.63
C PHE I 49 31.32 -25.33 11.13
N ASP I 50 30.62 -26.37 11.59
CA ASP I 50 30.34 -26.49 13.02
C ASP I 50 31.63 -26.66 13.83
N GLU I 51 32.46 -27.63 13.46
CA GLU I 51 33.73 -27.79 14.17
C GLU I 51 34.62 -26.57 14.00
N MET I 52 34.39 -25.81 12.94
CA MET I 52 35.14 -24.58 12.70
C MET I 52 34.79 -23.52 13.73
N ARG I 53 33.48 -23.38 14.02
CA ARG I 53 33.06 -22.53 15.13
C ARG I 53 33.63 -23.02 16.45
N HIS I 54 33.67 -24.35 16.64
CA HIS I 54 34.31 -24.90 17.82
C HIS I 54 35.73 -24.36 17.97
N ALA I 55 36.50 -24.43 16.89
CA ALA I 55 37.89 -23.97 16.95
C ALA I 55 37.98 -22.49 17.27
N GLU I 56 37.10 -21.68 16.68
CA GLU I 56 37.13 -20.24 16.95
C GLU I 56 36.89 -19.94 18.43
N VAL I 57 35.85 -20.55 19.00
CA VAL I 57 35.56 -20.26 20.41
C VAL I 57 36.69 -20.77 21.30
N LEU I 58 37.30 -21.90 20.93
CA LEU I 58 38.39 -22.43 21.73
C LEU I 58 39.59 -21.50 21.73
N THR I 59 39.98 -20.99 20.55
CA THR I 59 41.14 -20.10 20.51
C THR I 59 40.86 -18.80 21.25
N ASP I 60 39.62 -18.30 21.15
CA ASP I 60 39.26 -17.12 21.94
C ASP I 60 39.46 -17.38 23.43
N ARG I 61 38.96 -18.53 23.91
CA ARG I 61 39.05 -18.84 25.33
C ARG I 61 40.51 -18.95 25.77
N ILE I 62 41.34 -19.65 25.01
CA ILE I 62 42.73 -19.84 25.45
C ILE I 62 43.48 -18.52 25.40
N LEU I 63 43.20 -17.68 24.40
CA LEU I 63 43.83 -16.37 24.33
C LEU I 63 43.39 -15.46 25.47
N LEU I 64 42.20 -15.68 26.04
CA LEU I 64 41.77 -14.87 27.17
C LEU I 64 42.67 -15.06 28.38
N LEU I 65 43.13 -16.30 28.61
CA LEU I 65 43.93 -16.62 29.80
C LEU I 65 45.40 -16.32 29.63
N ASP I 66 45.77 -15.44 28.69
CA ASP I 66 47.16 -15.08 28.45
C ASP I 66 48.01 -16.31 28.10
N GLY I 67 47.65 -16.93 26.97
CA GLY I 67 48.36 -18.08 26.47
C GLY I 67 48.76 -17.89 25.02
N LEU I 68 49.44 -18.90 24.49
CA LEU I 68 49.91 -18.90 23.10
C LEU I 68 49.24 -20.02 22.32
N PRO I 69 48.20 -19.75 21.55
CA PRO I 69 47.59 -20.81 20.73
C PRO I 69 48.49 -21.14 19.56
N ASN I 70 48.85 -22.42 19.44
CA ASN I 70 49.74 -22.85 18.37
C ASN I 70 48.94 -23.37 17.19
N TYR I 71 49.22 -22.84 16.00
CA TYR I 71 48.61 -23.30 14.78
C TYR I 71 49.55 -24.16 13.94
N GLN I 72 50.78 -24.38 14.42
CA GLN I 72 51.74 -25.17 13.65
C GLN I 72 51.41 -26.66 13.70
N ARG I 73 51.06 -27.18 14.89
CA ARG I 73 50.92 -28.61 15.06
C ARG I 73 49.67 -29.13 14.38
N LEU I 74 49.76 -30.35 13.85
CA LEU I 74 48.64 -31.00 13.20
C LEU I 74 48.74 -32.51 13.44
N PHE I 75 47.58 -33.16 13.50
CA PHE I 75 47.52 -34.60 13.72
C PHE I 75 47.50 -35.31 12.36
N HIS I 76 47.23 -36.61 12.37
CA HIS I 76 47.18 -37.38 11.14
C HIS I 76 45.79 -37.29 10.52
N VAL I 77 45.75 -36.98 9.22
CA VAL I 77 44.50 -36.86 8.47
C VAL I 77 44.35 -38.11 7.62
N ARG I 78 43.20 -38.77 7.73
CA ARG I 78 42.94 -40.01 7.00
C ARG I 78 41.79 -39.78 6.03
N VAL I 79 41.88 -40.44 4.87
CA VAL I 79 40.89 -40.32 3.81
C VAL I 79 40.44 -41.71 3.36
N GLY I 80 39.27 -41.77 2.74
CA GLY I 80 38.72 -43.03 2.28
C GLY I 80 38.12 -42.90 0.90
N GLN I 81 37.91 -44.05 0.27
CA GLN I 81 37.34 -44.11 -1.07
C GLN I 81 35.83 -44.33 -1.05
N SER I 82 35.36 -45.36 -0.38
CA SER I 82 33.93 -45.62 -0.28
C SER I 82 33.35 -44.85 0.91
N VAL I 83 32.01 -44.85 0.99
CA VAL I 83 31.34 -44.12 2.06
C VAL I 83 31.68 -44.73 3.42
N THR I 84 31.82 -46.05 3.48
CA THR I 84 32.07 -46.72 4.74
C THR I 84 33.38 -46.26 5.37
N GLU I 85 34.43 -46.11 4.56
CA GLU I 85 35.72 -45.67 5.10
C GLU I 85 35.62 -44.26 5.66
N MET I 86 34.93 -43.36 4.96
CA MET I 86 34.79 -42.00 5.47
C MET I 86 34.04 -41.99 6.80
N PHE I 87 32.94 -42.75 6.87
CA PHE I 87 32.17 -42.79 8.11
C PHE I 87 32.98 -43.37 9.25
N GLN I 88 33.76 -44.42 8.98
CA GLN I 88 34.57 -45.03 10.03
C GLN I 88 35.67 -44.09 10.51
N ALA I 89 36.30 -43.35 9.58
CA ALA I 89 37.33 -42.40 9.99
C ALA I 89 36.73 -41.30 10.87
N ASP I 90 35.57 -40.79 10.48
CA ASP I 90 34.92 -39.77 11.29
C ASP I 90 34.56 -40.32 12.67
N ARG I 91 34.08 -41.56 12.73
CA ARG I 91 33.76 -42.16 14.02
C ARG I 91 35.01 -42.25 14.89
N GLU I 92 36.15 -42.64 14.31
CA GLU I 92 37.37 -42.75 15.09
C GLU I 92 37.79 -41.40 15.67
N VAL I 93 37.80 -40.36 14.84
CA VAL I 93 38.26 -39.07 15.33
C VAL I 93 37.30 -38.54 16.40
N GLU I 94 35.99 -38.76 16.22
CA GLU I 94 35.03 -38.30 17.21
C GLU I 94 35.21 -39.03 18.54
N LEU I 95 35.46 -40.35 18.50
CA LEU I 95 35.67 -41.09 19.74
C LEU I 95 36.89 -40.59 20.49
N GLU I 96 38.00 -40.35 19.77
CA GLU I 96 39.19 -39.83 20.43
C GLU I 96 38.90 -38.48 21.07
N ALA I 97 38.21 -37.60 20.35
CA ALA I 97 37.88 -36.29 20.90
C ALA I 97 37.03 -36.41 22.16
N ILE I 98 36.06 -37.33 22.15
CA ILE I 98 35.16 -37.47 23.30
C ILE I 98 35.95 -37.90 24.53
N ASP I 99 36.83 -38.90 24.37
CA ASP I 99 37.59 -39.38 25.52
C ASP I 99 38.48 -38.28 26.07
N ARG I 100 39.20 -37.57 25.19
CA ARG I 100 40.06 -36.49 25.65
C ARG I 100 39.27 -35.40 26.35
N LEU I 101 38.08 -35.08 25.82
CA LEU I 101 37.25 -34.04 26.41
C LEU I 101 36.82 -34.43 27.82
N ARG I 102 36.40 -35.67 28.01
CA ARG I 102 35.97 -36.10 29.35
C ARG I 102 37.11 -36.01 30.35
N ARG I 103 38.28 -36.54 29.98
CA ARG I 103 39.42 -36.46 30.89
C ARG I 103 39.75 -35.01 31.22
N GLY I 104 39.73 -34.14 30.21
CA GLY I 104 40.08 -32.76 30.42
C GLY I 104 39.11 -32.03 31.34
N ILE I 105 37.80 -32.23 31.13
CA ILE I 105 36.84 -31.52 31.97
C ILE I 105 36.98 -32.00 33.42
N GLU I 106 37.16 -33.31 33.63
CA GLU I 106 37.34 -33.79 35.00
C GLU I 106 38.54 -33.11 35.66
N VAL I 107 39.71 -33.16 35.00
CA VAL I 107 40.92 -32.62 35.60
C VAL I 107 40.78 -31.12 35.85
N MET I 108 40.24 -30.40 34.88
CA MET I 108 40.14 -28.95 34.98
C MET I 108 39.16 -28.53 36.07
N ARG I 109 37.99 -29.18 36.15
CA ARG I 109 37.05 -28.88 37.22
C ARG I 109 37.65 -29.18 38.58
N ALA I 110 38.54 -30.19 38.65
CA ALA I 110 39.17 -30.43 39.95
C ALA I 110 40.18 -29.33 40.35
N LYS I 111 40.31 -28.20 39.64
CA LYS I 111 41.35 -27.22 39.95
C LYS I 111 40.82 -25.80 39.92
N HIS I 112 39.54 -25.61 40.24
CA HIS I 112 38.94 -24.28 40.37
C HIS I 112 39.04 -23.48 39.08
N ASP I 113 38.37 -23.98 38.05
CA ASP I 113 38.23 -23.26 36.79
C ASP I 113 36.96 -23.76 36.11
N ILE I 114 35.97 -22.89 35.94
CA ILE I 114 34.62 -23.29 35.62
C ILE I 114 34.26 -22.96 34.18
N THR I 115 34.59 -21.77 33.70
CA THR I 115 34.15 -21.33 32.39
C THR I 115 34.68 -22.25 31.29
N SER I 116 35.97 -22.58 31.35
CA SER I 116 36.55 -23.49 30.38
C SER I 116 35.91 -24.87 30.49
N ALA I 117 35.56 -25.29 31.70
CA ALA I 117 34.83 -26.54 31.85
C ALA I 117 33.49 -26.48 31.12
N ASN I 118 32.80 -25.33 31.19
CA ASN I 118 31.52 -25.19 30.51
C ASN I 118 31.68 -25.26 29.00
N VAL I 119 32.71 -24.61 28.46
CA VAL I 119 32.90 -24.71 27.01
C VAL I 119 33.23 -26.14 26.62
N PHE I 120 33.96 -26.86 27.48
CA PHE I 120 34.22 -28.27 27.21
C PHE I 120 32.93 -29.08 27.20
N GLU I 121 32.01 -28.79 28.13
CA GLU I 121 30.73 -29.50 28.14
C GLU I 121 29.95 -29.26 26.86
N ALA I 122 29.90 -28.00 26.40
CA ALA I 122 29.16 -27.71 25.18
C ALA I 122 29.76 -28.45 23.99
N ILE I 123 31.08 -28.42 23.87
CA ILE I 123 31.74 -29.13 22.77
C ILE I 123 31.46 -30.62 22.86
N LEU I 124 31.48 -31.17 24.08
CA LEU I 124 31.23 -32.60 24.26
C LEU I 124 29.83 -32.96 23.78
N ALA I 125 28.83 -32.15 24.12
CA ALA I 125 27.48 -32.43 23.66
C ALA I 125 27.41 -32.44 22.14
N ASP I 126 28.04 -31.45 21.50
CA ASP I 126 28.00 -31.41 20.04
C ASP I 126 28.66 -32.64 19.41
N GLU I 127 29.85 -33.02 19.91
CA GLU I 127 30.53 -34.17 19.33
C GLU I 127 29.71 -35.45 19.55
N GLU I 128 29.03 -35.55 20.70
CA GLU I 128 28.20 -36.72 20.95
C GLU I 128 27.05 -36.80 19.94
N HIS I 129 26.40 -35.68 19.66
CA HIS I 129 25.35 -35.69 18.65
C HIS I 129 25.90 -36.14 17.31
N HIS I 130 27.06 -35.63 16.92
CA HIS I 130 27.62 -35.99 15.62
C HIS I 130 27.93 -37.48 15.54
N ILE I 131 28.52 -38.05 16.59
CA ILE I 131 28.88 -39.47 16.52
C ILE I 131 27.62 -40.32 16.49
N ASP I 132 26.55 -39.89 17.18
CA ASP I 132 25.28 -40.61 17.07
C ASP I 132 24.77 -40.63 15.63
N TYR I 133 24.84 -39.47 14.96
CA TYR I 133 24.42 -39.43 13.56
C TYR I 133 25.25 -40.38 12.69
N LEU I 134 26.57 -40.39 12.91
CA LEU I 134 27.43 -41.27 12.12
C LEU I 134 27.07 -42.73 12.34
N GLU I 135 26.80 -43.10 13.60
CA GLU I 135 26.46 -44.49 13.90
C GLU I 135 25.17 -44.91 13.20
N THR I 136 24.14 -44.05 13.27
CA THR I 136 22.90 -44.43 12.61
C THR I 136 23.04 -44.50 11.10
N GLN I 137 23.85 -43.61 10.51
CA GLN I 137 24.08 -43.69 9.07
C GLN I 137 24.79 -44.98 8.69
N LEU I 138 25.78 -45.39 9.49
CA LEU I 138 26.48 -46.65 9.20
C LEU I 138 25.53 -47.84 9.30
N ASP I 139 24.66 -47.84 10.31
CA ASP I 139 23.69 -48.92 10.43
C ASP I 139 22.75 -48.95 9.22
N LEU I 140 22.30 -47.79 8.77
CA LEU I 140 21.43 -47.73 7.61
C LEU I 140 22.13 -48.25 6.36
N ILE I 141 23.39 -47.88 6.17
CA ILE I 141 24.14 -48.37 5.01
C ILE I 141 24.27 -49.88 5.07
N GLU I 142 24.56 -50.42 6.26
CA GLU I 142 24.70 -51.87 6.39
C GLU I 142 23.38 -52.57 6.06
N LYS I 143 22.26 -52.02 6.52
CA LYS I 143 20.98 -52.66 6.29
C LYS I 143 20.57 -52.61 4.82
N LEU I 144 20.63 -51.42 4.21
CA LEU I 144 20.11 -51.26 2.86
C LEU I 144 21.04 -51.86 1.80
N GLY I 145 22.33 -51.65 1.94
CA GLY I 145 23.27 -51.97 0.89
C GLY I 145 23.87 -50.70 0.30
N GLU I 146 25.12 -50.80 -0.12
CA GLU I 146 25.85 -49.61 -0.57
C GLU I 146 25.21 -48.99 -1.80
N SER I 147 24.82 -49.82 -2.76
CA SER I 147 24.30 -49.30 -4.03
C SER I 147 22.99 -48.55 -3.82
N LEU I 148 22.06 -49.13 -3.06
CA LEU I 148 20.78 -48.48 -2.82
C LEU I 148 20.96 -47.19 -2.03
N TYR I 149 21.82 -47.20 -1.02
CA TYR I 149 22.07 -45.99 -0.24
C TYR I 149 22.68 -44.90 -1.09
N LEU I 150 23.58 -45.26 -2.01
CA LEU I 150 24.10 -44.25 -2.92
C LEU I 150 23.02 -43.75 -3.86
N SER I 151 22.10 -44.63 -4.27
CA SER I 151 21.06 -44.24 -5.20
C SER I 151 20.11 -43.22 -4.58
N THR I 152 19.76 -43.40 -3.30
CA THR I 152 18.78 -42.49 -2.71
C THR I 152 19.31 -41.08 -2.51
N VAL I 153 20.60 -40.84 -2.67
CA VAL I 153 21.18 -39.49 -2.60
C VAL I 153 21.86 -39.23 -3.94
N ILE I 154 21.12 -38.68 -4.88
CA ILE I 154 21.61 -38.42 -6.23
C ILE I 154 20.78 -37.27 -6.80
N GLU I 155 21.45 -36.35 -7.49
CA GLU I 155 20.76 -35.19 -8.05
C GLU I 155 21.45 -34.77 -9.35
N GLN I 156 20.72 -34.00 -10.15
CA GLN I 156 21.26 -33.38 -11.36
C GLN I 156 21.19 -31.88 -11.23
N THR I 157 22.22 -31.20 -11.73
CA THR I 157 22.36 -29.75 -11.55
C THR I 157 21.35 -29.02 -12.42
N GLN I 158 20.10 -29.03 -11.98
CA GLN I 158 19.02 -28.34 -12.65
C GLN I 158 18.20 -27.59 -11.62
N PRO I 159 17.54 -26.51 -12.02
CA PRO I 159 16.75 -25.73 -11.05
C PRO I 159 15.57 -25.00 -11.70
N ASP I 160 15.70 -23.67 -11.82
CA ASP I 160 14.67 -22.83 -12.39
C ASP I 160 13.33 -23.01 -11.69
N MET J 1 -27.59 46.85 -22.15
CA MET J 1 -28.29 45.97 -23.07
C MET J 1 -29.77 45.87 -22.72
N GLN J 2 -30.63 45.97 -23.74
CA GLN J 2 -32.06 45.89 -23.56
C GLN J 2 -32.65 44.90 -24.56
N GLY J 3 -33.73 44.24 -24.15
CA GLY J 3 -34.43 43.31 -25.01
C GLY J 3 -35.82 43.82 -25.34
N ASP J 4 -36.22 43.61 -26.58
CA ASP J 4 -37.54 44.01 -27.02
C ASP J 4 -38.60 43.13 -26.37
N PRO J 5 -39.82 43.64 -26.21
CA PRO J 5 -40.85 42.90 -25.45
C PRO J 5 -41.23 41.56 -26.05
N GLU J 6 -41.08 41.36 -27.36
CA GLU J 6 -41.51 40.10 -27.97
C GLU J 6 -40.71 38.92 -27.43
N VAL J 7 -39.39 39.05 -27.42
CA VAL J 7 -38.55 37.97 -26.91
C VAL J 7 -38.83 37.74 -25.43
N ILE J 8 -39.06 38.83 -24.69
CA ILE J 8 -39.33 38.70 -23.25
C ILE J 8 -40.61 37.92 -23.02
N GLU J 9 -41.67 38.24 -23.76
CA GLU J 9 -42.93 37.55 -23.54
C GLU J 9 -42.88 36.10 -24.01
N PHE J 10 -42.13 35.83 -25.10
CA PHE J 10 -41.95 34.45 -25.52
C PHE J 10 -41.25 33.64 -24.44
N LEU J 11 -40.17 34.19 -23.87
CA LEU J 11 -39.45 33.49 -22.83
C LEU J 11 -40.30 33.30 -21.59
N ASN J 12 -41.11 34.30 -21.24
CA ASN J 12 -42.00 34.17 -20.09
C ASN J 12 -43.04 33.08 -20.29
N GLU J 13 -43.61 33.00 -21.49
CA GLU J 13 -44.55 31.92 -21.78
C GLU J 13 -43.90 30.56 -21.65
N GLN J 14 -42.69 30.42 -22.20
CA GLN J 14 -41.99 29.15 -22.08
C GLN J 14 -41.69 28.82 -20.62
N LEU J 15 -41.36 29.84 -19.83
CA LEU J 15 -41.07 29.62 -18.41
C LEU J 15 -42.30 29.09 -17.67
N THR J 16 -43.45 29.71 -17.91
CA THR J 16 -44.67 29.24 -17.25
C THR J 16 -45.01 27.81 -17.70
N ALA J 17 -44.81 27.51 -18.99
CA ALA J 17 -45.07 26.17 -19.49
C ALA J 17 -44.19 25.14 -18.80
N GLU J 18 -42.90 25.43 -18.66
CA GLU J 18 -42.00 24.46 -18.02
C GLU J 18 -42.30 24.33 -16.53
N LEU J 19 -42.75 25.41 -15.87
CA LEU J 19 -43.15 25.29 -14.47
C LEU J 19 -44.36 24.38 -14.32
N THR J 20 -45.36 24.55 -15.18
CA THR J 20 -46.52 23.67 -15.14
C THR J 20 -46.12 22.23 -15.39
N ALA J 21 -45.21 22.01 -16.34
CA ALA J 21 -44.71 20.66 -16.58
C ALA J 21 -44.03 20.09 -15.35
N ILE J 22 -43.25 20.92 -14.64
CA ILE J 22 -42.59 20.46 -13.42
C ILE J 22 -43.62 19.95 -12.43
N ASN J 23 -44.66 20.76 -12.19
CA ASN J 23 -45.67 20.38 -11.20
C ASN J 23 -46.36 19.09 -11.60
N GLN J 24 -46.78 19.00 -12.86
CA GLN J 24 -47.51 17.81 -13.30
C GLN J 24 -46.64 16.57 -13.21
N TYR J 25 -45.38 16.66 -13.64
CA TYR J 25 -44.52 15.49 -13.63
C TYR J 25 -44.26 15.01 -12.22
N PHE J 26 -44.00 15.92 -11.28
CA PHE J 26 -43.76 15.46 -9.92
C PHE J 26 -45.00 14.86 -9.29
N LEU J 27 -46.18 15.46 -9.54
CA LEU J 27 -47.39 14.86 -9.00
C LEU J 27 -47.61 13.46 -9.55
N HIS J 28 -47.39 13.27 -10.85
CA HIS J 28 -47.55 11.95 -11.44
C HIS J 28 -46.55 10.96 -10.86
N ALA J 29 -45.31 11.40 -10.63
CA ALA J 29 -44.32 10.51 -10.05
C ALA J 29 -44.73 10.06 -8.65
N LYS J 30 -45.21 11.00 -7.83
CA LYS J 30 -45.66 10.62 -6.49
C LYS J 30 -46.83 9.66 -6.55
N LEU J 31 -47.79 9.92 -7.44
CA LEU J 31 -48.96 9.05 -7.56
C LEU J 31 -48.55 7.64 -7.98
N GLN J 32 -47.67 7.53 -8.98
CA GLN J 32 -47.22 6.23 -9.45
C GLN J 32 -46.46 5.48 -8.37
N ASP J 33 -45.60 6.18 -7.62
CA ASP J 33 -44.87 5.54 -6.54
C ASP J 33 -45.82 5.03 -5.47
N HIS J 34 -46.86 5.81 -5.14
CA HIS J 34 -47.83 5.38 -4.15
C HIS J 34 -48.60 4.15 -4.62
N LYS J 35 -48.91 4.09 -5.92
CA LYS J 35 -49.68 2.96 -6.44
C LYS J 35 -48.92 1.65 -6.29
N GLY J 36 -47.61 1.65 -6.54
CA GLY J 36 -46.83 0.45 -6.40
C GLY J 36 -45.85 0.21 -7.54
N TRP J 37 -45.92 1.05 -8.57
CA TRP J 37 -45.05 0.92 -9.72
C TRP J 37 -43.82 1.81 -9.52
N THR J 38 -42.64 1.21 -9.47
CA THR J 38 -41.44 1.89 -9.02
C THR J 38 -40.60 2.47 -10.15
N LYS J 39 -40.32 1.68 -11.19
CA LYS J 39 -39.46 2.14 -12.27
C LYS J 39 -40.09 3.32 -13.01
N LEU J 40 -41.41 3.28 -13.19
CA LEU J 40 -42.10 4.44 -13.74
C LEU J 40 -41.89 5.67 -12.87
N ALA J 41 -41.93 5.49 -11.55
CA ALA J 41 -41.71 6.61 -10.65
C ALA J 41 -40.31 7.19 -10.80
N LYS J 42 -39.30 6.32 -10.93
CA LYS J 42 -37.93 6.81 -11.10
C LYS J 42 -37.79 7.58 -12.40
N TYR J 43 -38.34 7.06 -13.49
CA TYR J 43 -38.24 7.76 -14.77
C TYR J 43 -38.95 9.11 -14.71
N THR J 44 -40.12 9.16 -14.09
CA THR J 44 -40.84 10.42 -13.99
C THR J 44 -40.07 11.43 -13.14
N ARG J 45 -39.42 10.96 -12.07
CA ARG J 45 -38.59 11.86 -11.27
C ARG J 45 -37.47 12.46 -12.12
N ALA J 46 -36.81 11.62 -12.92
CA ALA J 46 -35.74 12.12 -13.77
C ALA J 46 -36.26 13.17 -14.75
N GLU J 47 -37.42 12.91 -15.35
CA GLU J 47 -37.98 13.88 -16.30
C GLU J 47 -38.33 15.20 -15.62
N SER J 48 -38.87 15.13 -14.39
CA SER J 48 -39.17 16.35 -13.67
C SER J 48 -37.90 17.16 -13.42
N PHE J 49 -36.82 16.50 -13.03
CA PHE J 49 -35.56 17.22 -12.82
C PHE J 49 -35.04 17.83 -14.12
N ASP J 50 -35.24 17.15 -15.25
CA ASP J 50 -34.83 17.72 -16.53
C ASP J 50 -35.58 19.02 -16.83
N GLU J 51 -36.91 18.98 -16.70
CA GLU J 51 -37.68 20.21 -16.92
C GLU J 51 -37.28 21.29 -15.91
N MET J 52 -36.83 20.87 -14.73
CA MET J 52 -36.36 21.79 -13.71
C MET J 52 -35.12 22.56 -14.18
N ARG J 53 -34.17 21.83 -14.77
CA ARG J 53 -32.99 22.47 -15.36
C ARG J 53 -33.40 23.41 -16.48
N HIS J 54 -34.37 23.00 -17.30
CA HIS J 54 -34.87 23.87 -18.35
C HIS J 54 -35.34 25.20 -17.78
N ALA J 55 -36.15 25.14 -16.73
CA ALA J 55 -36.70 26.35 -16.14
C ALA J 55 -35.60 27.24 -15.58
N GLU J 56 -34.60 26.64 -14.93
CA GLU J 56 -33.51 27.45 -14.39
C GLU J 56 -32.76 28.19 -15.50
N VAL J 57 -32.47 27.49 -16.61
CA VAL J 57 -31.77 28.14 -17.71
C VAL J 57 -32.61 29.27 -18.28
N LEU J 58 -33.93 29.05 -18.41
CA LEU J 58 -34.79 30.08 -18.97
C LEU J 58 -34.80 31.33 -18.10
N THR J 59 -34.94 31.17 -16.79
CA THR J 59 -34.99 32.37 -15.94
C THR J 59 -33.64 33.07 -15.91
N ASP J 60 -32.54 32.32 -15.96
CA ASP J 60 -31.23 32.96 -16.03
C ASP J 60 -31.11 33.83 -17.28
N ARG J 61 -31.52 33.28 -18.43
CA ARG J 61 -31.45 34.05 -19.67
C ARG J 61 -32.36 35.26 -19.62
N ILE J 62 -33.54 35.12 -19.03
CA ILE J 62 -34.47 36.26 -18.93
C ILE J 62 -33.85 37.37 -18.10
N LEU J 63 -33.24 37.00 -16.96
CA LEU J 63 -32.63 38.00 -16.10
C LEU J 63 -31.45 38.68 -16.77
N LEU J 64 -30.69 37.95 -17.59
CA LEU J 64 -29.54 38.55 -18.26
C LEU J 64 -29.98 39.67 -19.21
N LEU J 65 -31.12 39.50 -19.88
CA LEU J 65 -31.62 40.47 -20.84
C LEU J 65 -32.33 41.64 -20.20
N ASP J 66 -32.15 41.86 -18.90
CA ASP J 66 -32.79 42.94 -18.16
C ASP J 66 -34.32 42.85 -18.29
N GLY J 67 -34.85 41.73 -17.82
CA GLY J 67 -36.28 41.48 -17.81
C GLY J 67 -36.80 41.24 -16.41
N LEU J 68 -38.09 40.90 -16.34
CA LEU J 68 -38.77 40.64 -15.09
C LEU J 68 -39.46 39.28 -15.17
N PRO J 69 -38.79 38.21 -14.73
CA PRO J 69 -39.44 36.90 -14.72
C PRO J 69 -40.63 36.90 -13.79
N ASN J 70 -41.68 36.16 -14.17
CA ASN J 70 -42.89 36.07 -13.36
C ASN J 70 -43.06 34.63 -12.90
N TYR J 71 -43.33 34.46 -11.61
CA TYR J 71 -43.54 33.15 -11.01
C TYR J 71 -44.98 32.99 -10.50
N GLN J 72 -45.90 33.83 -10.97
CA GLN J 72 -47.28 33.80 -10.52
C GLN J 72 -48.20 33.05 -11.48
N ARG J 73 -48.08 33.33 -12.78
CA ARG J 73 -48.96 32.71 -13.75
C ARG J 73 -48.70 31.21 -13.85
N LEU J 74 -49.78 30.44 -14.00
CA LEU J 74 -49.68 29.00 -14.10
C LEU J 74 -50.78 28.49 -15.03
N PHE J 75 -50.44 27.55 -15.89
CA PHE J 75 -51.40 26.98 -16.82
C PHE J 75 -52.22 25.89 -16.13
N HIS J 76 -53.11 25.26 -16.88
CA HIS J 76 -53.95 24.21 -16.32
C HIS J 76 -53.15 22.93 -16.15
N VAL J 77 -53.27 22.32 -14.97
CA VAL J 77 -52.59 21.07 -14.65
C VAL J 77 -53.62 19.96 -14.65
N ARG J 78 -53.35 18.90 -15.41
CA ARG J 78 -54.27 17.78 -15.53
C ARG J 78 -53.63 16.51 -14.98
N VAL J 79 -54.47 15.65 -14.40
CA VAL J 79 -54.04 14.41 -13.78
C VAL J 79 -54.89 13.27 -14.32
N GLY J 80 -54.37 12.05 -14.19
CA GLY J 80 -55.05 10.88 -14.69
C GLY J 80 -55.06 9.76 -13.67
N GLN J 81 -55.94 8.79 -13.91
CA GLN J 81 -56.09 7.63 -13.04
C GLN J 81 -55.29 6.43 -13.53
N SER J 82 -55.45 6.06 -14.80
CA SER J 82 -54.69 4.96 -15.37
C SER J 82 -53.41 5.49 -16.01
N VAL J 83 -52.53 4.56 -16.38
CA VAL J 83 -51.25 4.94 -16.99
C VAL J 83 -51.49 5.62 -18.33
N THR J 84 -52.50 5.17 -19.08
CA THR J 84 -52.78 5.74 -20.39
C THR J 84 -53.12 7.22 -20.29
N GLU J 85 -53.91 7.59 -19.28
CA GLU J 85 -54.26 9.00 -19.10
C GLU J 85 -53.02 9.85 -18.81
N MET J 86 -52.13 9.37 -17.96
CA MET J 86 -50.91 10.11 -17.66
C MET J 86 -50.07 10.29 -18.92
N PHE J 87 -49.90 9.22 -19.69
CA PHE J 87 -49.10 9.32 -20.90
C PHE J 87 -49.73 10.28 -21.90
N GLN J 88 -51.05 10.25 -22.04
CA GLN J 88 -51.72 11.15 -22.97
C GLN J 88 -51.58 12.61 -22.54
N ALA J 89 -51.72 12.88 -21.23
CA ALA J 89 -51.57 14.24 -20.75
C ALA J 89 -50.16 14.76 -21.00
N ASP J 90 -49.15 13.94 -20.72
CA ASP J 90 -47.77 14.36 -20.98
C ASP J 90 -47.55 14.61 -22.46
N ARG J 91 -48.12 13.76 -23.32
CA ARG J 91 -47.97 13.94 -24.76
C ARG J 91 -48.58 15.26 -25.21
N GLU J 92 -49.76 15.61 -24.69
CA GLU J 92 -50.38 16.88 -25.06
C GLU J 92 -49.52 18.05 -24.63
N VAL J 93 -48.99 18.01 -23.40
CA VAL J 93 -48.16 19.10 -22.91
C VAL J 93 -46.93 19.28 -23.80
N GLU J 94 -46.28 18.16 -24.14
CA GLU J 94 -45.08 18.25 -24.98
C GLU J 94 -45.39 18.78 -26.37
N LEU J 95 -46.53 18.38 -26.95
CA LEU J 95 -46.89 18.87 -28.27
C LEU J 95 -47.09 20.38 -28.26
N GLU J 96 -47.81 20.89 -27.27
CA GLU J 96 -47.99 22.33 -27.18
C GLU J 96 -46.67 23.05 -27.03
N ALA J 97 -45.78 22.52 -26.18
CA ALA J 97 -44.48 23.14 -25.99
C ALA J 97 -43.68 23.16 -27.29
N ILE J 98 -43.73 22.08 -28.06
CA ILE J 98 -42.97 22.01 -29.30
C ILE J 98 -43.45 23.07 -30.29
N ASP J 99 -44.77 23.19 -30.45
CA ASP J 99 -45.29 24.16 -31.39
C ASP J 99 -44.90 25.58 -30.99
N ARG J 100 -45.07 25.91 -29.70
CA ARG J 100 -44.70 27.25 -29.23
C ARG J 100 -43.22 27.51 -29.43
N LEU J 101 -42.39 26.51 -29.17
CA LEU J 101 -40.94 26.68 -29.32
C LEU J 101 -40.57 26.99 -30.77
N ARG J 102 -41.17 26.26 -31.72
CA ARG J 102 -40.85 26.51 -33.13
C ARG J 102 -41.26 27.91 -33.54
N ARG J 103 -42.48 28.33 -33.18
CA ARG J 103 -42.91 29.68 -33.53
C ARG J 103 -41.97 30.72 -32.92
N GLY J 104 -41.60 30.53 -31.66
CA GLY J 104 -40.76 31.50 -30.99
C GLY J 104 -39.37 31.60 -31.60
N ILE J 105 -38.75 30.46 -31.92
CA ILE J 105 -37.41 30.52 -32.49
C ILE J 105 -37.45 31.21 -33.85
N GLU J 106 -38.46 30.91 -34.66
CA GLU J 106 -38.57 31.59 -35.95
C GLU J 106 -38.66 33.10 -35.75
N VAL J 107 -39.59 33.55 -34.90
CA VAL J 107 -39.82 34.98 -34.75
C VAL J 107 -38.57 35.67 -34.20
N MET J 108 -37.94 35.08 -33.18
CA MET J 108 -36.83 35.74 -32.52
C MET J 108 -35.54 35.68 -33.35
N ARG J 109 -35.38 34.67 -34.21
CA ARG J 109 -34.24 34.70 -35.12
C ARG J 109 -34.45 35.70 -36.23
N ALA J 110 -35.69 35.94 -36.62
CA ALA J 110 -35.90 36.96 -37.66
C ALA J 110 -35.65 38.39 -37.15
N LYS J 111 -35.13 38.63 -35.94
CA LYS J 111 -35.06 39.97 -35.37
C LYS J 111 -33.71 40.17 -34.66
N HIS J 112 -32.68 39.47 -35.13
CA HIS J 112 -31.29 39.67 -34.70
C HIS J 112 -31.10 39.39 -33.21
N ASP J 113 -31.31 38.13 -32.84
CA ASP J 113 -31.01 37.66 -31.49
C ASP J 113 -30.74 36.16 -31.58
N ILE J 114 -29.51 35.77 -31.26
CA ILE J 114 -29.03 34.42 -31.58
C ILE J 114 -28.98 33.53 -30.35
N THR J 115 -28.48 34.03 -29.22
CA THR J 115 -28.30 33.18 -28.05
C THR J 115 -29.63 32.62 -27.56
N SER J 116 -30.67 33.46 -27.53
CA SER J 116 -31.99 32.98 -27.15
C SER J 116 -32.49 31.91 -28.11
N ALA J 117 -32.21 32.08 -29.40
CA ALA J 117 -32.56 31.05 -30.37
C ALA J 117 -31.85 29.74 -30.06
N ASN J 118 -30.59 29.82 -29.63
CA ASN J 118 -29.83 28.60 -29.35
C ASN J 118 -30.38 27.86 -28.13
N VAL J 119 -30.71 28.60 -27.07
CA VAL J 119 -31.28 27.90 -25.92
C VAL J 119 -32.65 27.32 -26.28
N PHE J 120 -33.42 28.02 -27.11
CA PHE J 120 -34.68 27.47 -27.58
C PHE J 120 -34.45 26.17 -28.37
N GLU J 121 -33.41 26.14 -29.20
CA GLU J 121 -33.10 24.93 -29.96
C GLU J 121 -32.79 23.76 -29.05
N ALA J 122 -31.96 23.99 -28.02
CA ALA J 122 -31.63 22.91 -27.10
C ALA J 122 -32.87 22.38 -26.39
N ILE J 123 -33.72 23.29 -25.92
CA ILE J 123 -34.94 22.88 -25.24
C ILE J 123 -35.82 22.08 -26.20
N LEU J 124 -35.92 22.53 -27.44
CA LEU J 124 -36.75 21.84 -28.43
C LEU J 124 -36.26 20.42 -28.65
N ALA J 125 -34.95 20.23 -28.78
CA ALA J 125 -34.41 18.89 -28.96
C ALA J 125 -34.76 17.99 -27.78
N ASP J 126 -34.61 18.51 -26.55
CA ASP J 126 -34.90 17.69 -25.38
C ASP J 126 -36.37 17.28 -25.34
N GLU J 127 -37.28 18.24 -25.56
CA GLU J 127 -38.70 17.89 -25.51
C GLU J 127 -39.08 16.94 -26.63
N GLU J 128 -38.44 17.05 -27.80
CA GLU J 128 -38.70 16.10 -28.87
C GLU J 128 -38.30 14.69 -28.47
N HIS J 129 -37.14 14.53 -27.85
CA HIS J 129 -36.75 13.21 -27.37
C HIS J 129 -37.78 12.67 -26.37
N HIS J 130 -38.23 13.52 -25.46
CA HIS J 130 -39.19 13.05 -24.46
C HIS J 130 -40.50 12.59 -25.10
N ILE J 131 -41.02 13.35 -26.06
CA ILE J 131 -42.30 12.96 -26.65
C ILE J 131 -42.13 11.69 -27.46
N ASP J 132 -40.95 11.49 -28.09
CA ASP J 132 -40.71 10.22 -28.76
C ASP J 132 -40.78 9.05 -27.78
N TYR J 133 -40.15 9.21 -26.60
CA TYR J 133 -40.21 8.14 -25.61
C TYR J 133 -41.66 7.87 -25.19
N LEU J 134 -42.43 8.94 -24.97
CA LEU J 134 -43.82 8.74 -24.56
C LEU J 134 -44.60 7.98 -25.63
N GLU J 135 -44.39 8.33 -26.89
CA GLU J 135 -45.13 7.69 -27.98
C GLU J 135 -44.80 6.21 -28.05
N THR J 136 -43.51 5.86 -27.97
CA THR J 136 -43.16 4.44 -28.07
C THR J 136 -43.67 3.66 -26.87
N GLN J 137 -43.64 4.26 -25.67
CA GLN J 137 -44.19 3.57 -24.51
C GLN J 137 -45.69 3.35 -24.65
N LEU J 138 -46.41 4.35 -25.18
CA LEU J 138 -47.84 4.21 -25.37
C LEU J 138 -48.15 3.10 -26.37
N ASP J 139 -47.39 3.03 -27.46
CA ASP J 139 -47.58 1.94 -28.41
C ASP J 139 -47.32 0.59 -27.76
N LEU J 140 -46.28 0.51 -26.93
CA LEU J 140 -45.94 -0.75 -26.27
C LEU J 140 -47.07 -1.20 -25.36
N ILE J 141 -47.60 -0.30 -24.54
CA ILE J 141 -48.66 -0.70 -23.62
C ILE J 141 -49.94 -1.05 -24.37
N GLU J 142 -50.23 -0.33 -25.45
CA GLU J 142 -51.41 -0.65 -26.24
C GLU J 142 -51.29 -2.05 -26.84
N LYS J 143 -50.10 -2.43 -27.31
CA LYS J 143 -49.93 -3.74 -27.91
C LYS J 143 -49.96 -4.84 -26.86
N LEU J 144 -49.25 -4.65 -25.75
CA LEU J 144 -49.03 -5.73 -24.79
C LEU J 144 -50.28 -6.03 -23.97
N GLY J 145 -50.98 -4.99 -23.51
CA GLY J 145 -52.07 -5.15 -22.57
C GLY J 145 -51.68 -4.46 -21.26
N GLU J 146 -52.67 -3.86 -20.60
CA GLU J 146 -52.38 -3.02 -19.45
C GLU J 146 -51.81 -3.83 -18.28
N SER J 147 -52.49 -4.92 -17.91
CA SER J 147 -52.04 -5.71 -16.77
C SER J 147 -50.69 -6.37 -17.05
N LEU J 148 -50.51 -6.92 -18.25
CA LEU J 148 -49.23 -7.54 -18.59
C LEU J 148 -48.12 -6.52 -18.60
N TYR J 149 -48.39 -5.32 -19.10
CA TYR J 149 -47.38 -4.26 -19.06
C TYR J 149 -47.03 -3.88 -17.63
N LEU J 150 -48.04 -3.75 -16.77
CA LEU J 150 -47.78 -3.37 -15.38
C LEU J 150 -47.02 -4.45 -14.63
N SER J 151 -47.20 -5.72 -15.01
CA SER J 151 -46.53 -6.80 -14.30
C SER J 151 -45.01 -6.70 -14.42
N THR J 152 -44.49 -6.04 -15.44
CA THR J 152 -43.05 -5.94 -15.65
C THR J 152 -42.44 -4.71 -15.01
N VAL J 153 -43.24 -3.84 -14.39
CA VAL J 153 -42.72 -2.62 -13.78
C VAL J 153 -42.82 -2.63 -12.26
N ILE J 154 -43.59 -3.53 -11.68
CA ILE J 154 -43.70 -3.59 -10.22
C ILE J 154 -42.51 -4.37 -9.66
N GLU J 155 -42.22 -4.12 -8.39
CA GLU J 155 -41.20 -4.87 -7.67
C GLU J 155 -41.48 -4.76 -6.19
N GLN J 156 -41.09 -5.80 -5.45
CA GLN J 156 -41.39 -5.91 -4.03
C GLN J 156 -40.08 -6.00 -3.27
N THR J 157 -39.75 -4.96 -2.52
CA THR J 157 -38.52 -4.92 -1.76
C THR J 157 -38.63 -3.84 -0.69
N GLN J 158 -37.73 -3.91 0.29
CA GLN J 158 -37.68 -2.95 1.39
C GLN J 158 -37.28 -1.57 0.87
N PRO J 159 -37.23 -0.55 1.73
CA PRO J 159 -36.78 0.78 1.28
C PRO J 159 -35.44 0.72 0.56
N ASP J 160 -35.42 1.20 -0.68
CA ASP J 160 -34.25 1.00 -1.54
C ASP J 160 -33.05 1.77 -1.02
N PRO J 161 -31.93 1.10 -0.75
CA PRO J 161 -30.71 1.80 -0.31
C PRO J 161 -30.01 2.47 -1.48
N SER J 162 -30.06 3.80 -1.53
CA SER J 162 -29.43 4.55 -2.60
C SER J 162 -28.05 5.04 -2.18
N MET K 1 -58.12 3.33 5.41
CA MET K 1 -58.14 4.50 6.28
C MET K 1 -58.66 5.73 5.55
N GLN K 2 -59.49 6.50 6.23
CA GLN K 2 -60.06 7.73 5.69
C GLN K 2 -59.88 8.85 6.71
N GLY K 3 -59.30 9.96 6.26
CA GLY K 3 -59.13 11.10 7.15
C GLY K 3 -60.31 12.04 7.11
N ASP K 4 -60.39 12.89 8.13
CA ASP K 4 -61.43 13.90 8.16
C ASP K 4 -61.16 14.96 7.09
N PRO K 5 -62.21 15.57 6.54
CA PRO K 5 -62.01 16.64 5.55
C PRO K 5 -61.23 17.83 6.11
N GLU K 6 -61.38 18.14 7.39
CA GLU K 6 -60.71 19.31 7.94
C GLU K 6 -59.20 19.15 7.93
N VAL K 7 -58.70 17.98 8.31
CA VAL K 7 -57.26 17.78 8.30
C VAL K 7 -56.73 17.79 6.86
N ILE K 8 -57.52 17.29 5.91
CA ILE K 8 -57.14 17.38 4.50
C ILE K 8 -57.03 18.82 4.07
N GLU K 9 -57.99 19.65 4.48
CA GLU K 9 -57.94 21.07 4.13
C GLU K 9 -56.71 21.74 4.73
N PHE K 10 -56.40 21.43 5.99
CA PHE K 10 -55.22 22.02 6.63
C PHE K 10 -53.95 21.62 5.89
N LEU K 11 -53.82 20.34 5.55
CA LEU K 11 -52.63 19.88 4.83
C LEU K 11 -52.53 20.54 3.46
N ASN K 12 -53.66 20.68 2.77
CA ASN K 12 -53.64 21.32 1.45
C ASN K 12 -53.25 22.79 1.56
N GLU K 13 -53.75 23.48 2.58
CA GLU K 13 -53.36 24.88 2.76
C GLU K 13 -51.87 25.01 3.02
N GLN K 14 -51.31 24.14 3.87
CA GLN K 14 -49.88 24.19 4.13
C GLN K 14 -49.09 23.91 2.85
N LEU K 15 -49.53 22.93 2.07
CA LEU K 15 -48.84 22.60 0.82
C LEU K 15 -48.82 23.79 -0.12
N THR K 16 -49.98 24.43 -0.32
CA THR K 16 -50.04 25.59 -1.19
C THR K 16 -49.14 26.71 -0.68
N ALA K 17 -49.18 26.95 0.63
CA ALA K 17 -48.40 28.04 1.21
C ALA K 17 -46.92 27.85 0.97
N GLU K 18 -46.41 26.64 1.18
CA GLU K 18 -44.96 26.54 1.07
C GLU K 18 -44.52 26.24 -0.37
N LEU K 19 -45.45 25.89 -1.26
CA LEU K 19 -45.14 25.99 -2.68
C LEU K 19 -44.92 27.45 -3.09
N THR K 20 -45.80 28.34 -2.61
CA THR K 20 -45.59 29.77 -2.83
C THR K 20 -44.26 30.22 -2.24
N ALA K 21 -43.94 29.72 -1.03
CA ALA K 21 -42.66 30.05 -0.43
C ALA K 21 -41.50 29.60 -1.31
N ILE K 22 -41.62 28.43 -1.93
CA ILE K 22 -40.56 27.94 -2.80
C ILE K 22 -40.35 28.88 -3.96
N ASN K 23 -41.42 29.24 -4.65
CA ASN K 23 -41.27 30.14 -5.80
C ASN K 23 -40.61 31.44 -5.38
N GLN K 24 -41.07 32.02 -4.26
CA GLN K 24 -40.50 33.29 -3.81
C GLN K 24 -39.02 33.15 -3.48
N TYR K 25 -38.65 32.11 -2.73
CA TYR K 25 -37.26 31.95 -2.32
C TYR K 25 -36.34 31.74 -3.51
N PHE K 26 -36.76 30.91 -4.46
CA PHE K 26 -35.90 30.69 -5.62
C PHE K 26 -35.73 31.96 -6.45
N LEU K 27 -36.81 32.71 -6.64
CA LEU K 27 -36.69 33.96 -7.39
C LEU K 27 -35.75 34.93 -6.69
N HIS K 28 -35.87 35.04 -5.36
CA HIS K 28 -34.98 35.94 -4.62
C HIS K 28 -33.53 35.50 -4.73
N ALA K 29 -33.28 34.20 -4.64
CA ALA K 29 -31.92 33.71 -4.77
C ALA K 29 -31.34 34.06 -6.14
N LYS K 30 -32.13 33.88 -7.19
CA LYS K 30 -31.64 34.21 -8.53
C LYS K 30 -31.34 35.69 -8.66
N LEU K 31 -32.23 36.54 -8.14
CA LEU K 31 -32.01 37.98 -8.21
C LEU K 31 -30.74 38.39 -7.47
N GLN K 32 -30.56 37.87 -6.25
CA GLN K 32 -29.38 38.22 -5.47
C GLN K 32 -28.10 37.74 -6.14
N ASP K 33 -28.13 36.54 -6.72
CA ASP K 33 -26.96 36.07 -7.44
C ASP K 33 -26.65 36.95 -8.64
N HIS K 34 -27.69 37.39 -9.36
CA HIS K 34 -27.47 38.27 -10.51
C HIS K 34 -26.85 39.58 -10.09
N LYS K 35 -27.31 40.14 -8.97
CA LYS K 35 -26.80 41.45 -8.54
C LYS K 35 -25.37 41.38 -8.03
N GLY K 36 -24.87 40.21 -7.65
CA GLY K 36 -23.50 40.05 -7.22
C GLY K 36 -23.28 39.69 -5.76
N TRP K 37 -24.34 39.40 -5.00
CA TRP K 37 -24.24 39.07 -3.58
C TRP K 37 -24.26 37.55 -3.46
N THR K 38 -23.08 36.94 -3.48
CA THR K 38 -22.99 35.49 -3.66
C THR K 38 -23.47 34.72 -2.43
N LYS K 39 -22.99 35.10 -1.25
CA LYS K 39 -23.29 34.32 -0.05
C LYS K 39 -24.78 34.32 0.27
N LEU K 40 -25.43 35.47 0.09
CA LEU K 40 -26.88 35.53 0.26
C LEU K 40 -27.57 34.59 -0.71
N ALA K 41 -27.06 34.51 -1.94
CA ALA K 41 -27.65 33.60 -2.93
C ALA K 41 -27.53 32.16 -2.48
N LYS K 42 -26.36 31.77 -1.97
CA LYS K 42 -26.19 30.40 -1.51
C LYS K 42 -27.12 30.07 -0.35
N TYR K 43 -27.23 30.98 0.61
CA TYR K 43 -28.12 30.74 1.75
C TYR K 43 -29.57 30.62 1.30
N THR K 44 -30.00 31.49 0.38
CA THR K 44 -31.38 31.43 -0.09
C THR K 44 -31.65 30.15 -0.86
N ARG K 45 -30.69 29.68 -1.65
CA ARG K 45 -30.87 28.42 -2.35
C ARG K 45 -31.04 27.27 -1.36
N ALA K 46 -30.22 27.25 -0.31
CA ALA K 46 -30.36 26.20 0.70
C ALA K 46 -31.73 26.26 1.37
N GLU K 47 -32.21 27.47 1.66
CA GLU K 47 -33.52 27.61 2.28
C GLU K 47 -34.62 27.08 1.37
N SER K 48 -34.55 27.37 0.07
CA SER K 48 -35.55 26.85 -0.84
C SER K 48 -35.51 25.32 -0.88
N PHE K 49 -34.32 24.73 -0.90
CA PHE K 49 -34.24 23.28 -0.92
C PHE K 49 -34.90 22.68 0.31
N ASP K 50 -34.64 23.27 1.48
CA ASP K 50 -35.29 22.79 2.70
C ASP K 50 -36.80 22.93 2.60
N GLU K 51 -37.28 24.05 2.06
CA GLU K 51 -38.72 24.27 1.99
C GLU K 51 -39.39 23.22 1.11
N MET K 52 -38.81 22.88 -0.03
CA MET K 52 -39.65 21.95 -0.79
C MET K 52 -39.33 20.50 -0.43
N ARG K 53 -38.30 20.25 0.40
CA ARG K 53 -38.29 19.01 1.17
C ARG K 53 -39.53 18.92 2.07
N HIS K 54 -39.84 20.02 2.76
CA HIS K 54 -41.07 20.06 3.56
C HIS K 54 -42.28 19.76 2.69
N ALA K 55 -42.31 20.35 1.50
CA ALA K 55 -43.45 20.14 0.61
C ALA K 55 -43.59 18.68 0.21
N GLU K 56 -42.47 18.01 -0.07
CA GLU K 56 -42.53 16.58 -0.40
C GLU K 56 -43.07 15.77 0.76
N VAL K 57 -42.62 16.07 1.99
CA VAL K 57 -43.15 15.34 3.14
C VAL K 57 -44.66 15.54 3.26
N LEU K 58 -45.13 16.77 3.07
CA LEU K 58 -46.55 17.07 3.19
C LEU K 58 -47.37 16.30 2.15
N THR K 59 -46.93 16.32 0.89
CA THR K 59 -47.72 15.65 -0.14
C THR K 59 -47.71 14.14 0.07
N ASP K 60 -46.58 13.59 0.54
CA ASP K 60 -46.56 12.17 0.86
C ASP K 60 -47.58 11.83 1.94
N ARG K 61 -47.65 12.65 2.98
CA ARG K 61 -48.59 12.39 4.06
C ARG K 61 -50.04 12.45 3.57
N ILE K 62 -50.38 13.49 2.83
CA ILE K 62 -51.78 13.63 2.41
C ILE K 62 -52.16 12.53 1.44
N LEU K 63 -51.22 12.10 0.59
CA LEU K 63 -51.48 10.97 -0.30
C LEU K 63 -51.70 9.70 0.50
N LEU K 64 -50.94 9.50 1.58
CA LEU K 64 -51.16 8.35 2.44
C LEU K 64 -52.54 8.39 3.07
N LEU K 65 -53.00 9.58 3.45
CA LEU K 65 -54.32 9.70 4.08
C LEU K 65 -55.47 9.54 3.09
N ASP K 66 -55.23 9.11 1.86
CA ASP K 66 -56.27 8.90 0.85
C ASP K 66 -56.99 10.21 0.52
N GLY K 67 -56.21 11.16 0.00
CA GLY K 67 -56.75 12.44 -0.42
C GLY K 67 -56.17 12.87 -1.75
N LEU K 68 -56.62 14.02 -2.22
CA LEU K 68 -56.14 14.58 -3.49
C LEU K 68 -55.27 15.79 -3.23
N PRO K 69 -53.95 15.71 -3.42
CA PRO K 69 -53.11 16.89 -3.23
C PRO K 69 -53.48 17.98 -4.23
N ASN K 70 -53.37 19.23 -3.78
CA ASN K 70 -53.70 20.38 -4.61
C ASN K 70 -52.41 21.01 -5.14
N TYR K 71 -52.27 21.02 -6.46
CA TYR K 71 -51.13 21.62 -7.11
C TYR K 71 -51.49 22.76 -8.05
N GLN K 72 -52.79 22.99 -8.29
CA GLN K 72 -53.19 23.99 -9.27
C GLN K 72 -53.01 25.41 -8.76
N ARG K 73 -53.40 25.66 -7.51
CA ARG K 73 -53.46 27.03 -6.99
C ARG K 73 -52.26 27.34 -6.11
N LEU K 74 -51.97 28.63 -6.00
CA LEU K 74 -50.89 29.13 -5.15
C LEU K 74 -51.22 30.55 -4.74
N PHE K 75 -50.64 30.97 -3.61
CA PHE K 75 -50.95 32.28 -3.03
C PHE K 75 -50.18 33.37 -3.77
N HIS K 76 -50.29 34.60 -3.25
CA HIS K 76 -49.62 35.74 -3.86
C HIS K 76 -48.12 35.69 -3.60
N VAL K 77 -47.33 36.05 -4.60
CA VAL K 77 -45.88 36.07 -4.52
C VAL K 77 -45.41 37.52 -4.64
N ARG K 78 -44.59 37.94 -3.70
CA ARG K 78 -44.09 39.31 -3.66
C ARG K 78 -42.57 39.32 -3.78
N VAL K 79 -42.05 40.39 -4.40
CA VAL K 79 -40.62 40.54 -4.64
C VAL K 79 -40.20 41.93 -4.20
N GLY K 80 -38.89 42.08 -3.99
CA GLY K 80 -38.35 43.35 -3.55
C GLY K 80 -37.06 43.69 -4.28
N GLN K 81 -36.69 44.96 -4.20
CA GLN K 81 -35.48 45.45 -4.86
C GLN K 81 -34.28 45.45 -3.92
N SER K 82 -34.40 46.06 -2.75
CA SER K 82 -33.32 46.08 -1.78
C SER K 82 -33.40 44.84 -0.88
N VAL K 83 -32.36 44.64 -0.08
CA VAL K 83 -32.31 43.48 0.80
C VAL K 83 -33.40 43.56 1.85
N THR K 84 -33.71 44.77 2.31
CA THR K 84 -34.70 44.94 3.37
C THR K 84 -36.07 44.43 2.93
N GLU K 85 -36.47 44.73 1.69
CA GLU K 85 -37.77 44.27 1.21
C GLU K 85 -37.85 42.76 1.17
N MET K 86 -36.79 42.10 0.68
CA MET K 86 -36.79 40.65 0.63
C MET K 86 -36.89 40.05 2.02
N PHE K 87 -36.10 40.58 2.96
CA PHE K 87 -36.14 40.06 4.31
C PHE K 87 -37.52 40.24 4.94
N GLN K 88 -38.13 41.41 4.74
CA GLN K 88 -39.45 41.64 5.31
C GLN K 88 -40.50 40.72 4.69
N ALA K 89 -40.44 40.50 3.37
CA ALA K 89 -41.41 39.62 2.72
C ALA K 89 -41.30 38.20 3.26
N ASP K 90 -40.07 37.69 3.38
CA ASP K 90 -39.89 36.36 3.93
C ASP K 90 -40.38 36.29 5.37
N ARG K 91 -40.12 37.33 6.15
CA ARG K 91 -40.59 37.38 7.52
C ARG K 91 -42.11 37.22 7.58
N GLU K 92 -42.83 38.00 6.76
CA GLU K 92 -44.29 37.94 6.81
C GLU K 92 -44.81 36.57 6.38
N VAL K 93 -44.26 35.99 5.31
CA VAL K 93 -44.80 34.74 4.83
C VAL K 93 -44.59 33.64 5.87
N GLU K 94 -43.40 33.56 6.47
CA GLU K 94 -43.19 32.51 7.46
C GLU K 94 -43.95 32.79 8.74
N LEU K 95 -44.25 34.05 9.03
CA LEU K 95 -45.09 34.38 10.18
C LEU K 95 -46.49 33.81 10.03
N GLU K 96 -47.14 34.09 8.90
CA GLU K 96 -48.48 33.56 8.72
C GLU K 96 -48.47 32.04 8.65
N ALA K 97 -47.39 31.46 8.09
CA ALA K 97 -47.26 30.01 8.12
C ALA K 97 -47.23 29.49 9.55
N ILE K 98 -46.49 30.17 10.44
CA ILE K 98 -46.40 29.73 11.83
C ILE K 98 -47.77 29.77 12.49
N ASP K 99 -48.53 30.85 12.28
CA ASP K 99 -49.84 30.95 12.90
C ASP K 99 -50.77 29.83 12.44
N ARG K 100 -50.80 29.60 11.12
CA ARG K 100 -51.64 28.52 10.60
C ARG K 100 -51.20 27.16 11.14
N LEU K 101 -49.90 26.95 11.27
CA LEU K 101 -49.41 25.68 11.81
C LEU K 101 -49.89 25.47 13.23
N ARG K 102 -49.85 26.51 14.07
CA ARG K 102 -50.31 26.36 15.44
C ARG K 102 -51.79 25.99 15.49
N ARG K 103 -52.61 26.71 14.72
CA ARG K 103 -54.04 26.43 14.74
C ARG K 103 -54.32 25.01 14.26
N GLY K 104 -53.68 24.59 13.18
CA GLY K 104 -53.90 23.26 12.66
C GLY K 104 -53.44 22.18 13.62
N ILE K 105 -52.32 22.43 14.32
CA ILE K 105 -51.83 21.46 15.29
C ILE K 105 -52.87 21.25 16.37
N GLU K 106 -53.43 22.35 16.89
CA GLU K 106 -54.45 22.22 17.94
C GLU K 106 -55.65 21.43 17.44
N VAL K 107 -56.18 21.79 16.27
CA VAL K 107 -57.39 21.12 15.79
C VAL K 107 -57.13 19.64 15.53
N MET K 108 -56.02 19.33 14.88
CA MET K 108 -55.71 17.95 14.52
C MET K 108 -55.46 17.09 15.77
N ARG K 109 -54.81 17.67 16.77
CA ARG K 109 -54.65 16.94 18.04
C ARG K 109 -56.00 16.67 18.68
N ALA K 110 -56.92 17.64 18.62
CA ALA K 110 -58.25 17.42 19.17
C ALA K 110 -59.03 16.37 18.39
N LYS K 111 -58.73 16.20 17.10
CA LYS K 111 -59.49 15.30 16.24
C LYS K 111 -58.92 13.88 16.19
N HIS K 112 -58.16 13.48 17.21
CA HIS K 112 -57.65 12.11 17.34
C HIS K 112 -56.75 11.70 16.16
N ASP K 113 -55.90 12.62 15.72
CA ASP K 113 -54.85 12.31 14.76
C ASP K 113 -53.52 12.77 15.32
N ILE K 114 -52.49 11.93 15.16
CA ILE K 114 -51.23 12.11 15.85
C ILE K 114 -50.07 12.34 14.89
N THR K 115 -49.93 11.47 13.89
CA THR K 115 -48.76 11.53 13.02
C THR K 115 -48.69 12.85 12.26
N SER K 116 -49.83 13.29 11.72
CA SER K 116 -49.88 14.58 11.04
C SER K 116 -49.54 15.71 12.01
N ALA K 117 -49.97 15.60 13.26
CA ALA K 117 -49.59 16.60 14.26
C ALA K 117 -48.08 16.63 14.42
N ASN K 118 -47.42 15.47 14.40
CA ASN K 118 -45.98 15.42 14.55
C ASN K 118 -45.27 16.09 13.37
N VAL K 119 -45.73 15.82 12.15
CA VAL K 119 -45.07 16.46 11.01
C VAL K 119 -45.29 17.97 11.05
N PHE K 120 -46.47 18.40 11.50
CA PHE K 120 -46.73 19.82 11.67
C PHE K 120 -45.79 20.43 12.70
N GLU K 121 -45.53 19.71 13.80
CA GLU K 121 -44.62 20.20 14.82
C GLU K 121 -43.21 20.38 14.27
N ALA K 122 -42.73 19.40 13.50
CA ALA K 122 -41.40 19.52 12.91
C ALA K 122 -41.31 20.72 11.98
N ILE K 123 -42.32 20.89 11.12
CA ILE K 123 -42.33 22.04 10.21
C ILE K 123 -42.34 23.34 11.00
N LEU K 124 -43.12 23.39 12.09
CA LEU K 124 -43.18 24.60 12.90
C LEU K 124 -41.83 24.94 13.49
N ALA K 125 -41.11 23.94 14.00
CA ALA K 125 -39.78 24.19 14.55
C ALA K 125 -38.85 24.77 13.49
N ASP K 126 -38.86 24.19 12.30
CA ASP K 126 -37.98 24.70 11.24
C ASP K 126 -38.33 26.13 10.86
N GLU K 127 -39.62 26.44 10.73
CA GLU K 127 -40.00 27.80 10.38
C GLU K 127 -39.60 28.79 11.47
N GLU K 128 -39.71 28.38 12.73
CA GLU K 128 -39.28 29.25 13.82
C GLU K 128 -37.79 29.57 13.73
N HIS K 129 -36.98 28.55 13.45
CA HIS K 129 -35.55 28.80 13.28
C HIS K 129 -35.31 29.79 12.13
N HIS K 130 -36.02 29.61 11.02
CA HIS K 130 -35.80 30.50 9.87
C HIS K 130 -36.17 31.94 10.21
N ILE K 131 -37.29 32.16 10.88
CA ILE K 131 -37.70 33.53 11.17
C ILE K 131 -36.74 34.17 12.17
N ASP K 132 -36.20 33.36 13.09
CA ASP K 132 -35.16 33.88 13.98
C ASP K 132 -33.97 34.39 13.19
N TYR K 133 -33.50 33.61 12.22
CA TYR K 133 -32.38 34.05 11.40
C TYR K 133 -32.71 35.34 10.66
N LEU K 134 -33.92 35.42 10.10
CA LEU K 134 -34.31 36.62 9.35
C LEU K 134 -34.31 37.86 10.24
N GLU K 135 -34.85 37.74 11.45
CA GLU K 135 -34.88 38.89 12.36
C GLU K 135 -33.48 39.32 12.73
N THR K 136 -32.59 38.35 12.99
CA THR K 136 -31.21 38.69 13.30
C THR K 136 -30.55 39.45 12.15
N GLN K 137 -30.74 38.98 10.92
CA GLN K 137 -30.14 39.67 9.78
C GLN K 137 -30.72 41.07 9.62
N LEU K 138 -32.03 41.22 9.84
CA LEU K 138 -32.65 42.52 9.68
C LEU K 138 -32.11 43.53 10.68
N ASP K 139 -32.01 43.15 11.95
CA ASP K 139 -31.51 44.12 12.92
C ASP K 139 -30.01 44.37 12.73
N LEU K 140 -29.27 43.38 12.25
CA LEU K 140 -27.86 43.59 11.91
C LEU K 140 -27.72 44.62 10.79
N ILE K 141 -28.54 44.51 9.75
CA ILE K 141 -28.51 45.48 8.67
C ILE K 141 -28.87 46.87 9.19
N GLU K 142 -29.89 46.95 10.04
CA GLU K 142 -30.30 48.25 10.56
C GLU K 142 -29.18 48.89 11.38
N LYS K 143 -28.49 48.11 12.21
CA LYS K 143 -27.46 48.68 13.07
C LYS K 143 -26.21 49.03 12.28
N LEU K 144 -25.78 48.17 11.37
CA LEU K 144 -24.48 48.33 10.72
C LEU K 144 -24.52 49.39 9.62
N GLY K 145 -25.37 49.19 8.63
CA GLY K 145 -25.47 50.09 7.49
C GLY K 145 -25.61 49.26 6.24
N GLU K 146 -26.37 49.78 5.27
CA GLU K 146 -26.62 49.04 4.04
C GLU K 146 -25.34 48.81 3.26
N SER K 147 -24.51 49.85 3.11
CA SER K 147 -23.30 49.74 2.31
C SER K 147 -22.30 48.78 2.95
N LEU K 148 -22.09 48.87 4.25
CA LEU K 148 -21.16 47.96 4.91
C LEU K 148 -21.65 46.52 4.84
N TYR K 149 -22.94 46.31 5.04
CA TYR K 149 -23.49 44.95 4.97
C TYR K 149 -23.35 44.39 3.56
N LEU K 150 -23.54 45.22 2.53
CA LEU K 150 -23.34 44.73 1.18
C LEU K 150 -21.87 44.48 0.88
N SER K 151 -20.98 45.28 1.46
CA SER K 151 -19.56 45.10 1.21
C SER K 151 -19.03 43.82 1.84
N THR K 152 -19.56 43.45 3.01
CA THR K 152 -19.03 42.25 3.64
C THR K 152 -19.52 40.96 3.00
N VAL K 153 -20.41 41.02 2.02
CA VAL K 153 -20.93 39.83 1.36
C VAL K 153 -20.46 39.69 -0.08
N ILE K 154 -19.84 40.73 -0.65
CA ILE K 154 -19.35 40.68 -2.02
C ILE K 154 -18.17 39.71 -2.10
N GLU K 155 -18.17 38.87 -3.13
CA GLU K 155 -17.10 37.90 -3.35
C GLU K 155 -16.24 38.22 -4.55
N GLN K 156 -16.84 38.39 -5.73
CA GLN K 156 -16.13 38.78 -6.95
C GLN K 156 -15.04 37.77 -7.30
N THR K 157 -15.46 36.55 -7.61
CA THR K 157 -14.53 35.50 -8.01
C THR K 157 -14.82 35.04 -9.44
N MET L 1 -40.96 6.38 39.52
CA MET L 1 -41.46 5.84 40.79
C MET L 1 -42.40 4.66 40.53
N GLN L 2 -43.68 4.96 40.35
CA GLN L 2 -44.69 3.94 40.13
C GLN L 2 -45.76 4.50 39.20
N GLY L 3 -46.46 3.59 38.54
CA GLY L 3 -47.52 3.96 37.61
C GLY L 3 -48.84 3.36 38.06
N ASP L 4 -49.93 4.07 37.74
CA ASP L 4 -51.25 3.56 38.07
C ASP L 4 -51.57 2.34 37.21
N PRO L 5 -52.46 1.46 37.67
CA PRO L 5 -52.69 0.20 36.96
C PRO L 5 -53.25 0.37 35.55
N GLU L 6 -53.88 1.51 35.24
CA GLU L 6 -54.46 1.68 33.91
C GLU L 6 -53.39 1.67 32.82
N VAL L 7 -52.33 2.45 33.01
CA VAL L 7 -51.24 2.48 32.04
C VAL L 7 -50.59 1.11 31.95
N ILE L 8 -50.43 0.44 33.08
CA ILE L 8 -49.82 -0.89 33.09
C ILE L 8 -50.63 -1.86 32.26
N GLU L 9 -51.96 -1.86 32.44
CA GLU L 9 -52.78 -2.81 31.68
C GLU L 9 -52.82 -2.45 30.20
N PHE L 10 -52.80 -1.16 29.87
CA PHE L 10 -52.71 -0.78 28.46
C PHE L 10 -51.43 -1.32 27.83
N LEU L 11 -50.30 -1.14 28.51
CA LEU L 11 -49.03 -1.62 27.99
C LEU L 11 -49.04 -3.14 27.88
N ASN L 12 -49.64 -3.83 28.86
CA ASN L 12 -49.70 -5.29 28.80
C ASN L 12 -50.53 -5.76 27.62
N GLU L 13 -51.67 -5.11 27.35
CA GLU L 13 -52.47 -5.48 26.20
C GLU L 13 -51.70 -5.27 24.91
N GLN L 14 -51.00 -4.15 24.79
CA GLN L 14 -50.22 -3.91 23.57
C GLN L 14 -49.11 -4.95 23.41
N LEU L 15 -48.47 -5.34 24.52
CA LEU L 15 -47.42 -6.35 24.46
C LEU L 15 -47.98 -7.69 23.99
N THR L 16 -49.14 -8.08 24.52
CA THR L 16 -49.76 -9.33 24.07
C THR L 16 -50.09 -9.26 22.59
N ALA L 17 -50.62 -8.13 22.13
CA ALA L 17 -50.97 -7.98 20.72
C ALA L 17 -49.75 -8.13 19.83
N GLU L 18 -48.64 -7.46 20.18
CA GLU L 18 -47.48 -7.55 19.30
C GLU L 18 -46.81 -8.92 19.38
N LEU L 19 -46.93 -9.62 20.51
CA LEU L 19 -46.44 -11.00 20.58
C LEU L 19 -47.22 -11.90 19.62
N THR L 20 -48.55 -11.80 19.65
CA THR L 20 -49.37 -12.55 18.70
C THR L 20 -48.99 -12.18 17.27
N ALA L 21 -48.70 -10.90 17.04
CA ALA L 21 -48.32 -10.46 15.70
C ALA L 21 -47.04 -11.13 15.24
N ILE L 22 -46.02 -11.20 16.09
CA ILE L 22 -44.76 -11.81 15.66
C ILE L 22 -44.96 -13.30 15.40
N ASN L 23 -45.76 -13.98 16.23
CA ASN L 23 -46.02 -15.39 15.97
C ASN L 23 -46.68 -15.59 14.62
N GLN L 24 -47.74 -14.83 14.34
CA GLN L 24 -48.46 -14.98 13.08
C GLN L 24 -47.56 -14.66 11.89
N TYR L 25 -46.78 -13.59 11.98
CA TYR L 25 -45.92 -13.20 10.87
C TYR L 25 -44.86 -14.24 10.58
N PHE L 26 -44.24 -14.80 11.62
CA PHE L 26 -43.23 -15.82 11.39
C PHE L 26 -43.85 -17.07 10.76
N LEU L 27 -45.03 -17.48 11.23
CA LEU L 27 -45.66 -18.65 10.63
C LEU L 27 -45.98 -18.40 9.16
N HIS L 28 -46.50 -17.22 8.83
CA HIS L 28 -46.81 -16.92 7.44
C HIS L 28 -45.57 -16.88 6.58
N ALA L 29 -44.47 -16.33 7.11
CA ALA L 29 -43.22 -16.31 6.36
C ALA L 29 -42.74 -17.73 6.06
N LYS L 30 -42.82 -18.62 7.05
CA LYS L 30 -42.40 -20.00 6.83
C LYS L 30 -43.28 -20.67 5.78
N LEU L 31 -44.60 -20.46 5.85
CA LEU L 31 -45.49 -21.07 4.86
C LEU L 31 -45.19 -20.57 3.46
N GLN L 32 -45.01 -19.25 3.31
CA GLN L 32 -44.76 -18.69 1.99
C GLN L 32 -43.42 -19.17 1.43
N ASP L 33 -42.40 -19.26 2.29
CA ASP L 33 -41.10 -19.77 1.82
C ASP L 33 -41.21 -21.22 1.38
N HIS L 34 -41.97 -22.03 2.13
CA HIS L 34 -42.15 -23.43 1.75
C HIS L 34 -42.88 -23.55 0.43
N LYS L 35 -43.89 -22.70 0.19
CA LYS L 35 -44.67 -22.79 -1.03
C LYS L 35 -43.85 -22.48 -2.28
N GLY L 36 -42.76 -21.73 -2.15
CA GLY L 36 -41.92 -21.38 -3.27
C GLY L 36 -41.83 -19.90 -3.60
N TRP L 37 -42.53 -19.03 -2.88
CA TRP L 37 -42.47 -17.59 -3.12
C TRP L 37 -41.45 -16.99 -2.17
N THR L 38 -40.42 -16.34 -2.73
CA THR L 38 -39.25 -15.95 -1.97
C THR L 38 -39.29 -14.52 -1.45
N LYS L 39 -39.59 -13.56 -2.33
CA LYS L 39 -39.58 -12.16 -1.91
C LYS L 39 -40.62 -11.90 -0.84
N LEU L 40 -41.80 -12.52 -0.95
CA LEU L 40 -42.79 -12.42 0.10
C LEU L 40 -42.24 -12.94 1.42
N ALA L 41 -41.50 -14.05 1.37
CA ALA L 41 -40.91 -14.60 2.59
C ALA L 41 -39.93 -13.63 3.22
N LYS L 42 -39.08 -13.00 2.42
CA LYS L 42 -38.11 -12.05 2.97
C LYS L 42 -38.82 -10.86 3.60
N TYR L 43 -39.83 -10.31 2.91
CA TYR L 43 -40.55 -9.16 3.47
C TYR L 43 -41.26 -9.53 4.77
N THR L 44 -41.88 -10.70 4.82
CA THR L 44 -42.58 -11.10 6.03
C THR L 44 -41.61 -11.32 7.18
N ARG L 45 -40.43 -11.88 6.91
CA ARG L 45 -39.43 -12.02 7.96
C ARG L 45 -39.01 -10.66 8.51
N ALA L 46 -38.79 -9.70 7.61
CA ALA L 46 -38.43 -8.36 8.08
C ALA L 46 -39.52 -7.76 8.96
N GLU L 47 -40.78 -7.92 8.55
CA GLU L 47 -41.89 -7.40 9.35
C GLU L 47 -41.95 -8.06 10.72
N SER L 48 -41.71 -9.37 10.77
CA SER L 48 -41.71 -10.07 12.04
C SER L 48 -40.63 -9.53 12.97
N PHE L 49 -39.44 -9.28 12.44
CA PHE L 49 -38.38 -8.71 13.27
C PHE L 49 -38.75 -7.31 13.76
N ASP L 50 -39.42 -6.53 12.92
CA ASP L 50 -39.84 -5.19 13.35
C ASP L 50 -40.82 -5.28 14.52
N GLU L 51 -41.81 -6.17 14.43
CA GLU L 51 -42.74 -6.32 15.55
C GLU L 51 -42.04 -6.86 16.78
N MET L 52 -40.97 -7.64 16.59
CA MET L 52 -40.18 -8.10 17.72
C MET L 52 -39.51 -6.94 18.44
N ARG L 53 -38.98 -5.98 17.68
CA ARG L 53 -38.44 -4.77 18.30
C ARG L 53 -39.53 -4.01 19.06
N HIS L 54 -40.73 -3.94 18.47
CA HIS L 54 -41.87 -3.36 19.19
C HIS L 54 -42.03 -4.00 20.56
N ALA L 55 -42.05 -5.34 20.59
CA ALA L 55 -42.27 -6.05 21.83
C ALA L 55 -41.16 -5.77 22.84
N GLU L 56 -39.91 -5.74 22.38
CA GLU L 56 -38.79 -5.53 23.29
C GLU L 56 -38.87 -4.15 23.93
N VAL L 57 -39.14 -3.11 23.14
CA VAL L 57 -39.21 -1.77 23.73
C VAL L 57 -40.40 -1.68 24.68
N LEU L 58 -41.50 -2.34 24.35
CA LEU L 58 -42.66 -2.32 25.24
C LEU L 58 -42.34 -2.95 26.59
N THR L 59 -41.69 -4.13 26.59
CA THR L 59 -41.42 -4.78 27.86
C THR L 59 -40.40 -4.00 28.67
N ASP L 60 -39.42 -3.38 28.00
CA ASP L 60 -38.50 -2.53 28.73
C ASP L 60 -39.23 -1.38 29.42
N ARG L 61 -40.14 -0.73 28.70
CA ARG L 61 -40.86 0.40 29.28
C ARG L 61 -41.70 -0.03 30.48
N ILE L 62 -42.42 -1.14 30.36
CA ILE L 62 -43.28 -1.55 31.46
C ILE L 62 -42.45 -1.98 32.66
N LEU L 63 -41.30 -2.63 32.41
CA LEU L 63 -40.43 -3.00 33.52
C LEU L 63 -39.87 -1.78 34.23
N LEU L 64 -39.66 -0.68 33.51
CA LEU L 64 -39.14 0.52 34.16
C LEU L 64 -40.12 1.05 35.20
N LEU L 65 -41.42 0.99 34.92
CA LEU L 65 -42.45 1.53 35.79
C LEU L 65 -42.79 0.61 36.96
N ASP L 66 -41.94 -0.37 37.26
CA ASP L 66 -42.19 -1.33 38.34
C ASP L 66 -43.49 -2.10 38.11
N GLY L 67 -43.53 -2.78 36.97
CA GLY L 67 -44.69 -3.58 36.62
C GLY L 67 -44.37 -5.06 36.49
N LEU L 68 -45.35 -5.85 36.06
CA LEU L 68 -45.18 -7.30 35.90
C LEU L 68 -45.63 -7.69 34.51
N PRO L 69 -44.73 -7.69 33.53
CA PRO L 69 -45.10 -8.15 32.19
C PRO L 69 -45.53 -9.61 32.22
N ASN L 70 -46.54 -9.94 31.42
CA ASN L 70 -47.05 -11.30 31.33
C ASN L 70 -46.74 -11.88 29.95
N TYR L 71 -46.13 -13.05 29.93
CA TYR L 71 -45.83 -13.76 28.70
C TYR L 71 -46.71 -15.00 28.53
N GLN L 72 -47.81 -15.07 29.26
CA GLN L 72 -48.72 -16.21 29.17
C GLN L 72 -49.88 -15.97 28.22
N ARG L 73 -50.52 -14.81 28.31
CA ARG L 73 -51.74 -14.55 27.55
C ARG L 73 -51.42 -14.37 26.07
N LEU L 74 -52.21 -15.02 25.22
CA LEU L 74 -52.11 -14.87 23.78
C LEU L 74 -53.51 -14.70 23.20
N PHE L 75 -53.59 -13.93 22.12
CA PHE L 75 -54.84 -13.76 21.40
C PHE L 75 -54.98 -14.87 20.36
N HIS L 76 -56.04 -14.78 19.55
CA HIS L 76 -56.26 -15.78 18.51
C HIS L 76 -55.38 -15.47 17.31
N VAL L 77 -54.62 -16.47 16.87
CA VAL L 77 -53.75 -16.35 15.69
C VAL L 77 -54.40 -17.15 14.56
N ARG L 78 -54.53 -16.50 13.41
CA ARG L 78 -55.21 -17.09 12.26
C ARG L 78 -54.25 -17.25 11.09
N VAL L 79 -54.52 -18.25 10.26
CA VAL L 79 -53.67 -18.57 9.10
C VAL L 79 -54.55 -18.64 7.86
N GLY L 80 -53.89 -18.52 6.71
CA GLY L 80 -54.59 -18.54 5.44
C GLY L 80 -53.95 -19.51 4.47
N GLN L 81 -54.70 -19.83 3.42
CA GLN L 81 -54.25 -20.76 2.40
C GLN L 81 -53.58 -20.04 1.22
N SER L 82 -54.30 -19.14 0.58
CA SER L 82 -53.74 -18.34 -0.49
C SER L 82 -53.30 -16.97 0.06
N VAL L 83 -52.70 -16.16 -0.80
CA VAL L 83 -52.11 -14.91 -0.37
C VAL L 83 -53.15 -13.94 0.17
N THR L 84 -54.35 -13.94 -0.42
CA THR L 84 -55.36 -12.96 -0.03
C THR L 84 -55.77 -13.13 1.43
N GLU L 85 -55.92 -14.38 1.89
CA GLU L 85 -56.31 -14.60 3.28
C GLU L 85 -55.24 -14.09 4.24
N MET L 86 -53.96 -14.35 3.95
CA MET L 86 -52.91 -13.86 4.82
C MET L 86 -52.88 -12.34 4.85
N PHE L 87 -53.03 -11.70 3.68
CA PHE L 87 -53.03 -10.24 3.65
C PHE L 87 -54.19 -9.68 4.46
N GLN L 88 -55.39 -10.27 4.32
CA GLN L 88 -56.54 -9.79 5.06
C GLN L 88 -56.35 -9.99 6.57
N ALA L 89 -55.79 -11.12 6.96
CA ALA L 89 -55.58 -11.39 8.39
C ALA L 89 -54.62 -10.36 8.99
N ASP L 90 -53.50 -10.11 8.31
CA ASP L 90 -52.55 -9.13 8.83
C ASP L 90 -53.19 -7.74 8.88
N ARG L 91 -53.97 -7.38 7.86
CA ARG L 91 -54.63 -6.09 7.85
C ARG L 91 -55.55 -5.93 9.05
N GLU L 92 -56.36 -6.95 9.34
CA GLU L 92 -57.27 -6.87 10.47
C GLU L 92 -56.51 -6.75 11.79
N VAL L 93 -55.44 -7.54 11.95
CA VAL L 93 -54.69 -7.52 13.20
C VAL L 93 -54.13 -6.12 13.46
N GLU L 94 -53.46 -5.55 12.46
CA GLU L 94 -52.85 -4.25 12.71
C GLU L 94 -53.88 -3.13 12.75
N LEU L 95 -55.07 -3.34 12.18
CA LEU L 95 -56.15 -2.36 12.36
C LEU L 95 -56.59 -2.29 13.80
N GLU L 96 -56.85 -3.45 14.41
CA GLU L 96 -57.22 -3.45 15.83
C GLU L 96 -56.11 -2.85 16.68
N ALA L 97 -54.85 -3.17 16.33
CA ALA L 97 -53.73 -2.57 17.05
C ALA L 97 -53.76 -1.05 16.96
N ILE L 98 -54.05 -0.51 15.78
CA ILE L 98 -54.09 0.95 15.61
C ILE L 98 -55.16 1.57 16.49
N ASP L 99 -56.36 0.98 16.50
CA ASP L 99 -57.44 1.56 17.30
C ASP L 99 -57.09 1.56 18.78
N ARG L 100 -56.57 0.43 19.27
CA ARG L 100 -56.19 0.36 20.68
C ARG L 100 -55.10 1.37 21.01
N LEU L 101 -54.12 1.54 20.10
CA LEU L 101 -53.06 2.49 20.33
C LEU L 101 -53.60 3.91 20.45
N ARG L 102 -54.54 4.29 19.59
CA ARG L 102 -55.10 5.64 19.67
C ARG L 102 -55.81 5.87 21.00
N ARG L 103 -56.66 4.92 21.41
CA ARG L 103 -57.37 5.08 22.66
C ARG L 103 -56.41 5.18 23.84
N GLY L 104 -55.40 4.32 23.87
CA GLY L 104 -54.44 4.35 24.94
C GLY L 104 -53.64 5.63 24.97
N ILE L 105 -53.28 6.16 23.80
CA ILE L 105 -52.54 7.40 23.74
C ILE L 105 -53.35 8.53 24.37
N GLU L 106 -54.64 8.59 24.02
CA GLU L 106 -55.49 9.64 24.58
C GLU L 106 -55.56 9.55 26.10
N VAL L 107 -55.87 8.35 26.62
CA VAL L 107 -56.02 8.21 28.07
C VAL L 107 -54.71 8.52 28.79
N MET L 108 -53.60 7.99 28.26
CA MET L 108 -52.30 8.15 28.90
C MET L 108 -51.86 9.60 28.91
N ARG L 109 -52.11 10.34 27.82
CA ARG L 109 -51.84 11.77 27.83
C ARG L 109 -52.69 12.48 28.87
N ALA L 110 -53.95 12.08 28.99
CA ALA L 110 -54.82 12.71 29.98
C ALA L 110 -54.39 12.43 31.41
N LYS L 111 -53.69 11.32 31.65
CA LYS L 111 -53.34 10.90 33.01
C LYS L 111 -51.91 11.28 33.39
N HIS L 112 -51.37 12.34 32.78
CA HIS L 112 -50.06 12.89 33.13
C HIS L 112 -48.94 11.86 32.98
N ASP L 113 -48.72 11.44 31.73
CA ASP L 113 -47.60 10.58 31.40
C ASP L 113 -47.23 10.84 29.95
N ILE L 114 -45.95 11.06 29.70
CA ILE L 114 -45.47 11.56 28.41
C ILE L 114 -44.64 10.53 27.66
N THR L 115 -43.65 9.93 28.34
CA THR L 115 -42.74 9.01 27.66
C THR L 115 -43.48 7.81 27.09
N SER L 116 -44.40 7.25 27.87
CA SER L 116 -45.20 6.14 27.39
C SER L 116 -46.04 6.56 26.19
N ALA L 117 -46.58 7.78 26.23
CA ALA L 117 -47.31 8.29 25.08
C ALA L 117 -46.42 8.38 23.85
N ASN L 118 -45.14 8.75 24.04
CA ASN L 118 -44.24 8.88 22.91
C ASN L 118 -43.94 7.52 22.28
N VAL L 119 -43.67 6.51 23.10
CA VAL L 119 -43.40 5.20 22.51
C VAL L 119 -44.65 4.66 21.83
N PHE L 120 -45.83 4.92 22.40
CA PHE L 120 -47.06 4.55 21.72
C PHE L 120 -47.20 5.25 20.37
N GLU L 121 -46.83 6.53 20.30
CA GLU L 121 -46.91 7.26 19.04
C GLU L 121 -46.00 6.66 17.99
N ALA L 122 -44.76 6.32 18.37
CA ALA L 122 -43.85 5.70 17.41
C ALA L 122 -44.40 4.38 16.90
N ILE L 123 -44.92 3.55 17.81
CA ILE L 123 -45.49 2.27 17.39
C ILE L 123 -46.67 2.51 16.45
N LEU L 124 -47.50 3.50 16.74
CA LEU L 124 -48.65 3.80 15.89
C LEU L 124 -48.21 4.18 14.48
N ALA L 125 -47.17 5.01 14.37
CA ALA L 125 -46.68 5.39 13.06
C ALA L 125 -46.22 4.17 12.26
N ASP L 126 -45.47 3.27 12.92
CA ASP L 126 -45.00 2.08 12.22
C ASP L 126 -46.17 1.21 11.76
N GLU L 127 -47.17 1.03 12.62
CA GLU L 127 -48.31 0.21 12.23
C GLU L 127 -49.08 0.84 11.08
N GLU L 128 -49.20 2.17 11.05
CA GLU L 128 -49.87 2.82 9.93
C GLU L 128 -49.13 2.57 8.63
N HIS L 129 -47.79 2.65 8.65
CA HIS L 129 -47.03 2.37 7.45
C HIS L 129 -47.24 0.94 6.97
N HIS L 130 -47.24 -0.03 7.89
CA HIS L 130 -47.47 -1.41 7.49
C HIS L 130 -48.86 -1.60 6.89
N ILE L 131 -49.87 -0.96 7.48
CA ILE L 131 -51.22 -1.06 6.95
C ILE L 131 -51.27 -0.52 5.53
N ASP L 132 -50.59 0.60 5.29
CA ASP L 132 -50.55 1.16 3.94
C ASP L 132 -49.96 0.16 2.95
N TYR L 133 -48.83 -0.47 3.33
CA TYR L 133 -48.22 -1.44 2.43
C TYR L 133 -49.17 -2.60 2.13
N LEU L 134 -49.83 -3.13 3.15
CA LEU L 134 -50.75 -4.24 2.94
C LEU L 134 -51.88 -3.84 2.00
N GLU L 135 -52.45 -2.65 2.21
CA GLU L 135 -53.57 -2.23 1.38
C GLU L 135 -53.17 -2.06 -0.08
N THR L 136 -52.01 -1.42 -0.33
CA THR L 136 -51.60 -1.25 -1.71
C THR L 136 -51.28 -2.58 -2.38
N GLN L 137 -50.68 -3.51 -1.64
CA GLN L 137 -50.41 -4.82 -2.21
C GLN L 137 -51.70 -5.55 -2.55
N LEU L 138 -52.70 -5.46 -1.67
CA LEU L 138 -53.99 -6.11 -1.92
C LEU L 138 -54.66 -5.52 -3.16
N ASP L 139 -54.64 -4.19 -3.30
CA ASP L 139 -55.20 -3.58 -4.50
C ASP L 139 -54.47 -4.05 -5.75
N LEU L 140 -53.14 -4.13 -5.67
CA LEU L 140 -52.34 -4.53 -6.82
C LEU L 140 -52.67 -5.96 -7.25
N ILE L 141 -52.77 -6.88 -6.29
CA ILE L 141 -53.05 -8.26 -6.66
C ILE L 141 -54.48 -8.39 -7.19
N GLU L 142 -55.41 -7.62 -6.61
CA GLU L 142 -56.78 -7.65 -7.12
C GLU L 142 -56.85 -7.18 -8.57
N LYS L 143 -56.08 -6.13 -8.90
CA LYS L 143 -56.10 -5.63 -10.28
C LYS L 143 -55.40 -6.58 -11.24
N LEU L 144 -54.23 -7.08 -10.85
CA LEU L 144 -53.36 -7.81 -11.79
C LEU L 144 -53.85 -9.23 -12.05
N GLY L 145 -54.45 -9.88 -11.06
CA GLY L 145 -54.76 -11.29 -11.16
C GLY L 145 -53.82 -12.11 -10.30
N GLU L 146 -54.34 -13.18 -9.68
CA GLU L 146 -53.56 -13.90 -8.68
C GLU L 146 -52.37 -14.62 -9.32
N SER L 147 -52.60 -15.33 -10.42
CA SER L 147 -51.53 -16.09 -11.05
C SER L 147 -50.46 -15.18 -11.62
N LEU L 148 -50.87 -14.10 -12.30
CA LEU L 148 -49.89 -13.18 -12.86
C LEU L 148 -49.08 -12.51 -11.76
N TYR L 149 -49.72 -12.14 -10.65
CA TYR L 149 -49.01 -11.57 -9.53
C TYR L 149 -48.01 -12.58 -8.95
N LEU L 150 -48.44 -13.83 -8.79
CA LEU L 150 -47.57 -14.84 -8.22
C LEU L 150 -46.39 -15.19 -9.15
N SER L 151 -46.54 -14.95 -10.45
CA SER L 151 -45.44 -15.22 -11.37
C SER L 151 -44.23 -14.31 -11.13
N THR L 152 -44.39 -13.25 -10.34
CA THR L 152 -43.31 -12.30 -10.11
C THR L 152 -42.48 -12.64 -8.87
N VAL L 153 -43.12 -13.11 -7.80
CA VAL L 153 -42.41 -13.33 -6.55
C VAL L 153 -41.43 -14.50 -6.67
N ILE L 154 -41.82 -15.58 -7.35
CA ILE L 154 -40.91 -16.70 -7.53
C ILE L 154 -39.77 -16.27 -8.43
N GLU L 155 -38.53 -16.52 -7.97
CA GLU L 155 -37.37 -15.97 -8.66
C GLU L 155 -36.76 -16.96 -9.65
N GLN L 156 -36.27 -18.11 -9.16
CA GLN L 156 -35.56 -19.09 -9.98
C GLN L 156 -34.54 -18.41 -10.90
N THR L 157 -34.00 -17.27 -10.49
CA THR L 157 -33.15 -16.47 -11.35
C THR L 157 -31.83 -16.08 -10.70
N GLN L 158 -31.85 -15.75 -9.41
CA GLN L 158 -30.69 -15.20 -8.71
C GLN L 158 -30.11 -14.00 -9.45
N PRO L 159 -30.88 -12.90 -9.58
CA PRO L 159 -30.41 -11.74 -10.38
C PRO L 159 -29.57 -10.76 -9.56
N ASP L 160 -28.35 -11.18 -9.22
CA ASP L 160 -27.42 -10.36 -8.44
C ASP L 160 -26.09 -10.33 -9.17
N PRO L 161 -25.97 -9.57 -10.25
CA PRO L 161 -24.70 -9.52 -10.99
C PRO L 161 -23.53 -9.09 -10.11
N SER L 162 -23.76 -8.15 -9.20
CA SER L 162 -22.68 -7.67 -8.33
C SER L 162 -23.04 -7.88 -6.86
N MET M 1 -45.59 -38.47 0.21
CA MET M 1 -44.77 -38.16 1.37
C MET M 1 -45.64 -37.70 2.55
N GLN M 2 -46.11 -38.66 3.34
CA GLN M 2 -46.94 -38.39 4.49
C GLN M 2 -46.35 -39.06 5.71
N GLY M 3 -46.38 -38.36 6.85
CA GLY M 3 -45.89 -38.91 8.09
C GLY M 3 -47.01 -39.42 8.97
N ASP M 4 -46.65 -40.30 9.89
CA ASP M 4 -47.62 -40.82 10.84
C ASP M 4 -48.07 -39.72 11.80
N PRO M 5 -49.32 -39.77 12.25
CA PRO M 5 -49.79 -38.74 13.19
C PRO M 5 -49.00 -38.69 14.49
N GLU M 6 -48.47 -39.82 14.97
CA GLU M 6 -47.72 -39.81 16.22
C GLU M 6 -46.44 -38.98 16.09
N VAL M 7 -45.73 -39.11 14.97
CA VAL M 7 -44.54 -38.30 14.77
C VAL M 7 -44.89 -36.83 14.72
N ILE M 8 -45.99 -36.49 14.05
CA ILE M 8 -46.42 -35.10 13.97
C ILE M 8 -46.74 -34.55 15.36
N GLU M 9 -47.42 -35.35 16.19
CA GLU M 9 -47.78 -34.87 17.52
C GLU M 9 -46.54 -34.73 18.41
N PHE M 10 -45.57 -35.62 18.25
CA PHE M 10 -44.31 -35.46 18.99
C PHE M 10 -43.60 -34.17 18.58
N LEU M 11 -43.55 -33.91 17.27
CA LEU M 11 -42.91 -32.69 16.80
C LEU M 11 -43.63 -31.46 17.33
N ASN M 12 -44.97 -31.50 17.34
CA ASN M 12 -45.75 -30.35 17.83
C ASN M 12 -45.52 -30.13 19.32
N GLU M 13 -45.47 -31.21 20.11
CA GLU M 13 -45.20 -31.05 21.53
C GLU M 13 -43.84 -30.43 21.76
N GLN M 14 -42.83 -30.89 21.03
CA GLN M 14 -41.51 -30.30 21.20
C GLN M 14 -41.50 -28.84 20.79
N LEU M 15 -42.23 -28.49 19.73
CA LEU M 15 -42.30 -27.09 19.30
C LEU M 15 -42.92 -26.22 20.38
N THR M 16 -44.03 -26.69 20.98
CA THR M 16 -44.66 -25.94 22.06
C THR M 16 -43.70 -25.76 23.23
N ALA M 17 -43.00 -26.82 23.60
CA ALA M 17 -42.05 -26.73 24.71
C ALA M 17 -40.97 -25.71 24.43
N GLU M 18 -40.42 -25.69 23.21
CA GLU M 18 -39.34 -24.77 22.92
C GLU M 18 -39.84 -23.33 22.86
N LEU M 19 -41.08 -23.11 22.38
CA LEU M 19 -41.63 -21.76 22.43
C LEU M 19 -41.77 -21.27 23.86
N THR M 20 -42.27 -22.13 24.76
CA THR M 20 -42.39 -21.75 26.15
C THR M 20 -41.02 -21.44 26.75
N ALA M 21 -40.02 -22.25 26.43
CA ALA M 21 -38.67 -22.00 26.91
C ALA M 21 -38.15 -20.66 26.40
N ILE M 22 -38.46 -20.33 25.16
CA ILE M 22 -38.03 -19.05 24.57
C ILE M 22 -38.58 -17.90 25.40
N ASN M 23 -39.90 -17.93 25.65
CA ASN M 23 -40.52 -16.86 26.41
C ASN M 23 -39.92 -16.73 27.80
N GLN M 24 -39.77 -17.87 28.49
CA GLN M 24 -39.25 -17.85 29.85
C GLN M 24 -37.84 -17.28 29.89
N TYR M 25 -36.98 -17.74 28.98
CA TYR M 25 -35.60 -17.29 28.98
C TYR M 25 -35.50 -15.80 28.70
N PHE M 26 -36.28 -15.30 27.73
CA PHE M 26 -36.17 -13.89 27.40
C PHE M 26 -36.65 -13.03 28.57
N LEU M 27 -37.73 -13.45 29.22
CA LEU M 27 -38.21 -12.71 30.39
C LEU M 27 -37.17 -12.70 31.50
N HIS M 28 -36.54 -13.85 31.77
CA HIS M 28 -35.53 -13.89 32.82
C HIS M 28 -34.34 -13.00 32.47
N ALA M 29 -33.94 -12.98 31.20
CA ALA M 29 -32.85 -12.12 30.78
C ALA M 29 -33.19 -10.65 31.02
N LYS M 30 -34.41 -10.24 30.66
CA LYS M 30 -34.80 -8.85 30.88
C LYS M 30 -34.80 -8.51 32.36
N LEU M 31 -35.34 -9.41 33.20
CA LEU M 31 -35.36 -9.14 34.64
C LEU M 31 -33.95 -9.02 35.21
N GLN M 32 -33.06 -9.94 34.84
CA GLN M 32 -31.70 -9.91 35.35
C GLN M 32 -30.98 -8.64 34.90
N ASP M 33 -31.16 -8.25 33.64
CA ASP M 33 -30.54 -7.02 33.16
C ASP M 33 -31.06 -5.81 33.91
N HIS M 34 -32.37 -5.77 34.19
CA HIS M 34 -32.93 -4.65 34.94
C HIS M 34 -32.38 -4.60 36.36
N LYS M 35 -32.17 -5.77 36.97
CA LYS M 35 -31.64 -5.79 38.34
C LYS M 35 -30.24 -5.21 38.40
N GLY M 36 -29.39 -5.55 37.43
CA GLY M 36 -28.03 -5.02 37.41
C GLY M 36 -26.96 -6.06 37.21
N TRP M 37 -27.35 -7.28 36.87
CA TRP M 37 -26.42 -8.39 36.69
C TRP M 37 -26.24 -8.61 35.18
N THR M 38 -25.19 -8.00 34.63
CA THR M 38 -25.07 -7.93 33.18
C THR M 38 -24.69 -9.27 32.56
N LYS M 39 -23.69 -9.95 33.13
CA LYS M 39 -23.18 -11.17 32.51
C LYS M 39 -24.24 -12.26 32.46
N LEU M 40 -25.02 -12.39 33.52
CA LEU M 40 -26.14 -13.34 33.50
C LEU M 40 -27.12 -12.98 32.40
N ALA M 41 -27.36 -11.68 32.18
CA ALA M 41 -28.27 -11.27 31.13
C ALA M 41 -27.74 -11.68 29.76
N LYS M 42 -26.44 -11.49 29.52
CA LYS M 42 -25.87 -11.88 28.23
C LYS M 42 -25.99 -13.39 28.02
N TYR M 43 -25.66 -14.18 29.04
CA TYR M 43 -25.77 -15.63 28.89
C TYR M 43 -27.21 -16.06 28.62
N THR M 44 -28.17 -15.45 29.33
CA THR M 44 -29.56 -15.82 29.12
C THR M 44 -30.04 -15.43 27.73
N ARG M 45 -29.59 -14.30 27.20
CA ARG M 45 -29.95 -13.95 25.83
C ARG M 45 -29.38 -14.96 24.84
N ALA M 46 -28.15 -15.41 25.05
CA ALA M 46 -27.60 -16.44 24.19
C ALA M 46 -28.45 -17.70 24.22
N GLU M 47 -28.90 -18.08 25.42
CA GLU M 47 -29.78 -19.24 25.56
C GLU M 47 -31.09 -19.08 24.80
N SER M 48 -31.67 -17.88 24.88
CA SER M 48 -32.90 -17.60 24.14
C SER M 48 -32.70 -17.79 22.65
N PHE M 49 -31.61 -17.25 22.11
CA PHE M 49 -31.39 -17.36 20.68
C PHE M 49 -31.15 -18.81 20.28
N ASP M 50 -30.50 -19.59 21.14
CA ASP M 50 -30.32 -21.01 20.85
C ASP M 50 -31.66 -21.75 20.75
N GLU M 51 -32.55 -21.50 21.71
CA GLU M 51 -33.85 -22.16 21.64
C GLU M 51 -34.67 -21.70 20.44
N MET M 52 -34.48 -20.45 20.01
CA MET M 52 -35.01 -20.09 18.70
C MET M 52 -34.45 -20.93 17.56
N ARG M 53 -33.14 -21.14 17.52
CA ARG M 53 -32.61 -21.96 16.43
C ARG M 53 -33.29 -23.33 16.43
N HIS M 54 -33.42 -23.91 17.62
CA HIS M 54 -34.10 -25.20 17.75
C HIS M 54 -35.53 -25.15 17.24
N ALA M 55 -36.27 -24.11 17.62
CA ALA M 55 -37.68 -24.00 17.23
C ALA M 55 -37.81 -23.86 15.73
N GLU M 56 -36.93 -23.07 15.12
CA GLU M 56 -36.99 -22.86 13.68
C GLU M 56 -36.71 -24.17 12.92
N VAL M 57 -35.70 -24.92 13.35
CA VAL M 57 -35.44 -26.18 12.66
C VAL M 57 -36.60 -27.15 12.86
N LEU M 58 -37.22 -27.13 14.05
CA LEU M 58 -38.36 -28.02 14.29
C LEU M 58 -39.53 -27.69 13.37
N THR M 59 -39.89 -26.40 13.26
CA THR M 59 -41.03 -26.05 12.43
C THR M 59 -40.75 -26.32 10.96
N ASP M 60 -39.50 -26.11 10.53
CA ASP M 60 -39.15 -26.45 9.16
C ASP M 60 -39.34 -27.94 8.91
N ARG M 61 -38.87 -28.77 9.84
CA ARG M 61 -38.99 -30.21 9.66
C ARG M 61 -40.44 -30.66 9.60
N ILE M 62 -41.28 -30.16 10.51
CA ILE M 62 -42.67 -30.61 10.52
C ILE M 62 -43.40 -30.10 9.27
N LEU M 63 -43.08 -28.89 8.82
CA LEU M 63 -43.69 -28.40 7.59
C LEU M 63 -43.26 -29.23 6.38
N LEU M 64 -42.06 -29.80 6.42
CA LEU M 64 -41.63 -30.66 5.32
C LEU M 64 -42.53 -31.89 5.18
N LEU M 65 -42.95 -32.45 6.31
CA LEU M 65 -43.76 -33.67 6.33
C LEU M 65 -45.23 -33.43 6.00
N ASP M 66 -45.58 -32.27 5.47
CA ASP M 66 -46.96 -31.91 5.14
C ASP M 66 -47.84 -31.95 6.40
N GLY M 67 -47.44 -31.17 7.39
CA GLY M 67 -48.19 -31.08 8.63
C GLY M 67 -48.68 -29.67 8.91
N LEU M 68 -49.25 -29.45 10.09
CA LEU M 68 -49.79 -28.16 10.49
C LEU M 68 -49.20 -27.76 11.84
N PRO M 69 -48.09 -27.02 11.84
CA PRO M 69 -47.54 -26.54 13.12
C PRO M 69 -48.53 -25.60 13.80
N ASN M 70 -48.59 -25.69 15.12
CA ASN M 70 -49.49 -24.84 15.91
C ASN M 70 -48.65 -23.85 16.70
N TYR M 71 -48.92 -22.56 16.49
CA TYR M 71 -48.30 -21.49 17.25
C TYR M 71 -49.27 -20.89 18.26
N GLN M 72 -50.34 -21.61 18.58
CA GLN M 72 -51.42 -21.05 19.39
C GLN M 72 -51.28 -21.39 20.87
N ARG M 73 -50.98 -22.64 21.21
CA ARG M 73 -50.97 -23.08 22.59
C ARG M 73 -49.59 -22.94 23.22
N LEU M 74 -49.56 -22.73 24.53
CA LEU M 74 -48.34 -22.61 25.30
C LEU M 74 -48.47 -23.41 26.58
N PHE M 75 -47.32 -23.79 27.13
CA PHE M 75 -47.28 -24.47 28.42
C PHE M 75 -47.27 -23.41 29.53
N HIS M 76 -47.01 -23.83 30.75
CA HIS M 76 -46.96 -22.91 31.89
C HIS M 76 -45.54 -22.37 32.04
N VAL M 77 -45.40 -21.05 31.97
CA VAL M 77 -44.12 -20.38 32.15
C VAL M 77 -44.07 -19.81 33.55
N ARG M 78 -42.98 -20.07 34.26
CA ARG M 78 -42.81 -19.64 35.64
C ARG M 78 -41.65 -18.67 35.76
N VAL M 79 -41.74 -17.78 36.75
CA VAL M 79 -40.74 -16.76 36.99
C VAL M 79 -40.31 -16.80 38.44
N GLY M 80 -39.11 -16.28 38.71
CA GLY M 80 -38.56 -16.30 40.04
C GLY M 80 -38.07 -14.93 40.45
N GLN M 81 -37.84 -14.79 41.75
CA GLN M 81 -37.37 -13.54 42.35
C GLN M 81 -35.86 -13.53 42.56
N SER M 82 -35.31 -14.59 43.13
CA SER M 82 -33.88 -14.72 43.35
C SER M 82 -33.25 -15.56 42.24
N VAL M 83 -31.92 -15.55 42.19
CA VAL M 83 -31.21 -16.29 41.17
C VAL M 83 -31.47 -17.78 41.30
N THR M 84 -31.57 -18.27 42.53
CA THR M 84 -31.79 -19.70 42.75
C THR M 84 -33.11 -20.14 42.13
N GLU M 85 -34.16 -19.32 42.27
CA GLU M 85 -35.45 -19.68 41.71
C GLU M 85 -35.39 -19.79 40.19
N MET M 86 -34.72 -18.84 39.54
CA MET M 86 -34.58 -18.89 38.10
C MET M 86 -33.82 -20.13 37.66
N PHE M 87 -32.71 -20.42 38.34
CA PHE M 87 -31.93 -21.59 37.96
C PHE M 87 -32.74 -22.87 38.12
N GLN M 88 -33.50 -22.98 39.21
CA GLN M 88 -34.32 -24.16 39.41
C GLN M 88 -35.41 -24.28 38.34
N ALA M 89 -36.02 -23.15 37.96
CA ALA M 89 -37.07 -23.19 36.95
C ALA M 89 -36.53 -23.70 35.61
N ASP M 90 -35.40 -23.14 35.17
CA ASP M 90 -34.79 -23.62 33.93
C ASP M 90 -34.38 -25.08 34.05
N ARG M 91 -33.89 -25.50 35.23
CA ARG M 91 -33.51 -26.89 35.40
C ARG M 91 -34.71 -27.82 35.18
N GLU M 92 -35.85 -27.47 35.77
CA GLU M 92 -37.05 -28.29 35.61
C GLU M 92 -37.49 -28.34 34.14
N VAL M 93 -37.48 -27.18 33.48
CA VAL M 93 -37.91 -27.14 32.08
C VAL M 93 -37.03 -28.06 31.23
N GLU M 94 -35.71 -27.97 31.42
CA GLU M 94 -34.81 -28.80 30.63
C GLU M 94 -34.96 -30.27 30.96
N LEU M 95 -35.24 -30.61 32.23
CA LEU M 95 -35.43 -32.01 32.59
C LEU M 95 -36.62 -32.61 31.85
N GLU M 96 -37.76 -31.90 31.86
CA GLU M 96 -38.92 -32.40 31.13
C GLU M 96 -38.64 -32.51 29.63
N ALA M 97 -37.93 -31.53 29.08
CA ALA M 97 -37.61 -31.59 27.65
C ALA M 97 -36.77 -32.82 27.34
N ILE M 98 -35.78 -33.12 28.19
CA ILE M 98 -34.91 -34.28 27.95
C ILE M 98 -35.71 -35.57 27.98
N ASP M 99 -36.59 -35.71 28.98
CA ASP M 99 -37.38 -36.94 29.08
C ASP M 99 -38.24 -37.12 27.84
N ARG M 100 -38.93 -36.05 27.42
CA ARG M 100 -39.78 -36.16 26.24
C ARG M 100 -38.98 -36.49 25.00
N LEU M 101 -37.80 -35.88 24.86
CA LEU M 101 -36.97 -36.13 23.67
C LEU M 101 -36.55 -37.59 23.60
N ARG M 102 -36.11 -38.15 24.73
CA ARG M 102 -35.71 -39.55 24.73
C ARG M 102 -36.86 -40.47 24.36
N ARG M 103 -38.03 -40.22 24.96
CA ARG M 103 -39.19 -41.06 24.66
C ARG M 103 -39.55 -40.99 23.19
N GLY M 104 -39.56 -39.77 22.62
CA GLY M 104 -39.91 -39.63 21.22
C GLY M 104 -38.92 -40.28 20.29
N ILE M 105 -37.62 -40.16 20.62
CA ILE M 105 -36.60 -40.79 19.79
C ILE M 105 -36.82 -42.31 19.75
N GLU M 106 -37.04 -42.89 20.94
CA GLU M 106 -37.24 -44.34 21.00
C GLU M 106 -38.48 -44.76 20.22
N VAL M 107 -39.57 -43.99 20.33
CA VAL M 107 -40.81 -44.37 19.67
C VAL M 107 -40.66 -44.26 18.15
N MET M 108 -40.11 -43.14 17.67
CA MET M 108 -40.11 -42.88 16.24
C MET M 108 -38.97 -43.58 15.49
N ARG M 109 -37.96 -44.08 16.21
CA ARG M 109 -36.89 -44.82 15.54
C ARG M 109 -37.43 -46.10 14.90
N ALA M 110 -38.37 -46.76 15.54
CA ALA M 110 -38.92 -48.03 15.06
C ALA M 110 -40.02 -47.84 14.03
N LYS M 111 -40.38 -46.61 13.68
CA LYS M 111 -41.41 -46.34 12.69
C LYS M 111 -40.82 -46.02 11.32
N HIS M 112 -39.54 -46.30 11.12
CA HIS M 112 -38.85 -46.08 9.84
C HIS M 112 -38.83 -44.59 9.48
N ASP M 113 -38.36 -43.77 10.42
CA ASP M 113 -38.13 -42.35 10.18
C ASP M 113 -36.82 -41.99 10.85
N ILE M 114 -35.87 -41.48 10.08
CA ILE M 114 -34.50 -41.31 10.53
C ILE M 114 -34.14 -39.85 10.74
N THR M 115 -34.50 -38.98 9.80
CA THR M 115 -34.09 -37.58 9.87
C THR M 115 -34.65 -36.90 11.12
N SER M 116 -35.92 -37.16 11.42
CA SER M 116 -36.51 -36.60 12.63
C SER M 116 -35.78 -37.10 13.87
N ALA M 117 -35.39 -38.37 13.88
CA ALA M 117 -34.60 -38.89 14.99
C ALA M 117 -33.28 -38.14 15.11
N ASN M 118 -32.66 -37.80 13.98
CA ASN M 118 -31.38 -37.10 14.02
C ASN M 118 -31.52 -35.70 14.60
N VAL M 119 -32.54 -34.95 14.16
CA VAL M 119 -32.70 -33.61 14.70
C VAL M 119 -33.05 -33.68 16.19
N PHE M 120 -33.83 -34.70 16.59
CA PHE M 120 -34.10 -34.89 18.00
C PHE M 120 -32.82 -35.17 18.78
N GLU M 121 -31.92 -35.98 18.21
CA GLU M 121 -30.65 -36.25 18.88
C GLU M 121 -29.83 -34.99 19.07
N ALA M 122 -29.76 -34.15 18.04
CA ALA M 122 -28.99 -32.91 18.16
C ALA M 122 -29.57 -32.01 19.26
N ILE M 123 -30.89 -31.88 19.27
CA ILE M 123 -31.53 -31.06 20.31
C ILE M 123 -31.26 -31.64 21.69
N LEU M 124 -31.30 -32.97 21.81
CA LEU M 124 -31.06 -33.61 23.10
C LEU M 124 -29.65 -33.31 23.60
N ALA M 125 -28.66 -33.38 22.70
CA ALA M 125 -27.29 -33.09 23.10
C ALA M 125 -27.15 -31.65 23.59
N ASP M 126 -27.74 -30.71 22.84
CA ASP M 126 -27.63 -29.30 23.24
C ASP M 126 -28.26 -29.05 24.60
N GLU M 127 -29.45 -29.60 24.83
CA GLU M 127 -30.10 -29.38 26.11
C GLU M 127 -29.40 -30.09 27.25
N GLU M 128 -28.75 -31.24 26.99
CA GLU M 128 -27.93 -31.85 28.03
C GLU M 128 -26.79 -30.95 28.43
N HIS M 129 -26.12 -30.32 27.45
CA HIS M 129 -25.06 -29.38 27.78
C HIS M 129 -25.61 -28.24 28.64
N HIS M 130 -26.77 -27.70 28.26
CA HIS M 130 -27.31 -26.56 29.01
C HIS M 130 -27.65 -26.95 30.44
N ILE M 131 -28.26 -28.11 30.65
CA ILE M 131 -28.63 -28.48 32.01
C ILE M 131 -27.38 -28.75 32.84
N ASP M 132 -26.32 -29.27 32.22
CA ASP M 132 -25.06 -29.42 32.94
C ASP M 132 -24.54 -28.05 33.42
N TYR M 133 -24.60 -27.05 32.54
CA TYR M 133 -24.16 -25.71 32.95
C TYR M 133 -25.01 -25.19 34.11
N LEU M 134 -26.33 -25.37 34.02
CA LEU M 134 -27.19 -24.88 35.09
C LEU M 134 -26.85 -25.56 36.42
N GLU M 135 -26.64 -26.87 36.39
CA GLU M 135 -26.34 -27.59 37.63
C GLU M 135 -25.03 -27.14 38.24
N THR M 136 -23.99 -26.96 37.42
CA THR M 136 -22.72 -26.52 38.00
C THR M 136 -22.82 -25.10 38.55
N GLN M 137 -23.58 -24.23 37.88
CA GLN M 137 -23.76 -22.88 38.41
C GLN M 137 -24.50 -22.92 39.75
N LEU M 138 -25.52 -23.77 39.85
CA LEU M 138 -26.26 -23.88 41.10
C LEU M 138 -25.36 -24.37 42.23
N ASP M 139 -24.52 -25.37 41.95
CA ASP M 139 -23.59 -25.84 42.97
C ASP M 139 -22.62 -24.73 43.37
N LEU M 140 -22.14 -23.96 42.40
CA LEU M 140 -21.20 -22.89 42.69
C LEU M 140 -21.82 -21.83 43.59
N ILE M 141 -23.05 -21.40 43.29
CA ILE M 141 -23.67 -20.37 44.10
C ILE M 141 -24.00 -20.92 45.49
N GLU M 142 -24.39 -22.19 45.57
CA GLU M 142 -24.65 -22.78 46.88
C GLU M 142 -23.39 -22.79 47.74
N LYS M 143 -22.24 -23.11 47.14
CA LYS M 143 -21.00 -23.15 47.91
C LYS M 143 -20.52 -21.76 48.29
N LEU M 144 -20.54 -20.82 47.34
CA LEU M 144 -19.90 -19.53 47.56
C LEU M 144 -20.74 -18.64 48.47
N GLY M 145 -22.05 -18.61 48.28
CA GLY M 145 -22.90 -17.68 48.98
C GLY M 145 -23.68 -16.81 48.01
N GLU M 146 -24.76 -16.18 48.47
CA GLU M 146 -25.61 -15.42 47.56
C GLU M 146 -24.94 -14.12 47.15
N SER M 147 -24.64 -13.25 48.12
CA SER M 147 -24.10 -11.94 47.81
C SER M 147 -22.71 -12.03 47.20
N LEU M 148 -21.88 -12.94 47.72
CA LEU M 148 -20.52 -13.09 47.19
C LEU M 148 -20.55 -13.51 45.73
N TYR M 149 -21.47 -14.42 45.37
CA TYR M 149 -21.60 -14.80 43.96
C TYR M 149 -22.04 -13.62 43.11
N LEU M 150 -22.98 -12.82 43.61
CA LEU M 150 -23.49 -11.70 42.82
C LEU M 150 -22.44 -10.61 42.65
N SER M 151 -21.51 -10.50 43.60
CA SER M 151 -20.49 -9.46 43.51
C SER M 151 -19.57 -9.64 42.30
N THR M 152 -19.49 -10.84 41.75
CA THR M 152 -18.64 -11.11 40.61
C THR M 152 -19.33 -10.94 39.27
N VAL M 153 -20.59 -10.52 39.26
CA VAL M 153 -21.36 -10.39 38.03
C VAL M 153 -21.68 -8.92 37.73
N ILE M 154 -21.97 -8.12 38.76
CA ILE M 154 -22.33 -6.73 38.54
C ILE M 154 -21.16 -5.97 37.94
N GLU M 155 -21.48 -4.91 37.20
CA GLU M 155 -20.48 -4.07 36.55
C GLU M 155 -21.13 -2.76 36.15
N GLN M 156 -20.45 -1.65 36.41
CA GLN M 156 -20.98 -0.33 36.08
C GLN M 156 -20.70 -0.03 34.62
N THR M 157 -21.75 -0.08 33.79
CA THR M 157 -21.60 0.22 32.38
C THR M 157 -21.16 1.67 32.19
N GLN M 158 -20.16 1.87 31.37
CA GLN M 158 -19.63 3.22 31.16
C GLN M 158 -20.60 4.04 30.32
N PRO M 159 -21.10 5.16 30.81
CA PRO M 159 -21.96 6.04 29.99
C PRO M 159 -21.14 7.07 29.23
N ASP M 160 -20.21 6.60 28.41
CA ASP M 160 -19.31 7.49 27.68
C ASP M 160 -19.37 7.22 26.19
N PRO M 161 -20.58 7.10 25.62
CA PRO M 161 -20.67 6.96 24.15
C PRO M 161 -20.35 8.24 23.40
N SER M 162 -20.36 9.39 24.07
CA SER M 162 -20.07 10.65 23.42
C SER M 162 -18.65 11.12 23.74
N MET N 1 -10.61 -57.75 8.03
CA MET N 1 -11.88 -57.05 8.08
C MET N 1 -12.68 -57.25 6.79
N GLN N 2 -13.67 -58.13 6.85
CA GLN N 2 -14.50 -58.46 5.69
C GLN N 2 -15.96 -58.24 6.05
N GLY N 3 -16.71 -57.65 5.12
CA GLY N 3 -18.11 -57.39 5.35
C GLY N 3 -19.02 -58.51 4.90
N ASP N 4 -20.25 -58.47 5.38
CA ASP N 4 -21.26 -59.45 4.98
C ASP N 4 -21.68 -59.23 3.53
N PRO N 5 -22.03 -60.30 2.82
CA PRO N 5 -22.51 -60.13 1.44
C PRO N 5 -23.77 -59.29 1.33
N GLU N 6 -24.63 -59.30 2.35
CA GLU N 6 -25.90 -58.58 2.26
C GLU N 6 -25.66 -57.07 2.16
N VAL N 7 -24.85 -56.52 3.04
CA VAL N 7 -24.58 -55.08 2.99
C VAL N 7 -23.85 -54.73 1.70
N ILE N 8 -22.99 -55.63 1.22
CA ILE N 8 -22.27 -55.37 -0.02
C ILE N 8 -23.24 -55.27 -1.19
N GLU N 9 -24.20 -56.18 -1.26
CA GLU N 9 -25.17 -56.13 -2.36
C GLU N 9 -26.10 -54.93 -2.22
N PHE N 10 -26.44 -54.54 -0.99
CA PHE N 10 -27.23 -53.33 -0.81
C PHE N 10 -26.50 -52.11 -1.33
N LEU N 11 -25.21 -52.00 -0.98
CA LEU N 11 -24.42 -50.87 -1.44
C LEU N 11 -24.27 -50.88 -2.96
N ASN N 12 -24.11 -52.07 -3.55
CA ASN N 12 -24.00 -52.18 -5.00
C ASN N 12 -25.28 -51.72 -5.68
N GLU N 13 -26.45 -52.13 -5.14
CA GLU N 13 -27.71 -51.68 -5.72
C GLU N 13 -27.85 -50.17 -5.63
N GLN N 14 -27.49 -49.59 -4.49
CA GLN N 14 -27.57 -48.13 -4.36
C GLN N 14 -26.64 -47.44 -5.34
N LEU N 15 -25.43 -47.99 -5.53
CA LEU N 15 -24.49 -47.41 -6.47
C LEU N 15 -25.04 -47.44 -7.89
N THR N 16 -25.62 -48.56 -8.30
CA THR N 16 -26.21 -48.65 -9.63
C THR N 16 -27.34 -47.64 -9.79
N ALA N 17 -28.19 -47.51 -8.76
CA ALA N 17 -29.31 -46.58 -8.85
C ALA N 17 -28.84 -45.14 -9.01
N GLU N 18 -27.84 -44.73 -8.23
CA GLU N 18 -27.43 -43.34 -8.33
C GLU N 18 -26.58 -43.09 -9.59
N LEU N 19 -25.95 -44.12 -10.15
CA LEU N 19 -25.34 -43.96 -11.47
C LEU N 19 -26.39 -43.71 -12.54
N THR N 20 -27.48 -44.48 -12.51
CA THR N 20 -28.57 -44.24 -13.45
C THR N 20 -29.14 -42.84 -13.27
N ALA N 21 -29.28 -42.40 -12.02
CA ALA N 21 -29.75 -41.04 -11.77
C ALA N 21 -28.79 -40.01 -12.35
N ILE N 22 -27.48 -40.27 -12.23
CA ILE N 22 -26.49 -39.36 -12.80
C ILE N 22 -26.72 -39.18 -14.29
N ASN N 23 -26.85 -40.31 -15.00
CA ASN N 23 -27.03 -40.26 -16.45
C ASN N 23 -28.31 -39.50 -16.81
N GLN N 24 -29.41 -39.84 -16.13
CA GLN N 24 -30.68 -39.20 -16.47
C GLN N 24 -30.64 -37.69 -16.21
N TYR N 25 -30.07 -37.28 -15.08
CA TYR N 25 -30.02 -35.87 -14.75
C TYR N 25 -29.18 -35.10 -15.75
N PHE N 26 -28.03 -35.65 -16.14
CA PHE N 26 -27.20 -34.93 -17.10
C PHE N 26 -27.90 -34.81 -18.45
N LEU N 27 -28.56 -35.88 -18.90
CA LEU N 27 -29.28 -35.79 -20.18
C LEU N 27 -30.39 -34.75 -20.11
N HIS N 28 -31.12 -34.72 -19.01
CA HIS N 28 -32.21 -33.74 -18.87
C HIS N 28 -31.65 -32.31 -18.86
N ALA N 29 -30.52 -32.11 -18.18
CA ALA N 29 -29.92 -30.78 -18.16
C ALA N 29 -29.52 -30.34 -19.57
N LYS N 30 -28.92 -31.25 -20.34
CA LYS N 30 -28.53 -30.91 -21.70
C LYS N 30 -29.75 -30.56 -22.55
N LEU N 31 -30.81 -31.36 -22.44
CA LEU N 31 -32.03 -31.09 -23.21
C LEU N 31 -32.63 -29.74 -22.83
N GLN N 32 -32.71 -29.44 -21.53
CA GLN N 32 -33.26 -28.16 -21.10
C GLN N 32 -32.43 -27.00 -21.62
N ASP N 33 -31.09 -27.12 -21.56
CA ASP N 33 -30.25 -26.05 -22.05
C ASP N 33 -30.41 -25.86 -23.56
N HIS N 34 -30.54 -26.95 -24.30
CA HIS N 34 -30.74 -26.83 -25.75
C HIS N 34 -32.06 -26.15 -26.07
N LYS N 35 -33.12 -26.49 -25.33
CA LYS N 35 -34.43 -25.92 -25.64
C LYS N 35 -34.50 -24.43 -25.34
N GLY N 36 -33.58 -23.89 -24.55
CA GLY N 36 -33.54 -22.47 -24.24
C GLY N 36 -33.68 -22.15 -22.76
N TRP N 37 -34.24 -23.05 -21.96
CA TRP N 37 -34.45 -22.81 -20.55
C TRP N 37 -33.13 -22.97 -19.81
N THR N 38 -32.63 -21.89 -19.20
CA THR N 38 -31.27 -21.85 -18.68
C THR N 38 -31.17 -22.18 -17.20
N LYS N 39 -31.96 -21.50 -16.36
CA LYS N 39 -31.84 -21.70 -14.92
C LYS N 39 -32.19 -23.13 -14.52
N LEU N 40 -33.18 -23.71 -15.20
CA LEU N 40 -33.47 -25.13 -14.99
C LEU N 40 -32.25 -25.98 -15.31
N ALA N 41 -31.54 -25.64 -16.39
CA ALA N 41 -30.34 -26.39 -16.74
C ALA N 41 -29.28 -26.28 -15.66
N LYS N 42 -29.08 -25.08 -15.12
CA LYS N 42 -28.08 -24.91 -14.06
C LYS N 42 -28.46 -25.74 -12.83
N TYR N 43 -29.72 -25.69 -12.42
CA TYR N 43 -30.15 -26.46 -11.26
C TYR N 43 -29.97 -27.96 -11.49
N THR N 44 -30.31 -28.42 -12.68
CA THR N 44 -30.18 -29.84 -12.98
C THR N 44 -28.72 -30.27 -12.97
N ARG N 45 -27.83 -29.42 -13.49
CA ARG N 45 -26.40 -29.74 -13.44
C ARG N 45 -25.92 -29.86 -12.01
N ALA N 46 -26.32 -28.93 -11.14
CA ALA N 46 -25.93 -29.00 -9.75
C ALA N 46 -26.42 -30.29 -9.10
N GLU N 47 -27.67 -30.68 -9.38
CA GLU N 47 -28.21 -31.90 -8.80
C GLU N 47 -27.45 -33.13 -9.30
N SER N 48 -27.07 -33.15 -10.57
CA SER N 48 -26.27 -34.25 -11.08
C SER N 48 -24.95 -34.35 -10.34
N PHE N 49 -24.29 -33.22 -10.11
CA PHE N 49 -23.03 -33.25 -9.38
C PHE N 49 -23.22 -33.75 -7.94
N ASP N 50 -24.37 -33.43 -7.34
CA ASP N 50 -24.63 -33.94 -5.99
C ASP N 50 -24.76 -35.46 -5.97
N GLU N 51 -25.60 -36.00 -6.85
CA GLU N 51 -25.71 -37.46 -6.95
C GLU N 51 -24.36 -38.08 -7.29
N MET N 52 -23.50 -37.30 -7.93
CA MET N 52 -22.17 -37.76 -8.31
C MET N 52 -21.27 -37.94 -7.08
N ARG N 53 -21.26 -36.94 -6.21
CA ARG N 53 -20.56 -37.08 -4.94
C ARG N 53 -21.09 -38.28 -4.16
N HIS N 54 -22.41 -38.49 -4.21
CA HIS N 54 -22.99 -39.66 -3.57
C HIS N 54 -22.37 -40.94 -4.10
N ALA N 55 -22.28 -41.07 -5.43
CA ALA N 55 -21.70 -42.27 -6.02
C ALA N 55 -20.25 -42.46 -5.61
N GLU N 56 -19.48 -41.36 -5.57
CA GLU N 56 -18.09 -41.47 -5.19
C GLU N 56 -17.93 -42.00 -3.77
N VAL N 57 -18.70 -41.44 -2.82
CA VAL N 57 -18.54 -41.90 -1.44
C VAL N 57 -19.01 -43.35 -1.31
N LEU N 58 -20.04 -43.73 -2.06
CA LEU N 58 -20.54 -45.10 -2.01
C LEU N 58 -19.48 -46.09 -2.47
N THR N 59 -18.84 -45.81 -3.61
CA THR N 59 -17.83 -46.74 -4.10
C THR N 59 -16.60 -46.74 -3.19
N ASP N 60 -16.28 -45.61 -2.57
CA ASP N 60 -15.17 -45.60 -1.62
C ASP N 60 -15.46 -46.53 -0.44
N ARG N 61 -16.67 -46.46 0.10
CA ARG N 61 -17.03 -47.35 1.21
C ARG N 61 -17.01 -48.81 0.77
N ILE N 62 -17.52 -49.09 -0.43
CA ILE N 62 -17.54 -50.48 -0.91
C ILE N 62 -16.13 -51.02 -1.01
N LEU N 63 -15.21 -50.22 -1.55
CA LEU N 63 -13.82 -50.65 -1.66
C LEU N 63 -13.20 -50.86 -0.30
N LEU N 64 -13.51 -49.98 0.66
CA LEU N 64 -12.97 -50.15 2.01
C LEU N 64 -13.45 -51.46 2.63
N LEU N 65 -14.70 -51.83 2.41
CA LEU N 65 -15.21 -53.07 2.98
C LEU N 65 -14.70 -54.32 2.29
N ASP N 66 -13.70 -54.21 1.41
CA ASP N 66 -13.15 -55.36 0.67
C ASP N 66 -14.21 -56.03 -0.19
N GLY N 67 -14.74 -55.26 -1.14
CA GLY N 67 -15.74 -55.74 -2.06
C GLY N 67 -15.35 -55.44 -3.50
N LEU N 68 -16.25 -55.79 -4.41
CA LEU N 68 -16.05 -55.57 -5.84
C LEU N 68 -17.16 -54.71 -6.40
N PRO N 69 -16.95 -53.40 -6.54
CA PRO N 69 -17.97 -52.56 -7.17
C PRO N 69 -18.14 -52.93 -8.64
N ASN N 70 -19.37 -52.84 -9.13
CA ASN N 70 -19.68 -53.14 -10.51
C ASN N 70 -20.15 -51.87 -11.21
N TYR N 71 -19.52 -51.56 -12.35
CA TYR N 71 -19.89 -50.40 -13.15
C TYR N 71 -20.54 -50.82 -14.45
N GLN N 72 -21.10 -52.02 -14.52
CA GLN N 72 -21.65 -52.55 -15.76
C GLN N 72 -23.15 -52.29 -15.90
N ARG N 73 -23.93 -52.82 -14.97
CA ARG N 73 -25.38 -52.80 -15.12
C ARG N 73 -25.95 -51.42 -14.80
N LEU N 74 -27.02 -51.08 -15.52
CA LEU N 74 -27.77 -49.85 -15.30
C LEU N 74 -29.26 -50.16 -15.33
N PHE N 75 -30.03 -49.35 -14.61
CA PHE N 75 -31.48 -49.47 -14.66
C PHE N 75 -32.02 -48.69 -15.85
N HIS N 76 -33.33 -48.83 -16.08
CA HIS N 76 -33.96 -48.13 -17.19
C HIS N 76 -34.00 -46.63 -16.91
N VAL N 77 -33.63 -45.84 -17.92
CA VAL N 77 -33.68 -44.39 -17.82
C VAL N 77 -34.94 -43.90 -18.52
N ARG N 78 -35.38 -42.70 -18.14
CA ARG N 78 -36.60 -42.10 -18.68
C ARG N 78 -36.29 -40.72 -19.24
N VAL N 79 -36.97 -40.36 -20.32
CA VAL N 79 -36.80 -39.07 -20.97
C VAL N 79 -38.17 -38.50 -21.31
N GLY N 80 -38.33 -37.19 -21.15
CA GLY N 80 -39.60 -36.56 -21.39
C GLY N 80 -39.45 -35.38 -22.35
N GLN N 81 -40.59 -34.96 -22.89
CA GLN N 81 -40.61 -33.85 -23.84
C GLN N 81 -40.85 -32.52 -23.12
N SER N 82 -41.98 -32.39 -22.43
CA SER N 82 -42.25 -31.19 -21.65
C SER N 82 -41.76 -31.37 -20.22
N VAL N 83 -41.76 -30.27 -19.47
CA VAL N 83 -41.15 -30.26 -18.15
C VAL N 83 -41.86 -31.21 -17.20
N THR N 84 -43.17 -31.40 -17.37
CA THR N 84 -43.93 -32.22 -16.43
C THR N 84 -43.44 -33.66 -16.41
N GLU N 85 -43.21 -34.24 -17.60
CA GLU N 85 -42.75 -35.63 -17.65
C GLU N 85 -41.37 -35.78 -17.01
N MET N 86 -40.47 -34.83 -17.25
CA MET N 86 -39.15 -34.91 -16.66
C MET N 86 -39.22 -34.83 -15.14
N PHE N 87 -40.03 -33.90 -14.63
CA PHE N 87 -40.20 -33.79 -13.18
C PHE N 87 -40.77 -35.09 -12.60
N GLN N 88 -41.78 -35.67 -13.26
CA GLN N 88 -42.37 -36.89 -12.77
C GLN N 88 -41.37 -38.04 -12.77
N ALA N 89 -40.56 -38.14 -13.83
CA ALA N 89 -39.56 -39.21 -13.89
C ALA N 89 -38.55 -39.08 -12.77
N ASP N 90 -38.05 -37.86 -12.53
CA ASP N 90 -37.10 -37.67 -11.44
C ASP N 90 -37.73 -38.01 -10.10
N ARG N 91 -39.00 -37.62 -9.90
CA ARG N 91 -39.68 -37.95 -8.66
C ARG N 91 -39.77 -39.46 -8.46
N GLU N 92 -40.12 -40.20 -9.52
CA GLU N 92 -40.20 -41.65 -9.40
C GLU N 92 -38.85 -42.25 -9.03
N VAL N 93 -37.78 -41.78 -9.68
CA VAL N 93 -36.45 -42.33 -9.42
C VAL N 93 -36.08 -42.13 -7.96
N GLU N 94 -36.20 -40.91 -7.44
CA GLU N 94 -35.75 -40.68 -6.08
C GLU N 94 -36.71 -41.29 -5.06
N LEU N 95 -37.97 -41.52 -5.45
CA LEU N 95 -38.88 -42.24 -4.57
C LEU N 95 -38.42 -43.69 -4.36
N GLU N 96 -38.09 -44.37 -5.46
CA GLU N 96 -37.56 -45.73 -5.34
C GLU N 96 -36.29 -45.73 -4.52
N ALA N 97 -35.42 -44.74 -4.74
CA ALA N 97 -34.19 -44.64 -3.96
C ALA N 97 -34.48 -44.52 -2.48
N ILE N 98 -35.46 -43.69 -2.12
CA ILE N 98 -35.79 -43.48 -0.71
C ILE N 98 -36.26 -44.78 -0.07
N ASP N 99 -37.15 -45.51 -0.75
CA ASP N 99 -37.65 -46.75 -0.18
C ASP N 99 -36.52 -47.75 0.04
N ARG N 100 -35.68 -47.94 -0.98
CA ARG N 100 -34.58 -48.89 -0.84
C ARG N 100 -33.62 -48.47 0.26
N LEU N 101 -33.36 -47.16 0.38
CA LEU N 101 -32.46 -46.68 1.41
C LEU N 101 -32.99 -46.98 2.80
N ARG N 102 -34.28 -46.75 3.03
CA ARG N 102 -34.84 -47.02 4.36
C ARG N 102 -34.75 -48.51 4.70
N ARG N 103 -35.14 -49.36 3.76
CA ARG N 103 -35.10 -50.80 4.03
C ARG N 103 -33.67 -51.27 4.31
N GLY N 104 -32.72 -50.81 3.51
CA GLY N 104 -31.34 -51.19 3.72
C GLY N 104 -30.78 -50.68 5.03
N ILE N 105 -31.17 -49.47 5.43
CA ILE N 105 -30.73 -48.92 6.70
C ILE N 105 -31.16 -49.83 7.83
N GLU N 106 -32.43 -50.22 7.83
CA GLU N 106 -32.92 -51.10 8.89
C GLU N 106 -32.15 -52.41 8.91
N VAL N 107 -32.06 -53.09 7.76
CA VAL N 107 -31.43 -54.40 7.71
C VAL N 107 -29.98 -54.33 8.14
N MET N 108 -29.25 -53.33 7.65
CA MET N 108 -27.83 -53.20 7.95
C MET N 108 -27.58 -52.86 9.41
N ARG N 109 -28.38 -51.94 9.98
CA ARG N 109 -28.23 -51.62 11.39
C ARG N 109 -28.53 -52.84 12.25
N ALA N 110 -29.41 -53.73 11.79
CA ALA N 110 -29.70 -54.93 12.57
C ALA N 110 -28.53 -55.91 12.67
N LYS N 111 -27.47 -55.73 11.89
CA LYS N 111 -26.39 -56.70 11.82
C LYS N 111 -25.05 -56.07 12.16
N HIS N 112 -25.03 -55.19 13.16
CA HIS N 112 -23.80 -54.67 13.76
C HIS N 112 -22.89 -54.02 12.73
N ASP N 113 -23.45 -53.09 11.96
CA ASP N 113 -22.68 -52.24 11.05
C ASP N 113 -23.22 -50.83 11.13
N ILE N 114 -22.36 -49.87 11.40
CA ILE N 114 -22.77 -48.53 11.76
C ILE N 114 -22.37 -47.49 10.71
N THR N 115 -21.11 -47.53 10.27
CA THR N 115 -20.61 -46.49 9.39
C THR N 115 -21.38 -46.44 8.07
N SER N 116 -21.60 -47.60 7.47
CA SER N 116 -22.39 -47.66 6.24
C SER N 116 -23.81 -47.22 6.48
N ALA N 117 -24.36 -47.53 7.66
CA ALA N 117 -25.68 -47.01 8.01
C ALA N 117 -25.67 -45.49 8.04
N ASN N 118 -24.60 -44.89 8.56
CA ASN N 118 -24.52 -43.44 8.62
C ASN N 118 -24.47 -42.83 7.23
N VAL N 119 -23.67 -43.41 6.33
CA VAL N 119 -23.63 -42.84 4.97
C VAL N 119 -24.99 -43.00 4.29
N PHE N 120 -25.67 -44.12 4.56
CA PHE N 120 -27.02 -44.29 4.01
C PHE N 120 -27.97 -43.23 4.55
N GLU N 121 -27.85 -42.90 5.84
CA GLU N 121 -28.70 -41.86 6.42
C GLU N 121 -28.47 -40.51 5.76
N ALA N 122 -27.19 -40.16 5.52
CA ALA N 122 -26.89 -38.89 4.88
C ALA N 122 -27.48 -38.84 3.46
N ILE N 123 -27.30 -39.92 2.71
CA ILE N 123 -27.86 -39.97 1.36
C ILE N 123 -29.39 -39.84 1.41
N LEU N 124 -30.02 -40.50 2.39
CA LEU N 124 -31.47 -40.43 2.52
C LEU N 124 -31.93 -39.00 2.77
N ALA N 125 -31.24 -38.27 3.64
CA ALA N 125 -31.61 -36.89 3.90
C ALA N 125 -31.50 -36.05 2.62
N ASP N 126 -30.42 -36.22 1.87
CA ASP N 126 -30.25 -35.44 0.65
C ASP N 126 -31.35 -35.74 -0.36
N GLU N 127 -31.68 -37.02 -0.55
CA GLU N 127 -32.73 -37.36 -1.50
C GLU N 127 -34.08 -36.85 -1.06
N GLU N 128 -34.34 -36.83 0.26
CA GLU N 128 -35.60 -36.27 0.75
C GLU N 128 -35.70 -34.79 0.42
N HIS N 129 -34.61 -34.04 0.61
CA HIS N 129 -34.63 -32.63 0.24
C HIS N 129 -34.92 -32.47 -1.25
N HIS N 130 -34.27 -33.28 -2.09
CA HIS N 130 -34.47 -33.14 -3.53
C HIS N 130 -35.92 -33.43 -3.93
N ILE N 131 -36.52 -34.48 -3.37
CA ILE N 131 -37.89 -34.80 -3.77
C ILE N 131 -38.85 -33.73 -3.26
N ASP N 132 -38.56 -33.12 -2.11
CA ASP N 132 -39.37 -31.99 -1.67
C ASP N 132 -39.34 -30.86 -2.69
N TYR N 133 -38.14 -30.53 -3.17
CA TYR N 133 -38.04 -29.47 -4.18
C TYR N 133 -38.82 -29.83 -5.43
N LEU N 134 -38.72 -31.07 -5.87
CA LEU N 134 -39.44 -31.49 -7.07
C LEU N 134 -40.94 -31.35 -6.90
N GLU N 135 -41.46 -31.78 -5.74
CA GLU N 135 -42.89 -31.69 -5.51
C GLU N 135 -43.38 -30.25 -5.49
N THR N 136 -42.62 -29.36 -4.84
CA THR N 136 -43.05 -27.97 -4.79
C THR N 136 -43.01 -27.33 -6.18
N GLN N 137 -42.01 -27.69 -6.99
CA GLN N 137 -41.97 -27.17 -8.36
C GLN N 137 -43.15 -27.66 -9.18
N LEU N 138 -43.51 -28.95 -9.02
CA LEU N 138 -44.65 -29.49 -9.75
C LEU N 138 -45.94 -28.78 -9.36
N ASP N 139 -46.13 -28.54 -8.07
CA ASP N 139 -47.32 -27.81 -7.63
C ASP N 139 -47.33 -26.39 -8.22
N LEU N 140 -46.17 -25.74 -8.23
CA LEU N 140 -46.09 -24.38 -8.74
C LEU N 140 -46.46 -24.32 -10.22
N ILE N 141 -45.92 -25.24 -11.02
CA ILE N 141 -46.22 -25.21 -12.45
C ILE N 141 -47.67 -25.57 -12.70
N GLU N 142 -48.22 -26.50 -11.92
CA GLU N 142 -49.63 -26.85 -12.07
C GLU N 142 -50.52 -25.64 -11.78
N LYS N 143 -50.19 -24.87 -10.75
CA LYS N 143 -51.02 -23.71 -10.40
C LYS N 143 -50.87 -22.59 -11.42
N LEU N 144 -49.62 -22.27 -11.81
CA LEU N 144 -49.38 -21.08 -12.61
C LEU N 144 -49.82 -21.28 -14.05
N GLY N 145 -49.52 -22.44 -14.63
CA GLY N 145 -49.74 -22.66 -16.05
C GLY N 145 -48.43 -22.88 -16.77
N GLU N 146 -48.43 -23.71 -17.80
CA GLU N 146 -47.18 -24.10 -18.46
C GLU N 146 -46.49 -22.90 -19.09
N SER N 147 -47.22 -22.14 -19.91
CA SER N 147 -46.61 -21.03 -20.63
C SER N 147 -46.17 -19.93 -19.68
N LEU N 148 -47.02 -19.58 -18.71
CA LEU N 148 -46.67 -18.53 -17.77
C LEU N 148 -45.47 -18.94 -16.92
N TYR N 149 -45.42 -20.20 -16.49
CA TYR N 149 -44.27 -20.67 -15.72
C TYR N 149 -43.00 -20.63 -16.56
N LEU N 150 -43.10 -20.99 -17.84
CA LEU N 150 -41.92 -21.01 -18.69
C LEU N 150 -41.33 -19.62 -18.93
N SER N 151 -42.13 -18.57 -18.78
CA SER N 151 -41.61 -17.22 -18.95
C SER N 151 -41.13 -16.60 -17.65
N THR N 152 -40.32 -17.33 -16.91
CA THR N 152 -39.54 -16.89 -15.76
C THR N 152 -38.10 -17.33 -15.87
N VAL N 153 -37.88 -18.53 -16.40
CA VAL N 153 -36.60 -18.97 -16.96
C VAL N 153 -36.44 -18.26 -18.30
N ILE N 154 -35.30 -18.48 -18.96
CA ILE N 154 -34.87 -18.00 -20.27
C ILE N 154 -34.59 -16.51 -20.21
N GLU N 155 -33.38 -16.11 -20.60
CA GLU N 155 -33.01 -14.70 -20.67
C GLU N 155 -32.23 -14.33 -21.92
N GLN N 156 -31.73 -15.30 -22.70
CA GLN N 156 -31.02 -15.05 -23.96
C GLN N 156 -29.89 -14.03 -23.82
N THR N 157 -29.33 -13.93 -22.62
CA THR N 157 -28.29 -12.94 -22.37
C THR N 157 -27.07 -13.20 -23.25
N GLN N 158 -26.42 -14.35 -23.08
CA GLN N 158 -25.19 -14.69 -23.78
C GLN N 158 -24.16 -13.57 -23.63
N PRO N 159 -23.97 -13.02 -22.43
CA PRO N 159 -23.04 -11.89 -22.22
C PRO N 159 -21.59 -12.32 -22.03
N ASP N 160 -20.91 -12.55 -23.15
CA ASP N 160 -19.49 -12.90 -23.15
C ASP N 160 -18.68 -11.72 -23.66
N PRO N 161 -17.97 -10.99 -22.80
CA PRO N 161 -17.19 -9.81 -23.19
C PRO N 161 -15.87 -10.18 -23.86
N MET O 1 -2.60 48.21 33.28
CA MET O 1 -1.42 47.70 33.96
C MET O 1 -0.21 48.56 33.69
N GLN O 2 0.49 48.96 34.75
CA GLN O 2 1.69 49.77 34.66
C GLN O 2 2.79 49.15 35.50
N GLY O 3 4.02 49.30 35.05
CA GLY O 3 5.18 48.75 35.73
C GLY O 3 6.03 49.86 36.34
N ASP O 4 6.72 49.54 37.44
CA ASP O 4 7.61 50.50 38.06
C ASP O 4 8.83 50.73 37.18
N PRO O 5 9.44 51.92 37.27
CA PRO O 5 10.63 52.19 36.44
C PRO O 5 11.79 51.24 36.68
N GLU O 6 11.97 50.75 37.92
CA GLU O 6 13.12 49.90 38.21
C GLU O 6 13.05 48.59 37.45
N VAL O 7 11.87 47.97 37.41
CA VAL O 7 11.71 46.72 36.68
C VAL O 7 11.96 46.95 35.19
N ILE O 8 11.45 48.06 34.66
CA ILE O 8 11.66 48.39 33.25
C ILE O 8 13.14 48.53 32.94
N GLU O 9 13.87 49.25 33.82
CA GLU O 9 15.29 49.45 33.54
C GLU O 9 16.08 48.16 33.69
N PHE O 10 15.68 47.29 34.61
CA PHE O 10 16.34 45.99 34.72
C PHE O 10 16.14 45.18 33.45
N LEU O 11 14.90 45.15 32.95
CA LEU O 11 14.63 44.40 31.73
C LEU O 11 15.39 45.00 30.55
N ASN O 12 15.48 46.32 30.49
CA ASN O 12 16.21 46.97 29.39
C ASN O 12 17.69 46.62 29.45
N GLU O 13 18.29 46.63 30.65
CA GLU O 13 19.69 46.26 30.77
C GLU O 13 19.92 44.82 30.34
N GLN O 14 19.04 43.91 30.75
CA GLN O 14 19.18 42.51 30.33
C GLN O 14 19.05 42.38 28.81
N LEU O 15 18.12 43.13 28.22
CA LEU O 15 17.96 43.09 26.77
C LEU O 15 19.21 43.56 26.05
N THR O 16 19.79 44.67 26.51
CA THR O 16 21.03 45.16 25.91
C THR O 16 22.15 44.15 26.04
N ALA O 17 22.27 43.52 27.22
CA ALA O 17 23.32 42.54 27.42
C ALA O 17 23.18 41.36 26.48
N GLU O 18 21.97 40.84 26.32
CA GLU O 18 21.83 39.67 25.46
C GLU O 18 21.91 40.03 23.98
N LEU O 19 21.59 41.28 23.62
CA LEU O 19 21.86 41.72 22.24
C LEU O 19 23.35 41.74 21.95
N THR O 20 24.14 42.29 22.88
CA THR O 20 25.59 42.29 22.72
C THR O 20 26.12 40.86 22.63
N ALA O 21 25.58 39.97 23.46
CA ALA O 21 25.98 38.57 23.39
C ALA O 21 25.64 37.96 22.02
N ILE O 22 24.48 38.31 21.47
CA ILE O 22 24.11 37.81 20.15
C ILE O 22 25.17 38.20 19.12
N ASN O 23 25.52 39.48 19.11
CA ASN O 23 26.49 39.97 18.12
C ASN O 23 27.82 39.27 18.29
N GLN O 24 28.31 39.19 19.52
CA GLN O 24 29.62 38.57 19.75
C GLN O 24 29.63 37.11 19.36
N TYR O 25 28.58 36.37 19.72
CA TYR O 25 28.54 34.94 19.41
C TYR O 25 28.48 34.72 17.91
N PHE O 26 27.68 35.50 17.18
CA PHE O 26 27.64 35.28 15.73
C PHE O 26 28.98 35.60 15.08
N LEU O 27 29.63 36.69 15.52
CA LEU O 27 30.93 37.02 14.93
C LEU O 27 31.94 35.92 15.21
N HIS O 28 31.93 35.37 16.43
CA HIS O 28 32.87 34.30 16.75
C HIS O 28 32.58 33.05 15.91
N ALA O 29 31.30 32.74 15.70
CA ALA O 29 30.96 31.59 14.86
C ALA O 29 31.49 31.77 13.45
N LYS O 30 31.31 32.96 12.88
CA LYS O 30 31.81 33.21 11.53
C LYS O 30 33.32 33.10 11.48
N LEU O 31 34.01 33.68 12.47
CA LEU O 31 35.48 33.62 12.48
C LEU O 31 35.98 32.20 12.60
N GLN O 32 35.36 31.39 13.47
CA GLN O 32 35.77 30.00 13.63
C GLN O 32 35.51 29.20 12.37
N ASP O 33 34.37 29.42 11.72
CA ASP O 33 34.07 28.70 10.49
C ASP O 33 35.05 29.06 9.38
N HIS O 34 35.49 30.32 9.33
CA HIS O 34 36.46 30.72 8.31
C HIS O 34 37.77 29.97 8.46
N LYS O 35 38.23 29.78 9.69
CA LYS O 35 39.52 29.13 9.91
C LYS O 35 39.50 27.67 9.44
N GLY O 36 38.43 26.95 9.73
CA GLY O 36 38.34 25.57 9.32
C GLY O 36 37.77 24.64 10.37
N TRP O 37 37.49 25.19 11.56
CA TRP O 37 36.95 24.41 12.67
C TRP O 37 35.44 24.44 12.59
N THR O 38 34.83 23.32 12.21
CA THR O 38 33.41 23.31 11.85
C THR O 38 32.49 23.03 13.03
N LYS O 39 32.83 22.05 13.87
CA LYS O 39 31.98 21.70 14.99
C LYS O 39 31.83 22.87 15.96
N LEU O 40 32.93 23.56 16.23
CA LEU O 40 32.85 24.77 17.05
C LEU O 40 31.93 25.80 16.41
N ALA O 41 32.00 25.93 15.09
CA ALA O 41 31.16 26.92 14.41
C ALA O 41 29.68 26.60 14.58
N LYS O 42 29.31 25.33 14.40
CA LYS O 42 27.89 24.99 14.51
C LYS O 42 27.40 25.10 15.95
N TYR O 43 28.24 24.73 16.92
CA TYR O 43 27.86 24.90 18.31
C TYR O 43 27.65 26.37 18.65
N THR O 44 28.54 27.23 18.16
CA THR O 44 28.41 28.65 18.47
C THR O 44 27.19 29.25 17.79
N ARG O 45 26.85 28.78 16.59
CA ARG O 45 25.61 29.21 15.96
C ARG O 45 24.39 28.85 16.81
N ALA O 46 24.37 27.62 17.34
CA ALA O 46 23.26 27.22 18.20
C ALA O 46 23.17 28.11 19.43
N GLU O 47 24.32 28.44 20.03
CA GLU O 47 24.31 29.32 21.20
C GLU O 47 23.76 30.70 20.84
N SER O 48 24.13 31.22 19.66
CA SER O 48 23.58 32.48 19.21
C SER O 48 22.06 32.42 19.16
N PHE O 49 21.53 31.35 18.56
CA PHE O 49 20.07 31.24 18.46
C PHE O 49 19.40 31.16 19.82
N ASP O 50 20.07 30.52 20.80
CA ASP O 50 19.50 30.46 22.14
C ASP O 50 19.41 31.84 22.78
N GLU O 51 20.53 32.57 22.78
CA GLU O 51 20.51 33.94 23.31
C GLU O 51 19.47 34.78 22.58
N MET O 52 19.19 34.42 21.33
CA MET O 52 18.29 35.17 20.48
C MET O 52 16.84 34.98 20.90
N ARG O 53 16.47 33.73 21.18
CA ARG O 53 15.16 33.46 21.79
C ARG O 53 15.03 34.20 23.12
N HIS O 54 16.11 34.23 23.90
CA HIS O 54 16.09 34.98 25.16
C HIS O 54 15.72 36.43 24.91
N ALA O 55 16.37 37.06 23.92
CA ALA O 55 16.10 38.47 23.63
C ALA O 55 14.66 38.68 23.19
N GLU O 56 14.14 37.78 22.37
CA GLU O 56 12.75 37.90 21.93
C GLU O 56 11.78 37.84 23.11
N VAL O 57 12.00 36.90 24.02
CA VAL O 57 11.13 36.80 25.19
C VAL O 57 11.21 38.07 26.03
N LEU O 58 12.41 38.60 26.20
CA LEU O 58 12.58 39.81 27.01
C LEU O 58 11.82 40.99 26.41
N THR O 59 11.96 41.20 25.09
CA THR O 59 11.28 42.35 24.49
C THR O 59 9.78 42.16 24.52
N ASP O 60 9.29 40.93 24.33
CA ASP O 60 7.86 40.68 24.47
C ASP O 60 7.36 41.06 25.86
N ARG O 61 8.10 40.65 26.89
CA ARG O 61 7.66 40.95 28.26
C ARG O 61 7.64 42.45 28.52
N ILE O 62 8.70 43.16 28.15
CA ILE O 62 8.74 44.58 28.46
C ILE O 62 7.68 45.33 27.67
N LEU O 63 7.40 44.90 26.44
CA LEU O 63 6.31 45.49 25.68
C LEU O 63 4.97 45.25 26.35
N LEU O 64 4.77 44.05 26.90
CA LEU O 64 3.53 43.77 27.61
C LEU O 64 3.38 44.67 28.85
N LEU O 65 4.49 44.93 29.53
CA LEU O 65 4.43 45.78 30.73
C LEU O 65 4.24 47.25 30.41
N ASP O 66 3.92 47.62 29.17
CA ASP O 66 3.72 49.02 28.76
C ASP O 66 5.00 49.84 29.00
N GLY O 67 6.05 49.45 28.27
CA GLY O 67 7.32 50.15 28.32
C GLY O 67 7.87 50.40 26.92
N LEU O 68 9.06 50.98 26.89
CA LEU O 68 9.74 51.28 25.63
C LEU O 68 11.02 50.47 25.53
N PRO O 69 11.06 49.40 24.74
CA PRO O 69 12.29 48.64 24.58
C PRO O 69 13.40 49.50 23.99
N ASN O 70 14.62 49.27 24.45
CA ASN O 70 15.79 50.03 24.01
C ASN O 70 16.59 49.20 23.03
N TYR O 71 16.77 49.70 21.81
CA TYR O 71 17.55 49.03 20.80
C TYR O 71 18.78 49.82 20.35
N GLN O 72 18.89 51.10 20.74
CA GLN O 72 20.05 51.89 20.35
C GLN O 72 21.29 51.49 21.15
N ARG O 73 21.13 51.29 22.45
CA ARG O 73 22.28 51.08 23.32
C ARG O 73 22.93 49.72 23.04
N LEU O 74 24.25 49.68 23.20
CA LEU O 74 25.02 48.48 22.99
C LEU O 74 26.26 48.52 23.85
N PHE O 75 26.60 47.39 24.47
CA PHE O 75 27.78 47.30 25.31
C PHE O 75 29.02 47.05 24.45
N HIS O 76 30.17 46.91 25.12
CA HIS O 76 31.41 46.67 24.39
C HIS O 76 31.48 45.24 23.91
N VAL O 77 31.85 45.06 22.64
CA VAL O 77 31.99 43.75 22.02
C VAL O 77 33.47 43.46 21.85
N ARG O 78 33.91 42.31 22.34
CA ARG O 78 35.31 41.93 22.29
C ARG O 78 35.47 40.66 21.47
N VAL O 79 36.62 40.55 20.80
CA VAL O 79 36.93 39.42 19.92
C VAL O 79 38.32 38.89 20.27
N GLY O 80 38.56 37.64 19.89
CA GLY O 80 39.82 37.00 20.17
C GLY O 80 40.42 36.37 18.93
N GLN O 81 41.71 36.06 19.03
CA GLN O 81 42.46 35.48 17.93
C GLN O 81 42.63 33.97 18.05
N SER O 82 42.69 33.45 19.28
CA SER O 82 42.80 32.02 19.53
C SER O 82 41.55 31.53 20.24
N VAL O 83 41.43 30.20 20.33
CA VAL O 83 40.25 29.61 20.96
C VAL O 83 40.15 30.02 22.43
N THR O 84 41.28 30.10 23.11
CA THR O 84 41.26 30.45 24.53
C THR O 84 40.70 31.85 24.75
N GLU O 85 41.06 32.80 23.88
CA GLU O 85 40.55 34.15 24.02
C GLU O 85 39.03 34.19 23.87
N MET O 86 38.51 33.49 22.86
CA MET O 86 37.07 33.47 22.66
C MET O 86 36.36 32.85 23.86
N PHE O 87 36.90 31.74 24.37
CA PHE O 87 36.28 31.08 25.51
C PHE O 87 36.28 31.99 26.73
N GLN O 88 37.40 32.67 26.98
CA GLN O 88 37.47 33.56 28.13
C GLN O 88 36.49 34.72 27.99
N ALA O 89 36.39 35.31 26.80
CA ALA O 89 35.47 36.42 26.59
C ALA O 89 34.04 36.00 26.84
N ASP O 90 33.63 34.87 26.28
CA ASP O 90 32.27 34.39 26.49
C ASP O 90 32.02 34.10 27.96
N ARG O 91 33.00 33.50 28.63
CA ARG O 91 32.84 33.17 30.04
C ARG O 91 32.60 34.41 30.87
N GLU O 92 33.40 35.46 30.66
CA GLU O 92 33.22 36.66 31.49
C GLU O 92 31.91 37.38 31.16
N VAL O 93 31.50 37.36 29.89
CA VAL O 93 30.23 37.99 29.52
C VAL O 93 29.08 37.32 30.25
N GLU O 94 29.03 35.98 30.19
CA GLU O 94 27.92 35.29 30.85
C GLU O 94 28.04 35.38 32.37
N LEU O 95 29.25 35.55 32.89
CA LEU O 95 29.42 35.75 34.33
C LEU O 95 28.74 37.03 34.80
N GLU O 96 29.05 38.15 34.15
CA GLU O 96 28.44 39.40 34.57
C GLU O 96 26.93 39.37 34.32
N ALA O 97 26.49 38.67 33.27
CA ALA O 97 25.06 38.49 33.06
C ALA O 97 24.42 37.76 34.24
N ILE O 98 25.08 36.72 34.74
CA ILE O 98 24.54 35.95 35.87
C ILE O 98 24.41 36.84 37.10
N ASP O 99 25.44 37.64 37.38
CA ASP O 99 25.38 38.51 38.55
C ASP O 99 24.21 39.49 38.45
N ARG O 100 24.07 40.13 37.28
CA ARG O 100 22.98 41.07 37.10
C ARG O 100 21.63 40.38 37.25
N LEU O 101 21.51 39.17 36.71
CA LEU O 101 20.24 38.44 36.82
C LEU O 101 19.88 38.14 38.27
N ARG O 102 20.85 37.72 39.07
CA ARG O 102 20.57 37.42 40.47
C ARG O 102 20.10 38.67 41.22
N ARG O 103 20.83 39.78 41.05
CA ARG O 103 20.44 41.01 41.74
C ARG O 103 19.05 41.46 41.32
N GLY O 104 18.78 41.43 40.01
CA GLY O 104 17.47 41.84 39.53
C GLY O 104 16.36 40.95 40.03
N ILE O 105 16.61 39.63 40.09
CA ILE O 105 15.58 38.72 40.58
C ILE O 105 15.21 39.06 42.00
N GLU O 106 16.22 39.27 42.85
CA GLU O 106 15.94 39.60 44.25
C GLU O 106 15.14 40.89 44.36
N VAL O 107 15.62 41.95 43.72
CA VAL O 107 14.97 43.26 43.86
C VAL O 107 13.54 43.21 43.32
N MET O 108 13.36 42.55 42.18
CA MET O 108 12.05 42.51 41.54
C MET O 108 11.06 41.67 42.32
N ARG O 109 11.49 40.52 42.84
CA ARG O 109 10.62 39.71 43.68
C ARG O 109 10.23 40.46 44.95
N ALA O 110 11.12 41.31 45.45
CA ALA O 110 10.73 42.06 46.65
C ALA O 110 9.67 43.15 46.38
N LYS O 111 9.09 43.30 45.19
CA LYS O 111 8.14 44.38 44.93
C LYS O 111 6.91 43.87 44.19
N HIS O 112 6.50 42.63 44.49
CA HIS O 112 5.24 42.07 44.00
C HIS O 112 5.18 42.05 42.48
N ASP O 113 6.08 41.26 41.89
CA ASP O 113 6.08 41.02 40.45
C ASP O 113 6.66 39.63 40.23
N ILE O 114 5.84 38.70 39.78
CA ILE O 114 6.21 37.28 39.78
C ILE O 114 6.60 36.80 38.40
N THR O 115 5.82 37.15 37.37
CA THR O 115 6.07 36.62 36.04
C THR O 115 7.45 37.02 35.51
N SER O 116 7.80 38.29 35.69
CA SER O 116 9.12 38.75 35.27
C SER O 116 10.22 38.04 36.04
N ALA O 117 10.00 37.80 37.34
CA ALA O 117 10.95 37.01 38.10
C ALA O 117 11.10 35.62 37.51
N ASN O 118 10.01 35.02 37.05
CA ASN O 118 10.08 33.67 36.49
C ASN O 118 10.88 33.64 35.20
N VAL O 119 10.65 34.61 34.31
CA VAL O 119 11.42 34.61 33.07
C VAL O 119 12.89 34.87 33.36
N PHE O 120 13.19 35.73 34.35
CA PHE O 120 14.57 35.92 34.75
C PHE O 120 15.18 34.62 35.29
N GLU O 121 14.41 33.84 36.05
CA GLU O 121 14.92 32.58 36.56
C GLU O 121 15.26 31.62 35.43
N ALA O 122 14.39 31.52 34.43
CA ALA O 122 14.67 30.63 33.30
C ALA O 122 15.93 31.06 32.57
N ILE O 123 16.06 32.37 32.31
CA ILE O 123 17.25 32.87 31.64
C ILE O 123 18.50 32.56 32.46
N LEU O 124 18.41 32.72 33.78
CA LEU O 124 19.56 32.45 34.64
C LEU O 124 19.98 30.99 34.57
N ALA O 125 19.00 30.08 34.57
CA ALA O 125 19.34 28.66 34.44
C ALA O 125 20.06 28.38 33.13
N ASP O 126 19.57 28.94 32.02
CA ASP O 126 20.22 28.70 30.74
C ASP O 126 21.65 29.25 30.73
N GLU O 127 21.84 30.45 31.28
CA GLU O 127 23.18 31.03 31.32
C GLU O 127 24.12 30.19 32.16
N GLU O 128 23.61 29.64 33.28
CA GLU O 128 24.44 28.78 34.11
C GLU O 128 24.89 27.53 33.35
N HIS O 129 23.98 26.92 32.60
CA HIS O 129 24.38 25.77 31.79
C HIS O 129 25.45 26.14 30.78
N HIS O 130 25.28 27.29 30.11
CA HIS O 130 26.26 27.70 29.10
C HIS O 130 27.64 27.93 29.72
N ILE O 131 27.69 28.61 30.86
CA ILE O 131 29.01 28.88 31.45
C ILE O 131 29.64 27.59 31.95
N ASP O 132 28.84 26.64 32.42
CA ASP O 132 29.41 25.34 32.78
C ASP O 132 30.06 24.67 31.59
N TYR O 133 29.39 24.70 30.44
CA TYR O 133 29.99 24.11 29.24
C TYR O 133 31.30 24.81 28.87
N LEU O 134 31.31 26.15 28.94
CA LEU O 134 32.53 26.88 28.60
C LEU O 134 33.67 26.50 29.54
N GLU O 135 33.39 26.40 30.83
CA GLU O 135 34.44 26.08 31.79
C GLU O 135 35.01 24.69 31.56
N THR O 136 34.14 23.70 31.32
CA THR O 136 34.66 22.35 31.11
C THR O 136 35.45 22.26 29.81
N GLN O 137 35.01 22.97 28.76
CA GLN O 137 35.77 22.98 27.51
C GLN O 137 37.13 23.63 27.71
N LEU O 138 37.19 24.72 28.46
CA LEU O 138 38.46 25.38 28.71
C LEU O 138 39.41 24.48 29.48
N ASP O 139 38.90 23.77 30.49
CA ASP O 139 39.74 22.81 31.20
C ASP O 139 40.24 21.72 30.27
N LEU O 140 39.37 21.24 29.38
CA LEU O 140 39.76 20.17 28.46
C LEU O 140 40.88 20.62 27.53
N ILE O 141 40.76 21.82 26.96
CA ILE O 141 41.80 22.28 26.04
C ILE O 141 43.09 22.56 26.80
N GLU O 142 43.00 23.08 28.02
CA GLU O 142 44.20 23.30 28.81
C GLU O 142 44.93 22.01 29.10
N LYS O 143 44.19 20.94 29.41
CA LYS O 143 44.84 19.67 29.72
C LYS O 143 45.40 19.01 28.46
N LEU O 144 44.62 18.99 27.38
CA LEU O 144 45.00 18.20 26.21
C LEU O 144 46.13 18.86 25.43
N GLY O 145 46.06 20.16 25.22
CA GLY O 145 46.97 20.85 24.33
C GLY O 145 46.21 21.45 23.16
N GLU O 146 46.63 22.64 22.72
CA GLU O 146 45.87 23.35 21.69
C GLU O 146 45.88 22.59 20.37
N SER O 147 47.04 22.04 19.98
CA SER O 147 47.14 21.37 18.69
C SER O 147 46.26 20.12 18.64
N LEU O 148 46.26 19.31 19.69
CA LEU O 148 45.44 18.10 19.69
C LEU O 148 43.96 18.45 19.66
N TYR O 149 43.55 19.46 20.42
CA TYR O 149 42.15 19.88 20.42
C TYR O 149 41.74 20.36 19.04
N LEU O 150 42.57 21.18 18.40
CA LEU O 150 42.24 21.66 17.06
C LEU O 150 42.19 20.50 16.07
N SER O 151 43.08 19.53 16.21
CA SER O 151 43.06 18.37 15.32
C SER O 151 41.77 17.58 15.49
N THR O 152 41.30 17.43 16.72
CA THR O 152 40.08 16.67 16.94
C THR O 152 38.81 17.46 16.65
N VAL O 153 38.91 18.77 16.44
CA VAL O 153 37.71 19.55 16.15
C VAL O 153 37.49 19.81 14.66
N ILE O 154 38.54 19.78 13.84
CA ILE O 154 38.37 20.09 12.42
C ILE O 154 37.63 18.95 11.73
N GLU O 155 36.94 19.30 10.64
CA GLU O 155 36.20 18.34 9.83
C GLU O 155 37.08 17.97 8.64
N GLN O 156 37.73 16.83 8.73
CA GLN O 156 38.63 16.38 7.67
C GLN O 156 37.91 15.69 6.53
N THR O 157 36.60 15.48 6.63
CA THR O 157 35.85 15.03 5.48
C THR O 157 35.69 16.14 4.44
N GLN O 158 35.55 17.38 4.90
CA GLN O 158 35.39 18.57 4.07
C GLN O 158 34.38 18.31 2.96
N PRO O 159 33.09 18.21 3.29
CA PRO O 159 32.10 17.86 2.26
C PRO O 159 32.09 18.88 1.13
N ASP O 160 32.42 18.41 -0.08
CA ASP O 160 32.45 19.28 -1.24
C ASP O 160 31.10 19.90 -1.55
N PRO O 161 29.98 19.15 -1.55
CA PRO O 161 28.69 19.79 -1.84
C PRO O 161 28.31 20.90 -0.88
N SER O 162 28.70 20.79 0.39
CA SER O 162 28.42 21.82 1.40
C SER O 162 26.93 22.13 1.49
N MET P 1 46.76 37.46 -1.08
CA MET P 1 45.58 38.08 -1.67
C MET P 1 44.77 38.82 -0.61
N GLN P 2 44.68 40.14 -0.75
CA GLN P 2 43.92 40.97 0.17
C GLN P 2 43.42 42.20 -0.55
N GLY P 3 42.26 42.70 -0.11
CA GLY P 3 41.67 43.87 -0.71
C GLY P 3 42.27 45.16 -0.20
N ASP P 4 41.98 46.23 -0.91
CA ASP P 4 42.41 47.58 -0.59
C ASP P 4 41.41 48.24 0.35
N PRO P 5 41.83 49.26 1.11
CA PRO P 5 40.98 49.80 2.17
C PRO P 5 39.64 50.34 1.72
N GLU P 6 39.54 50.89 0.50
CA GLU P 6 38.29 51.52 0.08
C GLU P 6 37.15 50.51 0.00
N VAL P 7 37.41 49.35 -0.61
CA VAL P 7 36.39 48.33 -0.71
C VAL P 7 36.01 47.83 0.68
N ILE P 8 37.00 47.68 1.55
CA ILE P 8 36.74 47.20 2.91
C ILE P 8 35.82 48.16 3.65
N GLU P 9 36.12 49.46 3.57
CA GLU P 9 35.30 50.43 4.30
C GLU P 9 33.92 50.56 3.69
N PHE P 10 33.78 50.45 2.37
CA PHE P 10 32.46 50.44 1.77
C PHE P 10 31.64 49.26 2.28
N LEU P 11 32.25 48.08 2.31
CA LEU P 11 31.54 46.90 2.78
C LEU P 11 31.17 47.04 4.26
N ASN P 12 32.06 47.61 5.06
CA ASN P 12 31.77 47.79 6.48
C ASN P 12 30.60 48.76 6.68
N GLU P 13 30.59 49.86 5.92
CA GLU P 13 29.49 50.80 6.03
C GLU P 13 28.16 50.16 5.65
N GLN P 14 28.16 49.38 4.56
CA GLN P 14 26.92 48.71 4.18
C GLN P 14 26.49 47.69 5.23
N LEU P 15 27.45 47.00 5.85
CA LEU P 15 27.12 46.05 6.91
C LEU P 15 26.47 46.75 8.09
N THR P 16 27.01 47.90 8.49
CA THR P 16 26.41 48.68 9.57
C THR P 16 24.99 49.10 9.22
N ALA P 17 24.79 49.55 7.97
CA ALA P 17 23.45 49.96 7.56
C ALA P 17 22.46 48.81 7.63
N GLU P 18 22.87 47.63 7.15
CA GLU P 18 21.93 46.51 7.15
C GLU P 18 21.65 46.02 8.56
N LEU P 19 22.64 46.10 9.46
CA LEU P 19 22.37 45.76 10.87
C LEU P 19 21.36 46.71 11.49
N THR P 20 21.51 48.01 11.25
CA THR P 20 20.55 48.98 11.77
C THR P 20 19.16 48.70 11.21
N ALA P 21 19.08 48.37 9.92
CA ALA P 21 17.80 48.02 9.33
C ALA P 21 17.19 46.79 9.99
N ILE P 22 18.03 45.80 10.31
CA ILE P 22 17.55 44.60 10.98
C ILE P 22 16.87 44.97 12.29
N ASN P 23 17.57 45.77 13.11
CA ASN P 23 17.04 46.15 14.41
C ASN P 23 15.72 46.89 14.26
N GLN P 24 15.69 47.89 13.37
CA GLN P 24 14.48 48.69 13.22
C GLN P 24 13.30 47.85 12.75
N TYR P 25 13.54 46.98 11.77
CA TYR P 25 12.45 46.16 11.24
C TYR P 25 11.90 45.22 12.29
N PHE P 26 12.77 44.59 13.08
CA PHE P 26 12.26 43.68 14.10
C PHE P 26 11.46 44.43 15.16
N LEU P 27 11.96 45.60 15.58
CA LEU P 27 11.22 46.38 16.57
C LEU P 27 9.85 46.78 16.04
N HIS P 28 9.79 47.21 14.78
CA HIS P 28 8.51 47.60 14.19
C HIS P 28 7.58 46.40 14.10
N ALA P 29 8.10 45.23 13.77
CA ALA P 29 7.26 44.04 13.70
C ALA P 29 6.65 43.73 15.06
N LYS P 30 7.47 43.78 16.12
CA LYS P 30 6.93 43.52 17.45
C LYS P 30 5.88 44.56 17.84
N LEU P 31 6.15 45.83 17.56
CA LEU P 31 5.20 46.88 17.91
C LEU P 31 3.87 46.71 17.17
N GLN P 32 3.93 46.38 15.88
CA GLN P 32 2.70 46.17 15.12
C GLN P 32 1.94 44.95 15.61
N ASP P 33 2.64 43.87 15.93
CA ASP P 33 1.96 42.68 16.42
C ASP P 33 1.34 42.91 17.78
N HIS P 34 1.89 43.82 18.58
CA HIS P 34 1.37 44.04 19.92
C HIS P 34 -0.06 44.58 19.89
N LYS P 35 -0.39 45.43 18.93
CA LYS P 35 -1.67 46.13 18.91
C LYS P 35 -2.70 45.47 18.01
N GLY P 36 -2.45 44.26 17.52
CA GLY P 36 -3.46 43.48 16.83
C GLY P 36 -3.34 43.42 15.32
N TRP P 37 -2.49 44.24 14.72
CA TRP P 37 -2.30 44.21 13.27
C TRP P 37 -1.42 43.01 12.93
N THR P 38 -2.03 41.92 12.47
CA THR P 38 -1.31 40.66 12.38
C THR P 38 -0.53 40.50 11.07
N LYS P 39 -1.18 40.72 9.93
CA LYS P 39 -0.53 40.47 8.65
C LYS P 39 0.67 41.38 8.44
N LEU P 40 0.54 42.64 8.85
CA LEU P 40 1.68 43.55 8.79
C LEU P 40 2.85 43.00 9.60
N ALA P 41 2.58 42.36 10.74
CA ALA P 41 3.64 41.79 11.54
C ALA P 41 4.38 40.69 10.78
N LYS P 42 3.63 39.82 10.09
CA LYS P 42 4.27 38.76 9.32
C LYS P 42 5.11 39.32 8.19
N TYR P 43 4.59 40.31 7.48
CA TYR P 43 5.36 40.90 6.39
C TYR P 43 6.64 41.56 6.92
N THR P 44 6.54 42.27 8.04
CA THR P 44 7.72 42.93 8.58
C THR P 44 8.75 41.90 9.05
N ARG P 45 8.30 40.80 9.64
CA ARG P 45 9.23 39.75 10.03
C ARG P 45 9.97 39.19 8.82
N ALA P 46 9.25 38.95 7.72
CA ALA P 46 9.89 38.44 6.52
C ALA P 46 10.91 39.43 5.97
N GLU P 47 10.56 40.72 5.94
CA GLU P 47 11.52 41.73 5.47
C GLU P 47 12.75 41.78 6.36
N SER P 48 12.56 41.62 7.67
CA SER P 48 13.69 41.54 8.58
C SER P 48 14.61 40.39 8.18
N PHE P 49 14.04 39.22 7.95
CA PHE P 49 14.86 38.05 7.63
C PHE P 49 15.59 38.24 6.29
N ASP P 50 14.98 38.97 5.37
CA ASP P 50 15.66 39.25 4.10
C ASP P 50 16.89 40.13 4.32
N GLU P 51 16.72 41.25 5.05
CA GLU P 51 17.90 42.05 5.40
C GLU P 51 18.90 41.24 6.22
N MET P 52 18.41 40.22 6.91
CA MET P 52 19.25 39.36 7.74
C MET P 52 20.20 38.52 6.89
N ARG P 53 19.66 37.88 5.85
CA ARG P 53 20.48 37.18 4.88
C ARG P 53 21.46 38.14 4.20
N HIS P 54 21.00 39.35 3.92
CA HIS P 54 21.91 40.37 3.36
C HIS P 54 23.14 40.54 4.24
N ALA P 55 22.91 40.73 5.54
CA ALA P 55 24.02 40.97 6.46
C ALA P 55 24.97 39.78 6.52
N GLU P 56 24.41 38.56 6.54
CA GLU P 56 25.28 37.38 6.59
C GLU P 56 26.17 37.30 5.35
N VAL P 57 25.59 37.54 4.17
CA VAL P 57 26.39 37.50 2.95
C VAL P 57 27.48 38.55 2.99
N LEU P 58 27.15 39.75 3.46
CA LEU P 58 28.15 40.82 3.49
C LEU P 58 29.32 40.46 4.40
N THR P 59 29.04 39.96 5.61
CA THR P 59 30.14 39.66 6.51
C THR P 59 30.99 38.52 5.98
N ASP P 60 30.37 37.52 5.35
CA ASP P 60 31.16 36.46 4.74
C ASP P 60 32.09 37.02 3.67
N ARG P 61 31.57 37.90 2.82
CA ARG P 61 32.40 38.45 1.74
C ARG P 61 33.57 39.24 2.29
N ILE P 62 33.33 40.11 3.28
CA ILE P 62 34.43 40.93 3.78
C ILE P 62 35.45 40.06 4.50
N LEU P 63 34.98 39.02 5.20
CA LEU P 63 35.91 38.11 5.86
C LEU P 63 36.78 37.37 4.85
N LEU P 64 36.25 37.09 3.66
CA LEU P 64 37.06 36.40 2.65
C LEU P 64 38.25 37.25 2.21
N LEU P 65 38.08 38.56 2.15
CA LEU P 65 39.12 39.47 1.67
C LEU P 65 40.14 39.83 2.73
N ASP P 66 40.23 39.06 3.81
CA ASP P 66 41.16 39.33 4.91
C ASP P 66 40.91 40.72 5.50
N GLY P 67 39.71 40.89 6.05
CA GLY P 67 39.30 42.12 6.68
C GLY P 67 38.87 41.89 8.12
N LEU P 68 38.40 42.98 8.73
CA LEU P 68 37.94 42.97 10.12
C LEU P 68 36.54 43.55 10.18
N PRO P 69 35.51 42.73 10.04
CA PRO P 69 34.14 43.23 10.19
C PRO P 69 33.94 43.77 11.60
N ASN P 70 33.18 44.86 11.70
CA ASN P 70 32.89 45.47 12.98
C ASN P 70 31.42 45.33 13.30
N TYR P 71 31.12 44.80 14.49
CA TYR P 71 29.76 44.65 14.97
C TYR P 71 29.47 45.61 16.12
N GLN P 72 30.26 46.67 16.26
CA GLN P 72 30.17 47.56 17.41
C GLN P 72 29.31 48.78 17.15
N ARG P 73 29.46 49.42 15.99
CA ARG P 73 28.79 50.68 15.74
C ARG P 73 27.43 50.47 15.09
N LEU P 74 26.56 51.46 15.27
CA LEU P 74 25.23 51.45 14.68
C LEU P 74 24.85 52.88 14.29
N PHE P 75 23.93 52.99 13.35
CA PHE P 75 23.39 54.28 12.96
C PHE P 75 22.20 54.62 13.86
N HIS P 76 21.48 55.70 13.54
CA HIS P 76 20.34 56.10 14.32
C HIS P 76 19.14 55.23 13.99
N VAL P 77 18.45 54.73 15.01
CA VAL P 77 17.26 53.91 14.85
C VAL P 77 16.05 54.74 15.22
N ARG P 78 15.09 54.84 14.31
CA ARG P 78 13.90 55.66 14.51
C ARG P 78 12.66 54.79 14.56
N VAL P 79 11.69 55.21 15.37
CA VAL P 79 10.45 54.47 15.57
C VAL P 79 9.28 55.43 15.41
N GLY P 80 8.11 54.85 15.14
CA GLY P 80 6.91 55.63 14.92
C GLY P 80 5.73 55.06 15.70
N GLN P 81 4.70 55.89 15.82
CA GLN P 81 3.49 55.51 16.55
C GLN P 81 2.46 54.87 15.63
N SER P 82 2.03 55.60 14.60
CA SER P 82 1.07 55.07 13.63
C SER P 82 1.81 54.45 12.45
N VAL P 83 1.04 53.81 11.57
CA VAL P 83 1.63 53.10 10.43
C VAL P 83 2.38 54.06 9.52
N THR P 84 1.88 55.28 9.36
CA THR P 84 2.46 56.21 8.42
C THR P 84 3.92 56.50 8.76
N GLU P 85 4.20 56.77 10.04
CA GLU P 85 5.57 57.09 10.44
C GLU P 85 6.50 55.91 10.21
N MET P 86 6.03 54.69 10.48
CA MET P 86 6.85 53.52 10.21
C MET P 86 7.19 53.43 8.72
N PHE P 87 6.21 53.69 7.87
CA PHE P 87 6.48 53.64 6.43
C PHE P 87 7.47 54.71 6.00
N GLN P 88 7.35 55.93 6.55
CA GLN P 88 8.31 56.98 6.23
C GLN P 88 9.72 56.58 6.67
N ALA P 89 9.85 56.03 7.87
CA ALA P 89 11.18 55.65 8.36
C ALA P 89 11.79 54.58 7.47
N ASP P 90 11.01 53.58 7.08
CA ASP P 90 11.53 52.54 6.20
C ASP P 90 11.94 53.12 4.85
N ARG P 91 11.14 54.05 4.32
CA ARG P 91 11.49 54.67 3.05
C ARG P 91 12.82 55.42 3.14
N GLU P 92 13.02 56.16 4.23
CA GLU P 92 14.28 56.89 4.40
C GLU P 92 15.47 55.93 4.44
N VAL P 93 15.33 54.84 5.20
CA VAL P 93 16.43 53.88 5.31
C VAL P 93 16.76 53.30 3.94
N GLU P 94 15.73 52.89 3.20
CA GLU P 94 15.98 52.28 1.89
C GLU P 94 16.59 53.27 0.92
N LEU P 95 16.16 54.53 0.95
CA LEU P 95 16.73 55.52 0.04
C LEU P 95 18.22 55.72 0.30
N GLU P 96 18.59 55.86 1.58
CA GLU P 96 20.01 56.02 1.90
C GLU P 96 20.80 54.80 1.45
N ALA P 97 20.27 53.60 1.68
CA ALA P 97 20.97 52.38 1.28
C ALA P 97 21.16 52.34 -0.23
N ILE P 98 20.14 52.75 -0.99
CA ILE P 98 20.24 52.70 -2.45
C ILE P 98 21.32 53.63 -2.96
N ASP P 99 21.36 54.86 -2.43
CA ASP P 99 22.38 55.80 -2.87
C ASP P 99 23.78 55.28 -2.55
N ARG P 100 23.97 54.78 -1.33
CA ARG P 100 25.27 54.25 -0.94
C ARG P 100 25.68 53.09 -1.83
N LEU P 101 24.74 52.19 -2.14
CA LEU P 101 25.05 51.04 -2.97
C LEU P 101 25.48 51.47 -4.37
N ARG P 102 24.79 52.45 -4.96
CA ARG P 102 25.15 52.90 -6.30
C ARG P 102 26.57 53.47 -6.32
N ARG P 103 26.88 54.35 -5.36
CA ARG P 103 28.23 54.91 -5.33
C ARG P 103 29.28 53.80 -5.14
N GLY P 104 28.99 52.86 -4.24
CA GLY P 104 29.95 51.80 -3.96
C GLY P 104 30.22 50.92 -5.16
N ILE P 105 29.16 50.51 -5.87
CA ILE P 105 29.37 49.65 -7.03
C ILE P 105 30.15 50.39 -8.10
N GLU P 106 29.85 51.67 -8.31
CA GLU P 106 30.62 52.43 -9.28
C GLU P 106 32.11 52.40 -8.95
N VAL P 107 32.46 52.76 -7.71
CA VAL P 107 33.88 52.83 -7.35
C VAL P 107 34.53 51.46 -7.43
N MET P 108 33.87 50.44 -6.89
CA MET P 108 34.45 49.10 -6.82
C MET P 108 34.68 48.53 -8.21
N ARG P 109 33.73 48.72 -9.13
CA ARG P 109 33.95 48.27 -10.50
C ARG P 109 35.07 49.04 -11.15
N ALA P 110 35.17 50.34 -10.88
CA ALA P 110 36.27 51.11 -11.45
C ALA P 110 37.63 50.69 -10.92
N LYS P 111 37.68 50.07 -9.74
CA LYS P 111 38.95 49.76 -9.09
C LYS P 111 39.26 48.26 -9.16
N HIS P 112 38.81 47.60 -10.23
CA HIS P 112 39.17 46.22 -10.55
C HIS P 112 38.74 45.23 -9.47
N ASP P 113 37.43 45.14 -9.27
CA ASP P 113 36.85 44.12 -8.40
C ASP P 113 35.44 43.83 -8.90
N ILE P 114 35.11 42.54 -9.02
CA ILE P 114 33.91 42.12 -9.74
C ILE P 114 32.91 41.44 -8.80
N THR P 115 33.37 40.46 -8.02
CA THR P 115 32.45 39.67 -7.21
C THR P 115 31.71 40.53 -6.18
N SER P 116 32.45 41.42 -5.51
CA SER P 116 31.81 42.33 -4.57
C SER P 116 30.83 43.24 -5.29
N ALA P 117 31.17 43.66 -6.50
CA ALA P 117 30.21 44.44 -7.29
C ALA P 117 28.93 43.65 -7.54
N ASN P 118 29.06 42.36 -7.81
CA ASN P 118 27.88 41.54 -8.06
C ASN P 118 27.01 41.41 -6.81
N VAL P 119 27.63 41.21 -5.65
CA VAL P 119 26.80 41.13 -4.44
C VAL P 119 26.13 42.47 -4.18
N PHE P 120 26.82 43.58 -4.50
CA PHE P 120 26.19 44.89 -4.38
C PHE P 120 24.99 45.02 -5.31
N GLU P 121 25.10 44.51 -6.54
CA GLU P 121 23.96 44.55 -7.46
C GLU P 121 22.77 43.78 -6.91
N ALA P 122 23.02 42.58 -6.37
CA ALA P 122 21.91 41.79 -5.83
C ALA P 122 21.23 42.51 -4.68
N ILE P 123 22.02 43.08 -3.76
CA ILE P 123 21.45 43.82 -2.65
C ILE P 123 20.65 45.01 -3.15
N LEU P 124 21.18 45.71 -4.17
CA LEU P 124 20.49 46.86 -4.72
C LEU P 124 19.13 46.48 -5.28
N ALA P 125 19.07 45.37 -6.02
CA ALA P 125 17.79 44.92 -6.56
C ALA P 125 16.79 44.63 -5.45
N ASP P 126 17.23 43.93 -4.40
CA ASP P 126 16.31 43.61 -3.32
C ASP P 126 15.79 44.87 -2.62
N GLU P 127 16.69 45.82 -2.32
CA GLU P 127 16.25 47.03 -1.65
C GLU P 127 15.30 47.83 -2.53
N GLU P 128 15.53 47.84 -3.85
CA GLU P 128 14.63 48.54 -4.76
C GLU P 128 13.23 47.94 -4.74
N HIS P 129 13.16 46.61 -4.76
CA HIS P 129 11.84 45.96 -4.65
C HIS P 129 11.15 46.35 -3.37
N HIS P 130 11.89 46.37 -2.26
CA HIS P 130 11.25 46.70 -0.98
C HIS P 130 10.74 48.14 -0.95
N ILE P 131 11.51 49.09 -1.47
CA ILE P 131 11.04 50.47 -1.42
C ILE P 131 9.84 50.65 -2.35
N ASP P 132 9.79 49.90 -3.47
CA ASP P 132 8.60 49.94 -4.29
C ASP P 132 7.36 49.49 -3.51
N TYR P 133 7.50 48.39 -2.76
CA TYR P 133 6.38 47.93 -1.95
C TYR P 133 5.96 48.97 -0.93
N LEU P 134 6.93 49.61 -0.28
CA LEU P 134 6.61 50.62 0.72
C LEU P 134 5.84 51.78 0.10
N GLU P 135 6.28 52.24 -1.08
CA GLU P 135 5.63 53.37 -1.72
C GLU P 135 4.20 53.05 -2.13
N THR P 136 3.97 51.85 -2.69
CA THR P 136 2.61 51.52 -3.06
C THR P 136 1.72 51.37 -1.84
N GLN P 137 2.25 50.80 -0.75
CA GLN P 137 1.46 50.73 0.48
C GLN P 137 1.10 52.13 0.98
N LEU P 138 2.06 53.06 0.91
CA LEU P 138 1.81 54.41 1.40
C LEU P 138 0.73 55.10 0.59
N ASP P 139 0.79 55.00 -0.74
CA ASP P 139 -0.24 55.67 -1.53
C ASP P 139 -1.59 54.99 -1.35
N LEU P 140 -1.59 53.68 -1.13
CA LEU P 140 -2.84 52.96 -0.87
C LEU P 140 -3.50 53.45 0.41
N ILE P 141 -2.74 53.55 1.50
CA ILE P 141 -3.33 53.99 2.76
C ILE P 141 -3.74 55.46 2.66
N GLU P 142 -2.98 56.26 1.92
CA GLU P 142 -3.37 57.65 1.72
C GLU P 142 -4.71 57.75 1.00
N LYS P 143 -4.92 56.92 -0.02
CA LYS P 143 -6.18 56.99 -0.76
C LYS P 143 -7.34 56.45 0.07
N LEU P 144 -7.14 55.33 0.76
CA LEU P 144 -8.25 54.65 1.43
C LEU P 144 -8.63 55.34 2.73
N GLY P 145 -7.69 55.45 3.65
CA GLY P 145 -7.95 55.99 4.98
C GLY P 145 -7.30 55.09 6.00
N GLU P 146 -6.86 55.70 7.11
CA GLU P 146 -6.15 54.95 8.13
C GLU P 146 -7.04 53.88 8.76
N SER P 147 -8.23 54.28 9.21
CA SER P 147 -9.10 53.36 9.93
C SER P 147 -9.55 52.21 9.04
N LEU P 148 -9.91 52.50 7.79
CA LEU P 148 -10.40 51.44 6.91
C LEU P 148 -9.28 50.46 6.57
N TYR P 149 -8.08 50.96 6.32
CA TYR P 149 -6.92 50.10 6.08
C TYR P 149 -6.66 49.21 7.29
N LEU P 150 -6.69 49.79 8.49
CA LEU P 150 -6.46 49.00 9.69
C LEU P 150 -7.54 47.93 9.85
N SER P 151 -8.79 48.28 9.57
CA SER P 151 -9.86 47.29 9.62
C SER P 151 -9.60 46.16 8.63
N THR P 152 -9.03 46.48 7.48
CA THR P 152 -8.65 45.43 6.54
C THR P 152 -7.60 44.51 7.12
N VAL P 153 -6.61 45.08 7.84
CA VAL P 153 -5.45 44.27 8.23
C VAL P 153 -5.64 43.43 9.49
N ILE P 154 -6.60 43.76 10.36
CA ILE P 154 -6.74 43.04 11.63
C ILE P 154 -7.32 41.64 11.37
N GLU P 155 -6.96 40.70 12.24
CA GLU P 155 -7.38 39.31 12.10
C GLU P 155 -8.21 38.80 13.27
N GLN P 156 -7.71 38.93 14.50
CA GLN P 156 -8.41 38.52 15.72
C GLN P 156 -8.77 37.03 15.67
N THR P 157 -7.72 36.21 15.68
CA THR P 157 -7.89 34.77 15.60
C THR P 157 -7.10 34.05 16.70
N GLN P 158 -6.95 32.74 16.55
CA GLN P 158 -6.20 31.87 17.45
C GLN P 158 -6.84 31.84 18.84
N PRO P 159 -8.08 31.37 18.95
CA PRO P 159 -8.72 31.31 20.27
C PRO P 159 -8.27 30.10 21.08
N ASP P 160 -7.86 29.05 20.39
CA ASP P 160 -7.45 27.83 21.07
C ASP P 160 -6.14 28.05 21.82
N PRO P 161 -6.07 27.75 23.12
CA PRO P 161 -4.86 27.92 23.94
C PRO P 161 -3.73 26.99 23.52
N MET Q 1 27.23 36.07 -36.73
CA MET Q 1 28.16 37.13 -36.38
C MET Q 1 29.54 36.57 -36.09
N GLN Q 2 30.53 37.45 -36.00
CA GLN Q 2 31.90 37.07 -35.73
C GLN Q 2 32.47 37.94 -34.62
N GLY Q 3 33.37 37.36 -33.83
CA GLY Q 3 33.99 38.06 -32.74
C GLY Q 3 35.37 38.59 -33.09
N ASP Q 4 35.84 39.53 -32.26
CA ASP Q 4 37.17 40.07 -32.46
C ASP Q 4 38.23 39.01 -32.13
N PRO Q 5 39.38 39.05 -32.80
CA PRO Q 5 40.45 38.09 -32.48
C PRO Q 5 40.95 38.18 -31.05
N GLU Q 6 40.88 39.36 -30.42
CA GLU Q 6 41.38 39.50 -29.06
C GLU Q 6 40.60 38.64 -28.08
N VAL Q 7 39.27 38.68 -28.17
CA VAL Q 7 38.48 37.86 -27.27
C VAL Q 7 38.69 36.38 -27.59
N ILE Q 8 38.91 36.05 -28.85
CA ILE Q 8 39.15 34.66 -29.23
C ILE Q 8 40.43 34.15 -28.57
N GLU Q 9 41.51 34.93 -28.65
CA GLU Q 9 42.76 34.48 -28.07
C GLU Q 9 42.71 34.48 -26.54
N PHE Q 10 41.96 35.41 -25.95
CA PHE Q 10 41.77 35.37 -24.50
C PHE Q 10 41.07 34.07 -24.08
N LEU Q 11 39.99 33.72 -24.79
CA LEU Q 11 39.28 32.49 -24.47
C LEU Q 11 40.16 31.27 -24.69
N ASN Q 12 40.97 31.28 -25.75
CA ASN Q 12 41.87 30.15 -26.00
C ASN Q 12 42.90 30.01 -24.88
N GLU Q 13 43.47 31.12 -24.43
CA GLU Q 13 44.42 31.06 -23.33
C GLU Q 13 43.78 30.50 -22.06
N GLN Q 14 42.57 30.97 -21.74
CA GLN Q 14 41.90 30.45 -20.55
C GLN Q 14 41.59 28.96 -20.69
N LEU Q 15 41.21 28.53 -21.89
CA LEU Q 15 40.93 27.12 -22.12
C LEU Q 15 42.18 26.28 -21.90
N THR Q 16 43.32 26.72 -22.43
CA THR Q 16 44.57 26.01 -22.21
C THR Q 16 44.91 25.94 -20.73
N ALA Q 17 44.72 27.05 -20.02
CA ALA Q 17 45.04 27.08 -18.59
C ALA Q 17 44.20 26.08 -17.82
N GLU Q 18 42.89 26.04 -18.08
CA GLU Q 18 42.05 25.14 -17.29
C GLU Q 18 42.24 23.69 -17.72
N LEU Q 19 42.67 23.44 -18.96
CA LEU Q 19 43.05 22.07 -19.32
C LEU Q 19 44.27 21.61 -18.55
N THR Q 20 45.29 22.47 -18.44
CA THR Q 20 46.46 22.14 -17.65
C THR Q 20 46.06 21.90 -16.20
N ALA Q 21 45.15 22.72 -15.67
CA ALA Q 21 44.66 22.51 -14.32
C ALA Q 21 43.98 21.16 -14.18
N ILE Q 22 43.20 20.76 -15.19
CA ILE Q 22 42.54 19.46 -15.16
C ILE Q 22 43.57 18.35 -14.99
N ASN Q 23 44.60 18.38 -15.83
CA ASN Q 23 45.62 17.33 -15.79
C ASN Q 23 46.31 17.30 -14.44
N GLN Q 24 46.72 18.47 -13.95
CA GLN Q 24 47.44 18.52 -12.68
C GLN Q 24 46.59 18.01 -11.52
N TYR Q 25 45.33 18.45 -11.47
CA TYR Q 25 44.47 18.04 -10.37
C TYR Q 25 44.21 16.54 -10.39
N PHE Q 26 43.97 15.97 -11.57
CA PHE Q 26 43.73 14.52 -11.61
C PHE Q 26 44.98 13.74 -11.20
N LEU Q 27 46.15 14.17 -11.66
CA LEU Q 27 47.37 13.48 -11.26
C LEU Q 27 47.58 13.56 -9.74
N HIS Q 28 47.34 14.74 -9.16
CA HIS Q 28 47.50 14.87 -7.72
C HIS Q 28 46.52 13.99 -6.97
N ALA Q 29 45.28 13.91 -7.45
CA ALA Q 29 44.29 13.06 -6.80
C ALA Q 29 44.72 11.59 -6.84
N LYS Q 30 45.23 11.14 -7.99
CA LYS Q 30 45.67 9.76 -8.08
C LYS Q 30 46.84 9.48 -7.14
N LEU Q 31 47.80 10.41 -7.08
CA LEU Q 31 48.95 10.21 -6.19
C LEU Q 31 48.51 10.17 -4.74
N GLN Q 32 47.62 11.09 -4.33
CA GLN Q 32 47.16 11.11 -2.95
C GLN Q 32 46.39 9.85 -2.60
N ASP Q 33 45.55 9.37 -3.51
CA ASP Q 33 44.82 8.13 -3.26
C ASP Q 33 45.77 6.95 -3.12
N HIS Q 34 46.80 6.90 -3.96
CA HIS Q 34 47.77 5.81 -3.86
C HIS Q 34 48.53 5.87 -2.54
N LYS Q 35 48.85 7.08 -2.06
CA LYS Q 35 49.57 7.20 -0.80
C LYS Q 35 48.75 6.65 0.36
N GLY Q 36 47.46 6.94 0.39
CA GLY Q 36 46.60 6.44 1.44
C GLY Q 36 45.74 7.49 2.11
N TRP Q 37 45.70 8.69 1.54
CA TRP Q 37 44.94 9.81 2.10
C TRP Q 37 43.65 9.94 1.30
N THR Q 38 42.58 9.32 1.79
CA THR Q 38 41.38 9.15 0.99
C THR Q 38 40.60 10.45 0.82
N LYS Q 39 40.39 11.19 1.90
CA LYS Q 39 39.52 12.37 1.84
C LYS Q 39 40.12 13.44 0.94
N LEU Q 40 41.44 13.63 1.02
CA LEU Q 40 42.10 14.55 0.10
C LEU Q 40 41.90 14.11 -1.34
N ALA Q 41 41.95 12.81 -1.60
CA ALA Q 41 41.72 12.31 -2.95
C ALA Q 41 40.33 12.64 -3.44
N LYS Q 42 39.31 12.45 -2.58
CA LYS Q 42 37.95 12.76 -2.99
C LYS Q 42 37.78 14.26 -3.29
N TYR Q 43 38.33 15.11 -2.43
CA TYR Q 43 38.21 16.55 -2.66
C TYR Q 43 38.91 16.96 -3.95
N THR Q 44 40.09 16.39 -4.20
CA THR Q 44 40.81 16.74 -5.43
C THR Q 44 40.06 16.27 -6.66
N ARG Q 45 39.43 15.09 -6.58
CA ARG Q 45 38.60 14.64 -7.70
C ARG Q 45 37.47 15.61 -7.98
N ALA Q 46 36.79 16.06 -6.92
CA ALA Q 46 35.70 17.02 -7.13
C ALA Q 46 36.21 18.31 -7.77
N GLU Q 47 37.36 18.81 -7.31
CA GLU Q 47 37.90 20.03 -7.89
C GLU Q 47 38.25 19.85 -9.37
N SER Q 48 38.81 18.68 -9.72
CA SER Q 48 39.12 18.42 -11.12
C SER Q 48 37.86 18.43 -11.97
N PHE Q 49 36.79 17.80 -11.47
CA PHE Q 49 35.53 17.80 -12.22
C PHE Q 49 34.98 19.21 -12.38
N ASP Q 50 35.17 20.06 -11.36
CA ASP Q 50 34.69 21.44 -11.48
C ASP Q 50 35.44 22.20 -12.57
N GLU Q 51 36.77 22.16 -12.54
CA GLU Q 51 37.52 22.81 -13.62
C GLU Q 51 37.19 22.20 -14.97
N MET Q 52 36.75 20.95 -14.95
CA MET Q 52 36.41 20.23 -16.18
C MET Q 52 35.13 20.80 -16.80
N ARG Q 53 34.13 21.04 -15.96
CA ARG Q 53 32.94 21.76 -16.40
C ARG Q 53 33.30 23.15 -16.93
N HIS Q 54 34.22 23.84 -16.23
CA HIS Q 54 34.65 25.15 -16.71
C HIS Q 54 35.18 25.07 -18.13
N ALA Q 55 36.06 24.10 -18.38
CA ALA Q 55 36.64 23.96 -19.72
C ALA Q 55 35.57 23.67 -20.76
N GLU Q 56 34.60 22.82 -20.41
CA GLU Q 56 33.56 22.48 -21.39
C GLU Q 56 32.73 23.71 -21.76
N VAL Q 57 32.33 24.50 -20.76
CA VAL Q 57 31.50 25.67 -21.08
C VAL Q 57 32.31 26.70 -21.86
N LEU Q 58 33.60 26.83 -21.54
CA LEU Q 58 34.43 27.76 -22.31
C LEU Q 58 34.55 27.33 -23.76
N THR Q 59 34.71 26.02 -24.00
CA THR Q 59 34.76 25.52 -25.37
C THR Q 59 33.47 25.82 -26.11
N ASP Q 60 32.33 25.60 -25.46
CA ASP Q 60 31.05 25.91 -26.09
C ASP Q 60 30.99 27.40 -26.47
N ARG Q 61 31.39 28.28 -25.56
CA ARG Q 61 31.32 29.71 -25.83
C ARG Q 61 32.19 30.10 -27.01
N ILE Q 62 33.44 29.61 -27.05
CA ILE Q 62 34.33 30.00 -28.14
C ILE Q 62 33.83 29.44 -29.46
N LEU Q 63 33.27 28.23 -29.44
CA LEU Q 63 32.70 27.67 -30.67
C LEU Q 63 31.50 28.46 -31.15
N LEU Q 64 30.77 29.10 -30.23
CA LEU Q 64 29.60 29.89 -30.63
C LEU Q 64 30.00 31.07 -31.52
N LEU Q 65 31.12 31.72 -31.23
CA LEU Q 65 31.55 32.92 -31.93
C LEU Q 65 32.26 32.62 -33.24
N ASP Q 66 32.09 31.41 -33.79
CA ASP Q 66 32.75 31.01 -35.04
C ASP Q 66 34.27 31.08 -34.89
N GLY Q 67 34.79 30.39 -33.88
CA GLY Q 67 36.20 30.33 -33.63
C GLY Q 67 36.77 28.94 -33.88
N LEU Q 68 38.04 28.79 -33.52
CA LEU Q 68 38.77 27.53 -33.69
C LEU Q 68 39.43 27.16 -32.38
N PRO Q 69 38.72 26.47 -31.49
CA PRO Q 69 39.35 26.02 -30.24
C PRO Q 69 40.51 25.08 -30.54
N ASN Q 70 41.58 25.21 -29.76
CA ASN Q 70 42.76 24.37 -29.93
C ASN Q 70 42.92 23.50 -28.69
N TYR Q 71 43.06 22.20 -28.92
CA TYR Q 71 43.33 21.23 -27.86
C TYR Q 71 44.75 20.70 -27.93
N GLN Q 72 45.66 21.45 -28.56
CA GLN Q 72 47.01 20.96 -28.83
C GLN Q 72 47.99 21.39 -27.74
N ARG Q 73 48.17 22.69 -27.55
CA ARG Q 73 49.21 23.17 -26.67
C ARG Q 73 48.80 23.09 -25.20
N LEU Q 74 49.80 22.92 -24.33
CA LEU Q 74 49.60 22.83 -22.90
C LEU Q 74 50.67 23.66 -22.20
N PHE Q 75 50.36 24.11 -20.99
CA PHE Q 75 51.33 24.82 -20.17
C PHE Q 75 52.16 23.83 -19.36
N HIS Q 76 53.04 24.35 -18.52
CA HIS Q 76 53.87 23.48 -17.70
C HIS Q 76 53.05 22.88 -16.57
N VAL Q 77 53.20 21.56 -16.37
CA VAL Q 77 52.52 20.83 -15.31
C VAL Q 77 53.56 20.47 -14.25
N ARG Q 78 53.29 20.82 -13.01
CA ARG Q 78 54.21 20.57 -11.91
C ARG Q 78 53.58 19.62 -10.90
N VAL Q 79 54.43 18.82 -10.26
CA VAL Q 79 54.00 17.82 -9.29
C VAL Q 79 54.83 17.98 -8.03
N GLY Q 80 54.28 17.46 -6.92
CA GLY Q 80 54.93 17.59 -5.64
C GLY Q 80 54.99 16.26 -4.91
N GLN Q 81 55.88 16.20 -3.92
CA GLN Q 81 56.06 14.99 -3.12
C GLN Q 81 55.21 15.04 -1.85
N SER Q 82 55.38 16.08 -1.04
CA SER Q 82 54.59 16.25 0.16
C SER Q 82 53.33 17.06 -0.14
N VAL Q 83 52.45 17.15 0.86
CA VAL Q 83 51.21 17.89 0.68
C VAL Q 83 51.45 19.37 0.44
N THR Q 84 52.46 19.93 1.09
CA THR Q 84 52.73 21.36 0.97
C THR Q 84 53.07 21.74 -0.47
N GLU Q 85 53.86 20.91 -1.15
CA GLU Q 85 54.20 21.20 -2.54
C GLU Q 85 52.97 21.19 -3.43
N MET Q 86 52.08 20.22 -3.24
CA MET Q 86 50.86 20.18 -4.04
C MET Q 86 50.01 21.42 -3.79
N PHE Q 87 49.86 21.81 -2.53
CA PHE Q 87 49.05 22.98 -2.22
C PHE Q 87 49.66 24.24 -2.83
N GLN Q 88 50.98 24.39 -2.75
CA GLN Q 88 51.63 25.56 -3.33
C GLN Q 88 51.49 25.59 -4.85
N ALA Q 89 51.62 24.43 -5.50
CA ALA Q 89 51.46 24.39 -6.95
C ALA Q 89 50.05 24.81 -7.36
N ASP Q 90 49.04 24.28 -6.67
CA ASP Q 90 47.67 24.66 -6.99
C ASP Q 90 47.44 26.14 -6.75
N ARG Q 91 48.00 26.67 -5.66
CA ARG Q 91 47.88 28.10 -5.39
C ARG Q 91 48.44 28.93 -6.53
N GLU Q 92 49.64 28.57 -7.01
CA GLU Q 92 50.25 29.34 -8.09
C GLU Q 92 49.40 29.27 -9.37
N VAL Q 93 48.90 28.08 -9.69
CA VAL Q 93 48.10 27.92 -10.90
C VAL Q 93 46.86 28.81 -10.85
N GLU Q 94 46.13 28.74 -9.73
CA GLU Q 94 44.88 29.50 -9.68
C GLU Q 94 45.15 30.99 -9.54
N LEU Q 95 46.30 31.39 -8.98
CA LEU Q 95 46.65 32.81 -8.94
C LEU Q 95 46.86 33.34 -10.36
N GLU Q 96 47.62 32.61 -11.17
CA GLU Q 96 47.80 33.04 -12.55
C GLU Q 96 46.46 33.11 -13.28
N ALA Q 97 45.59 32.13 -13.04
CA ALA Q 97 44.28 32.15 -13.67
C ALA Q 97 43.49 33.38 -13.27
N ILE Q 98 43.53 33.75 -11.98
CA ILE Q 98 42.78 34.91 -11.51
C ILE Q 98 43.27 36.18 -12.18
N ASP Q 99 44.60 36.36 -12.25
CA ASP Q 99 45.14 37.57 -12.88
C ASP Q 99 44.72 37.65 -14.35
N ARG Q 100 44.85 36.53 -15.07
CA ARG Q 100 44.48 36.54 -16.48
C ARG Q 100 43.00 36.84 -16.66
N LEU Q 101 42.15 36.26 -15.81
CA LEU Q 101 40.72 36.50 -15.91
C LEU Q 101 40.38 37.96 -15.71
N ARG Q 102 40.98 38.60 -14.69
CA ARG Q 102 40.70 40.01 -14.45
C ARG Q 102 41.11 40.87 -15.63
N ARG Q 103 42.32 40.64 -16.15
CA ARG Q 103 42.76 41.42 -17.31
C ARG Q 103 41.83 41.21 -18.50
N GLY Q 104 41.42 39.96 -18.73
CA GLY Q 104 40.58 39.67 -19.88
C GLY Q 104 39.22 40.33 -19.79
N ILE Q 105 38.57 40.25 -18.63
CA ILE Q 105 37.26 40.87 -18.51
C ILE Q 105 37.37 42.38 -18.66
N GLU Q 106 38.41 42.98 -18.06
CA GLU Q 106 38.58 44.42 -18.21
C GLU Q 106 38.75 44.82 -19.66
N VAL Q 107 39.54 44.05 -20.41
CA VAL Q 107 39.78 44.40 -21.82
C VAL Q 107 38.52 44.21 -22.65
N MET Q 108 37.84 43.08 -22.49
CA MET Q 108 36.74 42.74 -23.38
C MET Q 108 35.42 43.42 -23.02
N ARG Q 109 35.31 43.98 -21.81
CA ARG Q 109 34.08 44.69 -21.47
C ARG Q 109 33.92 45.95 -22.32
N ALA Q 110 35.02 46.63 -22.63
CA ALA Q 110 34.99 47.87 -23.38
C ALA Q 110 34.92 47.66 -24.89
N LYS Q 111 34.60 46.45 -25.34
CA LYS Q 111 34.45 46.16 -26.76
C LYS Q 111 33.07 45.66 -27.11
N HIS Q 112 32.08 45.96 -26.26
CA HIS Q 112 30.67 45.66 -26.53
C HIS Q 112 30.42 44.16 -26.68
N ASP Q 113 31.09 43.37 -25.85
CA ASP Q 113 30.80 41.94 -25.72
C ASP Q 113 30.55 41.66 -24.25
N ILE Q 114 29.39 41.09 -23.94
CA ILE Q 114 28.91 41.00 -22.57
C ILE Q 114 28.86 39.55 -22.07
N THR Q 115 28.39 38.63 -22.91
CA THR Q 115 28.20 37.25 -22.44
C THR Q 115 29.53 36.62 -22.04
N SER Q 116 30.57 36.83 -22.84
CA SER Q 116 31.88 36.32 -22.47
C SER Q 116 32.37 36.94 -21.18
N ALA Q 117 32.07 38.22 -20.96
CA ALA Q 117 32.41 38.84 -19.68
C ALA Q 117 31.71 38.13 -18.53
N ASN Q 118 30.44 37.75 -18.72
CA ASN Q 118 29.72 37.07 -17.65
C ASN Q 118 30.31 35.70 -17.35
N VAL Q 119 30.67 34.94 -18.39
CA VAL Q 119 31.26 33.63 -18.11
C VAL Q 119 32.61 33.81 -17.42
N PHE Q 120 33.37 34.85 -17.78
CA PHE Q 120 34.62 35.13 -17.09
C PHE Q 120 34.36 35.47 -15.63
N GLU Q 121 33.30 36.22 -15.34
CA GLU Q 121 32.97 36.55 -13.96
C GLU Q 121 32.68 35.30 -13.15
N ALA Q 122 31.88 34.38 -13.71
CA ALA Q 122 31.55 33.16 -12.98
C ALA Q 122 32.80 32.33 -12.71
N ILE Q 123 33.66 32.19 -13.72
CA ILE Q 123 34.89 31.43 -13.54
C ILE Q 123 35.77 32.08 -12.48
N LEU Q 124 35.84 33.41 -12.49
CA LEU Q 124 36.67 34.12 -11.53
C LEU Q 124 36.17 33.89 -10.11
N ALA Q 125 34.85 33.92 -9.90
CA ALA Q 125 34.31 33.66 -8.57
C ALA Q 125 34.67 32.27 -8.10
N ASP Q 126 34.52 31.26 -8.96
CA ASP Q 126 34.85 29.91 -8.55
C ASP Q 126 36.33 29.76 -8.22
N GLU Q 127 37.20 30.34 -9.04
CA GLU Q 127 38.64 30.25 -8.77
C GLU Q 127 38.99 30.94 -7.46
N GLU Q 128 38.34 32.06 -7.15
CA GLU Q 128 38.58 32.74 -5.89
C GLU Q 128 38.20 31.86 -4.70
N HIS Q 129 37.05 31.19 -4.79
CA HIS Q 129 36.66 30.28 -3.72
C HIS Q 129 37.70 29.17 -3.54
N HIS Q 130 38.17 28.60 -4.65
CA HIS Q 130 39.14 27.51 -4.54
C HIS Q 130 40.45 27.98 -3.90
N ILE Q 131 40.94 29.16 -4.30
CA ILE Q 131 42.21 29.60 -3.72
C ILE Q 131 42.05 29.92 -2.25
N ASP Q 132 40.88 30.44 -1.86
CA ASP Q 132 40.63 30.65 -0.43
C ASP Q 132 40.71 29.34 0.34
N TYR Q 133 40.10 28.27 -0.20
CA TYR Q 133 40.18 26.98 0.47
C TYR Q 133 41.62 26.49 0.58
N LEU Q 134 42.40 26.64 -0.50
CA LEU Q 134 43.78 26.20 -0.47
C LEU Q 134 44.57 26.97 0.60
N GLU Q 135 44.37 28.28 0.68
CA GLU Q 135 45.12 29.08 1.65
C GLU Q 135 44.77 28.69 3.08
N THR Q 136 43.49 28.49 3.38
CA THR Q 136 43.14 28.12 4.74
C THR Q 136 43.68 26.73 5.08
N GLN Q 137 43.66 25.80 4.13
CA GLN Q 137 44.24 24.49 4.39
C GLN Q 137 45.74 24.58 4.66
N LEU Q 138 46.45 25.43 3.90
CA LEU Q 138 47.87 25.60 4.12
C LEU Q 138 48.16 26.18 5.50
N ASP Q 139 47.38 27.18 5.91
CA ASP Q 139 47.57 27.73 7.25
C ASP Q 139 47.31 26.68 8.32
N LEU Q 140 46.27 25.86 8.13
CA LEU Q 140 45.93 24.84 9.10
C LEU Q 140 47.05 23.82 9.25
N ILE Q 141 47.59 23.34 8.12
CA ILE Q 141 48.64 22.33 8.20
C ILE Q 141 49.92 22.93 8.78
N GLU Q 142 50.20 24.20 8.46
CA GLU Q 142 51.36 24.85 9.05
C GLU Q 142 51.24 24.95 10.57
N LYS Q 143 50.04 25.28 11.06
CA LYS Q 143 49.87 25.40 12.50
C LYS Q 143 49.89 24.04 13.20
N LEU Q 144 49.20 23.05 12.63
CA LEU Q 144 48.99 21.80 13.33
C LEU Q 144 50.22 20.90 13.33
N GLY Q 145 50.98 20.89 12.24
CA GLY Q 145 52.05 19.94 12.06
C GLY Q 145 51.68 18.94 10.99
N GLU Q 146 52.66 18.55 10.17
CA GLU Q 146 52.37 17.72 9.00
C GLU Q 146 51.85 16.35 9.40
N SER Q 147 52.55 15.68 10.32
CA SER Q 147 52.14 14.33 10.71
C SER Q 147 50.78 14.32 11.41
N LEU Q 148 50.57 15.27 12.33
CA LEU Q 148 49.29 15.34 13.02
C LEU Q 148 48.15 15.65 12.06
N TYR Q 149 48.40 16.53 11.09
CA TYR Q 149 47.39 16.82 10.08
C TYR Q 149 47.07 15.58 9.24
N LEU Q 150 48.11 14.84 8.86
CA LEU Q 150 47.89 13.65 8.03
C LEU Q 150 47.18 12.55 8.81
N SER Q 151 47.34 12.52 10.13
CA SER Q 151 46.75 11.45 10.92
C SER Q 151 45.23 11.47 10.89
N THR Q 152 44.62 12.60 10.53
CA THR Q 152 43.18 12.75 10.60
C THR Q 152 42.49 12.57 9.25
N VAL Q 153 43.22 12.17 8.21
CA VAL Q 153 42.67 12.07 6.87
C VAL Q 153 42.73 10.65 6.33
N ILE Q 154 43.31 9.71 7.08
CA ILE Q 154 43.52 8.35 6.61
C ILE Q 154 42.57 7.42 7.35
N GLU Q 155 42.04 6.43 6.63
CA GLU Q 155 41.28 5.34 7.26
C GLU Q 155 41.13 4.21 6.26
N GLN Q 156 41.38 2.99 6.71
CA GLN Q 156 41.15 1.77 5.92
C GLN Q 156 39.80 1.15 6.23
N THR Q 157 38.75 1.96 6.26
CA THR Q 157 37.44 1.51 6.73
C THR Q 157 36.45 1.29 5.59
N GLN Q 158 36.19 2.33 4.79
CA GLN Q 158 35.12 2.32 3.79
C GLN Q 158 33.81 1.87 4.43
N PRO Q 159 33.27 2.64 5.37
CA PRO Q 159 32.09 2.18 6.12
C PRO Q 159 30.77 2.53 5.45
N ASP Q 160 29.81 1.63 5.61
CA ASP Q 160 28.46 1.83 5.09
C ASP Q 160 27.48 0.94 5.85
N PRO Q 161 26.88 1.44 6.94
CA PRO Q 161 25.94 0.59 7.70
C PRO Q 161 24.79 0.08 6.85
N SER Q 162 24.29 0.89 5.93
CA SER Q 162 23.18 0.48 5.08
C SER Q 162 23.19 1.23 3.76
N MET R 1 59.67 -5.19 -5.82
CA MET R 1 58.38 -4.86 -6.44
C MET R 1 58.56 -3.86 -7.57
N GLN R 2 59.78 -3.33 -7.69
CA GLN R 2 60.07 -2.38 -8.75
C GLN R 2 59.92 -3.04 -10.13
N GLY R 3 59.39 -2.27 -11.08
CA GLY R 3 59.14 -2.78 -12.41
C GLY R 3 60.36 -2.69 -13.31
N ASP R 4 60.11 -2.89 -14.60
CA ASP R 4 61.11 -2.86 -15.66
C ASP R 4 60.93 -1.61 -16.51
N PRO R 5 62.00 -0.88 -16.81
CA PRO R 5 61.84 0.38 -17.55
C PRO R 5 61.17 0.23 -18.90
N GLU R 6 61.38 -0.88 -19.61
CA GLU R 6 60.72 -1.06 -20.90
C GLU R 6 59.21 -1.14 -20.75
N VAL R 7 58.73 -1.90 -19.76
CA VAL R 7 57.30 -2.00 -19.52
C VAL R 7 56.73 -0.64 -19.14
N ILE R 8 57.46 0.09 -18.31
CA ILE R 8 57.00 1.42 -17.89
C ILE R 8 56.90 2.35 -19.09
N GLU R 9 57.88 2.31 -19.98
CA GLU R 9 57.84 3.19 -21.15
C GLU R 9 56.71 2.80 -22.10
N PHE R 10 56.44 1.50 -22.22
CA PHE R 10 55.29 1.06 -23.02
C PHE R 10 53.99 1.59 -22.45
N LEU R 11 53.83 1.47 -21.13
CA LEU R 11 52.62 1.97 -20.50
C LEU R 11 52.50 3.48 -20.66
N ASN R 12 53.62 4.20 -20.55
CA ASN R 12 53.58 5.65 -20.72
C ASN R 12 53.17 6.04 -22.14
N GLU R 13 53.71 5.34 -23.14
CA GLU R 13 53.32 5.62 -24.52
C GLU R 13 51.83 5.37 -24.73
N GLN R 14 51.32 4.26 -24.19
CA GLN R 14 49.89 3.98 -24.34
C GLN R 14 49.05 5.05 -23.64
N LEU R 15 49.50 5.51 -22.47
CA LEU R 15 48.77 6.55 -21.76
C LEU R 15 48.72 7.84 -22.57
N THR R 16 49.85 8.23 -23.16
CA THR R 16 49.87 9.43 -24.00
C THR R 16 48.92 9.28 -25.18
N ALA R 17 48.93 8.10 -25.81
CA ALA R 17 48.05 7.88 -26.96
C ALA R 17 46.59 7.99 -26.56
N GLU R 18 46.21 7.38 -25.43
CA GLU R 18 44.80 7.44 -25.03
C GLU R 18 44.39 8.85 -24.63
N LEU R 19 45.31 9.63 -24.04
CA LEU R 19 44.99 11.02 -23.73
C LEU R 19 44.73 11.82 -25.01
N THR R 20 45.60 11.66 -26.02
CA THR R 20 45.36 12.32 -27.29
C THR R 20 44.02 11.89 -27.89
N ALA R 21 43.69 10.61 -27.74
CA ALA R 21 42.42 10.10 -28.27
C ALA R 21 41.24 10.78 -27.59
N ILE R 22 41.27 10.92 -26.27
CA ILE R 22 40.13 11.54 -25.58
C ILE R 22 40.00 13.00 -25.99
N ASN R 23 41.12 13.71 -26.14
CA ASN R 23 41.04 15.10 -26.58
C ASN R 23 40.39 15.21 -27.95
N GLN R 24 40.86 14.40 -28.90
CA GLN R 24 40.33 14.47 -30.25
C GLN R 24 38.86 14.09 -30.29
N TYR R 25 38.47 13.04 -29.57
CA TYR R 25 37.09 12.61 -29.59
C TYR R 25 36.16 13.66 -29.01
N PHE R 26 36.56 14.29 -27.90
CA PHE R 26 35.69 15.32 -27.33
C PHE R 26 35.56 16.52 -28.25
N LEU R 27 36.67 16.94 -28.88
CA LEU R 27 36.56 18.06 -29.82
C LEU R 27 35.63 17.72 -30.98
N HIS R 28 35.75 16.51 -31.52
CA HIS R 28 34.87 16.12 -32.63
C HIS R 28 33.42 16.07 -32.19
N ALA R 29 33.15 15.58 -30.98
CA ALA R 29 31.78 15.54 -30.48
C ALA R 29 31.20 16.94 -30.36
N LYS R 30 31.98 17.88 -29.83
CA LYS R 30 31.48 19.25 -29.72
C LYS R 30 31.21 19.85 -31.09
N LEU R 31 32.11 19.63 -32.05
CA LEU R 31 31.91 20.16 -33.39
C LEU R 31 30.66 19.58 -34.04
N GLN R 32 30.47 18.26 -33.92
CA GLN R 32 29.29 17.63 -34.52
C GLN R 32 28.01 18.12 -33.87
N ASP R 33 28.02 18.29 -32.55
CA ASP R 33 26.83 18.81 -31.88
C ASP R 33 26.52 20.23 -32.33
N HIS R 34 27.56 21.06 -32.50
CA HIS R 34 27.33 22.42 -32.96
C HIS R 34 26.77 22.44 -34.38
N LYS R 35 27.23 21.53 -35.23
CA LYS R 35 26.76 21.49 -36.61
C LYS R 35 25.26 21.20 -36.67
N GLY R 36 24.78 20.27 -35.86
CA GLY R 36 23.37 19.94 -35.84
C GLY R 36 23.08 18.46 -35.89
N TRP R 37 24.12 17.64 -35.84
CA TRP R 37 23.98 16.19 -35.88
C TRP R 37 24.10 15.67 -34.45
N THR R 38 22.96 15.31 -33.86
CA THR R 38 22.92 15.08 -32.42
C THR R 38 23.38 13.67 -32.05
N LYS R 39 22.86 12.66 -32.75
CA LYS R 39 23.15 11.27 -32.39
C LYS R 39 24.63 10.96 -32.54
N LEU R 40 25.26 11.49 -33.60
CA LEU R 40 26.71 11.34 -33.74
C LEU R 40 27.44 11.96 -32.55
N ALA R 41 26.97 13.12 -32.10
CA ALA R 41 27.57 13.76 -30.94
C ALA R 41 27.46 12.87 -29.71
N LYS R 42 26.30 12.26 -29.49
CA LYS R 42 26.13 11.38 -28.34
C LYS R 42 27.07 10.18 -28.41
N TYR R 43 27.14 9.56 -29.59
CA TYR R 43 28.02 8.39 -29.73
C TYR R 43 29.48 8.75 -29.51
N THR R 44 29.93 9.88 -30.08
CA THR R 44 31.32 10.28 -29.91
C THR R 44 31.62 10.62 -28.46
N ARG R 45 30.68 11.26 -27.76
CA ARG R 45 30.89 11.58 -26.36
C ARG R 45 31.02 10.30 -25.53
N ALA R 46 30.18 9.29 -25.81
CA ALA R 46 30.31 8.04 -25.09
C ALA R 46 31.66 7.38 -25.35
N GLU R 47 32.12 7.42 -26.61
CA GLU R 47 33.42 6.84 -26.92
C GLU R 47 34.55 7.57 -26.18
N SER R 48 34.45 8.89 -26.09
CA SER R 48 35.45 9.65 -25.36
C SER R 48 35.47 9.26 -23.88
N PHE R 49 34.30 9.07 -23.29
CA PHE R 49 34.25 8.60 -21.90
C PHE R 49 34.93 7.23 -21.76
N ASP R 50 34.69 6.34 -22.72
CA ASP R 50 35.32 5.02 -22.65
C ASP R 50 36.84 5.13 -22.70
N GLU R 51 37.36 5.99 -23.58
CA GLU R 51 38.81 6.13 -23.65
C GLU R 51 39.38 6.76 -22.38
N MET R 52 38.61 7.65 -21.74
CA MET R 52 39.06 8.21 -20.46
C MET R 52 39.13 7.12 -19.39
N ARG R 53 38.17 6.19 -19.41
CA ARG R 53 38.26 5.04 -18.49
C ARG R 53 39.53 4.22 -18.77
N HIS R 54 39.84 3.99 -20.05
CA HIS R 54 41.09 3.33 -20.40
C HIS R 54 42.27 4.05 -19.76
N ALA R 55 42.32 5.37 -19.90
CA ALA R 55 43.46 6.13 -19.39
C ALA R 55 43.57 6.00 -17.87
N GLU R 56 42.43 6.06 -17.17
CA GLU R 56 42.47 5.92 -15.72
C GLU R 56 43.01 4.57 -15.31
N VAL R 57 42.57 3.50 -15.97
CA VAL R 57 43.10 2.17 -15.64
C VAL R 57 44.61 2.12 -15.87
N LEU R 58 45.06 2.69 -16.99
CA LEU R 58 46.48 2.66 -17.31
C LEU R 58 47.31 3.38 -16.26
N THR R 59 46.87 4.58 -15.85
CA THR R 59 47.67 5.33 -14.88
C THR R 59 47.67 4.64 -13.53
N ASP R 60 46.54 4.05 -13.14
CA ASP R 60 46.54 3.27 -11.91
C ASP R 60 47.55 2.13 -11.97
N ARG R 61 47.59 1.42 -13.09
CA ARG R 61 48.50 0.29 -13.22
C ARG R 61 49.96 0.74 -13.13
N ILE R 62 50.31 1.82 -13.85
CA ILE R 62 51.72 2.24 -13.84
C ILE R 62 52.10 2.77 -12.47
N LEU R 63 51.19 3.46 -11.78
CA LEU R 63 51.47 3.90 -10.42
C LEU R 63 51.68 2.72 -9.48
N LEU R 64 50.99 1.61 -9.73
CA LEU R 64 51.18 0.43 -8.89
C LEU R 64 52.62 -0.10 -8.97
N LEU R 65 53.20 -0.06 -10.16
CA LEU R 65 54.54 -0.61 -10.40
C LEU R 65 55.66 0.32 -9.95
N ASP R 66 55.36 1.32 -9.12
CA ASP R 66 56.36 2.28 -8.63
C ASP R 66 57.00 3.03 -9.79
N GLY R 67 56.16 3.70 -10.57
CA GLY R 67 56.62 4.51 -11.69
C GLY R 67 56.09 5.92 -11.59
N LEU R 68 56.47 6.73 -12.58
CA LEU R 68 56.06 8.14 -12.65
C LEU R 68 55.31 8.41 -13.95
N PRO R 69 53.99 8.41 -13.93
CA PRO R 69 53.24 8.75 -15.13
C PRO R 69 53.49 10.20 -15.53
N ASN R 70 53.47 10.45 -16.83
CA ASN R 70 53.69 11.79 -17.35
C ASN R 70 52.42 12.27 -18.05
N TYR R 71 51.95 13.45 -17.67
CA TYR R 71 50.82 14.10 -18.29
C TYR R 71 51.24 15.31 -19.12
N GLN R 72 52.55 15.52 -19.28
CA GLN R 72 53.03 16.75 -19.88
C GLN R 72 52.88 16.75 -21.40
N ARG R 73 53.10 15.62 -22.05
CA ARG R 73 53.20 15.57 -23.50
C ARG R 73 52.04 14.78 -24.10
N LEU R 74 51.73 15.11 -25.36
CA LEU R 74 50.74 14.37 -26.13
C LEU R 74 51.10 14.46 -27.61
N PHE R 75 50.54 13.53 -28.38
CA PHE R 75 50.85 13.42 -29.80
C PHE R 75 50.10 14.47 -30.59
N HIS R 76 50.19 14.39 -31.92
CA HIS R 76 49.51 15.34 -32.79
C HIS R 76 48.01 15.07 -32.81
N VAL R 77 47.22 16.14 -32.78
CA VAL R 77 45.76 16.06 -32.81
C VAL R 77 45.29 16.62 -34.15
N ARG R 78 44.45 15.86 -34.84
CA ARG R 78 43.96 16.24 -36.16
C ARG R 78 42.44 16.38 -36.13
N VAL R 79 41.94 17.34 -36.91
CA VAL R 79 40.52 17.63 -36.98
C VAL R 79 40.09 17.65 -38.43
N GLY R 80 38.78 17.50 -38.64
CA GLY R 80 38.23 17.47 -39.99
C GLY R 80 36.97 18.30 -40.08
N GLN R 81 36.63 18.66 -41.32
CA GLN R 81 35.46 19.46 -41.60
C GLN R 81 34.22 18.60 -41.84
N SER R 82 34.29 17.70 -42.81
CA SER R 82 33.18 16.81 -43.10
C SER R 82 33.31 15.53 -42.29
N VAL R 83 32.28 14.69 -42.37
CA VAL R 83 32.22 13.48 -41.55
C VAL R 83 33.32 12.50 -41.97
N THR R 84 33.61 12.43 -43.27
CA THR R 84 34.59 11.47 -43.75
C THR R 84 35.97 11.73 -43.16
N GLU R 85 36.36 13.00 -43.04
CA GLU R 85 37.69 13.33 -42.52
C GLU R 85 37.83 12.89 -41.07
N MET R 86 36.82 13.18 -40.24
CA MET R 86 36.91 12.78 -38.85
C MET R 86 36.90 11.26 -38.71
N PHE R 87 36.08 10.58 -39.51
CA PHE R 87 36.07 9.12 -39.46
C PHE R 87 37.44 8.55 -39.83
N GLN R 88 38.06 9.09 -40.88
CA GLN R 88 39.37 8.62 -41.29
C GLN R 88 40.43 8.89 -40.23
N ALA R 89 40.37 10.07 -39.59
CA ALA R 89 41.33 10.39 -38.54
C ALA R 89 41.21 9.42 -37.37
N ASP R 90 39.98 9.14 -36.95
CA ASP R 90 39.78 8.18 -35.86
C ASP R 90 40.28 6.80 -36.25
N ARG R 91 40.03 6.39 -37.50
CA ARG R 91 40.50 5.09 -37.95
C ARG R 91 42.01 5.00 -37.89
N GLU R 92 42.72 6.05 -38.32
CA GLU R 92 44.17 6.03 -38.27
C GLU R 92 44.67 5.96 -36.84
N VAL R 93 44.05 6.72 -35.93
CA VAL R 93 44.47 6.69 -34.53
C VAL R 93 44.32 5.28 -33.97
N GLU R 94 43.19 4.64 -34.23
CA GLU R 94 42.95 3.30 -33.71
C GLU R 94 43.93 2.30 -34.30
N LEU R 95 44.26 2.44 -35.59
CA LEU R 95 45.21 1.51 -36.21
C LEU R 95 46.58 1.59 -35.53
N GLU R 96 47.06 2.82 -35.31
CA GLU R 96 48.35 2.98 -34.64
C GLU R 96 48.31 2.39 -33.24
N ALA R 97 47.21 2.64 -32.51
CA ALA R 97 47.09 2.10 -31.17
C ALA R 97 47.13 0.57 -31.18
N ILE R 98 46.45 -0.05 -32.15
CA ILE R 98 46.41 -1.50 -32.21
C ILE R 98 47.81 -2.08 -32.45
N ASP R 99 48.54 -1.49 -33.39
CA ASP R 99 49.89 -2.00 -33.66
C ASP R 99 50.78 -1.89 -32.43
N ARG R 100 50.78 -0.72 -31.79
CA ARG R 100 51.62 -0.55 -30.61
C ARG R 100 51.21 -1.50 -29.50
N LEU R 101 49.90 -1.71 -29.33
CA LEU R 101 49.41 -2.61 -28.29
C LEU R 101 49.90 -4.03 -28.52
N ARG R 102 49.85 -4.51 -29.76
CA ARG R 102 50.29 -5.87 -30.06
C ARG R 102 51.78 -6.04 -29.76
N ARG R 103 52.60 -5.09 -30.21
CA ARG R 103 54.03 -5.18 -29.92
C ARG R 103 54.28 -5.17 -28.41
N GLY R 104 53.57 -4.31 -27.69
CA GLY R 104 53.77 -4.21 -26.27
C GLY R 104 53.41 -5.48 -25.52
N ILE R 105 52.26 -6.08 -25.87
CA ILE R 105 51.86 -7.29 -25.17
C ILE R 105 52.86 -8.41 -25.45
N GLU R 106 53.33 -8.52 -26.69
CA GLU R 106 54.33 -9.54 -26.99
C GLU R 106 55.55 -9.39 -26.10
N VAL R 107 56.14 -8.19 -26.07
CA VAL R 107 57.37 -7.99 -25.30
C VAL R 107 57.10 -8.21 -23.81
N MET R 108 56.00 -7.66 -23.30
CA MET R 108 55.70 -7.73 -21.88
C MET R 108 55.48 -9.16 -21.42
N ARG R 109 54.76 -9.96 -22.22
CA ARG R 109 54.61 -11.37 -21.89
C ARG R 109 55.93 -12.09 -21.93
N ALA R 110 56.79 -11.74 -22.88
CA ALA R 110 58.11 -12.36 -22.94
C ALA R 110 59.00 -11.99 -21.75
N LYS R 111 58.74 -10.86 -21.10
CA LYS R 111 59.58 -10.39 -20.00
C LYS R 111 58.99 -10.67 -18.62
N HIS R 112 58.17 -11.71 -18.52
CA HIS R 112 57.64 -12.19 -17.23
C HIS R 112 56.82 -11.12 -16.51
N ASP R 113 55.73 -10.72 -17.14
CA ASP R 113 54.76 -9.81 -16.53
C ASP R 113 53.40 -10.11 -17.12
N ILE R 114 52.43 -10.43 -16.28
CA ILE R 114 51.17 -11.01 -16.70
C ILE R 114 50.02 -10.02 -16.59
N THR R 115 49.91 -9.32 -15.46
CA THR R 115 48.76 -8.44 -15.24
C THR R 115 48.71 -7.33 -16.26
N SER R 116 49.84 -6.68 -16.51
CA SER R 116 49.90 -5.65 -17.54
C SER R 116 49.57 -6.22 -18.90
N ALA R 117 49.98 -7.46 -19.17
CA ALA R 117 49.67 -8.09 -20.44
C ALA R 117 48.16 -8.21 -20.63
N ASN R 118 47.43 -8.65 -19.60
CA ASN R 118 46.00 -8.84 -19.79
C ASN R 118 45.24 -7.53 -19.82
N VAL R 119 45.69 -6.49 -19.10
CA VAL R 119 45.01 -5.21 -19.28
C VAL R 119 45.26 -4.69 -20.70
N PHE R 120 46.45 -4.94 -21.26
CA PHE R 120 46.68 -4.63 -22.66
C PHE R 120 45.73 -5.39 -23.56
N GLU R 121 45.47 -6.67 -23.25
CA GLU R 121 44.53 -7.45 -24.04
C GLU R 121 43.13 -6.84 -24.03
N ALA R 122 42.66 -6.43 -22.85
CA ALA R 122 41.34 -5.83 -22.77
C ALA R 122 41.27 -4.54 -23.59
N ILE R 123 42.28 -3.69 -23.48
CA ILE R 123 42.29 -2.46 -24.26
C ILE R 123 42.31 -2.78 -25.75
N LEU R 124 43.06 -3.80 -26.14
CA LEU R 124 43.11 -4.19 -27.55
C LEU R 124 41.74 -4.61 -28.06
N ALA R 125 41.01 -5.40 -27.27
CA ALA R 125 39.67 -5.81 -27.69
C ALA R 125 38.76 -4.60 -27.87
N ASP R 126 38.80 -3.66 -26.93
CA ASP R 126 37.94 -2.48 -27.05
C ASP R 126 38.28 -1.66 -28.30
N GLU R 127 39.57 -1.40 -28.54
CA GLU R 127 39.94 -0.61 -29.70
C GLU R 127 39.55 -1.33 -30.99
N GLU R 128 39.65 -2.66 -31.01
CA GLU R 128 39.25 -3.41 -32.21
C GLU R 128 37.76 -3.24 -32.47
N HIS R 129 36.93 -3.33 -31.43
CA HIS R 129 35.50 -3.10 -31.62
C HIS R 129 35.24 -1.71 -32.19
N HIS R 130 35.93 -0.70 -31.65
CA HIS R 130 35.69 0.66 -32.12
C HIS R 130 36.08 0.83 -33.59
N ILE R 131 37.22 0.27 -34.00
CA ILE R 131 37.63 0.45 -35.39
C ILE R 131 36.69 -0.31 -36.32
N ASP R 132 36.14 -1.44 -35.87
CA ASP R 132 35.13 -2.12 -36.67
C ASP R 132 33.91 -1.23 -36.89
N TYR R 133 33.44 -0.58 -35.83
CA TYR R 133 32.31 0.33 -35.98
C TYR R 133 32.62 1.46 -36.95
N LEU R 134 33.82 2.03 -36.84
CA LEU R 134 34.19 3.12 -37.75
C LEU R 134 34.19 2.65 -39.20
N GLU R 135 34.73 1.46 -39.46
CA GLU R 135 34.80 0.96 -40.82
C GLU R 135 33.41 0.72 -41.40
N THR R 136 32.51 0.13 -40.61
CA THR R 136 31.17 -0.12 -41.15
C THR R 136 30.43 1.19 -41.39
N GLN R 137 30.62 2.19 -40.52
CA GLN R 137 30.00 3.48 -40.76
C GLN R 137 30.53 4.13 -42.04
N LEU R 138 31.84 4.02 -42.26
CA LEU R 138 32.42 4.58 -43.48
C LEU R 138 31.86 3.90 -44.73
N ASP R 139 31.72 2.58 -44.70
CA ASP R 139 31.12 1.87 -45.83
C ASP R 139 29.69 2.33 -46.05
N LEU R 140 28.93 2.51 -44.96
CA LEU R 140 27.54 2.93 -45.09
C LEU R 140 27.43 4.30 -45.74
N ILE R 141 28.23 5.27 -45.26
CA ILE R 141 28.14 6.61 -45.81
C ILE R 141 28.61 6.62 -47.27
N GLU R 142 29.61 5.81 -47.60
CA GLU R 142 30.04 5.73 -48.99
C GLU R 142 28.92 5.19 -49.87
N LYS R 143 28.18 4.19 -49.38
CA LYS R 143 27.09 3.63 -50.17
C LYS R 143 25.94 4.62 -50.36
N LEU R 144 25.47 5.22 -49.26
CA LEU R 144 24.28 6.05 -49.33
C LEU R 144 24.55 7.40 -49.99
N GLY R 145 25.66 8.02 -49.67
CA GLY R 145 25.91 9.39 -50.05
C GLY R 145 25.80 10.31 -48.84
N GLU R 146 26.58 11.40 -48.87
CA GLU R 146 26.71 12.25 -47.68
C GLU R 146 25.39 12.87 -47.28
N SER R 147 24.72 13.52 -48.22
CA SER R 147 23.48 14.24 -47.89
C SER R 147 22.39 13.27 -47.43
N LEU R 148 22.23 12.16 -48.16
CA LEU R 148 21.21 11.19 -47.76
C LEU R 148 21.56 10.54 -46.43
N TYR R 149 22.85 10.27 -46.19
CA TYR R 149 23.25 9.70 -44.91
C TYR R 149 22.94 10.64 -43.77
N LEU R 150 23.18 11.94 -43.95
CA LEU R 150 22.94 12.90 -42.89
C LEU R 150 21.47 13.21 -42.69
N SER R 151 20.67 13.19 -43.75
CA SER R 151 19.35 13.80 -43.70
C SER R 151 18.35 12.95 -42.92
N THR R 152 18.02 11.77 -43.43
CA THR R 152 16.90 11.01 -42.92
C THR R 152 17.14 10.44 -41.52
N VAL R 153 18.37 10.56 -41.01
CA VAL R 153 18.73 9.88 -39.78
C VAL R 153 18.54 10.73 -38.52
N ILE R 154 18.43 12.05 -38.64
CA ILE R 154 18.26 12.89 -37.46
C ILE R 154 16.99 12.50 -36.72
N GLU R 155 17.13 12.19 -35.44
CA GLU R 155 16.02 11.71 -34.63
C GLU R 155 16.07 12.37 -33.26
N GLN R 156 14.92 12.40 -32.59
CA GLN R 156 14.82 12.98 -31.25
C GLN R 156 13.66 12.31 -30.52
N THR R 157 13.95 11.65 -29.42
CA THR R 157 12.93 10.97 -28.63
C THR R 157 13.38 10.79 -27.18
N MET S 1 43.01 -38.03 -19.87
CA MET S 1 42.42 -36.87 -19.20
C MET S 1 43.29 -36.41 -18.04
N GLN S 2 44.12 -37.32 -17.52
CA GLN S 2 45.00 -37.00 -16.41
C GLN S 2 46.05 -35.97 -16.83
N GLY S 3 46.37 -35.07 -15.92
CA GLY S 3 47.38 -34.05 -16.17
C GLY S 3 48.78 -34.56 -15.87
N ASP S 4 49.75 -33.68 -16.13
CA ASP S 4 51.14 -34.01 -15.87
C ASP S 4 51.42 -33.96 -14.36
N PRO S 5 52.38 -34.75 -13.88
CA PRO S 5 52.74 -34.66 -12.46
C PRO S 5 53.28 -33.30 -12.05
N GLU S 6 53.98 -32.60 -12.95
CA GLU S 6 54.61 -31.34 -12.56
C GLU S 6 53.57 -30.27 -12.24
N VAL S 7 52.54 -30.13 -13.07
CA VAL S 7 51.51 -29.14 -12.79
C VAL S 7 50.75 -29.50 -11.53
N ILE S 8 50.55 -30.80 -11.28
CA ILE S 8 49.89 -31.24 -10.07
C ILE S 8 50.72 -30.84 -8.84
N GLU S 9 52.03 -31.05 -8.90
CA GLU S 9 52.87 -30.69 -7.76
C GLU S 9 52.92 -29.18 -7.57
N PHE S 10 52.91 -28.41 -8.66
CA PHE S 10 52.85 -26.96 -8.53
C PHE S 10 51.57 -26.53 -7.82
N LEU S 11 50.43 -27.09 -8.24
CA LEU S 11 49.18 -26.75 -7.61
C LEU S 11 49.15 -27.16 -6.15
N ASN S 12 49.72 -28.32 -5.82
CA ASN S 12 49.78 -28.76 -4.43
C ASN S 12 50.62 -27.81 -3.58
N GLU S 13 51.77 -27.37 -4.10
CA GLU S 13 52.59 -26.42 -3.37
C GLU S 13 51.84 -25.12 -3.11
N GLN S 14 51.16 -24.59 -4.14
CA GLN S 14 50.42 -23.36 -3.94
C GLN S 14 49.28 -23.56 -2.93
N LEU S 15 48.66 -24.73 -2.96
CA LEU S 15 47.59 -25.03 -2.00
C LEU S 15 48.10 -24.97 -0.57
N THR S 16 49.21 -25.68 -0.30
CA THR S 16 49.77 -25.65 1.05
C THR S 16 50.17 -24.23 1.44
N ALA S 17 50.73 -23.47 0.50
CA ALA S 17 51.14 -22.11 0.81
C ALA S 17 49.97 -21.25 1.25
N GLU S 18 48.87 -21.25 0.48
CA GLU S 18 47.75 -20.40 0.89
C GLU S 18 46.99 -20.97 2.09
N LEU S 19 47.12 -22.27 2.37
CA LEU S 19 46.61 -22.77 3.66
C LEU S 19 47.39 -22.18 4.83
N THR S 20 48.72 -22.17 4.72
CA THR S 20 49.53 -21.54 5.75
C THR S 20 49.18 -20.07 5.89
N ALA S 21 48.92 -19.40 4.77
CA ALA S 21 48.49 -18.01 4.81
C ALA S 21 47.17 -17.86 5.56
N ILE S 22 46.23 -18.78 5.33
CA ILE S 22 44.95 -18.75 6.03
C ILE S 22 45.19 -18.79 7.53
N ASN S 23 45.99 -19.75 7.98
CA ASN S 23 46.23 -19.91 9.41
C ASN S 23 46.87 -18.65 10.00
N GLN S 24 47.90 -18.14 9.33
CA GLN S 24 48.61 -16.98 9.87
C GLN S 24 47.70 -15.76 9.93
N TYR S 25 46.91 -15.52 8.88
CA TYR S 25 46.04 -14.35 8.87
C TYR S 25 44.98 -14.44 9.94
N PHE S 26 44.38 -15.62 10.15
CA PHE S 26 43.37 -15.71 11.19
C PHE S 26 43.98 -15.51 12.58
N LEU S 27 45.15 -16.08 12.83
CA LEU S 27 45.78 -15.88 14.13
C LEU S 27 46.09 -14.40 14.36
N HIS S 28 46.61 -13.72 13.35
CA HIS S 28 46.91 -12.30 13.49
C HIS S 28 45.64 -11.49 13.75
N ALA S 29 44.55 -11.84 13.06
CA ALA S 29 43.30 -11.12 13.27
C ALA S 29 42.81 -11.29 14.70
N LYS S 30 42.88 -12.51 15.22
CA LYS S 30 42.45 -12.74 16.60
C LYS S 30 43.31 -11.96 17.58
N LEU S 31 44.63 -11.97 17.38
CA LEU S 31 45.52 -11.24 18.28
C LEU S 31 45.23 -9.74 18.24
N GLN S 32 45.05 -9.18 17.04
CA GLN S 32 44.78 -7.76 16.92
C GLN S 32 43.45 -7.39 17.57
N ASP S 33 42.43 -8.23 17.39
CA ASP S 33 41.15 -7.96 18.03
C ASP S 33 41.27 -8.01 19.55
N HIS S 34 42.05 -8.97 20.06
CA HIS S 34 42.25 -9.05 21.51
C HIS S 34 42.96 -7.82 22.04
N LYS S 35 43.94 -7.31 21.30
CA LYS S 35 44.68 -6.13 21.78
C LYS S 35 43.81 -4.89 21.84
N GLY S 36 42.82 -4.77 20.96
CA GLY S 36 41.91 -3.63 20.95
C GLY S 36 41.87 -2.85 19.66
N TRP S 37 42.55 -3.29 18.60
CA TRP S 37 42.58 -2.56 17.33
C TRP S 37 41.55 -3.20 16.41
N THR S 38 40.33 -2.65 16.41
CA THR S 38 39.20 -3.33 15.79
C THR S 38 39.29 -3.36 14.27
N LYS S 39 39.58 -2.20 13.66
CA LYS S 39 39.52 -2.11 12.20
C LYS S 39 40.58 -2.98 11.55
N LEU S 40 41.77 -3.03 12.13
CA LEU S 40 42.80 -3.94 11.64
C LEU S 40 42.31 -5.38 11.69
N ALA S 41 41.61 -5.75 12.76
CA ALA S 41 41.08 -7.10 12.88
C ALA S 41 40.08 -7.40 11.78
N LYS S 42 39.18 -6.45 11.50
CA LYS S 42 38.19 -6.66 10.45
C LYS S 42 38.86 -6.86 9.10
N TYR S 43 39.83 -6.00 8.77
CA TYR S 43 40.53 -6.14 7.51
C TYR S 43 41.27 -7.47 7.41
N THR S 44 41.92 -7.87 8.50
CA THR S 44 42.68 -9.11 8.47
C THR S 44 41.77 -10.32 8.28
N ARG S 45 40.61 -10.33 8.95
CA ARG S 45 39.72 -11.48 8.76
C ARG S 45 39.12 -11.50 7.36
N ALA S 46 38.87 -10.33 6.76
CA ALA S 46 38.44 -10.30 5.36
C ALA S 46 39.51 -10.91 4.46
N GLU S 47 40.77 -10.57 4.71
CA GLU S 47 41.86 -11.16 3.92
C GLU S 47 41.91 -12.67 4.12
N SER S 48 41.66 -13.14 5.35
CA SER S 48 41.66 -14.58 5.59
C SER S 48 40.57 -15.28 4.79
N PHE S 49 39.39 -14.67 4.70
CA PHE S 49 38.34 -15.26 3.87
C PHE S 49 38.74 -15.29 2.39
N ASP S 50 39.38 -14.22 1.93
CA ASP S 50 39.88 -14.23 0.56
C ASP S 50 40.86 -15.38 0.33
N GLU S 51 41.70 -15.67 1.33
CA GLU S 51 42.61 -16.80 1.18
C GLU S 51 41.88 -18.13 1.23
N MET S 52 40.75 -18.20 1.95
CA MET S 52 39.88 -19.36 1.79
C MET S 52 39.51 -19.58 0.32
N ARG S 53 39.08 -18.50 -0.33
CA ARG S 53 38.66 -18.64 -1.73
C ARG S 53 39.82 -19.10 -2.60
N HIS S 54 41.00 -18.53 -2.37
CA HIS S 54 42.24 -19.05 -2.94
C HIS S 54 42.24 -20.57 -2.90
N ALA S 55 42.21 -21.11 -1.68
CA ALA S 55 42.40 -22.54 -1.48
C ALA S 55 41.28 -23.36 -2.10
N GLU S 56 40.05 -22.88 -2.00
CA GLU S 56 38.92 -23.66 -2.50
C GLU S 56 38.98 -23.82 -4.01
N VAL S 57 39.22 -22.71 -4.73
CA VAL S 57 39.30 -22.84 -6.18
C VAL S 57 40.50 -23.70 -6.57
N LEU S 58 41.60 -23.59 -5.82
CA LEU S 58 42.77 -24.39 -6.15
C LEU S 58 42.50 -25.89 -5.98
N THR S 59 41.86 -26.28 -4.88
CA THR S 59 41.60 -27.70 -4.67
C THR S 59 40.56 -28.23 -5.63
N ASP S 60 39.59 -27.41 -6.03
CA ASP S 60 38.64 -27.85 -7.04
C ASP S 60 39.35 -28.14 -8.36
N ARG S 61 40.25 -27.24 -8.76
CA ARG S 61 41.01 -27.47 -10.00
C ARG S 61 41.88 -28.73 -9.88
N ILE S 62 42.49 -28.94 -8.72
CA ILE S 62 43.32 -30.12 -8.53
C ILE S 62 42.49 -31.38 -8.68
N LEU S 63 41.31 -31.41 -8.05
CA LEU S 63 40.46 -32.59 -8.10
C LEU S 63 39.94 -32.86 -9.51
N LEU S 64 39.75 -31.80 -10.31
CA LEU S 64 39.25 -32.03 -11.67
C LEU S 64 40.23 -32.85 -12.50
N LEU S 65 41.54 -32.63 -12.33
CA LEU S 65 42.55 -33.30 -13.13
C LEU S 65 42.90 -34.69 -12.60
N ASP S 66 42.07 -35.28 -11.75
CA ASP S 66 42.30 -36.61 -11.20
C ASP S 66 43.62 -36.66 -10.44
N GLY S 67 43.69 -35.86 -9.37
CA GLY S 67 44.86 -35.81 -8.51
C GLY S 67 44.48 -36.01 -7.06
N LEU S 68 45.51 -35.99 -6.21
CA LEU S 68 45.33 -36.14 -4.76
C LEU S 68 45.71 -34.84 -4.06
N PRO S 69 44.74 -34.05 -3.60
CA PRO S 69 45.07 -32.86 -2.84
C PRO S 69 45.78 -33.21 -1.55
N ASN S 70 46.72 -32.35 -1.15
CA ASN S 70 47.53 -32.56 0.04
C ASN S 70 47.07 -31.62 1.14
N TYR S 71 46.34 -32.17 2.12
CA TYR S 71 45.86 -31.40 3.26
C TYR S 71 46.63 -31.71 4.53
N GLN S 72 47.77 -32.39 4.43
CA GLN S 72 48.51 -32.82 5.60
C GLN S 72 49.68 -31.92 5.97
N ARG S 73 50.48 -31.50 5.00
CA ARG S 73 51.69 -30.75 5.29
C ARG S 73 51.40 -29.26 5.41
N LEU S 74 52.31 -28.55 6.08
CA LEU S 74 52.22 -27.11 6.24
C LEU S 74 53.61 -26.52 6.22
N PHE S 75 53.68 -25.24 5.89
CA PHE S 75 54.94 -24.49 5.92
C PHE S 75 55.10 -23.87 7.31
N HIS S 76 56.14 -23.07 7.50
CA HIS S 76 56.38 -22.42 8.78
C HIS S 76 55.43 -21.24 8.96
N VAL S 77 54.81 -21.17 10.13
CA VAL S 77 53.91 -20.08 10.48
C VAL S 77 54.62 -19.19 11.49
N ARG S 78 54.68 -17.89 11.20
CA ARG S 78 55.36 -16.94 12.07
C ARG S 78 54.38 -15.90 12.58
N VAL S 79 54.65 -15.41 13.79
CA VAL S 79 53.80 -14.44 14.46
C VAL S 79 54.66 -13.30 14.96
N GLY S 80 54.02 -12.16 15.24
CA GLY S 80 54.71 -10.98 15.70
C GLY S 80 54.01 -10.35 16.89
N GLN S 81 54.76 -9.49 17.58
CA GLN S 81 54.25 -8.80 18.76
C GLN S 81 53.64 -7.45 18.39
N SER S 82 54.40 -6.59 17.72
CA SER S 82 53.90 -5.30 17.32
C SER S 82 53.37 -5.38 15.88
N VAL S 83 52.81 -4.27 15.40
CA VAL S 83 52.20 -4.25 14.08
C VAL S 83 53.23 -4.42 12.97
N THR S 84 54.43 -3.86 13.16
CA THR S 84 55.44 -3.91 12.11
C THR S 84 55.85 -5.34 11.80
N GLU S 85 56.00 -6.17 12.83
CA GLU S 85 56.37 -7.57 12.59
C GLU S 85 55.29 -8.30 11.81
N MET S 86 54.02 -8.07 12.15
CA MET S 86 52.94 -8.72 11.43
C MET S 86 52.94 -8.30 9.97
N PHE S 87 53.09 -7.00 9.71
CA PHE S 87 53.08 -6.53 8.33
C PHE S 87 54.25 -7.11 7.54
N GLN S 88 55.44 -7.14 8.14
CA GLN S 88 56.60 -7.70 7.45
C GLN S 88 56.40 -9.18 7.16
N ALA S 89 55.85 -9.92 8.13
CA ALA S 89 55.62 -11.34 7.93
C ALA S 89 54.69 -11.60 6.75
N ASP S 90 53.56 -10.90 6.72
CA ASP S 90 52.60 -11.12 5.63
C ASP S 90 53.20 -10.73 4.28
N ARG S 91 53.91 -9.60 4.25
CA ARG S 91 54.49 -9.14 3.00
C ARG S 91 55.48 -10.15 2.45
N GLU S 92 56.34 -10.71 3.29
CA GLU S 92 57.22 -11.74 2.76
C GLU S 92 56.37 -12.90 2.26
N VAL S 93 55.38 -13.30 3.04
CA VAL S 93 54.49 -14.37 2.61
C VAL S 93 54.01 -14.09 1.20
N GLU S 94 53.40 -12.92 1.00
CA GLU S 94 52.94 -12.55 -0.32
C GLU S 94 54.09 -12.64 -1.30
N LEU S 95 55.21 -12.04 -0.96
CA LEU S 95 56.37 -12.03 -1.84
C LEU S 95 56.68 -13.42 -2.38
N GLU S 96 57.13 -14.32 -1.50
CA GLU S 96 57.50 -15.66 -1.95
C GLU S 96 56.42 -16.25 -2.83
N ALA S 97 55.18 -16.20 -2.36
CA ALA S 97 54.07 -16.73 -3.14
C ALA S 97 54.14 -16.19 -4.54
N ILE S 98 54.15 -14.87 -4.67
CA ILE S 98 54.16 -14.25 -6.00
C ILE S 98 55.27 -14.85 -6.86
N ASP S 99 56.46 -15.00 -6.28
CA ASP S 99 57.58 -15.56 -7.05
C ASP S 99 57.25 -16.97 -7.55
N ARG S 100 56.78 -17.84 -6.64
CA ARG S 100 56.45 -19.20 -7.04
C ARG S 100 55.35 -19.23 -8.09
N LEU S 101 54.35 -18.35 -7.95
CA LEU S 101 53.26 -18.31 -8.92
C LEU S 101 53.76 -17.96 -10.31
N ARG S 102 54.63 -16.96 -10.41
CA ARG S 102 55.17 -16.57 -11.72
C ARG S 102 55.95 -17.71 -12.34
N ARG S 103 56.82 -18.36 -11.53
CA ARG S 103 57.59 -19.47 -12.07
C ARG S 103 56.67 -20.59 -12.55
N GLY S 104 55.62 -20.88 -11.78
CA GLY S 104 54.73 -21.97 -12.14
C GLY S 104 53.97 -21.71 -13.43
N ILE S 105 53.43 -20.50 -13.59
CA ILE S 105 52.69 -20.22 -14.82
C ILE S 105 53.63 -20.26 -16.01
N GLU S 106 54.84 -19.72 -15.86
CA GLU S 106 55.80 -19.78 -16.96
C GLU S 106 56.09 -21.23 -17.36
N VAL S 107 56.28 -22.11 -16.37
CA VAL S 107 56.61 -23.50 -16.69
C VAL S 107 55.42 -24.20 -17.35
N MET S 108 54.22 -24.02 -16.79
CA MET S 108 53.07 -24.81 -17.22
C MET S 108 52.42 -24.29 -18.49
N ARG S 109 52.72 -23.06 -18.91
CA ARG S 109 52.14 -22.56 -20.16
C ARG S 109 52.61 -23.36 -21.37
N ALA S 110 53.81 -23.93 -21.29
CA ALA S 110 54.40 -24.68 -22.40
C ALA S 110 53.98 -26.14 -22.43
N LYS S 111 53.16 -26.57 -21.47
CA LYS S 111 52.67 -27.95 -21.43
C LYS S 111 51.28 -28.09 -22.03
N HIS S 112 50.80 -27.06 -22.73
CA HIS S 112 49.48 -27.08 -23.37
C HIS S 112 48.36 -27.29 -22.36
N ASP S 113 48.48 -26.66 -21.21
CA ASP S 113 47.43 -26.63 -20.19
C ASP S 113 47.25 -25.19 -19.75
N ILE S 114 46.11 -24.60 -20.11
CA ILE S 114 45.93 -23.16 -20.00
C ILE S 114 45.01 -22.75 -18.86
N THR S 115 43.95 -23.53 -18.58
CA THR S 115 43.01 -23.14 -17.53
C THR S 115 43.72 -23.00 -16.19
N SER S 116 44.63 -23.91 -15.88
CA SER S 116 45.44 -23.80 -14.68
C SER S 116 46.25 -22.50 -14.69
N ALA S 117 46.79 -22.14 -15.86
CA ALA S 117 47.50 -20.88 -15.97
C ALA S 117 46.57 -19.71 -15.68
N ASN S 118 45.33 -19.78 -16.12
CA ASN S 118 44.39 -18.68 -15.87
C ASN S 118 44.09 -18.53 -14.39
N VAL S 119 43.87 -19.64 -13.68
CA VAL S 119 43.63 -19.50 -12.25
C VAL S 119 44.87 -18.97 -11.55
N PHE S 120 46.05 -19.35 -12.03
CA PHE S 120 47.28 -18.80 -11.48
C PHE S 120 47.37 -17.29 -11.69
N GLU S 121 46.97 -16.82 -12.87
CA GLU S 121 46.99 -15.37 -13.13
C GLU S 121 46.03 -14.64 -12.19
N ALA S 122 44.84 -15.19 -11.99
CA ALA S 122 43.89 -14.53 -11.08
C ALA S 122 44.46 -14.43 -9.67
N ILE S 123 45.02 -15.53 -9.16
CA ILE S 123 45.59 -15.52 -7.83
C ILE S 123 46.75 -14.53 -7.76
N LEU S 124 47.55 -14.46 -8.81
CA LEU S 124 48.68 -13.54 -8.84
C LEU S 124 48.22 -12.09 -8.74
N ALA S 125 47.17 -11.74 -9.47
CA ALA S 125 46.64 -10.38 -9.39
C ALA S 125 46.18 -10.07 -7.98
N ASP S 126 45.45 -11.00 -7.35
CA ASP S 126 44.99 -10.75 -5.99
C ASP S 126 46.16 -10.53 -5.04
N GLU S 127 47.20 -11.35 -5.15
CA GLU S 127 48.31 -11.22 -4.22
C GLU S 127 49.06 -9.92 -4.45
N GLU S 128 49.16 -9.48 -5.71
CA GLU S 128 49.80 -8.19 -5.98
C GLU S 128 49.04 -7.06 -5.33
N HIS S 129 47.70 -7.09 -5.41
CA HIS S 129 46.92 -6.07 -4.73
C HIS S 129 47.19 -6.08 -3.22
N HIS S 130 47.19 -7.27 -2.62
CA HIS S 130 47.40 -7.34 -1.17
C HIS S 130 48.76 -6.83 -0.75
N ILE S 131 49.81 -7.19 -1.50
CA ILE S 131 51.15 -6.72 -1.12
C ILE S 131 51.26 -5.22 -1.31
N ASP S 132 50.57 -4.66 -2.31
CA ASP S 132 50.55 -3.21 -2.43
C ASP S 132 49.94 -2.56 -1.18
N TYR S 133 48.82 -3.12 -0.71
CA TYR S 133 48.21 -2.57 0.51
C TYR S 133 49.17 -2.67 1.70
N LEU S 134 49.84 -3.80 1.85
CA LEU S 134 50.76 -3.95 2.97
C LEU S 134 51.88 -2.93 2.90
N GLU S 135 52.45 -2.72 1.72
CA GLU S 135 53.56 -1.78 1.58
C GLU S 135 53.13 -0.36 1.89
N THR S 136 51.95 0.05 1.41
CA THR S 136 51.52 1.42 1.70
C THR S 136 51.22 1.60 3.18
N GLN S 137 50.67 0.56 3.84
CA GLN S 137 50.44 0.65 5.27
C GLN S 137 51.76 0.77 6.03
N LEU S 138 52.78 0.01 5.61
CA LEU S 138 54.07 0.10 6.26
C LEU S 138 54.68 1.48 6.10
N ASP S 139 54.58 2.06 4.91
CA ASP S 139 55.08 3.43 4.71
C ASP S 139 54.34 4.42 5.59
N LEU S 140 53.01 4.26 5.70
CA LEU S 140 52.22 5.18 6.51
C LEU S 140 52.62 5.12 7.98
N ILE S 141 52.78 3.90 8.51
CA ILE S 141 53.14 3.78 9.93
C ILE S 141 54.57 4.25 10.15
N GLU S 142 55.45 4.07 9.16
CA GLU S 142 56.79 4.62 9.27
C GLU S 142 56.76 6.13 9.37
N LYS S 143 55.93 6.79 8.55
CA LYS S 143 55.88 8.24 8.56
C LYS S 143 55.24 8.79 9.83
N LEU S 144 54.09 8.23 10.22
CA LEU S 144 53.32 8.82 11.30
C LEU S 144 53.94 8.55 12.67
N GLY S 145 54.41 7.34 12.88
CA GLY S 145 54.79 6.89 14.22
C GLY S 145 53.80 5.86 14.74
N GLU S 146 54.31 4.94 15.57
CA GLU S 146 53.52 3.78 15.96
C GLU S 146 52.32 4.19 16.81
N SER S 147 52.53 4.98 17.85
CA SER S 147 51.44 5.34 18.75
C SER S 147 50.40 6.21 18.05
N LEU S 148 50.85 7.20 17.27
CA LEU S 148 49.92 8.06 16.56
C LEU S 148 49.12 7.27 15.53
N TYR S 149 49.76 6.33 14.84
CA TYR S 149 49.05 5.48 13.90
C TYR S 149 48.02 4.62 14.61
N LEU S 150 48.39 4.05 15.77
CA LEU S 150 47.47 3.19 16.49
C LEU S 150 46.29 3.97 17.05
N SER S 151 46.49 5.26 17.35
CA SER S 151 45.41 6.05 17.94
C SER S 151 44.23 6.22 17.00
N THR S 152 44.42 6.02 15.70
CA THR S 152 43.36 6.21 14.71
C THR S 152 42.63 4.92 14.38
N VAL S 153 42.96 3.81 15.04
CA VAL S 153 42.36 2.52 14.73
C VAL S 153 41.62 1.91 15.90
N ILE S 154 41.77 2.45 17.11
CA ILE S 154 41.11 1.91 18.29
C ILE S 154 39.75 2.58 18.46
N GLU S 155 38.83 1.85 19.09
CA GLU S 155 37.50 2.34 19.42
C GLU S 155 36.82 1.31 20.30
N GLN S 156 35.81 1.77 21.05
CA GLN S 156 34.98 0.89 21.84
C GLN S 156 33.53 1.33 21.71
N THR S 157 32.63 0.35 21.56
CA THR S 157 31.22 0.66 21.39
C THR S 157 30.27 -0.24 22.17
N GLN S 158 30.72 -1.39 22.68
CA GLN S 158 29.86 -2.34 23.36
C GLN S 158 28.60 -2.67 22.54
N PRO S 159 28.76 -2.92 21.23
CA PRO S 159 27.57 -3.16 20.40
C PRO S 159 26.94 -4.51 20.67
N ASP S 160 25.78 -4.51 21.32
CA ASP S 160 25.04 -5.74 21.63
C ASP S 160 23.55 -5.44 21.67
N PRO S 161 22.92 -5.28 20.49
CA PRO S 161 21.49 -4.98 20.42
C PRO S 161 20.63 -6.24 20.36
N MET T 1 -42.62 38.44 17.39
CA MET T 1 -42.34 37.20 18.11
C MET T 1 -41.92 37.49 19.55
N GLN T 2 -42.78 37.11 20.49
CA GLN T 2 -42.53 37.35 21.91
C GLN T 2 -43.04 36.16 22.70
N GLY T 3 -42.51 36.02 23.91
CA GLY T 3 -42.87 34.94 24.80
C GLY T 3 -43.62 35.45 26.02
N ASP T 4 -44.64 34.70 26.43
CA ASP T 4 -45.38 35.06 27.63
C ASP T 4 -44.53 34.82 28.87
N PRO T 5 -44.75 35.61 29.93
CA PRO T 5 -43.88 35.52 31.10
C PRO T 5 -43.87 34.17 31.80
N GLU T 6 -44.99 33.43 31.78
CA GLU T 6 -45.05 32.18 32.53
C GLU T 6 -44.09 31.14 31.97
N VAL T 7 -44.05 31.00 30.64
CA VAL T 7 -43.13 30.06 30.03
C VAL T 7 -41.69 30.46 30.32
N ILE T 8 -41.41 31.76 30.28
CA ILE T 8 -40.06 32.25 30.57
C ILE T 8 -39.66 31.88 31.98
N GLU T 9 -40.56 32.08 32.95
CA GLU T 9 -40.22 31.79 34.34
C GLU T 9 -40.06 30.29 34.56
N PHE T 10 -40.87 29.47 33.89
CA PHE T 10 -40.71 28.02 33.99
C PHE T 10 -39.33 27.60 33.48
N LEU T 11 -38.94 28.12 32.32
CA LEU T 11 -37.65 27.77 31.75
C LEU T 11 -36.51 28.26 32.64
N ASN T 12 -36.64 29.46 33.21
CA ASN T 12 -35.60 29.97 34.10
C ASN T 12 -35.46 29.10 35.35
N GLU T 13 -36.58 28.69 35.93
CA GLU T 13 -36.52 27.83 37.11
C GLU T 13 -35.85 26.50 36.78
N GLN T 14 -36.20 25.91 35.64
CA GLN T 14 -35.54 24.67 35.24
C GLN T 14 -34.04 24.88 35.02
N LEU T 15 -33.67 26.03 34.45
CA LEU T 15 -32.25 26.32 34.24
C LEU T 15 -31.50 26.37 35.55
N THR T 16 -32.04 27.08 36.54
CA THR T 16 -31.37 27.14 37.84
C THR T 16 -31.30 25.76 38.47
N ALA T 17 -32.35 24.95 38.33
CA ALA T 17 -32.33 23.61 38.88
C ALA T 17 -31.22 22.77 38.29
N GLU T 18 -31.07 22.77 36.96
CA GLU T 18 -30.02 21.94 36.38
C GLU T 18 -28.63 22.53 36.63
N LEU T 19 -28.53 23.85 36.87
CA LEU T 19 -27.24 24.42 37.28
C LEU T 19 -26.83 23.91 38.65
N THR T 20 -27.77 23.90 39.60
CA THR T 20 -27.47 23.30 40.90
C THR T 20 -27.10 21.84 40.74
N ALA T 21 -27.79 21.13 39.84
CA ALA T 21 -27.51 19.71 39.63
C ALA T 21 -26.10 19.49 39.12
N ILE T 22 -25.65 20.28 38.14
CA ILE T 22 -24.31 20.09 37.61
C ILE T 22 -23.26 20.40 38.68
N ASN T 23 -23.46 21.48 39.44
CA ASN T 23 -22.49 21.78 40.50
C ASN T 23 -22.36 20.62 41.48
N GLN T 24 -23.50 20.10 41.94
CA GLN T 24 -23.47 19.00 42.90
C GLN T 24 -22.82 17.76 42.31
N TYR T 25 -23.16 17.42 41.06
CA TYR T 25 -22.61 16.22 40.45
C TYR T 25 -21.10 16.31 40.30
N PHE T 26 -20.59 17.47 39.88
CA PHE T 26 -19.15 17.59 39.72
C PHE T 26 -18.44 17.51 41.07
N LEU T 27 -19.01 18.14 42.11
CA LEU T 27 -18.38 18.04 43.42
C LEU T 27 -18.34 16.58 43.89
N HIS T 28 -19.44 15.84 43.70
CA HIS T 28 -19.45 14.45 44.12
C HIS T 28 -18.44 13.63 43.33
N ALA T 29 -18.31 13.89 42.04
CA ALA T 29 -17.34 13.18 41.23
C ALA T 29 -15.92 13.42 41.74
N LYS T 30 -15.60 14.68 42.06
CA LYS T 30 -14.27 14.98 42.58
C LYS T 30 -14.02 14.27 43.90
N LEU T 31 -15.01 14.29 44.80
CA LEU T 31 -14.84 13.63 46.09
C LEU T 31 -14.64 12.12 45.92
N GLN T 32 -15.45 11.50 45.07
CA GLN T 32 -15.31 10.05 44.85
C GLN T 32 -13.97 9.70 44.25
N ASP T 33 -13.50 10.50 43.29
CA ASP T 33 -12.19 10.24 42.71
C ASP T 33 -11.09 10.39 43.74
N HIS T 34 -11.19 11.39 44.61
CA HIS T 34 -10.18 11.57 45.64
C HIS T 34 -10.16 10.40 46.62
N LYS T 35 -11.34 9.88 46.96
CA LYS T 35 -11.39 8.81 47.96
C LYS T 35 -10.87 7.48 47.43
N GLY T 36 -10.77 7.32 46.11
CA GLY T 36 -10.21 6.12 45.52
C GLY T 36 -11.16 5.24 44.74
N TRP T 37 -12.40 5.69 44.52
CA TRP T 37 -13.39 4.92 43.76
C TRP T 37 -13.45 5.52 42.36
N THR T 38 -12.91 4.80 41.38
CA THR T 38 -12.67 5.40 40.07
C THR T 38 -13.89 5.33 39.15
N LYS T 39 -14.50 4.15 39.05
CA LYS T 39 -15.60 3.97 38.10
C LYS T 39 -16.79 4.86 38.47
N LEU T 40 -17.07 5.00 39.76
CA LEU T 40 -18.09 5.93 40.19
C LEU T 40 -17.77 7.34 39.75
N ALA T 41 -16.48 7.73 39.83
CA ALA T 41 -16.09 9.06 39.40
C ALA T 41 -16.34 9.26 37.91
N LYS T 42 -16.01 8.25 37.10
CA LYS T 42 -16.23 8.36 35.66
C LYS T 42 -17.72 8.50 35.35
N TYR T 43 -18.55 7.69 36.00
CA TYR T 43 -19.99 7.77 35.74
C TYR T 43 -20.55 9.13 36.15
N THR T 44 -20.11 9.65 37.30
CA THR T 44 -20.62 10.94 37.75
C THR T 44 -20.17 12.07 36.82
N ARG T 45 -18.95 11.99 36.30
CA ARG T 45 -18.52 13.00 35.33
C ARG T 45 -19.38 12.95 34.08
N ALA T 46 -19.69 11.75 33.60
CA ALA T 46 -20.56 11.65 32.44
C ALA T 46 -21.93 12.27 32.71
N GLU T 47 -22.48 12.01 33.89
CA GLU T 47 -23.78 12.59 34.23
C GLU T 47 -23.71 14.12 34.29
N SER T 48 -22.61 14.66 34.82
CA SER T 48 -22.45 16.10 34.86
C SER T 48 -22.45 16.67 33.45
N PHE T 49 -21.76 16.02 32.52
CA PHE T 49 -21.75 16.51 31.14
C PHE T 49 -23.14 16.42 30.49
N ASP T 50 -23.91 15.40 30.86
CA ASP T 50 -25.28 15.33 30.35
C ASP T 50 -26.12 16.52 30.83
N GLU T 51 -26.06 16.81 32.12
CA GLU T 51 -26.77 17.99 32.61
C GLU T 51 -26.22 19.27 31.99
N MET T 52 -24.96 19.23 31.57
CA MET T 52 -24.33 20.35 30.88
C MET T 52 -25.05 20.64 29.58
N ARG T 53 -25.21 19.59 28.76
CA ARG T 53 -25.96 19.72 27.51
C ARG T 53 -27.37 20.21 27.77
N HIS T 54 -28.02 19.69 28.82
CA HIS T 54 -29.37 20.15 29.14
C HIS T 54 -29.39 21.65 29.37
N ALA T 55 -28.46 22.16 30.17
CA ALA T 55 -28.43 23.59 30.48
C ALA T 55 -28.20 24.43 29.22
N GLU T 56 -27.29 23.97 28.35
CA GLU T 56 -27.05 24.72 27.12
C GLU T 56 -28.30 24.80 26.26
N VAL T 57 -29.01 23.67 26.11
CA VAL T 57 -30.23 23.69 25.30
C VAL T 57 -31.26 24.63 25.92
N LEU T 58 -31.41 24.58 27.24
CA LEU T 58 -32.40 25.44 27.90
C LEU T 58 -32.10 26.91 27.69
N THR T 59 -30.82 27.31 27.86
CA THR T 59 -30.51 28.72 27.70
C THR T 59 -30.65 29.17 26.26
N ASP T 60 -30.33 28.30 25.30
CA ASP T 60 -30.55 28.65 23.90
C ASP T 60 -32.03 28.88 23.62
N ARG T 61 -32.88 27.99 24.12
CA ARG T 61 -34.32 28.16 23.92
C ARG T 61 -34.83 29.44 24.57
N ILE T 62 -34.33 29.76 25.76
CA ILE T 62 -34.75 30.98 26.44
C ILE T 62 -34.36 32.20 25.62
N LEU T 63 -33.13 32.20 25.10
CA LEU T 63 -32.66 33.33 24.31
C LEU T 63 -33.46 33.49 23.02
N LEU T 64 -33.94 32.38 22.46
CA LEU T 64 -34.74 32.47 21.24
C LEU T 64 -36.03 33.24 21.46
N LEU T 65 -36.66 33.06 22.63
CA LEU T 65 -37.94 33.68 22.94
C LEU T 65 -37.81 35.14 23.37
N ASP T 66 -36.65 35.75 23.17
CA ASP T 66 -36.39 37.12 23.61
C ASP T 66 -36.60 37.26 25.12
N GLY T 67 -35.78 36.52 25.87
CA GLY T 67 -35.82 36.54 27.31
C GLY T 67 -34.45 36.88 27.89
N LEU T 68 -34.40 36.87 29.23
CA LEU T 68 -33.17 37.17 29.96
C LEU T 68 -32.83 36.01 30.88
N PRO T 69 -31.95 35.10 30.46
CA PRO T 69 -31.50 34.04 31.37
C PRO T 69 -30.77 34.63 32.57
N ASN T 70 -30.97 34.02 33.73
CA ASN T 70 -30.32 34.47 34.95
C ASN T 70 -29.32 33.40 35.39
N TYR T 71 -28.06 33.81 35.55
CA TYR T 71 -27.01 32.93 36.05
C TYR T 71 -26.63 33.26 37.49
N GLN T 72 -27.47 34.03 38.19
CA GLN T 72 -27.21 34.43 39.56
C GLN T 72 -27.86 33.51 40.58
N ARG T 73 -29.16 33.24 40.43
CA ARG T 73 -29.89 32.45 41.41
C ARG T 73 -29.40 31.02 41.41
N LEU T 74 -29.28 30.44 42.61
CA LEU T 74 -28.81 29.08 42.78
C LEU T 74 -29.54 28.44 43.95
N PHE T 75 -29.91 27.18 43.79
CA PHE T 75 -30.63 26.46 44.83
C PHE T 75 -29.64 25.93 45.87
N HIS T 76 -30.12 25.12 46.79
CA HIS T 76 -29.27 24.56 47.83
C HIS T 76 -28.52 23.34 47.31
N VAL T 77 -27.23 23.27 47.61
CA VAL T 77 -26.37 22.16 47.20
C VAL T 77 -26.06 21.32 48.42
N ARG T 78 -26.28 20.02 48.31
CA ARG T 78 -26.09 19.08 49.42
C ARG T 78 -24.98 18.10 49.08
N VAL T 79 -24.21 17.71 50.10
CA VAL T 79 -23.09 16.80 49.94
C VAL T 79 -23.19 15.71 51.02
N GLY T 80 -22.53 14.59 50.76
CA GLY T 80 -22.57 13.47 51.67
C GLY T 80 -21.21 12.81 51.79
N GLN T 81 -21.06 12.05 52.87
CA GLN T 81 -19.81 11.33 53.14
C GLN T 81 -19.84 9.92 52.56
N SER T 82 -20.80 9.11 52.99
CA SER T 82 -20.93 7.75 52.47
C SER T 82 -21.62 7.76 51.12
N VAL T 83 -21.52 6.64 50.41
CA VAL T 83 -22.09 6.54 49.07
C VAL T 83 -23.62 6.68 49.12
N THR T 84 -24.24 6.09 50.14
CA THR T 84 -25.70 6.10 50.22
C THR T 84 -26.25 7.52 50.29
N GLU T 85 -25.58 8.39 51.04
CA GLU T 85 -26.04 9.77 51.17
C GLU T 85 -26.01 10.49 49.82
N MET T 86 -24.91 10.32 49.08
CA MET T 86 -24.84 10.93 47.75
C MET T 86 -25.92 10.40 46.84
N PHE T 87 -26.15 9.08 46.87
CA PHE T 87 -27.14 8.48 45.99
C PHE T 87 -28.53 9.03 46.29
N GLN T 88 -28.91 9.10 47.56
CA GLN T 88 -30.25 9.59 47.88
C GLN T 88 -30.37 11.09 47.63
N ALA T 89 -29.30 11.85 47.81
CA ALA T 89 -29.34 13.28 47.49
C ALA T 89 -29.64 13.49 46.01
N ASP T 90 -28.91 12.78 45.14
CA ASP T 90 -29.17 12.91 43.71
C ASP T 90 -30.57 12.44 43.36
N ARG T 91 -31.03 11.35 44.01
CA ARG T 91 -32.35 10.83 43.74
C ARG T 91 -33.42 11.88 44.03
N GLU T 92 -33.34 12.54 45.18
CA GLU T 92 -34.37 13.52 45.51
C GLU T 92 -34.27 14.77 44.63
N VAL T 93 -33.04 15.17 44.26
CA VAL T 93 -32.90 16.30 43.34
C VAL T 93 -33.64 16.04 42.04
N GLU T 94 -33.41 14.88 41.44
CA GLU T 94 -34.04 14.64 40.15
C GLU T 94 -35.52 14.29 40.30
N LEU T 95 -35.94 13.86 41.50
CA LEU T 95 -37.38 13.73 41.75
C LEU T 95 -38.07 15.09 41.65
N GLU T 96 -37.50 16.10 42.32
CA GLU T 96 -38.06 17.44 42.22
C GLU T 96 -38.05 17.93 40.79
N ALA T 97 -36.95 17.66 40.07
CA ALA T 97 -36.88 18.07 38.67
C ALA T 97 -38.00 17.43 37.85
N ILE T 98 -38.28 16.14 38.08
CA ILE T 98 -39.30 15.44 37.31
C ILE T 98 -40.67 16.07 37.56
N ASP T 99 -40.99 16.34 38.82
CA ASP T 99 -42.30 16.93 39.12
C ASP T 99 -42.45 18.29 38.46
N ARG T 100 -41.42 19.14 38.56
CA ARG T 100 -41.49 20.45 37.95
C ARG T 100 -41.66 20.34 36.43
N LEU T 101 -40.94 19.40 35.82
CA LEU T 101 -41.04 19.23 34.37
C LEU T 101 -42.44 18.82 33.95
N ARG T 102 -43.07 17.91 34.71
CA ARG T 102 -44.43 17.50 34.35
C ARG T 102 -45.40 18.68 34.42
N ARG T 103 -45.34 19.45 35.50
CA ARG T 103 -46.25 20.59 35.63
C ARG T 103 -46.02 21.60 34.51
N GLY T 104 -44.76 21.90 34.22
CA GLY T 104 -44.45 22.85 33.16
C GLY T 104 -44.91 22.38 31.80
N ILE T 105 -44.74 21.08 31.51
CA ILE T 105 -45.19 20.54 30.23
C ILE T 105 -46.69 20.75 30.09
N GLU T 106 -47.44 20.42 31.14
CA GLU T 106 -48.89 20.59 31.07
C GLU T 106 -49.26 22.03 30.77
N VAL T 107 -48.71 22.97 31.55
CA VAL T 107 -49.10 24.38 31.37
C VAL T 107 -48.71 24.89 29.99
N MET T 108 -47.47 24.59 29.57
CA MET T 108 -46.97 25.11 28.30
C MET T 108 -47.75 24.53 27.12
N ARG T 109 -48.09 23.24 27.17
CA ARG T 109 -48.92 22.68 26.12
C ARG T 109 -50.30 23.33 26.11
N ALA T 110 -50.85 23.63 27.28
CA ALA T 110 -52.17 24.25 27.34
C ALA T 110 -52.15 25.67 26.80
N LYS T 111 -51.02 26.38 26.91
CA LYS T 111 -50.96 27.80 26.55
C LYS T 111 -50.35 28.00 25.16
N HIS T 112 -50.55 27.03 24.26
CA HIS T 112 -50.22 27.17 22.83
C HIS T 112 -48.72 27.39 22.62
N ASP T 113 -47.93 26.40 23.03
CA ASP T 113 -46.50 26.38 22.73
C ASP T 113 -46.07 24.93 22.68
N ILE T 114 -45.36 24.54 21.62
CA ILE T 114 -45.11 23.15 21.30
C ILE T 114 -43.63 22.79 21.44
N THR T 115 -42.75 23.56 20.80
CA THR T 115 -41.34 23.19 20.76
C THR T 115 -40.73 23.17 22.16
N SER T 116 -41.07 24.17 22.98
CA SER T 116 -40.60 24.17 24.36
C SER T 116 -41.11 22.95 25.12
N ALA T 117 -42.35 22.55 24.87
CA ALA T 117 -42.86 21.33 25.47
C ALA T 117 -42.03 20.12 25.02
N ASN T 118 -41.59 20.11 23.76
CA ASN T 118 -40.81 18.99 23.26
C ASN T 118 -39.45 18.90 23.96
N VAL T 119 -38.77 20.04 24.11
CA VAL T 119 -37.48 19.97 24.81
C VAL T 119 -37.70 19.58 26.26
N PHE T 120 -38.79 20.05 26.88
CA PHE T 120 -39.09 19.64 28.25
C PHE T 120 -39.28 18.13 28.36
N GLU T 121 -40.00 17.51 27.42
CA GLU T 121 -40.23 16.07 27.56
C GLU T 121 -38.96 15.28 27.25
N ALA T 122 -38.10 15.77 26.36
CA ALA T 122 -36.81 15.11 26.18
C ALA T 122 -36.00 15.12 27.47
N ILE T 123 -35.94 16.28 28.13
CA ILE T 123 -35.23 16.37 29.40
C ILE T 123 -35.88 15.45 30.43
N LEU T 124 -37.21 15.35 30.41
CA LEU T 124 -37.91 14.49 31.35
C LEU T 124 -37.53 13.03 31.17
N ALA T 125 -37.45 12.58 29.92
CA ALA T 125 -37.04 11.20 29.66
C ALA T 125 -35.63 10.94 30.17
N ASP T 126 -34.71 11.88 29.92
CA ASP T 126 -33.34 11.69 30.38
C ASP T 126 -33.28 11.60 31.92
N GLU T 127 -33.97 12.51 32.60
CA GLU T 127 -33.95 12.50 34.05
C GLU T 127 -34.58 11.22 34.61
N GLU T 128 -35.63 10.71 33.95
CA GLU T 128 -36.24 9.47 34.39
C GLU T 128 -35.25 8.30 34.29
N HIS T 129 -34.50 8.24 33.18
CA HIS T 129 -33.49 7.19 33.08
C HIS T 129 -32.46 7.30 34.19
N HIS T 130 -32.02 8.53 34.49
CA HIS T 130 -31.01 8.70 35.53
C HIS T 130 -31.52 8.26 36.90
N ILE T 131 -32.76 8.63 37.25
CA ILE T 131 -33.26 8.25 38.56
C ILE T 131 -33.46 6.74 38.64
N ASP T 132 -33.85 6.11 37.53
CA ASP T 132 -33.94 4.65 37.54
C ASP T 132 -32.58 4.02 37.85
N TYR T 133 -31.52 4.54 37.21
CA TYR T 133 -30.19 4.01 37.50
C TYR T 133 -29.82 4.20 38.97
N LEU T 134 -30.11 5.37 39.52
CA LEU T 134 -29.78 5.62 40.91
C LEU T 134 -30.50 4.66 41.83
N GLU T 135 -31.78 4.42 41.58
CA GLU T 135 -32.56 3.54 42.43
C GLU T 135 -32.05 2.10 42.36
N THR T 136 -31.72 1.62 41.16
CA THR T 136 -31.22 0.26 41.08
C THR T 136 -29.86 0.13 41.76
N GLN T 137 -29.02 1.16 41.68
CA GLN T 137 -27.74 1.12 42.39
C GLN T 137 -27.95 1.09 43.89
N LEU T 138 -28.91 1.88 44.39
CA LEU T 138 -29.19 1.89 45.82
C LEU T 138 -29.69 0.52 46.29
N ASP T 139 -30.58 -0.10 45.51
CA ASP T 139 -31.04 -1.44 45.88
C ASP T 139 -29.88 -2.43 45.88
N LEU T 140 -29.00 -2.34 44.90
CA LEU T 140 -27.87 -3.26 44.81
C LEU T 140 -26.95 -3.13 46.02
N ILE T 141 -26.62 -1.89 46.41
CA ILE T 141 -25.71 -1.73 47.54
C ILE T 141 -26.39 -2.14 48.83
N GLU T 142 -27.69 -1.89 48.96
CA GLU T 142 -28.40 -2.31 50.17
C GLU T 142 -28.41 -3.84 50.28
N LYS T 143 -28.61 -4.54 49.17
CA LYS T 143 -28.67 -6.00 49.22
C LYS T 143 -27.30 -6.62 49.43
N LEU T 144 -26.28 -6.10 48.73
CA LEU T 144 -24.98 -6.75 48.71
C LEU T 144 -24.19 -6.49 49.99
N GLY T 145 -23.96 -5.23 50.30
CA GLY T 145 -23.17 -4.83 51.46
C GLY T 145 -22.27 -3.69 51.06
N GLU T 146 -22.03 -2.78 52.01
CA GLU T 146 -21.24 -1.59 51.71
C GLU T 146 -19.80 -1.97 51.34
N SER T 147 -19.20 -2.87 52.11
CA SER T 147 -17.80 -3.23 51.88
C SER T 147 -17.61 -3.96 50.56
N LEU T 148 -18.48 -4.93 50.26
CA LEU T 148 -18.38 -5.64 48.99
C LEU T 148 -18.60 -4.71 47.80
N TYR T 149 -19.60 -3.83 47.90
CA TYR T 149 -19.86 -2.90 46.82
C TYR T 149 -18.68 -1.96 46.61
N LEU T 150 -18.07 -1.50 47.70
CA LEU T 150 -16.90 -0.64 47.56
C LEU T 150 -15.73 -1.40 46.95
N SER T 151 -15.55 -2.66 47.35
CA SER T 151 -14.43 -3.45 46.84
C SER T 151 -14.57 -3.70 45.35
N THR T 152 -15.80 -3.90 44.87
CA THR T 152 -15.97 -4.23 43.46
C THR T 152 -15.79 -3.03 42.54
N VAL T 153 -15.45 -1.85 43.07
CA VAL T 153 -15.35 -0.65 42.25
C VAL T 153 -13.98 0.02 42.35
N ILE T 154 -13.14 -0.35 43.29
CA ILE T 154 -11.83 0.28 43.46
C ILE T 154 -10.83 -0.38 42.53
N GLU T 155 -9.81 0.38 42.16
CA GLU T 155 -8.69 -0.12 41.39
C GLU T 155 -7.57 0.91 41.46
N GLN T 156 -6.33 0.43 41.33
CA GLN T 156 -5.17 1.31 41.31
C GLN T 156 -4.26 0.91 40.16
N THR T 157 -3.61 1.91 39.58
CA THR T 157 -2.72 1.70 38.44
C THR T 157 -1.83 2.93 38.30
N GLN T 158 -0.94 2.88 37.32
CA GLN T 158 -0.04 3.98 37.04
C GLN T 158 -0.41 4.58 35.68
N PRO T 159 -1.62 5.12 35.54
CA PRO T 159 -2.04 5.66 34.23
C PRO T 159 -1.33 6.95 33.85
N ASP T 160 -0.60 7.56 34.76
CA ASP T 160 0.10 8.80 34.43
C ASP T 160 1.25 8.52 33.47
N PRO T 161 1.29 9.15 32.30
CA PRO T 161 2.39 8.88 31.37
C PRO T 161 2.13 7.67 30.47
N SER T 162 1.17 6.84 30.85
CA SER T 162 0.85 5.63 30.09
C SER T 162 0.19 5.97 28.76
N MET U 1 -1.27 15.23 56.22
CA MET U 1 -1.02 16.66 56.09
C MET U 1 -2.27 17.47 56.36
N GLN U 2 -2.11 18.57 57.09
CA GLN U 2 -3.21 19.47 57.43
C GLN U 2 -2.83 20.87 56.99
N GLY U 3 -3.78 21.56 56.36
CA GLY U 3 -3.57 22.93 55.91
C GLY U 3 -4.16 23.92 56.89
N ASP U 4 -3.46 25.03 57.08
CA ASP U 4 -3.94 26.08 57.96
C ASP U 4 -5.12 26.81 57.31
N PRO U 5 -6.01 27.38 58.13
CA PRO U 5 -7.24 27.98 57.56
C PRO U 5 -7.01 29.12 56.59
N GLU U 6 -5.91 29.86 56.70
CA GLU U 6 -5.73 31.04 55.86
C GLU U 6 -5.57 30.66 54.40
N VAL U 7 -4.71 29.70 54.09
CA VAL U 7 -4.55 29.29 52.70
C VAL U 7 -5.83 28.63 52.20
N ILE U 8 -6.55 27.94 53.10
CA ILE U 8 -7.81 27.31 52.70
C ILE U 8 -8.82 28.36 52.25
N GLU U 9 -8.97 29.42 53.04
CA GLU U 9 -9.94 30.44 52.67
C GLU U 9 -9.48 31.23 51.45
N PHE U 10 -8.17 31.44 51.28
CA PHE U 10 -7.68 32.06 50.07
C PHE U 10 -8.05 31.24 48.84
N LEU U 11 -7.81 29.93 48.90
CA LEU U 11 -8.14 29.07 47.78
C LEU U 11 -9.64 29.04 47.53
N ASN U 12 -10.45 29.04 48.59
CA ASN U 12 -11.90 29.04 48.42
C ASN U 12 -12.37 30.32 47.75
N GLU U 13 -11.83 31.47 48.16
CA GLU U 13 -12.20 32.73 47.53
C GLU U 13 -11.83 32.75 46.06
N GLN U 14 -10.63 32.26 45.73
CA GLN U 14 -10.24 32.20 44.32
C GLN U 14 -11.16 31.26 43.55
N LEU U 15 -11.56 30.15 44.16
CA LEU U 15 -12.46 29.22 43.49
C LEU U 15 -13.80 29.86 43.16
N THR U 16 -14.38 30.58 44.13
CA THR U 16 -15.65 31.25 43.86
C THR U 16 -15.49 32.30 42.76
N ALA U 17 -14.37 33.03 42.79
CA ALA U 17 -14.13 34.04 41.75
C ALA U 17 -14.06 33.40 40.37
N GLU U 18 -13.34 32.29 40.23
CA GLU U 18 -13.22 31.67 38.92
C GLU U 18 -14.56 31.06 38.47
N LEU U 19 -15.34 30.53 39.41
CA LEU U 19 -16.67 30.04 39.04
C LEU U 19 -17.55 31.15 38.49
N THR U 20 -17.57 32.29 39.17
CA THR U 20 -18.32 33.44 38.66
C THR U 20 -17.80 33.85 37.28
N ALA U 21 -16.48 33.80 37.09
CA ALA U 21 -15.91 34.16 35.81
C ALA U 21 -16.40 33.25 34.69
N ILE U 22 -16.43 31.94 34.93
CA ILE U 22 -16.88 31.02 33.88
C ILE U 22 -18.35 31.22 33.58
N ASN U 23 -19.17 31.48 34.61
CA ASN U 23 -20.58 31.74 34.37
C ASN U 23 -20.76 32.96 33.46
N GLN U 24 -20.09 34.06 33.81
CA GLN U 24 -20.23 35.29 33.04
C GLN U 24 -19.72 35.11 31.62
N TYR U 25 -18.58 34.44 31.45
CA TYR U 25 -18.01 34.27 30.13
C TYR U 25 -18.92 33.42 29.24
N PHE U 26 -19.49 32.35 29.79
CA PHE U 26 -20.38 31.52 28.97
C PHE U 26 -21.64 32.30 28.58
N LEU U 27 -22.21 33.07 29.51
CA LEU U 27 -23.38 33.85 29.17
C LEU U 27 -23.07 34.86 28.07
N HIS U 28 -21.93 35.54 28.18
CA HIS U 28 -21.55 36.51 27.16
C HIS U 28 -21.34 35.84 25.80
N ALA U 29 -20.71 34.67 25.79
CA ALA U 29 -20.51 33.96 24.54
C ALA U 29 -21.83 33.59 23.89
N LYS U 30 -22.78 33.09 24.69
CA LYS U 30 -24.09 32.75 24.14
C LYS U 30 -24.79 33.99 23.58
N LEU U 31 -24.73 35.10 24.31
CA LEU U 31 -25.39 36.32 23.84
C LEU U 31 -24.77 36.82 22.54
N GLN U 32 -23.44 36.83 22.45
CA GLN U 32 -22.78 37.28 21.24
C GLN U 32 -23.09 36.38 20.07
N ASP U 33 -23.09 35.07 20.28
CA ASP U 33 -23.42 34.15 19.21
C ASP U 33 -24.84 34.35 18.71
N HIS U 34 -25.78 34.56 19.63
CA HIS U 34 -27.16 34.80 19.23
C HIS U 34 -27.29 36.11 18.45
N LYS U 35 -26.55 37.14 18.84
CA LYS U 35 -26.69 38.44 18.19
C LYS U 35 -26.13 38.47 16.78
N GLY U 36 -25.35 37.47 16.37
CA GLY U 36 -24.84 37.38 15.01
C GLY U 36 -23.34 37.45 14.87
N TRP U 37 -22.60 37.81 15.91
CA TRP U 37 -21.14 37.89 15.84
C TRP U 37 -20.56 36.54 16.25
N THR U 38 -19.77 35.93 15.36
CA THR U 38 -19.37 34.54 15.53
C THR U 38 -17.97 34.38 16.11
N LYS U 39 -16.97 35.05 15.54
CA LYS U 39 -15.60 34.86 16.00
C LYS U 39 -15.44 35.31 17.44
N LEU U 40 -16.10 36.39 17.82
CA LEU U 40 -16.12 36.79 19.22
C LEU U 40 -16.70 35.69 20.09
N ALA U 41 -17.76 35.03 19.61
CA ALA U 41 -18.36 33.94 20.37
C ALA U 41 -17.38 32.80 20.57
N LYS U 42 -16.65 32.42 19.52
CA LYS U 42 -15.68 31.34 19.64
C LYS U 42 -14.58 31.69 20.63
N TYR U 43 -14.06 32.92 20.55
CA TYR U 43 -13.01 33.32 21.48
C TYR U 43 -13.50 33.31 22.93
N THR U 44 -14.72 33.82 23.15
CA THR U 44 -15.25 33.85 24.50
C THR U 44 -15.48 32.45 25.04
N ARG U 45 -15.94 31.53 24.19
CA ARG U 45 -16.12 30.15 24.62
C ARG U 45 -14.80 29.52 25.03
N ALA U 46 -13.75 29.76 24.24
CA ALA U 46 -12.43 29.23 24.61
C ALA U 46 -11.96 29.79 25.95
N GLU U 47 -12.17 31.09 26.16
CA GLU U 47 -11.75 31.69 27.43
C GLU U 47 -12.52 31.08 28.60
N SER U 48 -13.81 30.82 28.42
CA SER U 48 -14.59 30.19 29.48
C SER U 48 -14.05 28.82 29.81
N PHE U 49 -13.69 28.04 28.79
CA PHE U 49 -13.12 26.71 29.05
C PHE U 49 -11.81 26.81 29.82
N ASP U 50 -10.98 27.80 29.48
CA ASP U 50 -9.73 27.99 30.22
C ASP U 50 -10.00 28.30 31.68
N GLU U 51 -10.95 29.20 31.94
CA GLU U 51 -11.24 29.55 33.33
C GLU U 51 -11.77 28.33 34.09
N MET U 52 -12.50 27.46 33.40
CA MET U 52 -12.87 26.20 34.03
C MET U 52 -11.69 25.31 34.36
N ARG U 53 -10.70 25.23 33.47
CA ARG U 53 -9.50 24.46 33.79
C ARG U 53 -8.87 24.99 35.08
N HIS U 54 -8.79 26.31 35.21
CA HIS U 54 -8.28 26.90 36.44
C HIS U 54 -9.11 26.47 37.65
N ALA U 55 -10.44 26.51 37.51
CA ALA U 55 -11.29 26.15 38.64
C ALA U 55 -11.08 24.70 39.06
N GLU U 56 -10.95 23.80 38.09
CA GLU U 56 -10.76 22.39 38.41
C GLU U 56 -9.44 22.15 39.12
N VAL U 57 -8.36 22.78 38.65
CA VAL U 57 -7.08 22.56 39.31
C VAL U 57 -7.11 23.15 40.73
N LEU U 58 -7.79 24.27 40.92
CA LEU U 58 -7.93 24.83 42.26
C LEU U 58 -8.69 23.88 43.18
N THR U 59 -9.79 23.31 42.68
CA THR U 59 -10.57 22.38 43.49
C THR U 59 -9.74 21.17 43.89
N ASP U 60 -8.98 20.63 42.94
CA ASP U 60 -8.12 19.49 43.27
C ASP U 60 -7.10 19.86 44.34
N ARG U 61 -6.48 21.04 44.21
CA ARG U 61 -5.47 21.45 45.18
C ARG U 61 -6.06 21.59 46.58
N ILE U 62 -7.22 22.24 46.69
CA ILE U 62 -7.80 22.44 48.02
C ILE U 62 -8.25 21.11 48.60
N LEU U 63 -8.77 20.22 47.76
CA LEU U 63 -9.20 18.91 48.25
C LEU U 63 -8.02 18.10 48.75
N LEU U 64 -6.84 18.25 48.14
CA LEU U 64 -5.67 17.50 48.60
C LEU U 64 -5.26 17.89 50.02
N LEU U 65 -5.49 19.14 50.41
CA LEU U 65 -5.07 19.66 51.71
C LEU U 65 -6.06 19.36 52.82
N ASP U 66 -6.96 18.40 52.61
CA ASP U 66 -7.99 18.05 53.59
C ASP U 66 -8.86 19.27 53.93
N GLY U 67 -9.50 19.81 52.89
CA GLY U 67 -10.38 20.94 53.02
C GLY U 67 -11.79 20.62 52.54
N LEU U 68 -12.63 21.66 52.58
CA LEU U 68 -14.03 21.56 52.16
C LEU U 68 -14.32 22.62 51.12
N PRO U 69 -14.13 22.31 49.84
CA PRO U 69 -14.50 23.27 48.79
C PRO U 69 -15.99 23.56 48.84
N ASN U 70 -16.36 24.82 48.60
CA ASN U 70 -17.75 25.22 48.60
C ASN U 70 -18.17 25.62 47.19
N TYR U 71 -19.25 25.01 46.71
CA TYR U 71 -19.82 25.33 45.42
C TYR U 71 -21.14 26.09 45.56
N GLN U 72 -21.38 26.69 46.72
CA GLN U 72 -22.67 27.29 47.01
C GLN U 72 -22.72 28.77 46.67
N ARG U 73 -21.77 29.55 47.19
CA ARG U 73 -21.83 31.01 47.06
C ARG U 73 -21.21 31.47 45.75
N LEU U 74 -21.69 32.61 45.25
CA LEU U 74 -21.19 33.22 44.04
C LEU U 74 -21.11 34.73 44.24
N PHE U 75 -20.21 35.35 43.49
CA PHE U 75 -20.12 36.81 43.48
C PHE U 75 -21.16 37.38 42.53
N HIS U 76 -21.16 38.70 42.37
CA HIS U 76 -22.12 39.36 41.49
C HIS U 76 -21.64 39.29 40.05
N VAL U 77 -22.51 38.80 39.17
CA VAL U 77 -22.21 38.77 37.74
C VAL U 77 -22.84 40.01 37.11
N ARG U 78 -22.32 40.40 35.96
CA ARG U 78 -22.82 41.56 35.25
C ARG U 78 -22.86 41.26 33.76
N VAL U 79 -23.77 41.93 33.05
CA VAL U 79 -23.98 41.72 31.63
C VAL U 79 -24.06 43.08 30.94
N GLY U 80 -23.81 43.08 29.64
CA GLY U 80 -23.82 44.29 28.86
C GLY U 80 -24.51 44.08 27.53
N GLN U 81 -24.92 45.20 26.92
CA GLN U 81 -25.59 45.17 25.63
C GLN U 81 -24.59 45.31 24.48
N SER U 82 -23.83 46.40 24.45
CA SER U 82 -22.83 46.59 23.41
C SER U 82 -21.52 45.92 23.80
N VAL U 83 -20.61 45.83 22.83
CA VAL U 83 -19.35 45.12 23.05
C VAL U 83 -18.50 45.81 24.11
N THR U 84 -18.54 47.14 24.15
CA THR U 84 -17.71 47.88 25.09
C THR U 84 -18.05 47.52 26.53
N GLU U 85 -19.33 47.38 26.84
CA GLU U 85 -19.72 47.03 28.21
C GLU U 85 -19.23 45.65 28.59
N MET U 86 -19.33 44.69 27.68
CA MET U 86 -18.83 43.35 27.95
C MET U 86 -17.34 43.37 28.22
N PHE U 87 -16.58 44.09 27.38
CA PHE U 87 -15.14 44.14 27.57
C PHE U 87 -14.79 44.81 28.90
N GLN U 88 -15.49 45.88 29.25
CA GLN U 88 -15.21 46.57 30.52
C GLN U 88 -15.51 45.66 31.70
N ALA U 89 -16.62 44.93 31.66
CA ALA U 89 -16.95 44.01 32.75
C ALA U 89 -15.89 42.94 32.91
N ASP U 90 -15.45 42.35 31.79
CA ASP U 90 -14.43 41.32 31.86
C ASP U 90 -13.13 41.88 32.41
N ARG U 91 -12.74 43.08 32.01
CA ARG U 91 -11.50 43.65 32.53
C ARG U 91 -11.61 43.96 34.02
N GLU U 92 -12.79 44.37 34.49
CA GLU U 92 -12.95 44.59 35.93
C GLU U 92 -12.76 43.29 36.70
N VAL U 93 -13.39 42.21 36.21
CA VAL U 93 -13.24 40.92 36.88
C VAL U 93 -11.78 40.50 36.91
N GLU U 94 -11.09 40.65 35.79
CA GLU U 94 -9.68 40.23 35.73
C GLU U 94 -8.82 41.05 36.68
N LEU U 95 -9.07 42.36 36.78
CA LEU U 95 -8.28 43.19 37.67
C LEU U 95 -8.45 42.76 39.13
N GLU U 96 -9.70 42.50 39.53
CA GLU U 96 -9.92 42.04 40.90
C GLU U 96 -9.21 40.72 41.15
N ALA U 97 -9.29 39.79 40.19
CA ALA U 97 -8.62 38.51 40.35
C ALA U 97 -7.12 38.67 40.49
N ILE U 98 -6.53 39.57 39.69
CA ILE U 98 -5.08 39.77 39.74
C ILE U 98 -4.65 40.30 41.10
N ASP U 99 -5.37 41.28 41.62
CA ASP U 99 -4.99 41.83 42.93
C ASP U 99 -5.09 40.77 44.02
N ARG U 100 -6.19 40.02 44.02
CA ARG U 100 -6.35 38.97 45.03
C ARG U 100 -5.25 37.92 44.91
N LEU U 101 -4.90 37.54 43.68
CA LEU U 101 -3.87 36.54 43.48
C LEU U 101 -2.53 37.01 44.02
N ARG U 102 -2.16 38.27 43.76
CA ARG U 102 -0.89 38.78 44.25
C ARG U 102 -0.83 38.76 45.78
N ARG U 103 -1.90 39.25 46.42
CA ARG U 103 -1.92 39.24 47.88
C ARG U 103 -1.81 37.82 48.41
N GLY U 104 -2.54 36.89 47.79
CA GLY U 104 -2.53 35.52 48.27
C GLY U 104 -1.18 34.84 48.13
N ILE U 105 -0.52 35.02 46.98
CA ILE U 105 0.76 34.37 46.80
C ILE U 105 1.77 34.92 47.80
N GLU U 106 1.76 36.24 48.02
CA GLU U 106 2.67 36.80 49.01
C GLU U 106 2.43 36.18 50.39
N VAL U 107 1.17 36.16 50.84
CA VAL U 107 0.88 35.69 52.19
C VAL U 107 1.24 34.23 52.34
N MET U 108 0.84 33.39 51.38
CA MET U 108 1.06 31.95 51.50
C MET U 108 2.51 31.56 51.25
N ARG U 109 3.29 32.36 50.53
CA ARG U 109 4.72 32.11 50.42
C ARG U 109 5.44 32.47 51.70
N ALA U 110 4.98 33.52 52.39
CA ALA U 110 5.63 33.84 53.66
C ALA U 110 5.30 32.86 54.79
N LYS U 111 4.64 31.73 54.56
CA LYS U 111 4.22 30.84 55.63
C LYS U 111 4.47 29.38 55.27
N HIS U 112 5.56 29.14 54.53
CA HIS U 112 6.06 27.79 54.24
C HIS U 112 5.01 26.94 53.51
N ASP U 113 4.68 27.37 52.30
CA ASP U 113 3.84 26.58 51.41
C ASP U 113 4.16 26.98 49.98
N ILE U 114 4.59 26.03 49.17
CA ILE U 114 5.22 26.32 47.89
C ILE U 114 4.31 25.92 46.72
N THR U 115 3.75 24.72 46.76
CA THR U 115 2.99 24.22 45.62
C THR U 115 1.77 25.10 45.31
N SER U 116 1.03 25.48 46.35
CA SER U 116 -0.10 26.37 46.15
C SER U 116 0.35 27.71 45.60
N ALA U 117 1.50 28.20 46.05
CA ALA U 117 2.06 29.41 45.48
C ALA U 117 2.32 29.25 43.98
N ASN U 118 2.83 28.08 43.58
CA ASN U 118 3.10 27.85 42.16
C ASN U 118 1.81 27.84 41.33
N VAL U 119 0.76 27.20 41.84
CA VAL U 119 -0.48 27.22 41.09
C VAL U 119 -1.02 28.64 41.01
N PHE U 120 -0.83 29.44 42.07
CA PHE U 120 -1.24 30.83 42.01
C PHE U 120 -0.44 31.60 40.95
N GLU U 121 0.85 31.33 40.83
CA GLU U 121 1.65 32.00 39.81
C GLU U 121 1.15 31.66 38.41
N ALA U 122 0.84 30.38 38.15
CA ALA U 122 0.35 30.00 36.84
C ALA U 122 -0.96 30.69 36.52
N ILE U 123 -1.89 30.70 37.48
CA ILE U 123 -3.17 31.36 37.27
C ILE U 123 -2.97 32.85 37.01
N LEU U 124 -2.06 33.47 37.77
CA LEU U 124 -1.80 34.90 37.61
C LEU U 124 -1.28 35.21 36.21
N ALA U 125 -0.36 34.39 35.70
CA ALA U 125 0.15 34.61 34.35
C ALA U 125 -0.97 34.52 33.32
N ASP U 126 -1.84 33.50 33.45
CA ASP U 126 -2.92 33.38 32.48
C ASP U 126 -3.88 34.57 32.53
N GLU U 127 -4.25 35.01 33.74
CA GLU U 127 -5.16 36.14 33.84
C GLU U 127 -4.51 37.41 33.29
N GLU U 128 -3.20 37.57 33.46
CA GLU U 128 -2.50 38.72 32.89
C GLU U 128 -2.58 38.71 31.38
N HIS U 129 -2.36 37.55 30.77
CA HIS U 129 -2.49 37.47 29.31
C HIS U 129 -3.91 37.85 28.87
N HIS U 130 -4.92 37.35 29.58
CA HIS U 130 -6.29 37.67 29.21
C HIS U 130 -6.57 39.16 29.29
N ILE U 131 -6.13 39.82 30.37
CA ILE U 131 -6.45 41.24 30.50
C ILE U 131 -5.69 42.04 29.45
N ASP U 132 -4.48 41.60 29.07
CA ASP U 132 -3.79 42.27 27.98
C ASP U 132 -4.59 42.19 26.69
N TYR U 133 -5.13 41.01 26.38
CA TYR U 133 -5.95 40.88 25.17
C TYR U 133 -7.17 41.80 25.23
N LEU U 134 -7.82 41.86 26.40
CA LEU U 134 -8.99 42.73 26.52
C LEU U 134 -8.63 44.19 26.29
N GLU U 135 -7.51 44.63 26.86
CA GLU U 135 -7.12 46.03 26.73
C GLU U 135 -6.82 46.38 25.28
N THR U 136 -6.07 45.53 24.58
CA THR U 136 -5.77 45.85 23.18
C THR U 136 -7.03 45.81 22.32
N GLN U 137 -7.96 44.90 22.61
CA GLN U 137 -9.19 44.87 21.84
C GLN U 137 -10.03 46.13 22.08
N LEU U 138 -10.08 46.60 23.32
CA LEU U 138 -10.79 47.84 23.61
C LEU U 138 -10.17 49.03 22.89
N ASP U 139 -8.83 49.10 22.87
CA ASP U 139 -8.17 50.18 22.15
C ASP U 139 -8.49 50.11 20.66
N LEU U 140 -8.50 48.90 20.09
CA LEU U 140 -8.82 48.74 18.68
C LEU U 140 -10.24 49.21 18.38
N ILE U 141 -11.19 48.84 19.24
CA ILE U 141 -12.58 49.27 19.04
C ILE U 141 -12.68 50.78 19.11
N GLU U 142 -12.00 51.39 20.08
CA GLU U 142 -12.07 52.85 20.21
C GLU U 142 -11.48 53.54 19.00
N LYS U 143 -10.36 53.05 18.48
CA LYS U 143 -9.74 53.70 17.33
C LYS U 143 -10.57 53.50 16.05
N LEU U 144 -11.07 52.29 15.84
CA LEU U 144 -11.67 51.92 14.57
C LEU U 144 -13.07 52.50 14.41
N GLY U 145 -13.98 52.12 15.30
CA GLY U 145 -15.37 52.51 15.22
C GLY U 145 -16.21 51.31 15.55
N GLU U 146 -17.39 51.56 16.12
CA GLU U 146 -18.26 50.47 16.55
C GLU U 146 -18.74 49.64 15.36
N SER U 147 -19.14 50.30 14.27
CA SER U 147 -19.70 49.58 13.14
C SER U 147 -18.64 48.84 12.34
N LEU U 148 -17.48 49.45 12.14
CA LEU U 148 -16.44 48.82 11.34
C LEU U 148 -15.93 47.55 12.01
N TYR U 149 -15.75 47.58 13.32
CA TYR U 149 -15.29 46.41 14.05
C TYR U 149 -16.30 45.26 13.91
N LEU U 150 -17.58 45.56 14.09
CA LEU U 150 -18.60 44.52 13.97
C LEU U 150 -18.64 43.97 12.55
N SER U 151 -18.53 44.84 11.54
CA SER U 151 -18.47 44.36 10.17
C SER U 151 -17.29 43.44 9.95
N THR U 152 -16.17 43.72 10.61
CA THR U 152 -15.02 42.82 10.54
C THR U 152 -15.34 41.46 11.15
N VAL U 153 -16.02 41.45 12.30
CA VAL U 153 -16.24 40.19 13.01
C VAL U 153 -17.41 39.37 12.46
N ILE U 154 -18.20 39.92 11.56
CA ILE U 154 -19.40 39.25 11.04
C ILE U 154 -18.99 38.12 10.11
N GLU U 155 -19.67 36.98 10.23
CA GLU U 155 -19.40 35.82 9.39
C GLU U 155 -20.54 35.50 8.43
N GLN U 156 -21.75 35.29 8.95
CA GLN U 156 -22.94 35.00 8.15
C GLN U 156 -22.74 33.75 7.29
N THR U 157 -22.57 32.63 7.97
CA THR U 157 -22.41 31.34 7.31
C THR U 157 -23.72 30.56 7.31
N MET V 1 30.14 28.45 39.28
CA MET V 1 31.20 28.72 40.24
C MET V 1 30.91 27.97 41.54
N GLN V 2 31.86 28.03 42.48
CA GLN V 2 31.72 27.29 43.73
C GLN V 2 30.55 27.80 44.55
N GLY V 3 29.89 26.88 45.24
CA GLY V 3 28.82 27.24 46.16
C GLY V 3 29.24 27.03 47.60
N ASP V 4 28.57 27.73 48.53
CA ASP V 4 28.93 27.63 49.93
C ASP V 4 28.53 26.26 50.49
N PRO V 5 29.19 25.81 51.54
CA PRO V 5 29.00 24.42 52.01
C PRO V 5 27.59 24.09 52.49
N GLU V 6 26.78 25.08 52.89
CA GLU V 6 25.46 24.76 53.43
C GLU V 6 24.56 24.15 52.37
N VAL V 7 24.53 24.74 51.18
CA VAL V 7 23.72 24.20 50.10
C VAL V 7 24.23 22.81 49.71
N ILE V 8 25.55 22.64 49.70
CA ILE V 8 26.13 21.34 49.37
C ILE V 8 25.69 20.28 50.37
N GLU V 9 25.71 20.62 51.66
CA GLU V 9 25.33 19.63 52.66
C GLU V 9 23.83 19.33 52.60
N PHE V 10 23.01 20.33 52.29
CA PHE V 10 21.58 20.07 52.11
C PHE V 10 21.35 19.11 50.96
N LEU V 11 22.01 19.35 49.83
CA LEU V 11 21.86 18.48 48.68
C LEU V 11 22.36 17.07 48.98
N ASN V 12 23.46 16.97 49.73
CA ASN V 12 23.99 15.66 50.09
C ASN V 12 23.02 14.89 50.99
N GLU V 13 22.43 15.57 51.97
CA GLU V 13 21.45 14.91 52.83
C GLU V 13 20.27 14.42 52.01
N GLN V 14 19.77 15.24 51.09
CA GLN V 14 18.63 14.81 50.29
C GLN V 14 19.00 13.65 49.38
N LEU V 15 20.23 13.64 48.86
CA LEU V 15 20.69 12.53 48.04
C LEU V 15 20.71 11.23 48.83
N THR V 16 21.23 11.29 50.06
CA THR V 16 21.25 10.11 50.92
C THR V 16 19.83 9.62 51.19
N ALA V 17 18.91 10.56 51.47
CA ALA V 17 17.53 10.18 51.75
C ALA V 17 16.90 9.48 50.55
N GLU V 18 17.09 10.02 49.34
CA GLU V 18 16.47 9.39 48.18
C GLU V 18 17.12 8.05 47.85
N LEU V 19 18.42 7.90 48.10
CA LEU V 19 19.04 6.58 47.92
C LEU V 19 18.42 5.54 48.85
N THR V 20 18.28 5.90 50.12
CA THR V 20 17.62 4.99 51.07
C THR V 20 16.21 4.67 50.61
N ALA V 21 15.51 5.69 50.08
CA ALA V 21 14.15 5.48 49.61
C ALA V 21 14.09 4.46 48.48
N ILE V 22 14.99 4.56 47.51
CA ILE V 22 14.95 3.62 46.39
C ILE V 22 15.29 2.22 46.85
N ASN V 23 16.24 2.09 47.78
CA ASN V 23 16.55 0.76 48.31
C ASN V 23 15.32 0.14 48.97
N GLN V 24 14.67 0.89 49.86
CA GLN V 24 13.51 0.36 50.58
C GLN V 24 12.38 0.02 49.62
N TYR V 25 12.11 0.89 48.65
CA TYR V 25 11.01 0.64 47.72
C TYR V 25 11.26 -0.59 46.87
N PHE V 26 12.49 -0.79 46.39
CA PHE V 26 12.76 -1.98 45.61
C PHE V 26 12.64 -3.24 46.44
N LEU V 27 13.13 -3.22 47.68
CA LEU V 27 12.99 -4.40 48.53
C LEU V 27 11.52 -4.72 48.77
N HIS V 28 10.70 -3.69 49.04
CA HIS V 28 9.28 -3.94 49.28
C HIS V 28 8.60 -4.49 48.03
N ALA V 29 8.98 -3.97 46.86
CA ALA V 29 8.40 -4.47 45.62
C ALA V 29 8.72 -5.94 45.42
N LYS V 30 9.98 -6.33 45.68
CA LYS V 30 10.34 -7.74 45.54
C LYS V 30 9.56 -8.61 46.52
N LEU V 31 9.43 -8.15 47.76
CA LEU V 31 8.69 -8.93 48.75
C LEU V 31 7.24 -9.12 48.35
N GLN V 32 6.60 -8.03 47.91
CA GLN V 32 5.19 -8.11 47.52
C GLN V 32 5.00 -9.00 46.31
N ASP V 33 5.91 -8.92 45.34
CA ASP V 33 5.82 -9.79 44.17
C ASP V 33 5.97 -11.26 44.57
N HIS V 34 6.90 -11.54 45.49
CA HIS V 34 7.07 -12.92 45.95
C HIS V 34 5.83 -13.42 46.68
N LYS V 35 5.18 -12.55 47.45
CA LYS V 35 3.98 -12.96 48.18
C LYS V 35 2.86 -13.37 47.22
N GLY V 36 2.67 -12.60 46.15
CA GLY V 36 1.64 -12.93 45.17
C GLY V 36 0.73 -11.77 44.83
N TRP V 37 1.07 -10.56 45.24
CA TRP V 37 0.26 -9.37 45.02
C TRP V 37 0.91 -8.58 43.89
N THR V 38 0.43 -8.80 42.66
CA THR V 38 1.14 -8.30 41.48
C THR V 38 1.00 -6.78 41.32
N LYS V 39 -0.22 -6.26 41.48
CA LYS V 39 -0.46 -4.85 41.19
C LYS V 39 0.33 -3.95 42.13
N LEU V 40 0.37 -4.31 43.42
CA LEU V 40 1.19 -3.57 44.37
C LEU V 40 2.66 -3.61 43.96
N ALA V 41 3.11 -4.76 43.46
CA ALA V 41 4.50 -4.88 43.03
C ALA V 41 4.79 -3.92 41.88
N LYS V 42 3.89 -3.85 40.89
CA LYS V 42 4.11 -2.93 39.78
C LYS V 42 4.13 -1.48 40.24
N TYR V 43 3.20 -1.11 41.11
CA TYR V 43 3.16 0.28 41.57
C TYR V 43 4.42 0.63 42.36
N THR V 44 4.87 -0.27 43.23
CA THR V 44 6.08 0.00 44.00
C THR V 44 7.31 0.09 43.10
N ARG V 45 7.36 -0.75 42.05
CA ARG V 45 8.46 -0.65 41.09
C ARG V 45 8.48 0.72 40.43
N ALA V 46 7.31 1.21 40.01
CA ALA V 46 7.26 2.54 39.38
C ALA V 46 7.71 3.62 40.35
N GLU V 47 7.28 3.54 41.61
CA GLU V 47 7.69 4.54 42.58
C GLU V 47 9.20 4.51 42.82
N SER V 48 9.78 3.31 42.86
CA SER V 48 11.23 3.20 43.02
C SER V 48 11.95 3.87 41.86
N PHE V 49 11.46 3.66 40.63
CA PHE V 49 12.09 4.31 39.48
C PHE V 49 11.97 5.82 39.56
N ASP V 50 10.83 6.33 40.06
CA ASP V 50 10.69 7.78 40.21
C ASP V 50 11.71 8.35 41.19
N GLU V 51 11.86 7.71 42.35
CA GLU V 51 12.86 8.19 43.30
C GLU V 51 14.26 8.05 42.73
N MET V 52 14.46 7.06 41.87
CA MET V 52 15.74 6.91 41.17
C MET V 52 16.04 8.13 40.29
N ARG V 53 15.04 8.58 39.55
CA ARG V 53 15.20 9.79 38.75
C ARG V 53 15.51 11.00 39.64
N HIS V 54 14.81 11.09 40.77
CA HIS V 54 15.10 12.16 41.73
C HIS V 54 16.58 12.17 42.11
N ALA V 55 17.11 10.99 42.44
CA ALA V 55 18.50 10.89 42.86
C ALA V 55 19.45 11.31 41.75
N GLU V 56 19.16 10.90 40.51
CA GLU V 56 20.02 11.27 39.39
C GLU V 56 20.05 12.78 39.21
N VAL V 57 18.89 13.43 39.27
CA VAL V 57 18.85 14.88 39.12
C VAL V 57 19.65 15.56 40.24
N LEU V 58 19.50 15.06 41.47
CA LEU V 58 20.20 15.65 42.60
C LEU V 58 21.72 15.56 42.42
N THR V 59 22.22 14.38 42.04
CA THR V 59 23.67 14.23 41.92
C THR V 59 24.20 15.08 40.78
N ASP V 60 23.45 15.18 39.67
CA ASP V 60 23.87 16.05 38.60
C ASP V 60 23.98 17.50 39.07
N ARG V 61 22.98 17.96 39.82
CA ARG V 61 23.00 19.35 40.29
C ARG V 61 24.18 19.60 41.22
N ILE V 62 24.43 18.71 42.17
CA ILE V 62 25.52 18.97 43.12
C ILE V 62 26.86 18.89 42.41
N LEU V 63 27.00 17.99 41.44
CA LEU V 63 28.24 17.93 40.67
C LEU V 63 28.46 19.20 39.86
N LEU V 64 27.38 19.85 39.42
CA LEU V 64 27.52 21.11 38.69
C LEU V 64 28.16 22.18 39.56
N LEU V 65 27.79 22.24 40.84
CA LEU V 65 28.26 23.26 41.76
C LEU V 65 29.68 23.02 42.28
N ASP V 66 30.42 22.11 41.66
CA ASP V 66 31.78 21.77 42.08
C ASP V 66 31.79 21.23 43.51
N GLY V 67 31.08 20.13 43.70
CA GLY V 67 31.02 19.48 44.98
C GLY V 67 31.44 18.02 44.92
N LEU V 68 31.32 17.31 46.03
CA LEU V 68 31.70 15.89 46.11
C LEU V 68 30.51 15.08 46.62
N PRO V 69 29.69 14.55 45.73
CA PRO V 69 28.60 13.67 46.16
C PRO V 69 29.16 12.45 46.86
N ASN V 70 28.46 11.99 47.90
CA ASN V 70 28.86 10.82 48.65
C ASN V 70 27.85 9.71 48.42
N TYR V 71 28.33 8.55 47.96
CA TYR V 71 27.50 7.37 47.78
C TYR V 71 27.78 6.32 48.85
N GLN V 72 28.40 6.72 49.95
CA GLN V 72 28.80 5.81 51.01
C GLN V 72 27.84 5.79 52.18
N ARG V 73 27.21 6.91 52.51
CA ARG V 73 26.38 7.00 53.69
C ARG V 73 24.94 6.60 53.37
N LEU V 74 24.32 5.88 54.30
CA LEU V 74 22.93 5.47 54.19
C LEU V 74 22.25 5.67 55.53
N PHE V 75 20.94 5.88 55.48
CA PHE V 75 20.12 5.97 56.69
C PHE V 75 19.63 4.57 57.07
N HIS V 76 18.71 4.49 58.00
CA HIS V 76 18.15 3.22 58.43
C HIS V 76 16.98 2.84 57.54
N VAL V 77 17.05 1.68 56.91
CA VAL V 77 15.99 1.17 56.05
C VAL V 77 15.17 0.16 56.85
N ARG V 78 13.85 0.31 56.82
CA ARG V 78 12.95 -0.52 57.59
C ARG V 78 12.07 -1.35 56.67
N VAL V 79 11.70 -2.53 57.15
CA VAL V 79 10.89 -3.47 56.39
C VAL V 79 9.69 -3.90 57.23
N GLY V 80 8.66 -4.40 56.55
CA GLY V 80 7.44 -4.80 57.21
C GLY V 80 6.99 -6.18 56.75
N GLN V 81 6.04 -6.73 57.50
CA GLN V 81 5.49 -8.04 57.23
C GLN V 81 4.17 -7.99 56.46
N SER V 82 3.19 -7.25 56.97
CA SER V 82 1.92 -7.07 56.29
C SER V 82 1.91 -5.74 55.53
N VAL V 83 0.82 -5.52 54.80
CA VAL V 83 0.73 -4.33 53.95
C VAL V 83 0.75 -3.06 54.79
N THR V 84 0.10 -3.09 55.95
CA THR V 84 0.01 -1.90 56.78
C THR V 84 1.38 -1.42 57.22
N GLU V 85 2.26 -2.34 57.59
CA GLU V 85 3.61 -1.95 58.02
C GLU V 85 4.37 -1.28 56.88
N MET V 86 4.29 -1.84 55.67
CA MET V 86 4.97 -1.23 54.53
C MET V 86 4.45 0.17 54.26
N PHE V 87 3.13 0.33 54.27
CA PHE V 87 2.56 1.65 54.00
C PHE V 87 2.98 2.65 55.07
N GLN V 88 2.97 2.24 56.34
CA GLN V 88 3.35 3.15 57.41
C GLN V 88 4.82 3.55 57.31
N ALA V 89 5.70 2.59 56.99
CA ALA V 89 7.11 2.93 56.84
C ALA V 89 7.33 3.91 55.70
N ASP V 90 6.66 3.69 54.57
CA ASP V 90 6.80 4.61 53.45
C ASP V 90 6.29 6.00 53.82
N ARG V 91 5.17 6.07 54.55
CA ARG V 91 4.65 7.38 54.93
C ARG V 91 5.60 8.10 55.88
N GLU V 92 6.27 7.36 56.79
CA GLU V 92 7.24 8.00 57.65
C GLU V 92 8.40 8.57 56.85
N VAL V 93 8.91 7.80 55.90
CA VAL V 93 10.02 8.29 55.08
C VAL V 93 9.61 9.55 54.33
N GLU V 94 8.42 9.54 53.73
CA GLU V 94 7.96 10.70 52.98
C GLU V 94 7.79 11.92 53.87
N LEU V 95 7.28 11.74 55.09
CA LEU V 95 7.10 12.87 55.99
C LEU V 95 8.44 13.51 56.33
N GLU V 96 9.44 12.68 56.66
CA GLU V 96 10.76 13.24 56.97
C GLU V 96 11.32 14.00 55.77
N ALA V 97 11.18 13.42 54.57
CA ALA V 97 11.68 14.08 53.38
C ALA V 97 11.01 15.43 53.16
N ILE V 98 9.69 15.49 53.37
CA ILE V 98 8.96 16.73 53.14
C ILE V 98 9.44 17.82 54.09
N ASP V 99 9.60 17.48 55.38
CA ASP V 99 10.06 18.48 56.33
C ASP V 99 11.44 19.00 55.96
N ARG V 100 12.36 18.08 55.63
CA ARG V 100 13.71 18.51 55.28
C ARG V 100 13.70 19.38 54.04
N LEU V 101 12.89 19.03 53.03
CA LEU V 101 12.81 19.81 51.81
C LEU V 101 12.33 21.23 52.09
N ARG V 102 11.29 21.37 52.90
CA ARG V 102 10.77 22.71 53.19
C ARG V 102 11.82 23.56 53.88
N ARG V 103 12.47 23.00 54.90
CA ARG V 103 13.50 23.77 55.60
C ARG V 103 14.62 24.17 54.64
N GLY V 104 15.05 23.25 53.80
CA GLY V 104 16.14 23.53 52.89
C GLY V 104 15.81 24.59 51.86
N ILE V 105 14.62 24.51 51.26
CA ILE V 105 14.27 25.50 50.24
C ILE V 105 14.18 26.88 50.88
N GLU V 106 13.61 26.98 52.08
CA GLU V 106 13.57 28.27 52.75
C GLU V 106 14.98 28.83 52.94
N VAL V 107 15.87 28.01 53.52
CA VAL V 107 17.21 28.49 53.87
C VAL V 107 17.97 28.91 52.62
N MET V 108 17.94 28.09 51.57
CA MET V 108 18.73 28.36 50.38
C MET V 108 18.11 29.42 49.48
N ARG V 109 16.80 29.64 49.57
CA ARG V 109 16.20 30.77 48.87
C ARG V 109 16.54 32.09 49.55
N ALA V 110 16.65 32.07 50.88
CA ALA V 110 17.05 33.31 51.55
C ALA V 110 18.54 33.63 51.37
N LYS V 111 19.28 32.98 50.47
CA LYS V 111 20.72 33.18 50.39
C LYS V 111 21.19 33.25 48.93
N HIS V 112 20.34 33.78 48.05
CA HIS V 112 20.69 34.05 46.65
C HIS V 112 21.13 32.79 45.90
N ASP V 113 20.19 31.86 45.79
CA ASP V 113 20.35 30.68 44.94
C ASP V 113 18.96 30.25 44.48
N ILE V 114 18.82 30.02 43.18
CA ILE V 114 17.51 29.87 42.55
C ILE V 114 17.30 28.46 42.01
N THR V 115 18.22 27.96 41.19
CA THR V 115 17.99 26.69 40.51
C THR V 115 17.83 25.55 41.49
N SER V 116 18.67 25.52 42.52
CA SER V 116 18.56 24.48 43.54
C SER V 116 17.20 24.55 44.23
N ALA V 117 16.72 25.76 44.50
CA ALA V 117 15.40 25.91 45.07
C ALA V 117 14.33 25.32 44.16
N ASN V 118 14.45 25.54 42.86
CA ASN V 118 13.45 25.01 41.92
C ASN V 118 13.45 23.49 41.89
N VAL V 119 14.64 22.87 41.89
CA VAL V 119 14.65 21.42 41.89
C VAL V 119 14.06 20.90 43.20
N PHE V 120 14.30 21.62 44.30
CA PHE V 120 13.69 21.23 45.58
C PHE V 120 12.16 21.33 45.51
N GLU V 121 11.64 22.37 44.86
CA GLU V 121 10.19 22.49 44.71
C GLU V 121 9.61 21.33 43.92
N ALA V 122 10.26 20.96 42.82
CA ALA V 122 9.75 19.86 42.01
C ALA V 122 9.74 18.55 42.81
N ILE V 123 10.82 18.28 43.53
CA ILE V 123 10.87 17.06 44.33
C ILE V 123 9.80 17.10 45.41
N LEU V 124 9.57 18.28 46.00
CA LEU V 124 8.56 18.41 47.05
C LEU V 124 7.17 18.08 46.51
N ALA V 125 6.85 18.58 45.32
CA ALA V 125 5.55 18.27 44.73
C ALA V 125 5.40 16.77 44.51
N ASP V 126 6.45 16.13 43.99
CA ASP V 126 6.35 14.69 43.73
C ASP V 126 6.13 13.90 45.02
N GLU V 127 6.92 14.19 46.05
CA GLU V 127 6.79 13.44 47.30
C GLU V 127 5.44 13.72 47.95
N GLU V 128 4.89 14.94 47.81
CA GLU V 128 3.56 15.21 48.33
C GLU V 128 2.50 14.35 47.66
N HIS V 129 2.59 14.22 46.34
CA HIS V 129 1.65 13.34 45.63
C HIS V 129 1.77 11.92 46.15
N HIS V 130 3.00 11.44 46.34
CA HIS V 130 3.19 10.06 46.80
C HIS V 130 2.59 9.84 48.18
N ILE V 131 2.81 10.79 49.11
CA ILE V 131 2.29 10.57 50.46
C ILE V 131 0.77 10.64 50.46
N ASP V 132 0.18 11.48 49.60
CA ASP V 132 -1.26 11.47 49.48
C ASP V 132 -1.79 10.11 49.04
N TYR V 133 -1.13 9.51 48.04
CA TYR V 133 -1.54 8.17 47.60
C TYR V 133 -1.43 7.16 48.73
N LEU V 134 -0.34 7.21 49.48
CA LEU V 134 -0.17 6.27 50.59
C LEU V 134 -1.27 6.42 51.62
N GLU V 135 -1.61 7.67 51.96
CA GLU V 135 -2.64 7.89 52.97
C GLU V 135 -4.00 7.38 52.51
N THR V 136 -4.36 7.63 51.25
CA THR V 136 -5.66 7.15 50.79
C THR V 136 -5.68 5.62 50.72
N GLN V 137 -4.57 4.98 50.36
CA GLN V 137 -4.54 3.52 50.36
C GLN V 137 -4.69 2.97 51.77
N LEU V 138 -4.04 3.60 52.75
CA LEU V 138 -4.18 3.15 54.14
C LEU V 138 -5.63 3.28 54.62
N ASP V 139 -6.27 4.40 54.29
CA ASP V 139 -7.67 4.58 54.67
C ASP V 139 -8.55 3.53 54.03
N LEU V 140 -8.32 3.22 52.76
CA LEU V 140 -9.10 2.20 52.06
C LEU V 140 -8.91 0.83 52.71
N ILE V 141 -7.67 0.49 53.06
CA ILE V 141 -7.42 -0.79 53.71
C ILE V 141 -8.14 -0.86 55.06
N GLU V 142 -8.08 0.23 55.83
CA GLU V 142 -8.73 0.24 57.13
C GLU V 142 -10.24 0.08 57.00
N LYS V 143 -10.84 0.74 56.01
CA LYS V 143 -12.29 0.64 55.85
C LYS V 143 -12.72 -0.73 55.34
N LEU V 144 -12.02 -1.26 54.34
CA LEU V 144 -12.49 -2.46 53.66
C LEU V 144 -12.18 -3.72 54.45
N GLY V 145 -10.95 -3.86 54.92
CA GLY V 145 -10.50 -5.10 55.53
C GLY V 145 -9.31 -5.67 54.79
N GLU V 146 -8.38 -6.29 55.51
CA GLU V 146 -7.15 -6.77 54.88
C GLU V 146 -7.44 -7.86 53.86
N SER V 147 -8.30 -8.82 54.22
CA SER V 147 -8.56 -9.95 53.33
C SER V 147 -9.22 -9.50 52.03
N LEU V 148 -10.22 -8.61 52.12
CA LEU V 148 -10.91 -8.15 50.93
C LEU V 148 -9.97 -7.37 50.02
N TYR V 149 -9.15 -6.49 50.60
CA TYR V 149 -8.18 -5.74 49.82
C TYR V 149 -7.20 -6.67 49.11
N LEU V 150 -6.67 -7.66 49.83
CA LEU V 150 -5.74 -8.61 49.22
C LEU V 150 -6.40 -9.39 48.10
N SER V 151 -7.65 -9.84 48.33
CA SER V 151 -8.37 -10.54 47.27
C SER V 151 -8.55 -9.66 46.04
N THR V 152 -8.73 -8.36 46.25
CA THR V 152 -8.79 -7.43 45.12
C THR V 152 -7.47 -7.39 44.37
N VAL V 153 -6.35 -7.39 45.09
CA VAL V 153 -5.08 -7.10 44.44
C VAL V 153 -4.41 -8.32 43.79
N ILE V 154 -4.78 -9.55 44.15
CA ILE V 154 -4.07 -10.72 43.65
C ILE V 154 -4.43 -11.00 42.19
N GLU V 155 -3.66 -11.88 41.56
CA GLU V 155 -3.84 -12.21 40.15
C GLU V 155 -3.27 -13.60 39.89
N GLN V 156 -3.93 -14.33 38.99
CA GLN V 156 -3.60 -15.72 38.69
C GLN V 156 -2.57 -15.85 37.57
N THR V 157 -1.75 -14.82 37.34
CA THR V 157 -0.75 -14.81 36.28
C THR V 157 -1.42 -15.05 34.93
N GLN V 158 -1.58 -16.32 34.54
CA GLN V 158 -2.25 -16.71 33.30
C GLN V 158 -1.67 -15.97 32.10
N PRO V 159 -0.46 -16.31 31.65
CA PRO V 159 0.12 -15.61 30.50
C PRO V 159 -0.70 -15.83 29.24
N ASP V 160 -1.14 -14.71 28.64
CA ASP V 160 -1.94 -14.74 27.43
C ASP V 160 -1.44 -13.64 26.49
N PRO V 161 -1.05 -13.97 25.25
CA PRO V 161 -0.57 -12.92 24.35
C PRO V 161 -1.58 -11.81 24.13
N SER V 162 -2.86 -12.14 24.03
CA SER V 162 -3.93 -11.17 23.80
C SER V 162 -3.68 -10.31 22.57
N MET W 1 12.35 -27.01 52.80
CA MET W 1 12.66 -26.19 51.63
C MET W 1 13.73 -25.15 51.97
N GLN W 2 13.88 -24.88 53.26
CA GLN W 2 14.85 -23.89 53.71
C GLN W 2 16.27 -24.34 53.38
N GLY W 3 17.10 -23.39 52.94
CA GLY W 3 18.48 -23.69 52.64
C GLY W 3 19.38 -23.57 53.86
N ASP W 4 20.64 -23.97 53.69
CA ASP W 4 21.61 -23.87 54.76
C ASP W 4 22.01 -22.41 54.97
N PRO W 5 22.36 -22.04 56.20
CA PRO W 5 22.78 -20.65 56.46
C PRO W 5 24.01 -20.23 55.68
N GLU W 6 24.95 -21.15 55.41
CA GLU W 6 26.17 -20.78 54.71
C GLU W 6 25.89 -20.31 53.29
N VAL W 7 25.01 -21.02 52.58
CA VAL W 7 24.64 -20.60 51.23
C VAL W 7 24.00 -19.22 51.27
N ILE W 8 23.12 -18.99 52.25
CA ILE W 8 22.44 -17.71 52.36
C ILE W 8 23.43 -16.59 52.61
N GLU W 9 24.40 -16.82 53.50
CA GLU W 9 25.36 -15.77 53.80
C GLU W 9 26.30 -15.51 52.62
N PHE W 10 26.66 -16.55 51.86
CA PHE W 10 27.44 -16.34 50.65
C PHE W 10 26.67 -15.48 49.66
N LEU W 11 25.39 -15.79 49.46
CA LEU W 11 24.57 -15.01 48.54
C LEU W 11 24.44 -13.56 49.02
N ASN W 12 24.26 -13.37 50.32
CA ASN W 12 24.17 -12.01 50.86
C ASN W 12 25.47 -11.24 50.64
N GLU W 13 26.61 -11.90 50.82
CA GLU W 13 27.89 -11.24 50.61
C GLU W 13 28.05 -10.79 49.16
N GLN W 14 27.73 -11.67 48.21
CA GLN W 14 27.82 -11.26 46.81
C GLN W 14 26.83 -10.16 46.48
N LEU W 15 25.64 -10.19 47.10
CA LEU W 15 24.67 -9.13 46.88
C LEU W 15 25.22 -7.79 47.34
N THR W 16 25.82 -7.75 48.53
CA THR W 16 26.42 -6.50 49.02
C THR W 16 27.54 -6.03 48.09
N ALA W 17 28.37 -6.97 47.62
CA ALA W 17 29.46 -6.60 46.72
C ALA W 17 28.94 -5.97 45.44
N GLU W 18 27.90 -6.57 44.84
CA GLU W 18 27.41 -6.02 43.58
C GLU W 18 26.65 -4.72 43.79
N LEU W 19 26.04 -4.52 44.96
CA LEU W 19 25.44 -3.21 45.25
C LEU W 19 26.52 -2.13 45.34
N THR W 20 27.61 -2.42 46.03
CA THR W 20 28.72 -1.46 46.09
C THR W 20 29.27 -1.18 44.70
N ALA W 21 29.38 -2.22 43.86
CA ALA W 21 29.82 -2.03 42.49
C ALA W 21 28.87 -1.12 41.73
N ILE W 22 27.56 -1.30 41.94
CA ILE W 22 26.57 -0.45 41.27
C ILE W 22 26.83 1.01 41.61
N ASN W 23 26.96 1.30 42.91
CA ASN W 23 27.15 2.69 43.33
C ASN W 23 28.43 3.27 42.73
N GLN W 24 29.53 2.52 42.82
CA GLN W 24 30.81 3.02 42.33
C GLN W 24 30.77 3.27 40.83
N TYR W 25 30.18 2.34 40.07
CA TYR W 25 30.14 2.48 38.62
C TYR W 25 29.31 3.68 38.22
N PHE W 26 28.15 3.88 38.86
CA PHE W 26 27.33 5.04 38.48
C PHE W 26 28.04 6.34 38.82
N LEU W 27 28.69 6.41 39.98
CA LEU W 27 29.41 7.65 40.32
C LEU W 27 30.51 7.93 39.31
N HIS W 28 31.26 6.90 38.92
CA HIS W 28 32.32 7.10 37.94
C HIS W 28 31.75 7.55 36.60
N ALA W 29 30.62 6.98 36.19
CA ALA W 29 30.01 7.39 34.93
C ALA W 29 29.61 8.85 34.97
N LYS W 30 29.01 9.29 36.09
CA LYS W 30 28.62 10.69 36.19
C LYS W 30 29.83 11.61 36.15
N LEU W 31 30.90 11.24 36.86
CA LEU W 31 32.11 12.06 36.86
C LEU W 31 32.71 12.15 35.46
N GLN W 32 32.78 11.01 34.75
CA GLN W 32 33.35 11.01 33.41
C GLN W 32 32.52 11.85 32.46
N ASP W 33 31.19 11.74 32.55
CA ASP W 33 30.33 12.56 31.70
C ASP W 33 30.51 14.04 31.98
N HIS W 34 30.63 14.40 33.26
CA HIS W 34 30.85 15.80 33.61
C HIS W 34 32.18 16.31 33.07
N LYS W 35 33.21 15.47 33.10
CA LYS W 35 34.52 15.89 32.61
C LYS W 35 34.47 16.22 31.12
N GLY W 36 33.79 15.39 30.33
CA GLY W 36 33.67 15.63 28.91
C GLY W 36 34.01 14.43 28.04
N TRP W 37 34.13 13.26 28.65
CA TRP W 37 34.49 12.03 27.94
C TRP W 37 33.22 11.19 27.80
N THR W 38 32.55 11.34 26.66
CA THR W 38 31.19 10.80 26.53
C THR W 38 31.18 9.28 26.40
N LYS W 39 32.06 8.72 25.56
CA LYS W 39 32.00 7.30 25.27
C LYS W 39 32.31 6.47 26.50
N LEU W 40 33.28 6.90 27.31
CA LEU W 40 33.54 6.24 28.57
C LEU W 40 32.31 6.27 29.46
N ALA W 41 31.59 7.39 29.46
CA ALA W 41 30.38 7.48 30.28
C ALA W 41 29.34 6.48 29.82
N LYS W 42 29.15 6.33 28.51
CA LYS W 42 28.18 5.37 28.01
C LYS W 42 28.56 3.95 28.40
N TYR W 43 29.84 3.59 28.23
CA TYR W 43 30.27 2.25 28.60
C TYR W 43 30.09 1.99 30.08
N THR W 44 30.41 2.97 30.92
CA THR W 44 30.27 2.78 32.36
C THR W 44 28.81 2.63 32.75
N ARG W 45 27.91 3.38 32.11
CA ARG W 45 26.49 3.21 32.39
C ARG W 45 26.03 1.81 32.04
N ALA W 46 26.47 1.29 30.89
CA ALA W 46 26.10 -0.07 30.51
C ALA W 46 26.59 -1.08 31.53
N GLU W 47 27.82 -0.92 32.01
CA GLU W 47 28.35 -1.85 33.00
C GLU W 47 27.57 -1.77 34.31
N SER W 48 27.17 -0.56 34.71
CA SER W 48 26.36 -0.42 35.90
C SER W 48 25.04 -1.17 35.76
N PHE W 49 24.40 -1.05 34.60
CA PHE W 49 23.14 -1.78 34.40
C PHE W 49 23.36 -3.29 34.42
N ASP W 50 24.53 -3.74 33.94
CA ASP W 50 24.81 -5.18 33.99
C ASP W 50 24.90 -5.69 35.43
N GLU W 51 25.74 -5.04 36.25
CA GLU W 51 25.79 -5.44 37.65
C GLU W 51 24.44 -5.25 38.35
N MET W 52 23.61 -4.39 37.79
CA MET W 52 22.28 -4.12 38.32
C MET W 52 21.37 -5.33 38.14
N ARG W 53 21.35 -5.87 36.92
CA ARG W 53 20.65 -7.13 36.68
C ARG W 53 21.21 -8.25 37.56
N HIS W 54 22.53 -8.28 37.74
CA HIS W 54 23.12 -9.28 38.62
C HIS W 54 22.52 -9.20 40.01
N ALA W 55 22.44 -8.00 40.57
CA ALA W 55 21.88 -7.83 41.91
C ALA W 55 20.43 -8.29 41.97
N GLU W 56 19.65 -7.95 40.93
CA GLU W 56 18.25 -8.36 40.93
C GLU W 56 18.10 -9.87 40.96
N VAL W 57 18.88 -10.58 40.13
CA VAL W 57 18.74 -12.03 40.10
C VAL W 57 19.22 -12.63 41.42
N LEU W 58 20.24 -12.03 42.04
CA LEU W 58 20.72 -12.54 43.32
C LEU W 58 19.64 -12.42 44.40
N THR W 59 18.98 -11.27 44.48
CA THR W 59 17.96 -11.13 45.52
C THR W 59 16.76 -12.02 45.24
N ASP W 60 16.41 -12.23 43.97
CA ASP W 60 15.34 -13.16 43.65
C ASP W 60 15.68 -14.57 44.15
N ARG W 61 16.90 -15.03 43.86
CA ARG W 61 17.31 -16.35 44.32
C ARG W 61 17.31 -16.44 45.84
N ILE W 62 17.76 -15.38 46.52
CA ILE W 62 17.77 -15.39 47.98
C ILE W 62 16.35 -15.53 48.52
N LEU W 63 15.41 -14.77 47.95
CA LEU W 63 14.04 -14.83 48.41
C LEU W 63 13.40 -16.19 48.15
N LEU W 64 13.81 -16.88 47.08
CA LEU W 64 13.23 -18.18 46.81
C LEU W 64 13.53 -19.19 47.92
N LEU W 65 14.72 -19.13 48.49
CA LEU W 65 15.16 -20.08 49.51
C LEU W 65 14.66 -19.73 50.90
N ASP W 66 13.61 -18.92 51.03
CA ASP W 66 13.07 -18.51 52.31
C ASP W 66 14.14 -17.84 53.18
N GLY W 67 14.90 -16.95 52.56
CA GLY W 67 15.91 -16.20 53.28
C GLY W 67 15.45 -14.80 53.63
N LEU W 68 16.40 -13.89 53.78
CA LEU W 68 16.08 -12.49 54.10
C LEU W 68 17.21 -11.62 53.59
N PRO W 69 17.05 -11.03 52.41
CA PRO W 69 18.12 -10.15 51.89
C PRO W 69 18.27 -8.91 52.74
N ASN W 70 19.49 -8.41 52.82
CA ASN W 70 19.79 -7.20 53.56
C ASN W 70 20.23 -6.11 52.59
N TYR W 71 19.58 -4.95 52.66
CA TYR W 71 19.91 -3.80 51.84
C TYR W 71 20.50 -2.68 52.67
N GLN W 72 21.16 -3.01 53.77
CA GLN W 72 21.62 -2.02 54.73
C GLN W 72 23.14 -1.84 54.71
N ARG W 73 23.90 -2.91 54.88
CA ARG W 73 25.35 -2.77 54.96
C ARG W 73 25.95 -2.60 53.58
N LEU W 74 27.08 -1.89 53.53
CA LEU W 74 27.75 -1.56 52.28
C LEU W 74 29.25 -1.63 52.50
N PHE W 75 29.98 -1.99 51.44
CA PHE W 75 31.43 -2.03 51.51
C PHE W 75 32.02 -0.65 51.23
N HIS W 76 33.34 -0.57 51.25
CA HIS W 76 34.01 0.70 50.98
C HIS W 76 33.91 1.05 49.50
N VAL W 77 33.62 2.32 49.22
CA VAL W 77 33.51 2.84 47.86
C VAL W 77 34.67 3.78 47.63
N ARG W 78 35.39 3.56 46.53
CA ARG W 78 36.57 4.35 46.20
C ARG W 78 36.38 5.07 44.88
N VAL W 79 36.94 6.28 44.81
CA VAL W 79 36.83 7.13 43.63
C VAL W 79 38.21 7.61 43.23
N GLY W 80 38.33 8.02 41.97
CA GLY W 80 39.60 8.48 41.44
C GLY W 80 39.43 9.73 40.61
N GLN W 81 40.55 10.40 40.39
CA GLN W 81 40.57 11.65 39.61
C GLN W 81 40.85 11.38 38.13
N SER W 82 41.98 10.75 37.83
CA SER W 82 42.32 10.44 36.46
C SER W 82 41.75 9.08 36.06
N VAL W 83 41.86 8.76 34.77
CA VAL W 83 41.27 7.53 34.25
C VAL W 83 41.93 6.30 34.87
N THR W 84 43.24 6.36 35.08
CA THR W 84 43.97 5.21 35.60
C THR W 84 43.45 4.80 36.97
N GLU W 85 43.16 5.78 37.83
CA GLU W 85 42.65 5.46 39.16
C GLU W 85 41.31 4.74 39.08
N MET W 86 40.41 5.21 38.23
CA MET W 86 39.11 4.56 38.11
C MET W 86 39.25 3.14 37.59
N PHE W 87 40.09 2.95 36.58
CA PHE W 87 40.27 1.61 36.02
C PHE W 87 40.86 0.67 37.07
N GLN W 88 41.88 1.13 37.80
CA GLN W 88 42.48 0.29 38.83
C GLN W 88 41.48 -0.06 39.93
N ALA W 89 40.65 0.91 40.32
CA ALA W 89 39.66 0.64 41.37
C ALA W 89 38.67 -0.43 40.93
N ASP W 90 38.11 -0.28 39.72
CA ASP W 90 37.15 -1.27 39.25
C ASP W 90 37.80 -2.65 39.15
N ARG W 91 39.02 -2.70 38.63
CA ARG W 91 39.73 -3.97 38.52
C ARG W 91 39.87 -4.63 39.89
N GLU W 92 40.26 -3.85 40.90
CA GLU W 92 40.43 -4.43 42.23
C GLU W 92 39.11 -4.97 42.78
N VAL W 93 38.04 -4.19 42.68
CA VAL W 93 36.79 -4.61 43.30
C VAL W 93 36.28 -5.91 42.68
N GLU W 94 36.33 -6.04 41.35
CA GLU W 94 35.73 -7.29 40.87
C GLU W 94 36.78 -8.40 40.70
N LEU W 95 38.05 -8.12 40.95
CA LEU W 95 38.97 -9.22 41.27
C LEU W 95 38.57 -9.87 42.59
N GLU W 96 38.29 -9.05 43.60
CA GLU W 96 37.79 -9.61 44.86
C GLU W 96 36.51 -10.37 44.64
N ALA W 97 35.61 -9.82 43.82
CA ALA W 97 34.36 -10.52 43.50
C ALA W 97 34.63 -11.88 42.87
N ILE W 98 35.59 -11.95 41.94
CA ILE W 98 35.89 -13.21 41.27
C ILE W 98 36.37 -14.26 42.28
N ASP W 99 37.27 -13.85 43.18
CA ASP W 99 37.77 -14.79 44.18
C ASP W 99 36.65 -15.32 45.05
N ARG W 100 35.80 -14.42 45.56
CA ARG W 100 34.72 -14.85 46.43
C ARG W 100 33.75 -15.77 45.68
N LEU W 101 33.47 -15.45 44.42
CA LEU W 101 32.56 -16.28 43.63
C LEU W 101 33.10 -17.69 43.47
N ARG W 102 34.40 -17.83 43.18
CA ARG W 102 34.98 -19.15 43.01
C ARG W 102 34.88 -19.97 44.30
N ARG W 103 35.27 -19.34 45.42
CA ARG W 103 35.22 -20.06 46.70
C ARG W 103 33.80 -20.50 47.04
N GLY W 104 32.83 -19.60 46.85
CA GLY W 104 31.45 -19.94 47.15
C GLY W 104 30.91 -21.02 46.24
N ILE W 105 31.30 -21.00 44.96
CA ILE W 105 30.88 -22.03 44.03
C ILE W 105 31.32 -23.40 44.54
N GLU W 106 32.59 -23.50 44.93
CA GLU W 106 33.08 -24.78 45.45
C GLU W 106 32.29 -25.22 46.68
N VAL W 107 32.16 -24.31 47.66
CA VAL W 107 31.55 -24.69 48.92
C VAL W 107 30.10 -25.13 48.73
N MET W 108 29.34 -24.35 47.96
CA MET W 108 27.92 -24.63 47.80
C MET W 108 27.66 -25.81 46.87
N ARG W 109 28.56 -26.09 45.92
CA ARG W 109 28.42 -27.32 45.14
C ARG W 109 28.70 -28.54 46.00
N ALA W 110 29.59 -28.41 46.98
CA ALA W 110 29.90 -29.56 47.83
C ALA W 110 28.75 -29.99 48.73
N LYS W 111 27.69 -29.20 48.84
CA LYS W 111 26.63 -29.44 49.82
C LYS W 111 25.27 -29.58 49.12
N HIS W 112 25.28 -30.19 47.93
CA HIS W 112 24.06 -30.58 47.22
C HIS W 112 23.13 -29.38 46.97
N ASP W 113 23.62 -28.44 46.17
CA ASP W 113 22.82 -27.31 45.71
C ASP W 113 23.37 -26.86 44.38
N ILE W 114 22.55 -26.90 43.34
CA ILE W 114 23.01 -26.78 41.96
C ILE W 114 22.62 -25.44 41.35
N THR W 115 21.36 -25.02 41.52
CA THR W 115 20.88 -23.82 40.86
C THR W 115 21.66 -22.59 41.30
N SER W 116 21.91 -22.47 42.60
CA SER W 116 22.71 -21.37 43.11
C SER W 116 24.12 -21.40 42.51
N ALA W 117 24.69 -22.60 42.39
CA ALA W 117 25.99 -22.72 41.75
C ALA W 117 25.94 -22.24 40.31
N ASN W 118 24.84 -22.52 39.61
CA ASN W 118 24.73 -22.09 38.22
C ASN W 118 24.67 -20.57 38.11
N VAL W 119 23.89 -19.92 38.98
CA VAL W 119 23.83 -18.46 38.90
C VAL W 119 25.19 -17.86 39.25
N PHE W 120 25.90 -18.47 40.20
CA PHE W 120 27.25 -18.01 40.52
C PHE W 120 28.19 -18.17 39.33
N GLU W 121 28.06 -19.28 38.59
CA GLU W 121 28.90 -19.49 37.41
C GLU W 121 28.65 -18.42 36.35
N ALA W 122 27.38 -18.09 36.11
CA ALA W 122 27.08 -17.06 35.12
C ALA W 122 27.66 -15.71 35.55
N ILE W 123 27.49 -15.36 36.82
CA ILE W 123 28.04 -14.09 37.32
C ILE W 123 29.56 -14.09 37.18
N LEU W 124 30.20 -15.22 37.48
CA LEU W 124 31.65 -15.29 37.38
C LEU W 124 32.13 -15.09 35.95
N ALA W 125 31.42 -15.68 34.99
CA ALA W 125 31.80 -15.48 33.59
C ALA W 125 31.71 -14.00 33.21
N ASP W 126 30.62 -13.34 33.61
CA ASP W 126 30.49 -11.92 33.28
C ASP W 126 31.60 -11.08 33.91
N GLU W 127 31.91 -11.36 35.18
CA GLU W 127 32.98 -10.62 35.84
C GLU W 127 34.33 -10.83 35.17
N GLU W 128 34.61 -12.06 34.72
CA GLU W 128 35.86 -12.31 34.02
C GLU W 128 35.94 -11.50 32.73
N HIS W 129 34.83 -11.43 31.98
CA HIS W 129 34.82 -10.63 30.77
C HIS W 129 35.11 -9.16 31.07
N HIS W 130 34.48 -8.62 32.11
CA HIS W 130 34.70 -7.22 32.45
C HIS W 130 36.14 -6.98 32.88
N ILE W 131 36.72 -7.91 33.62
CA ILE W 131 38.12 -7.78 34.03
C ILE W 131 39.02 -7.73 32.81
N ASP W 132 38.75 -8.58 31.82
CA ASP W 132 39.55 -8.57 30.60
C ASP W 132 39.46 -7.20 29.90
N TYR W 133 38.25 -6.65 29.81
CA TYR W 133 38.11 -5.34 29.18
C TYR W 133 38.91 -4.28 29.92
N LEU W 134 38.82 -4.28 31.25
CA LEU W 134 39.56 -3.28 32.03
C LEU W 134 41.06 -3.40 31.81
N GLU W 135 41.57 -4.64 31.80
CA GLU W 135 43.00 -4.83 31.64
C GLU W 135 43.48 -4.36 30.27
N THR W 136 42.74 -4.68 29.20
CA THR W 136 43.18 -4.24 27.89
C THR W 136 43.10 -2.71 27.75
N GLN W 137 42.08 -2.09 28.36
CA GLN W 137 42.01 -0.64 28.33
C GLN W 137 43.19 -0.01 29.06
N LEU W 138 43.56 -0.58 30.20
CA LEU W 138 44.70 -0.05 30.96
C LEU W 138 45.99 -0.19 30.16
N ASP W 139 46.17 -1.34 29.49
CA ASP W 139 47.36 -1.52 28.66
C ASP W 139 47.41 -0.50 27.52
N LEU W 140 46.25 -0.26 26.89
CA LEU W 140 46.19 0.73 25.81
C LEU W 140 46.55 2.12 26.32
N ILE W 141 46.03 2.49 27.48
CA ILE W 141 46.35 3.80 28.05
C ILE W 141 47.84 3.91 28.33
N GLU W 142 48.42 2.86 28.89
CA GLU W 142 49.85 2.89 29.20
C GLU W 142 50.69 3.03 27.93
N LYS W 143 50.31 2.33 26.86
CA LYS W 143 51.10 2.39 25.64
C LYS W 143 50.95 3.72 24.93
N LEU W 144 49.72 4.23 24.82
CA LEU W 144 49.46 5.38 23.97
C LEU W 144 49.85 6.69 24.66
N GLY W 145 49.48 6.85 25.92
CA GLY W 145 49.65 8.11 26.62
C GLY W 145 48.32 8.66 27.06
N GLU W 146 48.31 9.47 28.12
CA GLU W 146 47.05 9.94 28.69
C GLU W 146 46.31 10.86 27.72
N SER W 147 46.97 11.95 27.30
CA SER W 147 46.31 12.94 26.46
C SER W 147 45.95 12.36 25.10
N LEU W 148 46.84 11.57 24.51
CA LEU W 148 46.55 10.99 23.20
C LEU W 148 45.38 10.02 23.30
N TYR W 149 45.31 9.23 24.37
CA TYR W 149 44.16 8.35 24.56
C TYR W 149 42.87 9.15 24.75
N LEU W 150 42.93 10.22 25.54
CA LEU W 150 41.74 11.01 25.80
C LEU W 150 41.23 11.71 24.56
N SER W 151 42.14 12.09 23.64
CA SER W 151 41.72 12.81 22.44
C SER W 151 40.77 11.99 21.58
N THR W 152 40.81 10.67 21.68
CA THR W 152 39.97 9.80 20.85
C THR W 152 38.62 9.51 21.48
N VAL W 153 38.36 9.99 22.69
CA VAL W 153 37.14 9.68 23.41
C VAL W 153 36.23 10.89 23.60
N ILE W 154 36.72 12.10 23.37
CA ILE W 154 35.92 13.30 23.56
C ILE W 154 35.26 13.69 22.24
N GLU W 155 34.05 14.23 22.34
CA GLU W 155 33.34 14.78 21.19
C GLU W 155 32.14 15.55 21.69
N GLN W 156 31.97 16.78 21.21
CA GLN W 156 30.84 17.62 21.61
C GLN W 156 29.91 17.78 20.40
N THR W 157 28.66 17.36 20.58
CA THR W 157 27.64 17.59 19.57
C THR W 157 26.50 18.44 20.09
N GLN W 158 25.84 18.02 21.18
CA GLN W 158 24.68 18.68 21.78
C GLN W 158 23.73 19.19 20.71
N PRO W 159 23.31 18.34 19.78
CA PRO W 159 22.41 18.80 18.72
C PRO W 159 21.06 19.23 19.27
N ASP W 160 20.46 20.21 18.59
CA ASP W 160 19.18 20.75 19.00
C ASP W 160 18.16 20.65 17.87
N MET X 1 29.13 -46.29 22.03
CA MET X 1 28.63 -45.61 23.23
C MET X 1 27.63 -46.48 23.97
N GLN X 2 27.95 -46.81 25.22
CA GLN X 2 27.11 -47.67 26.05
C GLN X 2 27.16 -47.15 27.48
N GLY X 3 26.05 -46.64 27.98
CA GLY X 3 26.00 -46.20 29.36
C GLY X 3 25.90 -47.36 30.33
N ASP X 4 26.37 -47.12 31.55
CA ASP X 4 26.26 -48.13 32.59
C ASP X 4 24.82 -48.22 33.07
N PRO X 5 24.42 -49.37 33.62
CA PRO X 5 23.01 -49.57 33.98
C PRO X 5 22.47 -48.59 35.01
N GLU X 6 23.32 -48.04 35.88
CA GLU X 6 22.82 -47.17 36.95
C GLU X 6 22.21 -45.90 36.39
N VAL X 7 22.88 -45.27 35.42
CA VAL X 7 22.33 -44.07 34.80
C VAL X 7 21.05 -44.41 34.06
N ILE X 8 21.01 -45.59 33.43
CA ILE X 8 19.82 -45.99 32.68
C ILE X 8 18.63 -46.12 33.62
N GLU X 9 18.83 -46.77 34.77
CA GLU X 9 17.71 -46.96 35.69
C GLU X 9 17.31 -45.66 36.36
N PHE X 10 18.27 -44.77 36.62
CA PHE X 10 17.92 -43.44 37.14
C PHE X 10 17.03 -42.70 36.15
N LEU X 11 17.42 -42.71 34.88
CA LEU X 11 16.62 -42.02 33.86
C LEU X 11 15.25 -42.65 33.72
N ASN X 12 15.17 -43.98 33.77
CA ASN X 12 13.88 -44.65 33.68
C ASN X 12 12.97 -44.29 34.85
N GLU X 13 13.53 -44.24 36.05
CA GLU X 13 12.73 -43.87 37.22
C GLU X 13 12.21 -42.44 37.10
N GLN X 14 13.06 -41.52 36.65
CA GLN X 14 12.61 -40.14 36.46
C GLN X 14 11.53 -40.06 35.39
N LEU X 15 11.68 -40.84 34.32
CA LEU X 15 10.67 -40.86 33.27
C LEU X 15 9.33 -41.33 33.80
N THR X 16 9.33 -42.40 34.59
CA THR X 16 8.09 -42.90 35.19
C THR X 16 7.46 -41.84 36.08
N ALA X 17 8.28 -41.16 36.88
CA ALA X 17 7.76 -40.14 37.78
C ALA X 17 7.08 -39.01 37.01
N GLU X 18 7.73 -38.51 35.96
CA GLU X 18 7.13 -37.39 35.25
C GLU X 18 5.93 -37.83 34.41
N LEU X 19 5.88 -39.09 33.99
CA LEU X 19 4.66 -39.60 33.34
C LEU X 19 3.49 -39.61 34.31
N THR X 20 3.72 -40.09 35.54
CA THR X 20 2.67 -40.05 36.55
C THR X 20 2.23 -38.62 36.84
N ALA X 21 3.20 -37.70 36.88
CA ALA X 21 2.86 -36.29 37.06
C ALA X 21 1.99 -35.77 35.92
N ILE X 22 2.30 -36.18 34.69
CA ILE X 22 1.49 -35.75 33.55
C ILE X 22 0.05 -36.19 33.73
N ASN X 23 -0.14 -37.46 34.08
CA ASN X 23 -1.50 -37.98 34.25
C ASN X 23 -2.25 -37.22 35.35
N GLN X 24 -1.59 -37.04 36.50
CA GLN X 24 -2.24 -36.37 37.61
C GLN X 24 -2.61 -34.93 37.27
N TYR X 25 -1.70 -34.21 36.64
CA TYR X 25 -1.97 -32.81 36.31
C TYR X 25 -3.11 -32.69 35.31
N PHE X 26 -3.15 -33.55 34.30
CA PHE X 26 -4.24 -33.45 33.34
C PHE X 26 -5.59 -33.77 34.00
N LEU X 27 -5.63 -34.80 34.86
CA LEU X 27 -6.89 -35.11 35.53
C LEU X 27 -7.34 -33.96 36.41
N HIS X 28 -6.41 -33.34 37.14
CA HIS X 28 -6.78 -32.21 38.00
C HIS X 28 -7.29 -31.05 37.17
N ALA X 29 -6.65 -30.78 36.02
CA ALA X 29 -7.13 -29.70 35.17
C ALA X 29 -8.54 -29.96 34.67
N LYS X 30 -8.82 -31.20 34.25
CA LYS X 30 -10.16 -31.53 33.79
C LYS X 30 -11.20 -31.35 34.90
N LEU X 31 -10.88 -31.82 36.11
CA LEU X 31 -11.81 -31.69 37.21
C LEU X 31 -12.06 -30.22 37.56
N GLN X 32 -11.01 -29.42 37.61
CA GLN X 32 -11.17 -28.01 37.93
C GLN X 32 -11.98 -27.28 36.87
N ASP X 33 -11.74 -27.59 35.60
CA ASP X 33 -12.53 -26.97 34.53
C ASP X 33 -14.00 -27.37 34.63
N HIS X 34 -14.26 -28.64 34.97
CA HIS X 34 -15.65 -29.06 35.12
C HIS X 34 -16.33 -28.35 36.27
N LYS X 35 -15.61 -28.13 37.37
CA LYS X 35 -16.21 -27.47 38.52
C LYS X 35 -16.60 -26.03 38.21
N GLY X 36 -15.76 -25.32 37.47
CA GLY X 36 -16.08 -23.95 37.09
C GLY X 36 -14.97 -22.95 37.37
N TRP X 37 -13.78 -23.45 37.72
CA TRP X 37 -12.64 -22.60 38.06
C TRP X 37 -11.72 -22.54 36.84
N THR X 38 -11.95 -21.54 35.99
CA THR X 38 -11.33 -21.53 34.67
C THR X 38 -9.82 -21.25 34.72
N LYS X 39 -9.43 -20.22 35.48
CA LYS X 39 -8.02 -19.82 35.49
C LYS X 39 -7.13 -20.93 36.04
N LEU X 40 -7.58 -21.60 37.10
CA LEU X 40 -6.84 -22.73 37.62
C LEU X 40 -6.71 -23.82 36.57
N ALA X 41 -7.77 -24.05 35.78
CA ALA X 41 -7.71 -25.05 34.74
C ALA X 41 -6.66 -24.70 33.69
N LYS X 42 -6.61 -23.43 33.27
CA LYS X 42 -5.62 -23.03 32.28
C LYS X 42 -4.21 -23.19 32.82
N TYR X 43 -3.97 -22.77 34.06
CA TYR X 43 -2.63 -22.91 34.63
C TYR X 43 -2.23 -24.38 34.75
N THR X 44 -3.16 -25.23 35.16
CA THR X 44 -2.85 -26.65 35.30
C THR X 44 -2.56 -27.29 33.94
N ARG X 45 -3.29 -26.89 32.91
CA ARG X 45 -2.99 -27.40 31.57
C ARG X 45 -1.59 -26.99 31.13
N ALA X 46 -1.22 -25.73 31.37
CA ALA X 46 0.13 -25.29 31.00
C ALA X 46 1.19 -26.09 31.75
N GLU X 47 0.97 -26.36 33.04
CA GLU X 47 1.94 -27.14 33.79
C GLU X 47 2.04 -28.57 33.28
N SER X 48 0.90 -29.15 32.90
CA SER X 48 0.92 -30.49 32.30
C SER X 48 1.77 -30.50 31.04
N PHE X 49 1.66 -29.45 30.21
CA PHE X 49 2.47 -29.42 29.00
C PHE X 49 3.95 -29.25 29.31
N ASP X 50 4.28 -28.51 30.36
CA ASP X 50 5.68 -28.38 30.76
C ASP X 50 6.25 -29.74 31.17
N GLU X 51 5.49 -30.50 31.97
CA GLU X 51 5.93 -31.84 32.30
C GLU X 51 6.00 -32.71 31.05
N MET X 52 5.17 -32.40 30.06
CA MET X 52 5.25 -33.12 28.78
C MET X 52 6.64 -32.94 28.16
N ARG X 53 7.09 -31.69 28.07
CA ARG X 53 8.39 -31.42 27.49
C ARG X 53 9.50 -32.12 28.28
N HIS X 54 9.36 -32.15 29.60
CA HIS X 54 10.33 -32.87 30.43
C HIS X 54 10.40 -34.35 30.02
N ALA X 55 9.24 -35.00 29.92
CA ALA X 55 9.23 -36.41 29.56
C ALA X 55 9.83 -36.64 28.17
N GLU X 56 9.51 -35.75 27.22
CA GLU X 56 10.03 -35.88 25.86
C GLU X 56 11.55 -35.84 25.85
N VAL X 57 12.14 -34.83 26.49
CA VAL X 57 13.59 -34.73 26.46
C VAL X 57 14.22 -35.92 27.19
N LEU X 58 13.57 -36.40 28.26
CA LEU X 58 14.14 -37.52 29.01
C LEU X 58 14.18 -38.79 28.16
N THR X 59 13.07 -39.10 27.46
CA THR X 59 13.07 -40.32 26.66
C THR X 59 14.03 -40.20 25.49
N ASP X 60 14.15 -39.02 24.90
CA ASP X 60 15.15 -38.83 23.84
C ASP X 60 16.56 -39.13 24.36
N ARG X 61 16.89 -38.59 25.53
CA ARG X 61 18.23 -38.80 26.08
C ARG X 61 18.50 -40.27 26.37
N ILE X 62 17.54 -40.96 26.99
CA ILE X 62 17.80 -42.36 27.33
C ILE X 62 17.90 -43.21 26.06
N LEU X 63 17.09 -42.88 25.04
CA LEU X 63 17.18 -43.62 23.79
C LEU X 63 18.52 -43.40 23.10
N LEU X 64 19.12 -42.21 23.27
CA LEU X 64 20.43 -41.97 22.66
C LEU X 64 21.49 -42.91 23.21
N LEU X 65 21.43 -43.24 24.50
CA LEU X 65 22.45 -44.04 25.15
C LEU X 65 22.28 -45.53 24.93
N ASP X 66 21.50 -45.94 23.93
CA ASP X 66 21.25 -47.34 23.63
C ASP X 66 20.61 -48.05 24.81
N GLY X 67 19.45 -47.53 25.24
CA GLY X 67 18.68 -48.09 26.31
C GLY X 67 17.30 -48.53 25.85
N LEU X 68 16.50 -48.96 26.82
CA LEU X 68 15.13 -49.42 26.58
C LEU X 68 14.18 -48.68 27.50
N PRO X 69 13.63 -47.54 27.06
CA PRO X 69 12.63 -46.85 27.86
C PRO X 69 11.41 -47.75 28.07
N ASN X 70 10.84 -47.67 29.27
CA ASN X 70 9.66 -48.47 29.60
C ASN X 70 8.48 -47.54 29.84
N TYR X 71 7.40 -47.79 29.12
CA TYR X 71 6.15 -47.07 29.29
C TYR X 71 5.09 -47.92 29.98
N GLN X 72 5.43 -49.15 30.39
CA GLN X 72 4.42 -50.06 30.93
C GLN X 72 4.02 -49.67 32.35
N ARG X 73 4.99 -49.33 33.19
CA ARG X 73 4.72 -49.12 34.61
C ARG X 73 4.65 -47.64 34.95
N LEU X 74 3.90 -47.34 36.01
CA LEU X 74 3.78 -45.98 36.52
C LEU X 74 3.44 -46.04 38.00
N PHE X 75 3.74 -44.94 38.70
CA PHE X 75 3.59 -44.90 40.14
C PHE X 75 2.12 -44.72 40.51
N HIS X 76 1.85 -44.48 41.79
CA HIS X 76 0.49 -44.32 42.28
C HIS X 76 0.03 -42.88 42.11
N VAL X 77 -1.10 -42.69 41.44
CA VAL X 77 -1.68 -41.38 41.24
C VAL X 77 -2.68 -41.11 42.36
N ARG X 78 -2.88 -39.83 42.67
CA ARG X 78 -3.80 -39.44 43.73
C ARG X 78 -4.61 -38.24 43.28
N VAL X 79 -5.84 -38.15 43.79
CA VAL X 79 -6.77 -37.09 43.41
C VAL X 79 -7.36 -36.48 44.67
N GLY X 80 -7.88 -35.26 44.53
CA GLY X 80 -8.46 -34.54 45.65
C GLY X 80 -9.83 -33.98 45.29
N GLN X 81 -10.52 -33.53 46.34
CA GLN X 81 -11.86 -32.95 46.19
C GLN X 81 -11.85 -31.43 46.17
N SER X 82 -11.27 -30.80 47.19
CA SER X 82 -11.15 -29.36 47.25
C SER X 82 -9.77 -28.94 46.75
N VAL X 83 -9.55 -27.64 46.67
CA VAL X 83 -8.30 -27.12 46.10
C VAL X 83 -7.11 -27.53 46.97
N THR X 84 -7.32 -27.56 48.30
CA THR X 84 -6.22 -27.84 49.21
C THR X 84 -5.62 -29.22 48.96
N GLU X 85 -6.48 -30.23 48.75
CA GLU X 85 -5.98 -31.57 48.51
C GLU X 85 -5.17 -31.64 47.22
N MET X 86 -5.65 -30.99 46.15
CA MET X 86 -4.91 -31.00 44.90
C MET X 86 -3.54 -30.36 45.07
N PHE X 87 -3.50 -29.21 45.74
CA PHE X 87 -2.22 -28.53 45.93
C PHE X 87 -1.27 -29.38 46.77
N GLN X 88 -1.78 -30.02 47.82
CA GLN X 88 -0.92 -30.85 48.66
C GLN X 88 -0.40 -32.06 47.89
N ALA X 89 -1.24 -32.68 47.07
CA ALA X 89 -0.79 -33.82 46.28
C ALA X 89 0.32 -33.42 45.30
N ASP X 90 0.13 -32.29 44.62
CA ASP X 90 1.18 -31.83 43.71
C ASP X 90 2.47 -31.52 44.46
N ARG X 91 2.35 -30.93 45.65
CA ARG X 91 3.52 -30.63 46.45
C ARG X 91 4.28 -31.91 46.80
N GLU X 92 3.56 -32.95 47.21
CA GLU X 92 4.23 -34.21 47.56
C GLU X 92 4.94 -34.80 46.35
N VAL X 93 4.27 -34.83 45.21
CA VAL X 93 4.86 -35.42 44.02
C VAL X 93 6.16 -34.69 43.66
N GLU X 94 6.12 -33.36 43.64
CA GLU X 94 7.28 -32.62 43.18
C GLU X 94 8.40 -32.62 44.23
N LEU X 95 8.06 -32.76 45.51
CA LEU X 95 9.11 -32.93 46.53
C LEU X 95 9.87 -34.23 46.28
N GLU X 96 9.15 -35.32 46.05
CA GLU X 96 9.82 -36.59 45.77
C GLU X 96 10.70 -36.47 44.52
N ALA X 97 10.17 -35.81 43.49
CA ALA X 97 10.96 -35.63 42.27
C ALA X 97 12.24 -34.85 42.54
N ILE X 98 12.16 -33.80 43.36
CA ILE X 98 13.34 -32.98 43.64
C ILE X 98 14.40 -33.81 44.34
N ASP X 99 14.00 -34.60 45.35
CA ASP X 99 14.99 -35.40 46.08
C ASP X 99 15.67 -36.40 45.16
N ARG X 100 14.87 -37.10 44.33
CA ARG X 100 15.44 -38.09 43.43
C ARG X 100 16.39 -37.43 42.43
N LEU X 101 16.01 -36.26 41.91
CA LEU X 101 16.86 -35.56 40.96
C LEU X 101 18.19 -35.19 41.57
N ARG X 102 18.18 -34.69 42.82
CA ARG X 102 19.44 -34.32 43.46
C ARG X 102 20.36 -35.53 43.62
N ARG X 103 19.82 -36.64 44.13
CA ARG X 103 20.64 -37.82 44.33
C ARG X 103 21.21 -38.33 43.00
N GLY X 104 20.37 -38.38 41.96
CA GLY X 104 20.82 -38.84 40.68
C GLY X 104 21.87 -37.94 40.06
N ILE X 105 21.72 -36.63 40.24
CA ILE X 105 22.73 -35.69 39.73
C ILE X 105 24.08 -36.00 40.36
N GLU X 106 24.09 -36.18 41.68
CA GLU X 106 25.35 -36.48 42.36
C GLU X 106 25.98 -37.74 41.81
N VAL X 107 25.21 -38.84 41.74
CA VAL X 107 25.80 -40.11 41.31
C VAL X 107 26.29 -40.03 39.87
N MET X 108 25.47 -39.46 38.98
CA MET X 108 25.80 -39.39 37.57
C MET X 108 27.03 -38.54 37.32
N ARG X 109 27.15 -37.41 38.02
CA ARG X 109 28.36 -36.61 37.88
C ARG X 109 29.58 -37.36 38.41
N ALA X 110 29.41 -38.14 39.48
CA ALA X 110 30.53 -38.91 39.99
C ALA X 110 30.97 -40.01 39.03
N LYS X 111 30.04 -40.52 38.21
CA LYS X 111 30.33 -41.65 37.33
C LYS X 111 30.75 -41.22 35.93
N HIS X 112 31.31 -40.02 35.78
CA HIS X 112 31.86 -39.53 34.51
C HIS X 112 30.78 -39.45 33.43
N ASP X 113 29.76 -38.65 33.69
CA ASP X 113 28.74 -38.33 32.71
C ASP X 113 28.27 -36.90 32.94
N ILE X 114 28.15 -36.12 31.87
CA ILE X 114 27.95 -34.68 31.96
C ILE X 114 26.62 -34.24 31.38
N THR X 115 26.33 -34.66 30.14
CA THR X 115 25.14 -34.15 29.46
C THR X 115 23.86 -34.56 30.20
N SER X 116 23.79 -35.82 30.64
CA SER X 116 22.64 -36.26 31.42
C SER X 116 22.53 -35.48 32.71
N ALA X 117 23.67 -35.17 33.34
CA ALA X 117 23.65 -34.33 34.52
C ALA X 117 23.06 -32.96 34.21
N ASN X 118 23.38 -32.41 33.05
CA ASN X 118 22.85 -31.10 32.69
C ASN X 118 21.34 -31.14 32.49
N VAL X 119 20.83 -32.19 31.82
CA VAL X 119 19.39 -32.25 31.65
C VAL X 119 18.70 -32.43 33.00
N PHE X 120 19.32 -33.19 33.90
CA PHE X 120 18.78 -33.33 35.25
C PHE X 120 18.76 -31.99 35.98
N GLU X 121 19.80 -31.18 35.81
CA GLU X 121 19.83 -29.86 36.44
C GLU X 121 18.70 -28.98 35.93
N ALA X 122 18.48 -28.97 34.61
CA ALA X 122 17.39 -28.16 34.07
C ALA X 122 16.04 -28.61 34.61
N ILE X 123 15.80 -29.92 34.64
CA ILE X 123 14.54 -30.43 35.18
C ILE X 123 14.40 -30.03 36.65
N LEU X 124 15.49 -30.09 37.41
CA LEU X 124 15.44 -29.72 38.82
C LEU X 124 15.05 -28.26 39.00
N ALA X 125 15.62 -27.37 38.19
CA ALA X 125 15.28 -25.96 38.29
C ALA X 125 13.80 -25.73 38.01
N ASP X 126 13.27 -26.37 36.95
CA ASP X 126 11.86 -26.19 36.64
C ASP X 126 10.96 -26.71 37.76
N GLU X 127 11.29 -27.89 38.31
CA GLU X 127 10.49 -28.45 39.39
C GLU X 127 10.52 -27.54 40.61
N GLU X 128 11.67 -26.93 40.90
CA GLU X 128 11.76 -26.01 42.03
C GLU X 128 10.85 -24.80 41.83
N HIS X 129 10.84 -24.24 40.62
CA HIS X 129 9.93 -23.14 40.35
C HIS X 129 8.48 -23.55 40.58
N HIS X 130 8.11 -24.74 40.11
CA HIS X 130 6.73 -25.20 40.26
C HIS X 130 6.35 -25.34 41.74
N ILE X 131 7.24 -25.93 42.55
CA ILE X 131 6.88 -26.12 43.95
C ILE X 131 6.80 -24.78 44.68
N ASP X 132 7.63 -23.81 44.28
CA ASP X 132 7.50 -22.47 44.85
C ASP X 132 6.12 -21.88 44.58
N TYR X 133 5.65 -22.03 43.32
CA TYR X 133 4.32 -21.51 43.00
C TYR X 133 3.25 -22.20 43.84
N LEU X 134 3.36 -23.52 43.99
CA LEU X 134 2.36 -24.24 44.78
C LEU X 134 2.34 -23.75 46.22
N GLU X 135 3.52 -23.55 46.81
CA GLU X 135 3.58 -23.11 48.20
C GLU X 135 2.97 -21.73 48.38
N THR X 136 3.26 -20.80 47.48
CA THR X 136 2.68 -19.47 47.65
C THR X 136 1.18 -19.49 47.44
N GLN X 137 0.67 -20.33 46.52
CA GLN X 137 -0.77 -20.43 46.35
C GLN X 137 -1.43 -20.99 47.60
N LEU X 138 -0.81 -22.00 48.22
CA LEU X 138 -1.35 -22.56 49.45
C LEU X 138 -1.40 -21.52 50.56
N ASP X 139 -0.33 -20.71 50.67
CA ASP X 139 -0.33 -19.65 51.67
C ASP X 139 -1.45 -18.64 51.42
N LEU X 140 -1.66 -18.27 50.15
CA LEU X 140 -2.74 -17.34 49.83
C LEU X 140 -4.10 -17.92 50.20
N ILE X 141 -4.32 -19.20 49.89
CA ILE X 141 -5.60 -19.84 50.24
C ILE X 141 -5.79 -19.83 51.74
N GLU X 142 -4.74 -20.15 52.49
CA GLU X 142 -4.86 -20.17 53.95
C GLU X 142 -5.19 -18.79 54.50
N LYS X 143 -4.58 -17.75 53.95
CA LYS X 143 -4.81 -16.40 54.46
C LYS X 143 -6.21 -15.90 54.12
N LEU X 144 -6.61 -16.02 52.85
CA LEU X 144 -7.86 -15.40 52.41
C LEU X 144 -9.08 -16.17 52.88
N GLY X 145 -9.04 -17.49 52.81
CA GLY X 145 -10.23 -18.30 52.97
C GLY X 145 -10.65 -18.92 51.65
N GLU X 146 -11.24 -20.12 51.74
CA GLU X 146 -11.51 -20.89 50.53
C GLU X 146 -12.53 -20.20 49.64
N SER X 147 -13.61 -19.69 50.21
CA SER X 147 -14.66 -19.08 49.41
C SER X 147 -14.18 -17.79 48.76
N LEU X 148 -13.54 -16.92 49.53
CA LEU X 148 -13.06 -15.66 48.99
C LEU X 148 -12.00 -15.89 47.92
N TYR X 149 -11.12 -16.87 48.13
CA TYR X 149 -10.14 -17.22 47.11
C TYR X 149 -10.82 -17.72 45.84
N LEU X 150 -11.82 -18.58 45.99
CA LEU X 150 -12.50 -19.13 44.82
C LEU X 150 -13.29 -18.07 44.07
N SER X 151 -13.72 -17.00 44.75
CA SER X 151 -14.51 -15.97 44.07
C SER X 151 -13.69 -15.25 43.01
N THR X 152 -12.36 -15.28 43.09
CA THR X 152 -11.52 -14.57 42.14
C THR X 152 -11.15 -15.40 40.94
N VAL X 153 -11.57 -16.66 40.87
CA VAL X 153 -11.22 -17.54 39.76
C VAL X 153 -12.46 -17.79 38.91
N ILE X 154 -13.64 -17.61 39.52
CA ILE X 154 -14.89 -17.83 38.82
C ILE X 154 -15.02 -16.86 37.67
N GLU X 155 -15.38 -17.38 36.49
CA GLU X 155 -15.58 -16.56 35.30
C GLU X 155 -16.91 -16.90 34.67
N GLN X 156 -17.68 -15.88 34.31
CA GLN X 156 -19.00 -16.03 33.72
C GLN X 156 -18.97 -15.85 32.20
N THR X 157 -17.79 -15.89 31.60
CA THR X 157 -17.67 -15.61 30.17
C THR X 157 -18.52 -16.58 29.36
N GLN X 158 -19.21 -16.04 28.37
CA GLN X 158 -20.09 -16.83 27.53
C GLN X 158 -19.27 -17.82 26.69
N PRO X 159 -19.26 -19.10 27.03
CA PRO X 159 -18.55 -20.08 26.20
C PRO X 159 -19.30 -20.41 24.91
N ASP X 160 -19.45 -19.40 24.06
CA ASP X 160 -20.25 -19.48 22.85
C ASP X 160 -19.37 -19.05 21.68
N PRO X 161 -18.50 -19.94 21.18
CA PRO X 161 -17.58 -19.63 20.07
C PRO X 161 -18.20 -19.93 18.71
#